data_6DJV
#
_entry.id   6DJV
#
_cell.length_a   1.0
_cell.length_b   1.0
_cell.length_c   1.0
_cell.angle_alpha   90.00
_cell.angle_beta   90.00
_cell.angle_gamma   90.00
#
_symmetry.space_group_name_H-M   'P 1'
#
loop_
_entity.id
_entity.type
_entity.pdbx_description
1 polymer 'Chaperone protein ClpB'
2 polymer 'casein polyAlanine model'
3 non-polymer 'PHOSPHOTHIOPHOSPHORIC ACID-ADENYLATE ESTER'
4 non-polymer "ADENOSINE-5'-DIPHOSPHATE"
#
loop_
_entity_poly.entity_id
_entity_poly.type
_entity_poly.pdbx_seq_one_letter_code
_entity_poly.pdbx_strand_id
1 'polypeptide(L)'
;MDSFNPTTKTQAALTAALQAASTAGNPEIRPAHLLMALLTQNDGIAAPLLEAVGVEPATVRAETQRLLDRLPQATGASTQ
PQLSRESLAAITTAQQLATELDDEYVSTEHVMVGLATGDSDVAKLLTGHGASPQALREAFVKVRGSARVTSPEPEATYQA
LQKYSTDLTARAREGKLDPVIGRDNEIRRVVQVLSRRTKNNPVLIGEPGVGKTAIVEGLAQRIVAGDVPESLRDKTIVAL
DLGSMVAGSKYRGEFEERLKAVLDDIKNSAGQIITFIDELHTIVGAGATGEGAMDAGNMIKPMLARGELRLVGATTLDEY
RKHIEKDAALERRFQQVYVGEPSVEDTIGILRGLKDRYEVHHGVRITDSALVAAATLSDRYITARFLPDKAIDLVDEAAS
RLRMEIDSRPVEIDEVERLVRRLEIEEMALSKEEDEASAERLAKLRSELADQKEKLAELTTRWQNEKNAIEIVRDLKEQL
EALRGESERAERDGDLAKAAELRYGRIPEVEKKLDAALPQAQAREQVMLKEEVGPDDIADVVSAWTGIPAGRLLEGETAK
LLRMEDELGKRVIGQKAAVTAVSDAVRRSRAGVSDPNRPTGAFMFLGPTGVGKTELAKALADFLFDDERAMVRIDMSEYG
EKHTVARLIGAPPGYVGYEAGGQLTEAVRRRPYTVVLFDEIEKAHPDVFDVLLQVLDEGRLTDGHGRTVDFRNTILILTS
NLGSGGSAEQVLAAVRATFKPEFINRLDDVLIFEGLNPEELVRIVDIQLAQLGKRLAQRRLQLQVSLPAKRWLAQRGFDP
VYGARPLRRLVQQAIGDQLAKMLLAGQVHDGDTVPVNVSPDADSLILG
;
A,B,C,D,E,F
2 'polypeptide(L)' AAAAAAAAAAAAAAAAAAAAAAAAAA N
#
loop_
_chem_comp.id
_chem_comp.type
_chem_comp.name
_chem_comp.formula
ADP non-polymer ADENOSINE-5'-DIPHOSPHATE 'C10 H15 N5 O10 P2'
AGS non-polymer 'PHOSPHOTHIOPHOSPHORIC ACID-ADENYLATE ESTER' 'C10 H16 N5 O12 P3 S'
#
# COMPACT_ATOMS: atom_id res chain seq x y z
N GLN A 159 42.76 32.07 29.72
CA GLN A 159 41.87 33.18 29.46
C GLN A 159 41.05 32.96 28.19
N ALA A 160 41.22 31.79 27.57
CA ALA A 160 40.44 31.47 26.38
C ALA A 160 38.99 31.19 26.72
N LEU A 161 38.72 30.70 27.92
CA LEU A 161 37.35 30.48 28.35
C LEU A 161 36.61 31.78 28.65
N GLN A 162 37.34 32.88 28.85
CA GLN A 162 36.71 34.15 29.21
C GLN A 162 35.91 34.72 28.06
N LYS A 163 36.31 34.46 26.82
CA LYS A 163 35.62 35.00 25.66
C LYS A 163 34.46 34.13 25.22
N TYR A 164 34.57 32.81 25.33
CA TYR A 164 33.63 31.89 24.71
C TYR A 164 32.62 31.28 25.66
N SER A 165 32.96 31.13 26.95
CA SER A 165 32.11 30.44 27.88
C SER A 165 31.28 31.43 28.70
N THR A 166 30.62 30.91 29.74
CA THR A 166 29.96 31.71 30.76
C THR A 166 30.43 31.22 32.12
N ASP A 167 29.79 31.66 33.20
CA ASP A 167 30.19 31.22 34.53
C ASP A 167 28.95 31.11 35.39
N LEU A 168 28.63 29.89 35.84
CA LEU A 168 27.50 29.71 36.72
C LEU A 168 27.83 30.11 38.15
N THR A 169 29.08 29.93 38.57
CA THR A 169 29.43 30.05 39.98
C THR A 169 29.40 31.49 40.44
N ALA A 170 29.94 32.41 39.63
CA ALA A 170 29.82 33.83 39.91
C ALA A 170 28.36 34.28 39.84
N ARG A 171 27.57 33.67 38.97
CA ARG A 171 26.14 33.92 38.95
C ARG A 171 25.40 33.19 40.07
N ALA A 172 26.08 32.26 40.76
CA ALA A 172 25.47 31.59 41.89
C ALA A 172 25.73 32.31 43.20
N ARG A 173 26.89 32.98 43.33
CA ARG A 173 27.20 33.70 44.55
C ARG A 173 26.34 34.94 44.72
N GLU A 174 25.83 35.48 43.62
CA GLU A 174 25.10 36.74 43.65
C GLU A 174 23.60 36.56 43.87
N GLY A 175 23.13 35.33 43.98
CA GLY A 175 21.74 35.10 44.29
C GLY A 175 20.78 35.31 43.15
N LYS A 176 21.11 34.79 41.96
CA LYS A 176 20.24 34.92 40.80
C LYS A 176 19.39 33.69 40.55
N LEU A 177 19.41 32.73 41.47
CA LEU A 177 18.80 31.43 41.22
C LEU A 177 17.75 31.12 42.28
N ASP A 178 16.84 30.25 41.93
CA ASP A 178 15.69 29.77 42.68
C ASP A 178 16.07 28.57 43.55
N PRO A 179 15.41 28.39 44.69
CA PRO A 179 15.64 27.17 45.48
C PRO A 179 15.12 25.94 44.76
N VAL A 180 15.90 24.86 44.87
CA VAL A 180 15.69 23.64 44.10
C VAL A 180 15.39 22.53 45.10
N ILE A 181 14.62 22.87 46.14
CA ILE A 181 14.31 21.89 47.18
C ILE A 181 13.52 20.73 46.61
N GLY A 182 14.13 19.55 46.62
CA GLY A 182 13.63 18.38 45.95
C GLY A 182 14.75 17.67 45.22
N ARG A 183 14.57 16.37 44.94
CA ARG A 183 15.50 15.53 44.18
C ARG A 183 16.89 15.49 44.81
N ASP A 184 16.94 14.91 46.01
CA ASP A 184 18.23 14.67 46.64
C ASP A 184 18.93 13.46 46.04
N ASN A 185 18.16 12.47 45.59
CA ASN A 185 18.72 11.22 45.07
C ASN A 185 19.52 11.46 43.80
N GLU A 186 19.04 12.32 42.93
CA GLU A 186 19.74 12.55 41.67
C GLU A 186 20.94 13.46 41.85
N ILE A 187 20.91 14.40 42.80
CA ILE A 187 22.10 15.17 43.11
C ILE A 187 23.18 14.27 43.70
N ARG A 188 22.79 13.37 44.59
CA ARG A 188 23.74 12.43 45.16
C ARG A 188 24.30 11.49 44.11
N ARG A 189 23.46 11.09 43.14
CA ARG A 189 23.90 10.23 42.06
C ARG A 189 24.91 10.94 41.14
N VAL A 190 24.65 12.21 40.82
CA VAL A 190 25.56 12.98 39.97
C VAL A 190 26.91 13.19 40.67
N VAL A 191 26.87 13.50 41.96
CA VAL A 191 28.12 13.67 42.71
C VAL A 191 28.85 12.33 42.85
N GLN A 192 28.11 11.23 42.95
CA GLN A 192 28.69 9.90 43.01
C GLN A 192 29.41 9.54 41.71
N VAL A 193 28.85 9.95 40.57
CA VAL A 193 29.50 9.63 39.30
C VAL A 193 30.68 10.57 39.04
N LEU A 194 30.54 11.86 39.38
CA LEU A 194 31.42 12.88 38.85
C LEU A 194 32.82 12.83 39.47
N SER A 195 32.98 12.21 40.64
CA SER A 195 34.28 12.11 41.27
C SER A 195 34.97 10.78 40.98
N ARG A 196 34.59 10.09 39.92
CA ARG A 196 35.17 8.79 39.63
C ARG A 196 36.55 8.97 39.01
N ARG A 197 37.34 7.89 39.03
CA ARG A 197 38.68 7.86 38.45
C ARG A 197 38.65 8.12 36.94
N THR A 198 38.06 7.21 36.17
CA THR A 198 37.94 7.36 34.74
C THR A 198 36.51 7.08 34.31
N LYS A 199 36.17 7.55 33.11
CA LYS A 199 34.83 7.49 32.54
C LYS A 199 33.82 8.14 33.49
N ASN A 200 34.04 9.43 33.74
CA ASN A 200 33.40 10.17 34.82
C ASN A 200 32.69 11.42 34.29
N ASN A 201 31.88 11.24 33.26
CA ASN A 201 31.14 12.35 32.65
C ASN A 201 29.67 11.99 32.50
N PRO A 202 28.82 12.42 33.43
CA PRO A 202 27.42 11.99 33.43
C PRO A 202 26.61 12.70 32.36
N VAL A 203 25.43 12.15 32.09
CA VAL A 203 24.47 12.74 31.16
C VAL A 203 23.10 12.64 31.79
N LEU A 204 22.44 13.77 31.99
CA LEU A 204 21.09 13.77 32.52
C LEU A 204 20.11 13.55 31.37
N ILE A 205 19.39 12.43 31.40
CA ILE A 205 18.44 12.08 30.35
C ILE A 205 17.05 12.04 30.96
N GLY A 206 16.13 12.79 30.37
CA GLY A 206 14.75 12.75 30.83
C GLY A 206 13.84 13.29 29.76
N GLU A 207 12.55 12.96 29.90
CA GLU A 207 11.54 13.48 29.00
C GLU A 207 11.38 14.99 29.23
N PRO A 208 11.10 15.75 28.16
CA PRO A 208 11.23 17.21 28.25
C PRO A 208 10.15 17.86 29.12
N GLY A 209 10.59 18.48 30.21
CA GLY A 209 9.70 19.18 31.11
C GLY A 209 10.00 18.88 32.56
N VAL A 210 10.71 17.78 32.83
CA VAL A 210 10.86 17.30 34.19
C VAL A 210 11.85 18.07 35.04
N GLY A 211 12.68 18.90 34.44
CA GLY A 211 13.64 19.67 35.21
C GLY A 211 15.00 19.02 35.19
N LYS A 212 15.89 19.49 34.34
CA LYS A 212 17.19 18.86 34.18
C LYS A 212 18.28 19.91 34.30
N THR A 213 17.98 21.13 33.88
CA THR A 213 18.88 22.24 34.11
C THR A 213 18.81 22.69 35.56
N ALA A 214 17.65 22.50 36.20
CA ALA A 214 17.50 22.89 37.59
C ALA A 214 18.29 21.99 38.53
N ILE A 215 18.52 20.74 38.14
CA ILE A 215 19.41 19.85 38.89
C ILE A 215 20.83 20.41 38.90
N VAL A 216 21.29 20.91 37.75
CA VAL A 216 22.63 21.48 37.70
C VAL A 216 22.70 22.80 38.45
N GLU A 217 21.62 23.59 38.43
CA GLU A 217 21.59 24.81 39.23
C GLU A 217 21.59 24.50 40.72
N GLY A 218 20.91 23.44 41.14
CA GLY A 218 20.96 23.02 42.53
C GLY A 218 22.32 22.50 42.93
N LEU A 219 23.02 21.86 41.99
CA LEU A 219 24.41 21.45 42.22
C LEU A 219 25.31 22.66 42.42
N ALA A 220 25.11 23.70 41.62
CA ALA A 220 25.90 24.92 41.76
C ALA A 220 25.62 25.62 43.09
N GLN A 221 24.35 25.69 43.48
CA GLN A 221 23.98 26.29 44.77
C GLN A 221 24.54 25.48 45.93
N ARG A 222 24.58 24.15 45.80
CA ARG A 222 25.15 23.34 46.86
C ARG A 222 26.67 23.48 46.94
N ILE A 223 27.33 23.69 45.79
CA ILE A 223 28.77 23.90 45.81
C ILE A 223 29.12 25.24 46.45
N VAL A 224 28.38 26.30 46.10
CA VAL A 224 28.64 27.60 46.72
C VAL A 224 28.26 27.59 48.20
N ALA A 225 27.23 26.84 48.57
CA ALA A 225 26.82 26.75 49.97
C ALA A 225 27.85 26.00 50.81
N GLY A 226 28.24 24.81 50.38
CA GLY A 226 29.29 24.08 51.07
C GLY A 226 28.84 22.84 51.81
N ASP A 227 27.85 22.13 51.27
CA ASP A 227 27.42 20.85 51.82
C ASP A 227 27.86 19.68 50.95
N VAL A 228 28.90 19.88 50.15
CA VAL A 228 29.39 18.92 49.17
C VAL A 228 30.42 18.03 49.85
N PRO A 229 30.81 16.86 49.27
CA PRO A 229 31.89 16.07 49.88
C PRO A 229 33.28 16.68 49.71
N GLU A 230 34.29 15.89 50.09
CA GLU A 230 35.67 16.38 50.18
C GLU A 230 36.22 16.78 48.82
N SER A 231 36.07 15.92 47.82
CA SER A 231 36.69 16.21 46.52
C SER A 231 35.80 17.06 45.62
N LEU A 232 35.22 18.12 46.17
CA LEU A 232 34.50 19.14 45.39
C LEU A 232 34.75 20.52 45.96
N ARG A 233 35.97 20.78 46.42
CA ARG A 233 36.27 22.07 47.03
C ARG A 233 36.58 23.08 45.93
N ASP A 234 35.58 23.91 45.60
CA ASP A 234 35.68 25.04 44.68
C ASP A 234 36.12 24.59 43.28
N LYS A 235 35.23 23.81 42.64
CA LYS A 235 35.50 23.35 41.29
C LYS A 235 35.12 24.37 40.23
N THR A 236 34.17 25.27 40.52
CA THR A 236 33.81 26.43 39.69
C THR A 236 33.33 25.99 38.29
N ILE A 237 32.12 25.42 38.27
CA ILE A 237 31.46 24.94 37.06
C ILE A 237 31.38 26.05 36.01
N VAL A 238 31.81 25.73 34.80
CA VAL A 238 31.90 26.70 33.70
C VAL A 238 31.10 26.17 32.52
N ALA A 239 30.08 26.93 32.11
CA ALA A 239 29.19 26.51 31.04
C ALA A 239 29.72 27.02 29.70
N LEU A 240 29.80 26.11 28.71
CA LEU A 240 30.35 26.45 27.41
C LEU A 240 29.25 26.88 26.44
N ASP A 241 29.66 27.25 25.23
CA ASP A 241 28.75 27.63 24.15
C ASP A 241 29.32 27.08 22.84
N LEU A 242 28.62 26.13 22.24
CA LEU A 242 29.00 25.60 20.94
C LEU A 242 28.48 26.42 19.77
N GLY A 243 27.69 27.45 20.04
CA GLY A 243 27.22 28.32 19.00
C GLY A 243 28.16 29.49 18.80
N SER A 244 28.86 29.87 19.86
CA SER A 244 29.82 30.96 19.78
C SER A 244 31.12 30.52 19.13
N MET A 245 31.40 29.21 19.16
CA MET A 245 32.61 28.70 18.54
C MET A 245 32.55 28.85 17.02
N VAL A 246 31.39 28.60 16.42
CA VAL A 246 31.22 28.71 14.98
C VAL A 246 30.62 30.10 14.73
N ALA A 247 31.50 31.09 14.57
CA ALA A 247 31.08 32.45 14.28
C ALA A 247 32.26 33.15 13.61
N GLY A 248 32.17 33.36 12.31
CA GLY A 248 33.27 33.92 11.55
C GLY A 248 34.38 32.95 11.21
N SER A 249 34.33 31.71 11.70
CA SER A 249 35.33 30.69 11.40
C SER A 249 35.07 30.14 10.01
N LYS A 250 35.44 30.93 9.00
CA LYS A 250 35.18 30.59 7.62
C LYS A 250 36.46 30.27 6.84
N TYR A 251 37.51 29.88 7.53
CA TYR A 251 38.77 29.50 6.89
C TYR A 251 38.99 28.01 7.04
N ARG A 252 40.15 27.55 6.60
CA ARG A 252 40.41 26.11 6.53
C ARG A 252 40.66 25.49 7.89
N GLY A 253 41.05 26.27 8.89
CA GLY A 253 41.39 25.66 10.16
C GLY A 253 41.04 26.43 11.40
N GLU A 254 40.09 27.35 11.33
CA GLU A 254 39.90 28.26 12.44
C GLU A 254 39.08 27.64 13.57
N PHE A 255 38.10 26.80 13.24
CA PHE A 255 37.26 26.18 14.27
C PHE A 255 38.06 25.20 15.12
N GLU A 256 38.89 24.40 14.48
CA GLU A 256 39.67 23.41 15.20
C GLU A 256 40.77 24.06 16.05
N GLU A 257 41.32 25.19 15.63
CA GLU A 257 42.31 25.83 16.51
C GLU A 257 41.62 26.56 17.65
N ARG A 258 40.41 27.09 17.46
CA ARG A 258 39.65 27.61 18.59
C ARG A 258 39.33 26.53 19.60
N LEU A 259 38.88 25.37 19.12
CA LEU A 259 38.57 24.25 20.01
C LEU A 259 39.82 23.73 20.71
N LYS A 260 40.96 23.76 20.00
CA LYS A 260 42.21 23.32 20.60
C LYS A 260 42.69 24.31 21.67
N ALA A 261 42.44 25.60 21.47
CA ALA A 261 42.77 26.58 22.50
C ALA A 261 41.89 26.39 23.75
N VAL A 262 40.62 26.08 23.54
CA VAL A 262 39.72 25.82 24.67
C VAL A 262 40.15 24.56 25.42
N LEU A 263 40.50 23.50 24.70
CA LEU A 263 40.95 22.27 25.35
C LEU A 263 42.30 22.45 26.03
N ASP A 264 43.16 23.35 25.53
CA ASP A 264 44.40 23.65 26.22
C ASP A 264 44.13 24.39 27.52
N ASP A 265 43.22 25.37 27.51
CA ASP A 265 42.93 26.07 28.75
C ASP A 265 42.13 25.22 29.72
N ILE A 266 41.55 24.12 29.27
CA ILE A 266 40.99 23.17 30.23
C ILE A 266 42.08 22.23 30.76
N LYS A 267 43.02 21.84 29.90
CA LYS A 267 44.01 20.84 30.29
C LYS A 267 45.09 21.39 31.22
N ASN A 268 45.47 22.67 31.07
CA ASN A 268 46.53 23.21 31.91
C ASN A 268 46.09 23.46 33.35
N SER A 269 44.78 23.57 33.60
CA SER A 269 44.30 23.53 34.95
C SER A 269 44.41 22.11 35.50
N ALA A 270 44.42 21.98 36.82
CA ALA A 270 44.72 20.69 37.43
C ALA A 270 43.52 19.75 37.38
N GLY A 271 42.48 20.05 38.15
CA GLY A 271 41.29 19.22 38.16
C GLY A 271 40.01 20.01 38.36
N GLN A 272 40.07 21.32 38.11
CA GLN A 272 39.06 22.22 38.64
C GLN A 272 37.83 22.29 37.75
N ILE A 273 38.00 22.74 36.51
CA ILE A 273 36.89 23.26 35.70
C ILE A 273 35.97 22.13 35.27
N ILE A 274 34.69 22.26 35.58
CA ILE A 274 33.66 21.29 35.27
C ILE A 274 32.83 21.90 34.15
N THR A 275 33.00 21.40 32.93
CA THR A 275 32.27 21.96 31.80
C THR A 275 30.81 21.52 31.83
N PHE A 276 29.92 22.47 31.61
CA PHE A 276 28.49 22.19 31.48
C PHE A 276 28.04 22.52 30.08
N ILE A 277 27.76 21.50 29.28
CA ILE A 277 27.35 21.66 27.89
C ILE A 277 25.90 21.21 27.80
N ASP A 278 24.98 22.17 27.77
CA ASP A 278 23.57 21.84 27.63
C ASP A 278 23.22 21.58 26.18
N GLU A 279 22.33 20.62 25.96
CA GLU A 279 21.90 20.14 24.64
C GLU A 279 23.09 19.65 23.81
N LEU A 280 23.69 18.55 24.29
CA LEU A 280 24.87 18.00 23.64
C LEU A 280 24.54 17.04 22.51
N HIS A 281 23.38 17.16 21.88
CA HIS A 281 23.25 16.61 20.54
C HIS A 281 23.89 17.51 19.51
N THR A 282 24.19 18.76 19.87
CA THR A 282 24.87 19.69 18.99
C THR A 282 26.35 19.35 18.81
N ILE A 283 26.91 18.55 19.72
CA ILE A 283 28.35 18.24 19.68
C ILE A 283 28.67 17.17 18.64
N VAL A 284 27.65 16.60 17.99
CA VAL A 284 27.86 15.53 17.04
C VAL A 284 28.51 16.05 15.76
N GLY A 285 27.90 17.04 15.13
CA GLY A 285 28.42 17.52 13.87
C GLY A 285 29.31 18.74 14.02
N ALA A 286 28.79 19.90 13.61
CA ALA A 286 29.39 21.23 13.73
C ALA A 286 30.72 21.39 12.99
N GLY A 287 31.11 20.43 12.15
CA GLY A 287 32.34 20.55 11.40
C GLY A 287 32.15 21.15 10.02
N ALA A 288 31.26 20.54 9.24
CA ALA A 288 30.98 20.99 7.88
C ALA A 288 29.62 20.47 7.43
N ALA A 296 34.83 18.23 11.00
CA ALA A 296 35.60 17.99 12.22
C ALA A 296 34.67 17.67 13.40
N GLY A 297 34.96 18.24 14.56
CA GLY A 297 34.19 17.95 15.75
C GLY A 297 34.43 16.59 16.36
N ASN A 298 35.48 15.88 15.92
CA ASN A 298 35.77 14.54 16.39
C ASN A 298 36.95 14.51 17.35
N MET A 299 37.61 15.63 17.57
CA MET A 299 38.77 15.66 18.46
C MET A 299 38.38 15.87 19.91
N ILE A 300 37.44 15.07 20.38
CA ILE A 300 37.03 15.06 21.77
C ILE A 300 37.24 13.68 22.40
N LYS A 301 37.25 12.62 21.58
CA LYS A 301 37.48 11.26 22.07
C LYS A 301 38.78 11.01 22.84
N PRO A 302 39.96 11.53 22.46
CA PRO A 302 41.11 11.32 23.36
C PRO A 302 41.03 12.14 24.62
N MET A 303 40.33 13.27 24.59
CA MET A 303 40.17 14.05 25.81
C MET A 303 39.15 13.40 26.74
N LEU A 304 38.11 12.79 26.18
CA LEU A 304 37.14 12.10 27.02
C LEU A 304 37.68 10.77 27.54
N ALA A 305 38.37 10.01 26.70
CA ALA A 305 38.82 8.68 27.11
C ALA A 305 40.21 8.71 27.72
N ARG A 306 40.41 9.65 28.63
CA ARG A 306 41.53 9.64 29.56
C ARG A 306 41.11 10.10 30.95
N GLY A 307 39.83 10.39 31.15
CA GLY A 307 39.36 10.92 32.43
C GLY A 307 39.82 12.33 32.72
N GLU A 308 40.05 13.13 31.68
CA GLU A 308 40.60 14.48 31.86
C GLU A 308 39.56 15.57 31.75
N LEU A 309 38.46 15.33 31.05
CA LEU A 309 37.37 16.29 30.92
C LEU A 309 36.18 15.78 31.72
N ARG A 310 35.40 16.70 32.28
CA ARG A 310 34.43 16.32 33.30
C ARG A 310 32.99 16.33 32.85
N LEU A 311 32.53 17.38 32.14
CA LEU A 311 31.46 17.34 31.13
C LEU A 311 30.12 16.80 31.68
N VAL A 312 29.49 17.62 32.52
CA VAL A 312 28.08 17.37 32.84
C VAL A 312 27.22 17.97 31.74
N GLY A 313 26.31 17.18 31.18
CA GLY A 313 25.47 17.71 30.13
C GLY A 313 24.15 16.98 29.96
N ALA A 314 23.08 17.71 29.68
CA ALA A 314 21.73 17.17 29.69
C ALA A 314 21.10 17.29 28.32
N THR A 315 20.47 16.21 27.86
CA THR A 315 19.67 16.20 26.64
C THR A 315 18.25 15.76 26.99
N THR A 316 17.42 15.66 25.96
CA THR A 316 16.10 15.09 26.11
C THR A 316 16.19 13.59 25.83
N LEU A 317 15.04 12.95 25.65
CA LEU A 317 15.00 11.50 25.48
C LEU A 317 15.21 11.08 24.03
N ASP A 318 14.36 11.56 23.13
CA ASP A 318 14.41 11.10 21.74
C ASP A 318 15.57 11.70 20.97
N GLU A 319 16.00 12.92 21.33
CA GLU A 319 17.17 13.51 20.70
C GLU A 319 18.45 12.76 21.05
N TYR A 320 18.44 12.01 22.15
CA TYR A 320 19.54 11.10 22.45
C TYR A 320 19.63 9.98 21.42
N ARG A 321 18.53 9.25 21.22
CA ARG A 321 18.60 8.10 20.33
C ARG A 321 18.60 8.49 18.86
N LYS A 322 18.25 9.73 18.54
CA LYS A 322 18.32 10.14 17.14
C LYS A 322 19.75 10.45 16.71
N HIS A 323 20.61 10.85 17.64
CA HIS A 323 21.97 11.26 17.32
C HIS A 323 23.03 10.39 17.98
N ILE A 324 22.94 10.14 19.28
CA ILE A 324 24.04 9.53 20.01
C ILE A 324 24.00 8.01 19.91
N GLU A 325 22.81 7.41 19.92
CA GLU A 325 22.70 5.97 19.64
C GLU A 325 23.05 5.63 18.20
N LYS A 326 22.99 6.61 17.29
CA LYS A 326 23.49 6.50 15.93
C LYS A 326 25.01 6.47 15.87
N ASP A 327 25.69 6.79 16.96
CA ASP A 327 27.13 7.04 17.02
C ASP A 327 27.79 6.17 18.09
N ALA A 328 27.58 4.85 17.99
CA ALA A 328 27.84 3.87 19.05
C ALA A 328 29.29 3.73 19.53
N ALA A 329 30.23 4.50 18.97
CA ALA A 329 31.55 4.60 19.56
C ALA A 329 31.63 5.68 20.63
N LEU A 330 30.95 6.81 20.42
CA LEU A 330 30.93 7.88 21.40
C LEU A 330 30.17 7.47 22.66
N GLU A 331 29.20 6.59 22.53
CA GLU A 331 28.23 6.28 23.57
C GLU A 331 28.85 5.58 24.77
N ARG A 332 30.00 4.94 24.60
CA ARG A 332 30.63 4.20 25.70
C ARG A 332 31.17 5.14 26.77
N ARG A 333 31.72 6.27 26.37
CA ARG A 333 32.36 7.18 27.31
C ARG A 333 31.36 8.12 27.97
N PHE A 334 30.26 7.59 28.49
CA PHE A 334 29.24 8.38 29.16
C PHE A 334 28.52 7.49 30.16
N GLN A 335 27.86 8.12 31.10
CA GLN A 335 26.90 7.44 31.93
C GLN A 335 25.50 7.88 31.52
N GLN A 336 24.48 7.38 32.21
CA GLN A 336 23.10 7.81 31.99
C GLN A 336 22.45 7.97 33.34
N VAL A 337 22.02 9.18 33.66
CA VAL A 337 21.29 9.44 34.89
C VAL A 337 19.86 9.75 34.48
N TYR A 338 18.97 8.77 34.61
CA TYR A 338 17.59 8.90 34.15
C TYR A 338 16.81 9.72 35.17
N VAL A 339 16.39 10.91 34.78
CA VAL A 339 15.55 11.76 35.62
C VAL A 339 14.11 11.57 35.21
N GLY A 340 13.26 11.16 36.16
CA GLY A 340 11.86 10.91 35.89
C GLY A 340 10.98 12.01 36.45
N GLU A 341 9.70 11.93 36.09
CA GLU A 341 8.73 12.93 36.50
C GLU A 341 8.44 12.81 38.01
N PRO A 342 8.13 13.92 38.67
CA PRO A 342 7.74 13.86 40.08
C PRO A 342 6.26 13.56 40.20
N SER A 343 5.81 13.44 41.44
CA SER A 343 4.41 13.13 41.73
C SER A 343 3.62 14.43 41.89
N VAL A 344 2.38 14.31 42.33
CA VAL A 344 1.55 15.49 42.57
C VAL A 344 1.85 16.08 43.94
N GLU A 345 2.09 15.21 44.93
CA GLU A 345 2.46 15.68 46.26
C GLU A 345 3.82 16.36 46.26
N ASP A 346 4.77 15.83 45.48
CA ASP A 346 6.07 16.49 45.40
C ASP A 346 5.98 17.78 44.60
N THR A 347 5.02 17.86 43.67
CA THR A 347 4.74 19.13 43.01
C THR A 347 4.22 20.17 44.00
N ILE A 348 3.35 19.75 44.92
CA ILE A 348 2.87 20.66 45.97
C ILE A 348 4.02 21.07 46.88
N GLY A 349 4.92 20.13 47.18
CA GLY A 349 6.10 20.47 47.97
C GLY A 349 7.04 21.42 47.28
N ILE A 350 7.12 21.36 45.95
CA ILE A 350 7.92 22.30 45.19
C ILE A 350 7.28 23.68 45.21
N LEU A 351 5.97 23.75 44.95
CA LEU A 351 5.29 25.03 44.74
C LEU A 351 5.22 25.91 45.98
N ARG A 352 5.50 25.39 47.17
CA ARG A 352 5.63 26.25 48.33
C ARG A 352 7.00 26.93 48.40
N GLY A 353 7.93 26.57 47.51
CA GLY A 353 9.26 27.17 47.53
C GLY A 353 9.42 28.29 46.54
N LEU A 354 8.77 28.18 45.39
CA LEU A 354 8.89 29.17 44.33
C LEU A 354 7.93 30.34 44.50
N LYS A 355 7.21 30.42 45.62
CA LYS A 355 6.15 31.41 45.77
C LYS A 355 6.70 32.81 45.99
N ASP A 356 7.84 32.92 46.70
CA ASP A 356 8.38 34.24 47.05
C ASP A 356 8.84 35.01 45.82
N ARG A 357 9.37 34.32 44.81
CA ARG A 357 9.83 35.00 43.60
C ARG A 357 8.66 35.55 42.81
N TYR A 358 7.56 34.81 42.77
CA TYR A 358 6.37 35.27 42.06
C TYR A 358 5.61 36.32 42.86
N GLU A 359 5.83 36.40 44.17
CA GLU A 359 5.29 37.53 44.91
C GLU A 359 6.18 38.77 44.80
N VAL A 360 7.47 38.58 44.53
CA VAL A 360 8.36 39.72 44.32
C VAL A 360 8.12 40.34 42.95
N HIS A 361 8.11 39.52 41.90
CA HIS A 361 8.06 40.06 40.53
C HIS A 361 6.69 40.67 40.22
N HIS A 362 5.62 40.04 40.67
CA HIS A 362 4.28 40.61 40.62
C HIS A 362 3.79 40.81 42.05
N GLY A 363 3.39 42.02 42.38
CA GLY A 363 3.05 42.34 43.75
C GLY A 363 1.69 41.85 44.19
N VAL A 364 1.56 40.53 44.38
CA VAL A 364 0.30 39.91 44.78
C VAL A 364 0.53 39.09 46.04
N ARG A 365 -0.54 38.46 46.52
CA ARG A 365 -0.49 37.50 47.61
C ARG A 365 -1.11 36.19 47.15
N ILE A 366 -0.59 35.08 47.67
CA ILE A 366 -0.97 33.74 47.20
C ILE A 366 -1.35 32.90 48.41
N THR A 367 -2.57 32.38 48.41
CA THR A 367 -3.02 31.47 49.44
C THR A 367 -2.46 30.07 49.15
N ASP A 368 -2.23 29.29 50.21
CA ASP A 368 -1.83 27.90 50.04
C ASP A 368 -2.92 27.06 49.38
N SER A 369 -4.19 27.45 49.58
CA SER A 369 -5.30 26.77 48.91
C SER A 369 -5.22 26.95 47.40
N ALA A 370 -4.73 28.10 46.94
CA ALA A 370 -4.49 28.31 45.52
C ALA A 370 -3.42 27.36 45.00
N LEU A 371 -2.35 27.16 45.77
CA LEU A 371 -1.29 26.29 45.31
C LEU A 371 -1.64 24.81 45.39
N VAL A 372 -2.58 24.41 46.24
CA VAL A 372 -3.00 23.02 46.20
C VAL A 372 -4.08 22.78 45.15
N ALA A 373 -4.92 23.78 44.88
CA ALA A 373 -5.91 23.62 43.81
C ALA A 373 -5.25 23.68 42.43
N ALA A 374 -4.20 24.47 42.27
CA ALA A 374 -3.50 24.52 40.99
C ALA A 374 -2.74 23.23 40.69
N ALA A 375 -2.39 22.47 41.72
CA ALA A 375 -1.74 21.20 41.49
C ALA A 375 -2.73 20.06 41.35
N THR A 376 -3.90 20.17 41.99
CA THR A 376 -4.93 19.15 41.78
C THR A 376 -5.59 19.30 40.42
N LEU A 377 -5.95 20.53 40.05
CA LEU A 377 -6.79 20.80 38.90
C LEU A 377 -6.04 20.76 37.58
N SER A 378 -4.71 20.84 37.60
CA SER A 378 -3.95 20.67 36.38
C SER A 378 -3.71 19.22 36.03
N ASP A 379 -4.02 18.29 36.94
CA ASP A 379 -3.86 16.87 36.64
C ASP A 379 -4.91 16.41 35.63
N ARG A 380 -6.16 16.83 35.82
CA ARG A 380 -7.22 16.32 34.96
C ARG A 380 -7.22 16.99 33.60
N TYR A 381 -7.20 18.33 33.57
CA TYR A 381 -7.58 19.01 32.34
C TYR A 381 -6.42 19.11 31.36
N ILE A 382 -5.35 19.79 31.73
CA ILE A 382 -4.24 20.01 30.83
C ILE A 382 -3.41 18.72 30.80
N THR A 383 -3.48 17.98 29.69
CA THR A 383 -2.70 16.75 29.57
C THR A 383 -1.94 16.79 28.25
N ALA A 384 -0.82 17.51 28.26
CA ALA A 384 0.24 17.35 27.26
C ALA A 384 1.63 17.43 27.85
N ARG A 385 1.82 18.08 29.01
CA ARG A 385 3.14 18.40 29.53
C ARG A 385 3.32 17.75 30.89
N PHE A 386 4.57 17.44 31.22
CA PHE A 386 4.86 16.78 32.47
C PHE A 386 4.87 17.79 33.62
N LEU A 387 4.78 17.28 34.84
CA LEU A 387 4.31 18.15 35.90
C LEU A 387 5.35 18.48 36.98
N PRO A 388 6.47 19.14 36.65
CA PRO A 388 6.96 20.16 37.58
C PRO A 388 6.51 21.53 37.17
N ASP A 389 6.22 21.69 35.88
CA ASP A 389 6.02 23.00 35.27
C ASP A 389 4.74 23.10 34.47
N LYS A 390 3.97 22.03 34.34
CA LYS A 390 2.65 22.14 33.75
C LYS A 390 1.68 22.86 34.67
N ALA A 391 2.02 23.01 35.95
CA ALA A 391 1.23 23.77 36.91
C ALA A 391 1.85 25.09 37.32
N ILE A 392 3.08 25.40 36.90
CA ILE A 392 3.66 26.71 37.19
C ILE A 392 2.97 27.79 36.38
N ASP A 393 2.57 27.46 35.15
CA ASP A 393 2.01 28.46 34.25
C ASP A 393 0.65 28.96 34.71
N LEU A 394 -0.09 28.16 35.47
CA LEU A 394 -1.40 28.58 35.93
C LEU A 394 -1.27 29.69 36.97
N VAL A 395 -0.36 29.52 37.92
CA VAL A 395 -0.06 30.57 38.89
C VAL A 395 0.53 31.78 38.18
N ASP A 396 1.42 31.54 37.22
CA ASP A 396 2.13 32.62 36.55
C ASP A 396 1.21 33.44 35.65
N GLU A 397 0.11 32.87 35.18
CA GLU A 397 -0.86 33.66 34.42
C GLU A 397 -1.97 34.23 35.28
N ALA A 398 -2.30 33.58 36.40
CA ALA A 398 -3.28 34.16 37.32
C ALA A 398 -2.74 35.41 37.97
N ALA A 399 -1.44 35.43 38.28
CA ALA A 399 -0.81 36.63 38.80
C ALA A 399 -0.84 37.77 37.78
N SER A 400 -0.65 37.44 36.50
CA SER A 400 -0.67 38.48 35.47
C SER A 400 -2.07 39.02 35.24
N ARG A 401 -3.08 38.14 35.32
CA ARG A 401 -4.46 38.62 35.18
C ARG A 401 -4.87 39.50 36.35
N LEU A 402 -4.44 39.14 37.56
CA LEU A 402 -4.70 39.99 38.70
C LEU A 402 -3.94 41.31 38.61
N ARG A 403 -2.75 41.29 37.99
CA ARG A 403 -2.02 42.54 37.78
C ARG A 403 -2.70 43.42 36.74
N MET A 404 -3.35 42.80 35.75
CA MET A 404 -4.19 43.54 34.82
C MET A 404 -5.34 44.22 35.55
N GLU A 405 -6.02 43.48 36.42
CA GLU A 405 -7.18 44.04 37.11
C GLU A 405 -6.81 44.99 38.25
N ILE A 406 -5.57 44.97 38.74
CA ILE A 406 -5.15 45.96 39.71
C ILE A 406 -4.97 47.32 39.03
N ASP A 407 -4.39 47.32 37.84
CA ASP A 407 -4.32 48.55 37.07
C ASP A 407 -5.70 48.93 36.54
N SER A 408 -5.71 50.04 35.78
CA SER A 408 -6.72 51.10 35.82
C SER A 408 -8.16 50.65 36.06
N ARG A 409 -8.69 49.79 35.21
CA ARG A 409 -10.06 49.32 35.31
C ARG A 409 -10.09 47.80 35.26
N PRO A 410 -11.19 47.22 35.74
CA PRO A 410 -11.37 45.77 35.76
C PRO A 410 -11.43 45.14 34.37
N VAL A 411 -12.52 44.44 34.05
CA VAL A 411 -12.66 43.79 32.76
C VAL A 411 -14.04 44.01 32.09
N GLU A 412 -15.10 43.53 32.74
CA GLU A 412 -16.46 43.66 32.22
C GLU A 412 -16.80 45.07 31.75
N ILE A 413 -16.87 45.99 32.71
CA ILE A 413 -17.15 47.40 32.40
C ILE A 413 -16.40 47.85 31.16
N ASP A 414 -15.15 47.41 31.02
CA ASP A 414 -14.38 47.69 29.80
C ASP A 414 -15.02 47.00 28.60
N GLU A 415 -15.35 45.73 28.77
CA GLU A 415 -16.03 44.95 27.73
C GLU A 415 -17.27 45.68 27.24
N VAL A 416 -18.13 46.05 28.18
CA VAL A 416 -19.40 46.70 27.85
C VAL A 416 -19.20 48.09 27.25
N GLU A 417 -18.20 48.83 27.73
CA GLU A 417 -17.93 50.15 27.19
C GLU A 417 -17.48 50.08 25.74
N ARG A 418 -16.59 49.14 25.45
CA ARG A 418 -16.10 48.94 24.09
C ARG A 418 -17.22 48.46 23.18
N LEU A 419 -18.07 47.57 23.69
CA LEU A 419 -19.19 47.04 22.94
C LEU A 419 -20.20 48.13 22.57
N VAL A 420 -20.59 48.93 23.56
CA VAL A 420 -21.55 50.00 23.33
C VAL A 420 -20.97 51.11 22.47
N ARG A 421 -19.66 51.31 22.55
CA ARG A 421 -19.02 52.29 21.66
C ARG A 421 -19.10 51.75 20.23
N ARG A 422 -18.93 50.45 20.06
CA ARG A 422 -19.00 49.81 18.75
C ARG A 422 -20.39 49.95 18.13
N LEU A 423 -21.40 49.55 18.90
CA LEU A 423 -22.78 49.63 18.45
C LEU A 423 -23.19 51.07 18.19
N GLU A 424 -22.67 51.99 18.99
CA GLU A 424 -22.88 53.42 18.77
C GLU A 424 -22.34 53.82 17.39
N ILE A 425 -21.09 53.48 17.14
CA ILE A 425 -20.45 53.72 15.84
C ILE A 425 -21.31 53.25 14.69
N GLU A 426 -21.57 51.94 14.68
CA GLU A 426 -22.38 51.31 13.65
C GLU A 426 -23.71 52.06 13.44
N GLU A 427 -24.45 52.23 14.52
CA GLU A 427 -25.75 52.89 14.47
C GLU A 427 -25.69 54.29 13.86
N MET A 428 -24.75 55.11 14.31
CA MET A 428 -24.62 56.47 13.82
C MET A 428 -24.17 56.50 12.37
N ALA A 429 -23.41 55.48 11.96
CA ALA A 429 -23.00 55.36 10.58
C ALA A 429 -24.21 55.05 9.70
N LEU A 430 -25.13 54.26 10.23
CA LEU A 430 -26.34 53.89 9.49
C LEU A 430 -27.31 55.06 9.37
N SER A 431 -27.22 56.03 10.27
CA SER A 431 -28.11 57.18 10.25
C SER A 431 -27.82 58.11 9.09
N LEU A 442 -31.01 51.82 11.92
CA LEU A 442 -31.51 50.46 11.74
C LEU A 442 -32.58 50.14 12.78
N ALA A 443 -32.82 51.09 13.69
CA ALA A 443 -33.54 50.83 14.93
C ALA A 443 -32.87 49.61 15.55
N LYS A 444 -33.67 48.67 16.07
CA LYS A 444 -33.09 47.37 16.43
C LYS A 444 -31.97 47.52 17.42
N LEU A 445 -30.76 47.57 16.87
CA LEU A 445 -29.57 47.96 17.59
C LEU A 445 -29.84 49.14 18.55
N ARG A 446 -30.65 50.10 18.13
CA ARG A 446 -31.09 51.21 18.98
C ARG A 446 -31.61 50.72 20.34
N SER A 447 -32.47 49.71 20.31
CA SER A 447 -32.92 49.01 21.51
C SER A 447 -31.75 48.37 22.26
N GLU A 448 -30.95 47.58 21.55
CA GLU A 448 -29.89 46.81 22.18
C GLU A 448 -28.82 47.72 22.75
N LEU A 449 -28.69 48.90 22.14
CA LEU A 449 -27.88 49.98 22.70
C LEU A 449 -28.42 50.29 24.09
N ALA A 450 -29.66 50.77 24.13
CA ALA A 450 -30.31 51.22 25.36
C ALA A 450 -30.22 50.18 26.48
N ASP A 451 -30.57 48.93 26.16
CA ASP A 451 -30.48 47.83 27.11
C ASP A 451 -29.06 47.71 27.65
N GLN A 452 -28.09 47.71 26.74
CA GLN A 452 -26.68 47.60 27.11
C GLN A 452 -26.24 48.81 27.92
N LYS A 453 -26.92 49.93 27.72
CA LYS A 453 -26.60 51.14 28.48
C LYS A 453 -27.20 51.05 29.87
N GLU A 454 -28.31 50.32 29.99
CA GLU A 454 -28.92 50.10 31.29
C GLU A 454 -27.96 49.24 32.11
N LYS A 455 -27.58 48.11 31.53
CA LYS A 455 -26.67 47.17 32.17
C LYS A 455 -25.38 47.85 32.60
N LEU A 456 -24.71 48.51 31.66
CA LEU A 456 -23.46 49.20 31.95
C LEU A 456 -23.64 50.25 33.03
N ALA A 457 -24.83 50.83 33.10
CA ALA A 457 -25.12 51.79 34.16
C ALA A 457 -25.12 51.06 35.49
N GLU A 458 -25.92 49.99 35.56
CA GLU A 458 -26.11 49.23 36.80
C GLU A 458 -24.78 48.78 37.36
N LEU A 459 -24.02 48.06 36.53
CA LEU A 459 -22.69 47.61 36.92
C LEU A 459 -21.84 48.76 37.44
N THR A 460 -21.85 49.87 36.72
CA THR A 460 -21.03 51.02 37.10
C THR A 460 -21.40 51.41 38.53
N THR A 461 -22.70 51.52 38.78
CA THR A 461 -23.15 51.94 40.09
C THR A 461 -22.65 50.93 41.12
N ARG A 462 -22.83 49.65 40.78
CA ARG A 462 -22.41 48.57 41.66
C ARG A 462 -20.94 48.74 41.98
N TRP A 463 -20.15 49.02 40.95
CA TRP A 463 -18.71 49.21 41.11
C TRP A 463 -18.49 50.24 42.21
N GLN A 464 -19.10 51.42 42.03
CA GLN A 464 -18.95 52.50 42.98
C GLN A 464 -19.31 52.02 44.37
N ASN A 465 -20.45 51.32 44.45
CA ASN A 465 -20.96 50.86 45.74
C ASN A 465 -19.88 50.03 46.41
N GLU A 466 -19.32 49.08 45.67
CA GLU A 466 -18.31 48.19 46.19
C GLU A 466 -17.15 49.02 46.72
N LYS A 467 -16.69 49.95 45.88
CA LYS A 467 -15.57 50.82 46.25
C LYS A 467 -15.86 51.47 47.60
N ASN A 468 -17.08 52.01 47.72
CA ASN A 468 -17.48 52.70 48.93
C ASN A 468 -17.25 51.78 50.12
N ALA A 469 -17.77 50.56 50.02
CA ALA A 469 -17.65 49.58 51.08
C ALA A 469 -16.18 49.44 51.48
N LYS A 530 -11.20 42.39 44.81
CA LYS A 530 -10.25 41.33 45.14
C LYS A 530 -8.82 41.87 45.16
N GLU A 531 -7.97 41.24 45.97
CA GLU A 531 -6.59 41.65 46.09
C GLU A 531 -5.59 40.51 46.19
N GLU A 532 -6.02 39.27 46.09
CA GLU A 532 -5.09 38.15 46.06
C GLU A 532 -5.72 37.04 45.23
N VAL A 533 -4.89 36.08 44.83
CA VAL A 533 -5.40 34.98 44.03
C VAL A 533 -6.10 33.98 44.94
N GLY A 534 -7.02 33.22 44.35
CA GLY A 534 -7.76 32.22 45.06
C GLY A 534 -7.94 30.98 44.23
N PRO A 535 -8.57 29.95 44.82
CA PRO A 535 -8.73 28.69 44.08
C PRO A 535 -9.75 28.75 42.95
N ASP A 536 -10.48 29.85 42.81
CA ASP A 536 -11.37 30.03 41.66
C ASP A 536 -10.64 30.61 40.46
N ASP A 537 -9.59 31.40 40.70
CA ASP A 537 -8.90 32.07 39.60
C ASP A 537 -8.09 31.08 38.78
N ILE A 538 -7.59 30.01 39.42
CA ILE A 538 -6.87 28.97 38.70
C ILE A 538 -7.80 28.25 37.73
N ALA A 539 -8.99 27.89 38.21
CA ALA A 539 -9.98 27.28 37.34
C ALA A 539 -10.49 28.25 36.29
N ASP A 540 -10.45 29.55 36.57
CA ASP A 540 -10.78 30.54 35.54
C ASP A 540 -9.76 30.53 34.42
N VAL A 541 -8.47 30.37 34.76
CA VAL A 541 -7.43 30.29 33.74
C VAL A 541 -7.56 29.00 32.93
N VAL A 542 -7.77 27.87 33.61
CA VAL A 542 -7.91 26.59 32.91
C VAL A 542 -9.25 26.47 32.19
N SER A 543 -10.19 27.37 32.47
CA SER A 543 -11.39 27.43 31.65
C SER A 543 -11.23 28.35 30.45
N ALA A 544 -10.49 29.45 30.60
CA ALA A 544 -10.26 30.34 29.49
C ALA A 544 -9.34 29.70 28.46
N TRP A 545 -8.37 28.94 28.92
CA TRP A 545 -7.54 28.16 28.04
C TRP A 545 -8.15 26.77 27.91
N THR A 546 -7.86 26.09 26.80
CA THR A 546 -8.31 24.73 26.47
C THR A 546 -9.83 24.56 26.45
N GLY A 547 -10.58 25.65 26.32
CA GLY A 547 -12.02 25.55 26.09
C GLY A 547 -12.96 25.16 27.21
N ILE A 548 -12.60 24.13 27.97
CA ILE A 548 -13.46 23.42 28.93
C ILE A 548 -13.96 24.32 30.05
N PRO A 549 -15.26 24.57 30.17
CA PRO A 549 -15.74 25.38 31.29
C PRO A 549 -15.74 24.61 32.60
N ALA A 550 -14.77 24.90 33.46
CA ALA A 550 -14.55 24.12 34.67
C ALA A 550 -14.33 25.05 35.86
N GLY A 551 -15.23 26.01 36.03
CA GLY A 551 -15.11 26.93 37.15
C GLY A 551 -15.73 26.38 38.42
N ARG A 552 -16.59 27.15 39.07
CA ARG A 552 -17.30 26.63 40.24
C ARG A 552 -18.71 27.22 40.34
N LEU A 553 -19.66 26.51 39.74
CA LEU A 553 -21.11 26.77 39.83
C LEU A 553 -21.46 28.21 39.45
N LEU A 554 -21.17 28.53 38.19
CA LEU A 554 -21.09 29.91 37.74
C LEU A 554 -22.45 30.59 37.74
N GLU A 555 -22.42 31.92 37.85
CA GLU A 555 -23.64 32.71 37.92
C GLU A 555 -24.23 32.88 36.53
N GLY A 556 -25.57 32.92 36.45
CA GLY A 556 -26.27 33.03 35.19
C GLY A 556 -26.52 31.71 34.51
N GLU A 557 -25.65 30.72 34.76
CA GLU A 557 -25.86 29.38 34.22
C GLU A 557 -26.84 28.58 35.06
N THR A 558 -27.01 28.94 36.33
CA THR A 558 -28.10 28.36 37.11
C THR A 558 -29.45 28.82 36.59
N ALA A 559 -29.52 29.96 35.92
CA ALA A 559 -30.71 30.34 35.17
C ALA A 559 -30.81 29.64 33.84
N LYS A 560 -29.76 28.94 33.40
CA LYS A 560 -29.77 28.16 32.18
C LYS A 560 -29.99 26.68 32.43
N LEU A 561 -29.21 26.09 33.32
CA LEU A 561 -29.27 24.65 33.52
C LEU A 561 -30.53 24.22 34.24
N LEU A 562 -31.11 25.09 35.07
CA LEU A 562 -32.40 24.81 35.66
C LEU A 562 -33.55 25.20 34.74
N ARG A 563 -33.25 25.79 33.59
CA ARG A 563 -34.22 26.08 32.55
C ARG A 563 -33.98 25.20 31.32
N MET A 564 -32.92 24.40 31.35
CA MET A 564 -32.49 23.62 30.19
C MET A 564 -33.50 22.55 29.81
N GLU A 565 -34.10 21.89 30.81
CA GLU A 565 -35.09 20.86 30.55
C GLU A 565 -36.34 21.41 29.88
N ASP A 566 -36.62 22.70 30.03
CA ASP A 566 -37.72 23.35 29.33
C ASP A 566 -37.27 24.14 28.11
N GLU A 567 -36.03 24.62 28.10
CA GLU A 567 -35.54 25.36 26.94
C GLU A 567 -35.25 24.43 25.77
N LEU A 568 -34.82 23.20 26.06
CA LEU A 568 -34.61 22.24 25.00
C LEU A 568 -35.92 21.74 24.39
N GLY A 569 -37.02 21.89 25.12
CA GLY A 569 -38.33 21.48 24.61
C GLY A 569 -38.91 22.42 23.57
N LYS A 570 -38.35 23.61 23.40
CA LYS A 570 -38.84 24.53 22.38
C LYS A 570 -38.41 24.13 20.97
N ARG A 571 -37.50 23.18 20.84
CA ARG A 571 -37.06 22.71 19.53
C ARG A 571 -37.40 21.24 19.28
N VAL A 572 -37.53 20.44 20.33
CA VAL A 572 -37.98 19.06 20.23
C VAL A 572 -39.22 18.92 21.11
N ILE A 573 -40.32 18.45 20.53
CA ILE A 573 -41.62 18.37 21.19
C ILE A 573 -41.92 16.92 21.52
N GLY A 574 -42.24 16.66 22.77
CA GLY A 574 -42.42 15.30 23.23
C GLY A 574 -41.12 14.77 23.81
N GLN A 575 -41.13 13.47 24.08
CA GLN A 575 -39.97 12.71 24.57
C GLN A 575 -39.45 13.29 25.88
N LYS A 576 -40.30 13.23 26.91
CA LYS A 576 -39.94 13.83 28.19
C LYS A 576 -38.86 13.02 28.90
N ALA A 577 -38.88 11.70 28.74
CA ALA A 577 -37.93 10.85 29.45
C ALA A 577 -36.52 11.01 28.90
N ALA A 578 -36.39 11.17 27.58
CA ALA A 578 -35.06 11.30 26.98
C ALA A 578 -34.42 12.63 27.35
N VAL A 579 -35.19 13.71 27.37
CA VAL A 579 -34.64 15.00 27.77
C VAL A 579 -34.32 15.00 29.26
N THR A 580 -35.16 14.32 30.07
CA THR A 580 -34.88 14.19 31.49
C THR A 580 -33.65 13.34 31.77
N ALA A 581 -33.27 12.44 30.86
CA ALA A 581 -32.04 11.69 31.01
C ALA A 581 -30.82 12.41 30.44
N VAL A 582 -30.99 13.24 29.41
CA VAL A 582 -29.87 13.98 28.85
C VAL A 582 -29.46 15.14 29.76
N SER A 583 -30.45 15.82 30.35
CA SER A 583 -30.15 16.91 31.30
C SER A 583 -29.41 16.41 32.54
N ASP A 584 -29.60 15.14 32.89
CA ASP A 584 -29.02 14.50 34.05
C ASP A 584 -27.56 14.15 33.84
N ALA A 585 -27.00 14.38 32.65
CA ALA A 585 -25.59 14.21 32.42
C ALA A 585 -24.85 15.53 32.25
N VAL A 586 -25.58 16.63 32.04
CA VAL A 586 -24.97 17.94 32.01
C VAL A 586 -25.02 18.59 33.38
N ARG A 587 -26.16 18.50 34.07
CA ARG A 587 -26.23 19.00 35.44
C ARG A 587 -25.48 18.12 36.41
N ARG A 588 -25.10 16.90 36.03
CA ARG A 588 -24.23 16.10 36.87
C ARG A 588 -22.81 16.62 36.83
N SER A 589 -22.23 16.71 35.63
CA SER A 589 -20.83 17.05 35.49
C SER A 589 -20.56 18.55 35.59
N ARG A 590 -21.58 19.39 35.50
CA ARG A 590 -21.35 20.81 35.78
C ARG A 590 -21.10 21.04 37.27
N ALA A 591 -21.83 20.34 38.13
CA ALA A 591 -21.67 20.49 39.56
C ALA A 591 -20.48 19.72 40.11
N GLY A 592 -19.90 18.82 39.34
CA GLY A 592 -18.73 18.09 39.80
C GLY A 592 -19.07 16.96 40.74
N VAL A 593 -19.87 16.01 40.28
CA VAL A 593 -20.26 14.85 41.08
C VAL A 593 -19.79 13.62 40.31
N SER A 594 -19.65 13.75 39.00
CA SER A 594 -19.39 12.62 38.13
C SER A 594 -17.97 12.12 38.29
N ASP A 595 -17.72 10.96 37.70
CA ASP A 595 -16.44 10.27 37.83
C ASP A 595 -15.38 10.96 36.99
N PRO A 596 -14.15 11.07 37.49
CA PRO A 596 -13.11 11.76 36.72
C PRO A 596 -12.64 11.06 35.45
N ASN A 597 -12.27 9.79 35.52
CA ASN A 597 -11.73 9.09 34.35
C ASN A 597 -12.85 8.28 33.69
N ARG A 598 -13.74 9.01 33.02
CA ARG A 598 -14.91 8.52 32.31
C ARG A 598 -15.49 9.67 31.52
N PRO A 599 -15.99 9.44 30.31
CA PRO A 599 -16.67 10.51 29.57
C PRO A 599 -17.91 10.99 30.31
N THR A 600 -18.24 12.27 30.11
CA THR A 600 -19.30 12.93 30.85
C THR A 600 -20.69 12.49 30.41
N GLY A 601 -20.79 11.67 29.38
CA GLY A 601 -22.02 11.04 29.00
C GLY A 601 -21.81 10.33 27.69
N ALA A 602 -22.23 9.08 27.60
CA ALA A 602 -22.01 8.31 26.38
C ALA A 602 -23.11 7.26 26.33
N PHE A 603 -24.15 7.54 25.56
CA PHE A 603 -25.33 6.69 25.66
C PHE A 603 -26.15 6.69 24.38
N MET A 604 -26.63 5.49 24.05
CA MET A 604 -27.26 5.18 22.78
C MET A 604 -28.76 5.33 22.92
N PHE A 605 -29.39 6.01 21.97
CA PHE A 605 -30.85 6.05 21.97
C PHE A 605 -31.42 5.83 20.59
N LEU A 606 -32.56 5.15 20.55
CA LEU A 606 -33.06 4.47 19.36
C LEU A 606 -34.58 4.47 19.37
N GLY A 607 -35.16 3.78 18.40
CA GLY A 607 -36.60 3.69 18.27
C GLY A 607 -37.03 3.53 16.83
N PRO A 608 -38.26 3.96 16.52
CA PRO A 608 -38.69 3.99 15.12
C PRO A 608 -38.21 5.26 14.43
N THR A 609 -38.62 5.49 13.20
CA THR A 609 -38.11 6.61 12.42
C THR A 609 -38.98 7.85 12.61
N GLY A 610 -38.42 9.00 12.24
CA GLY A 610 -39.15 10.26 12.26
C GLY A 610 -39.49 10.77 13.63
N VAL A 611 -38.81 10.33 14.67
CA VAL A 611 -39.19 10.71 16.02
C VAL A 611 -38.41 11.91 16.52
N GLY A 612 -37.12 12.01 16.20
CA GLY A 612 -36.36 13.17 16.62
C GLY A 612 -34.96 12.90 17.13
N LYS A 613 -34.51 11.65 17.01
CA LYS A 613 -33.26 11.19 17.61
C LYS A 613 -32.03 11.85 17.00
N THR A 614 -32.13 12.42 15.80
CA THR A 614 -31.08 13.27 15.27
C THR A 614 -31.32 14.73 15.66
N GLU A 615 -32.58 15.15 15.72
CA GLU A 615 -32.93 16.51 16.08
C GLU A 615 -32.60 16.81 17.55
N LEU A 616 -32.58 15.78 18.40
CA LEU A 616 -32.23 16.00 19.80
C LEU A 616 -30.74 16.29 19.95
N ALA A 617 -29.90 15.54 19.24
CA ALA A 617 -28.46 15.75 19.34
C ALA A 617 -28.04 17.08 18.73
N LYS A 618 -28.65 17.47 17.62
CA LYS A 618 -28.41 18.79 17.06
C LYS A 618 -29.11 19.89 17.82
N ALA A 619 -30.05 19.56 18.71
CA ALA A 619 -30.75 20.57 19.48
C ALA A 619 -30.11 20.84 20.82
N LEU A 620 -29.39 19.88 21.40
CA LEU A 620 -28.71 20.18 22.66
C LEU A 620 -27.40 20.91 22.42
N ALA A 621 -26.75 20.65 21.30
CA ALA A 621 -25.48 21.30 21.00
C ALA A 621 -25.66 22.65 20.33
N ASP A 622 -26.83 23.28 20.46
CA ASP A 622 -27.06 24.61 19.91
C ASP A 622 -26.90 25.70 20.96
N PHE A 623 -27.33 25.44 22.20
CA PHE A 623 -27.16 26.42 23.26
C PHE A 623 -25.87 26.26 24.03
N LEU A 624 -25.26 25.07 23.98
CA LEU A 624 -23.95 24.90 24.59
C LEU A 624 -22.87 25.62 23.81
N PHE A 625 -23.02 25.69 22.49
CA PHE A 625 -21.92 26.04 21.60
C PHE A 625 -22.20 27.22 20.69
N ASP A 626 -23.45 27.70 20.62
CA ASP A 626 -23.96 28.77 19.77
C ASP A 626 -23.90 28.47 18.27
N ASP A 627 -23.48 27.28 17.86
CA ASP A 627 -23.46 26.94 16.44
C ASP A 627 -23.71 25.46 16.25
N GLU A 628 -24.28 25.11 15.10
CA GLU A 628 -24.62 23.73 14.80
C GLU A 628 -23.43 22.90 14.37
N ARG A 629 -22.32 23.54 14.03
CA ARG A 629 -21.19 22.86 13.41
C ARG A 629 -20.04 22.60 14.37
N ALA A 630 -20.25 22.83 15.67
CA ALA A 630 -19.30 22.38 16.68
C ALA A 630 -19.45 20.90 16.99
N MET A 631 -20.53 20.28 16.50
CA MET A 631 -20.67 18.84 16.54
C MET A 631 -19.63 18.19 15.64
N VAL A 632 -19.11 17.04 16.06
CA VAL A 632 -18.32 16.18 15.19
C VAL A 632 -19.21 15.02 14.79
N ARG A 633 -19.66 15.02 13.55
CA ARG A 633 -20.66 14.08 13.07
C ARG A 633 -20.03 13.21 12.01
N ILE A 634 -19.46 12.10 12.45
CA ILE A 634 -19.00 11.06 11.54
C ILE A 634 -20.10 10.03 11.39
N ASP A 635 -20.25 9.50 10.19
CA ASP A 635 -21.29 8.53 9.89
C ASP A 635 -20.68 7.15 9.81
N MET A 636 -21.24 6.20 10.56
CA MET A 636 -20.80 4.82 10.51
C MET A 636 -21.73 3.97 9.65
N SER A 637 -22.26 4.55 8.58
CA SER A 637 -22.88 3.77 7.53
C SER A 637 -21.89 3.40 6.44
N GLU A 638 -20.82 4.17 6.30
CA GLU A 638 -19.81 3.94 5.28
C GLU A 638 -18.76 2.93 5.70
N TYR A 639 -18.76 2.53 6.97
CA TYR A 639 -17.69 1.67 7.49
C TYR A 639 -18.12 0.21 7.42
N GLY A 640 -18.56 -0.22 6.23
CA GLY A 640 -19.20 -1.51 6.11
C GLY A 640 -18.27 -2.69 6.15
N GLU A 641 -16.99 -2.48 5.87
CA GLU A 641 -16.01 -3.55 5.79
C GLU A 641 -14.95 -3.37 6.88
N LYS A 642 -13.93 -4.22 6.83
CA LYS A 642 -13.03 -4.37 7.97
C LYS A 642 -12.01 -3.23 8.04
N HIS A 643 -11.39 -2.90 6.93
CA HIS A 643 -10.22 -2.03 6.92
C HIS A 643 -10.55 -0.55 6.94
N THR A 644 -11.81 -0.16 7.05
CA THR A 644 -12.14 1.26 7.09
C THR A 644 -11.77 1.91 8.42
N VAL A 645 -11.54 1.09 9.46
CA VAL A 645 -11.17 1.53 10.79
C VAL A 645 -9.90 2.38 10.76
N ALA A 646 -9.00 2.08 9.84
CA ALA A 646 -7.78 2.85 9.70
C ALA A 646 -7.99 4.28 9.23
N ARG A 647 -9.19 4.67 8.80
CA ARG A 647 -9.31 6.07 8.41
C ARG A 647 -9.46 6.99 9.60
N LEU A 648 -9.77 6.47 10.79
CA LEU A 648 -9.94 7.31 11.96
C LEU A 648 -8.87 7.06 13.02
N ILE A 649 -7.78 6.41 12.65
CA ILE A 649 -6.71 6.14 13.59
C ILE A 649 -5.38 6.52 12.95
N GLY A 650 -5.40 6.77 11.66
CA GLY A 650 -4.19 7.11 10.92
C GLY A 650 -3.59 5.92 10.22
N ALA A 651 -2.30 6.02 9.95
CA ALA A 651 -1.58 4.89 9.40
C ALA A 651 -0.52 4.40 10.38
N PRO A 652 -0.17 3.12 10.35
CA PRO A 652 1.05 2.68 11.02
C PRO A 652 2.26 3.31 10.36
N PRO A 653 3.28 3.67 11.13
CA PRO A 653 4.32 4.55 10.61
C PRO A 653 5.24 3.90 9.59
N GLY A 654 5.19 4.41 8.36
CA GLY A 654 6.00 3.88 7.30
C GLY A 654 5.24 3.74 6.00
N TYR A 655 4.00 4.21 5.96
CA TYR A 655 3.12 4.01 4.83
C TYR A 655 2.74 5.34 4.20
N VAL A 656 1.76 5.31 3.30
CA VAL A 656 1.54 6.41 2.36
C VAL A 656 0.98 7.63 3.08
N GLY A 657 -0.18 7.51 3.70
CA GLY A 657 -0.72 8.67 4.36
C GLY A 657 -0.31 8.71 5.82
N TYR A 658 0.80 9.37 6.09
CA TYR A 658 1.27 9.58 7.45
C TYR A 658 1.31 11.05 7.79
N GLU A 659 1.44 11.89 6.77
CA GLU A 659 1.35 13.34 6.92
C GLU A 659 -0.03 13.77 7.37
N ALA A 660 -1.07 13.06 6.92
CA ALA A 660 -2.44 13.45 7.22
C ALA A 660 -2.86 13.08 8.64
N GLY A 661 -2.27 12.04 9.21
CA GLY A 661 -2.67 11.60 10.54
C GLY A 661 -4.06 10.98 10.52
N GLY A 662 -4.78 11.17 11.61
CA GLY A 662 -6.13 10.64 11.74
C GLY A 662 -7.16 11.53 11.07
N GLN A 663 -8.43 11.17 11.27
CA GLN A 663 -9.55 11.97 10.78
C GLN A 663 -10.62 12.22 11.83
N LEU A 664 -10.72 11.38 12.85
CA LEU A 664 -11.44 11.70 14.08
C LEU A 664 -10.52 12.27 15.14
N THR A 665 -9.36 11.65 15.34
CA THR A 665 -8.51 11.92 16.49
C THR A 665 -7.88 13.30 16.41
N GLU A 666 -7.55 13.76 15.20
CA GLU A 666 -6.89 15.05 15.08
C GLU A 666 -7.84 16.23 15.20
N ALA A 667 -9.14 16.00 15.38
CA ALA A 667 -10.10 17.07 15.59
C ALA A 667 -10.66 17.09 17.01
N VAL A 668 -10.32 16.12 17.85
CA VAL A 668 -10.69 16.14 19.25
C VAL A 668 -9.51 16.58 20.11
N ARG A 669 -8.28 16.37 19.64
CA ARG A 669 -7.09 16.91 20.31
C ARG A 669 -7.10 18.43 20.33
N ARG A 670 -7.68 19.05 19.32
CA ARG A 670 -7.92 20.49 19.31
C ARG A 670 -9.26 20.77 20.01
N ARG A 671 -9.21 21.51 21.13
CA ARG A 671 -10.36 21.93 21.95
C ARG A 671 -11.28 20.78 22.36
N PRO A 672 -10.89 19.97 23.32
CA PRO A 672 -11.64 18.74 23.65
C PRO A 672 -12.92 18.99 24.43
N TYR A 673 -13.93 19.55 23.76
CA TYR A 673 -15.22 19.72 24.44
C TYR A 673 -16.39 19.47 23.49
N THR A 674 -16.16 18.84 22.33
CA THR A 674 -17.21 18.73 21.32
C THR A 674 -18.26 17.69 21.71
N VAL A 675 -19.24 17.52 20.83
CA VAL A 675 -20.25 16.48 20.96
C VAL A 675 -20.09 15.57 19.76
N VAL A 676 -19.87 14.28 20.01
CA VAL A 676 -19.53 13.33 18.97
C VAL A 676 -20.75 12.47 18.67
N LEU A 677 -21.10 12.36 17.39
CA LEU A 677 -22.21 11.52 16.97
C LEU A 677 -21.74 10.25 16.26
N PHE A 678 -22.63 9.27 16.24
CA PHE A 678 -22.40 8.02 15.50
C PHE A 678 -23.75 7.64 14.91
N ASP A 679 -23.92 7.94 13.63
CA ASP A 679 -25.19 7.74 12.95
C ASP A 679 -25.30 6.33 12.39
N GLU A 680 -26.42 5.67 12.70
CA GLU A 680 -26.78 4.35 12.17
C GLU A 680 -25.72 3.30 12.49
N ILE A 681 -25.61 2.99 13.79
CA ILE A 681 -24.62 2.02 14.25
C ILE A 681 -24.98 0.58 13.85
N GLU A 682 -26.18 0.37 13.29
CA GLU A 682 -26.53 -0.89 12.65
C GLU A 682 -25.53 -1.29 11.57
N LYS A 683 -25.08 -0.33 10.80
CA LYS A 683 -24.50 -0.60 9.49
C LYS A 683 -23.03 -0.94 9.56
N ALA A 684 -22.37 -0.68 10.68
CA ALA A 684 -20.94 -0.87 10.76
C ALA A 684 -20.58 -2.33 10.85
N HIS A 685 -19.41 -2.67 10.34
CA HIS A 685 -18.88 -4.01 10.48
C HIS A 685 -18.52 -4.26 11.95
N PRO A 686 -18.72 -5.47 12.47
CA PRO A 686 -18.49 -5.69 13.90
C PRO A 686 -17.03 -5.80 14.32
N ASP A 687 -16.19 -4.90 13.82
CA ASP A 687 -14.85 -4.69 14.33
C ASP A 687 -14.60 -3.25 14.70
N VAL A 688 -15.49 -2.34 14.30
CA VAL A 688 -15.43 -0.95 14.75
C VAL A 688 -15.76 -0.87 16.23
N PHE A 689 -16.54 -1.83 16.73
CA PHE A 689 -16.91 -1.90 18.14
C PHE A 689 -15.73 -2.25 19.04
N ASP A 690 -14.62 -2.64 18.45
CA ASP A 690 -13.36 -2.82 19.15
C ASP A 690 -12.60 -1.51 19.32
N VAL A 691 -13.10 -0.43 18.72
CA VAL A 691 -12.53 0.88 18.92
C VAL A 691 -13.35 1.72 19.88
N LEU A 692 -14.67 1.59 19.87
CA LEU A 692 -15.54 2.25 20.84
C LEU A 692 -15.62 1.50 22.16
N LEU A 693 -14.71 0.57 22.43
CA LEU A 693 -14.71 -0.21 23.64
C LEU A 693 -13.69 0.26 24.66
N GLN A 694 -12.57 0.84 24.22
CA GLN A 694 -11.66 1.49 25.16
C GLN A 694 -11.83 2.99 25.19
N VAL A 695 -12.59 3.56 24.26
CA VAL A 695 -13.11 4.91 24.46
C VAL A 695 -13.96 4.95 25.72
N LEU A 696 -14.85 3.98 25.87
CA LEU A 696 -15.63 3.88 27.08
C LEU A 696 -14.81 3.20 28.17
N ASP A 697 -15.02 3.64 29.40
CA ASP A 697 -14.44 3.17 30.67
C ASP A 697 -12.97 3.57 30.82
N GLU A 698 -12.37 4.14 29.80
CA GLU A 698 -11.03 4.66 29.99
C GLU A 698 -10.87 6.08 29.46
N GLY A 699 -11.44 6.39 28.30
CA GLY A 699 -11.44 7.72 27.77
C GLY A 699 -10.34 8.01 26.75
N ARG A 700 -9.37 7.14 26.59
CA ARG A 700 -8.23 7.45 25.73
C ARG A 700 -8.11 6.46 24.59
N LEU A 701 -7.35 6.85 23.58
CA LEU A 701 -6.91 5.96 22.50
C LEU A 701 -5.61 6.48 21.92
N THR A 702 -4.75 5.56 21.50
CA THR A 702 -3.56 5.93 20.75
C THR A 702 -3.95 6.07 19.28
N ASP A 703 -2.98 6.37 18.44
CA ASP A 703 -3.21 6.47 17.00
C ASP A 703 -1.90 6.18 16.28
N GLY A 704 -1.85 6.53 15.00
CA GLY A 704 -0.63 6.34 14.24
C GLY A 704 0.32 7.52 14.37
N HIS A 705 0.34 8.15 15.52
CA HIS A 705 1.27 9.23 15.80
C HIS A 705 1.88 9.11 17.18
N GLY A 706 1.34 8.26 18.05
CA GLY A 706 1.93 8.00 19.35
C GLY A 706 1.45 8.90 20.46
N ARG A 707 0.22 9.38 20.40
CA ARG A 707 -0.31 10.35 21.36
C ARG A 707 -1.68 9.92 21.84
N THR A 708 -1.78 9.61 23.11
CA THR A 708 -3.05 9.25 23.74
C THR A 708 -3.90 10.50 23.89
N VAL A 709 -4.85 10.68 22.98
CA VAL A 709 -5.81 11.77 23.10
C VAL A 709 -6.83 11.40 24.18
N ASP A 710 -7.50 12.41 24.74
CA ASP A 710 -8.44 12.19 25.82
C ASP A 710 -9.86 12.52 25.38
N PHE A 711 -10.75 11.54 25.49
CA PHE A 711 -12.18 11.79 25.30
C PHE A 711 -12.87 11.96 26.65
N ARG A 712 -12.16 12.48 27.64
CA ARG A 712 -12.60 12.36 29.03
C ARG A 712 -13.78 13.23 29.37
N ASN A 713 -14.01 14.32 28.64
CA ASN A 713 -15.13 15.19 28.93
C ASN A 713 -15.80 15.66 27.66
N THR A 714 -16.01 14.73 26.72
CA THR A 714 -16.91 14.94 25.61
C THR A 714 -18.21 14.20 25.88
N ILE A 715 -19.10 14.19 24.90
CA ILE A 715 -20.40 13.54 25.01
C ILE A 715 -20.59 12.67 23.76
N LEU A 716 -20.70 11.36 23.96
CA LEU A 716 -20.85 10.42 22.85
C LEU A 716 -22.30 10.00 22.69
N ILE A 717 -22.81 10.15 21.48
CA ILE A 717 -24.20 9.85 21.15
C ILE A 717 -24.22 8.82 20.03
N LEU A 718 -24.93 7.71 20.27
CA LEU A 718 -25.08 6.63 19.31
C LEU A 718 -26.55 6.57 18.90
N THR A 719 -26.80 6.48 17.59
CA THR A 719 -28.17 6.29 17.14
C THR A 719 -28.35 4.90 16.54
N SER A 720 -29.61 4.49 16.42
CA SER A 720 -29.95 3.17 15.90
C SER A 720 -31.37 3.22 15.36
N ASN A 721 -31.76 2.13 14.69
CA ASN A 721 -33.12 2.03 14.15
C ASN A 721 -33.69 0.63 14.28
N LEU A 722 -33.32 -0.10 15.33
CA LEU A 722 -33.59 -1.53 15.38
C LEU A 722 -35.06 -1.83 15.64
N GLY A 723 -35.59 -2.78 14.86
CA GLY A 723 -36.84 -3.45 15.13
C GLY A 723 -38.12 -2.75 14.72
N SER A 724 -38.56 -1.80 15.56
CA SER A 724 -39.85 -1.11 15.44
C SER A 724 -41.02 -2.10 15.30
N GLY A 725 -41.07 -3.07 16.21
CA GLY A 725 -42.07 -4.11 16.12
C GLY A 725 -42.68 -4.53 17.43
N GLY A 726 -42.30 -3.86 18.51
CA GLY A 726 -42.84 -4.17 19.83
C GLY A 726 -42.69 -2.97 20.74
N SER A 727 -43.07 -3.15 22.01
CA SER A 727 -42.96 -2.06 22.97
C SER A 727 -41.54 -1.95 23.49
N ALA A 728 -41.08 -2.96 24.23
CA ALA A 728 -39.71 -2.99 24.73
C ALA A 728 -39.02 -4.33 24.57
N GLU A 729 -39.75 -5.43 24.43
CA GLU A 729 -39.14 -6.75 24.50
C GLU A 729 -38.40 -7.10 23.21
N GLN A 730 -38.99 -6.82 22.06
CA GLN A 730 -38.39 -7.24 20.79
C GLN A 730 -37.14 -6.43 20.47
N VAL A 731 -37.15 -5.14 20.77
CA VAL A 731 -35.97 -4.35 20.45
C VAL A 731 -34.84 -4.61 21.44
N LEU A 732 -35.15 -4.87 22.71
CA LEU A 732 -34.11 -5.27 23.65
C LEU A 732 -33.68 -6.72 23.48
N ALA A 733 -34.42 -7.51 22.70
CA ALA A 733 -33.90 -8.79 22.27
C ALA A 733 -32.99 -8.64 21.07
N ALA A 734 -33.35 -7.75 20.13
CA ALA A 734 -32.55 -7.58 18.92
C ALA A 734 -31.23 -6.88 19.20
N VAL A 735 -31.20 -5.99 20.20
CA VAL A 735 -29.94 -5.32 20.56
C VAL A 735 -28.95 -6.33 21.13
N ARG A 736 -29.41 -7.19 22.03
CA ARG A 736 -28.54 -8.24 22.55
C ARG A 736 -28.26 -9.32 21.50
N ALA A 737 -29.11 -9.43 20.48
CA ALA A 737 -28.81 -10.35 19.39
C ALA A 737 -27.70 -9.81 18.50
N THR A 738 -27.65 -8.50 18.29
CA THR A 738 -26.64 -7.93 17.41
C THR A 738 -25.37 -7.55 18.15
N PHE A 739 -25.49 -6.93 19.31
CA PHE A 739 -24.31 -6.51 20.05
C PHE A 739 -23.87 -7.61 21.02
N LYS A 740 -22.65 -7.47 21.53
CA LYS A 740 -22.10 -8.37 22.51
C LYS A 740 -22.46 -7.92 23.91
N PRO A 741 -22.36 -8.80 24.93
CA PRO A 741 -22.60 -8.34 26.31
C PRO A 741 -21.55 -7.39 26.82
N GLU A 742 -20.32 -7.46 26.32
CA GLU A 742 -19.25 -6.61 26.83
C GLU A 742 -19.33 -5.18 26.33
N PHE A 743 -20.22 -4.88 25.40
CA PHE A 743 -20.42 -3.52 24.91
C PHE A 743 -21.66 -2.86 25.49
N ILE A 744 -22.74 -3.63 25.68
CA ILE A 744 -23.94 -3.10 26.33
C ILE A 744 -23.66 -2.83 27.81
N ASN A 745 -22.68 -3.54 28.38
CA ASN A 745 -22.29 -3.33 29.77
C ASN A 745 -21.68 -1.95 29.96
N ARG A 746 -20.89 -1.50 28.99
CA ARG A 746 -20.18 -0.23 29.07
C ARG A 746 -20.98 1.05 28.81
N LEU A 747 -22.26 0.93 28.51
CA LEU A 747 -23.07 2.10 28.25
C LEU A 747 -23.78 2.60 29.50
N ASP A 748 -24.25 3.84 29.43
CA ASP A 748 -25.27 4.38 30.32
C ASP A 748 -26.65 3.95 29.87
N ASP A 749 -27.67 4.64 30.37
CA ASP A 749 -29.08 4.32 30.15
C ASP A 749 -29.45 4.34 28.66
N VAL A 750 -29.82 3.18 28.12
CA VAL A 750 -30.30 3.09 26.74
C VAL A 750 -31.74 3.58 26.72
N LEU A 751 -32.02 4.57 25.86
CA LEU A 751 -33.27 5.30 25.90
C LEU A 751 -34.10 4.92 24.67
N ILE A 752 -35.12 4.12 24.88
CA ILE A 752 -36.02 3.72 23.79
C ILE A 752 -37.12 4.77 23.68
N PHE A 753 -37.36 5.25 22.46
CA PHE A 753 -38.35 6.30 22.25
C PHE A 753 -39.74 5.69 22.14
N GLU A 754 -40.73 6.50 21.75
CA GLU A 754 -42.11 6.04 21.73
C GLU A 754 -42.89 6.34 20.46
N GLY A 755 -42.49 7.32 19.67
CA GLY A 755 -43.28 7.68 18.50
C GLY A 755 -44.00 8.99 18.70
N LEU A 756 -45.22 9.12 18.17
CA LEU A 756 -45.96 10.37 18.28
C LEU A 756 -47.42 10.09 18.58
N ASN A 757 -48.18 11.17 18.73
CA ASN A 757 -49.61 11.17 19.03
C ASN A 757 -50.23 12.34 18.29
N PRO A 758 -51.49 12.22 17.85
CA PRO A 758 -52.10 13.32 17.05
C PRO A 758 -52.32 14.60 17.83
N GLU A 759 -52.49 14.53 19.15
CA GLU A 759 -52.64 15.74 19.94
C GLU A 759 -51.31 16.48 20.05
N GLU A 760 -50.21 15.74 20.11
CA GLU A 760 -48.88 16.32 20.15
C GLU A 760 -48.25 16.43 18.77
N LEU A 761 -49.07 16.40 17.72
CA LEU A 761 -48.63 16.66 16.36
C LEU A 761 -48.91 18.09 15.93
N VAL A 762 -50.06 18.62 16.35
CA VAL A 762 -50.46 19.99 16.01
C VAL A 762 -49.45 21.00 16.55
N ARG A 763 -48.95 20.75 17.77
CA ARG A 763 -47.92 21.58 18.38
C ARG A 763 -46.63 21.61 17.55
N ILE A 764 -46.39 20.57 16.74
CA ILE A 764 -45.24 20.58 15.83
C ILE A 764 -45.43 21.62 14.74
N VAL A 765 -46.65 21.69 14.17
CA VAL A 765 -46.87 22.17 12.81
C VAL A 765 -46.48 23.64 12.66
N ASP A 766 -46.82 24.45 13.67
CA ASP A 766 -46.55 25.88 13.62
C ASP A 766 -45.07 26.19 13.51
N ILE A 767 -44.22 25.34 14.12
CA ILE A 767 -42.78 25.47 14.00
C ILE A 767 -42.35 25.47 12.55
N GLN A 768 -42.87 24.49 11.79
CA GLN A 768 -42.63 24.42 10.35
C GLN A 768 -43.07 25.69 9.66
N LEU A 769 -44.28 26.16 10.00
CA LEU A 769 -44.78 27.41 9.45
C LEU A 769 -43.92 28.58 9.89
N ALA A 770 -43.53 28.59 11.17
CA ALA A 770 -42.65 29.64 11.65
C ALA A 770 -41.28 29.53 11.01
N GLN A 771 -40.82 28.30 10.75
CA GLN A 771 -39.56 28.14 10.04
C GLN A 771 -39.69 28.68 8.63
N LEU A 772 -40.85 28.45 8.00
CA LEU A 772 -41.10 29.03 6.69
C LEU A 772 -41.22 30.53 6.81
N GLY A 773 -41.76 31.02 7.93
CA GLY A 773 -41.81 32.44 8.20
C GLY A 773 -40.45 33.07 8.40
N LYS A 774 -39.43 32.25 8.65
CA LYS A 774 -38.06 32.76 8.66
C LYS A 774 -37.44 32.71 7.28
N ARG A 775 -37.81 31.71 6.47
CA ARG A 775 -37.04 31.42 5.26
C ARG A 775 -37.29 32.46 4.17
N LEU A 776 -38.50 32.99 4.10
CA LEU A 776 -38.82 34.12 3.25
C LEU A 776 -38.72 35.45 3.98
N ALA A 777 -37.94 35.51 5.05
CA ALA A 777 -37.81 36.75 5.82
C ALA A 777 -37.05 37.83 5.07
N GLN A 778 -36.28 37.47 4.04
CA GLN A 778 -35.51 38.46 3.29
C GLN A 778 -36.37 39.25 2.31
N ARG A 779 -37.64 38.86 2.12
CA ARG A 779 -38.55 39.61 1.29
C ARG A 779 -39.83 40.02 2.01
N ARG A 780 -40.03 39.57 3.26
CA ARG A 780 -41.10 39.98 4.16
C ARG A 780 -42.48 39.65 3.58
N LEU A 781 -42.71 38.35 3.38
CA LEU A 781 -43.99 37.86 2.90
C LEU A 781 -44.66 37.02 3.97
N GLN A 782 -44.70 37.54 5.20
CA GLN A 782 -45.10 36.74 6.35
C GLN A 782 -46.55 36.28 6.22
N LEU A 783 -46.79 35.04 6.61
CA LEU A 783 -48.02 34.35 6.28
C LEU A 783 -49.05 34.55 7.38
N GLN A 784 -50.24 34.99 6.99
CA GLN A 784 -51.37 35.09 7.89
C GLN A 784 -52.18 33.80 7.71
N VAL A 785 -51.85 32.80 8.52
CA VAL A 785 -52.40 31.46 8.37
C VAL A 785 -53.67 31.34 9.19
N SER A 786 -54.74 30.90 8.55
CA SER A 786 -55.98 30.63 9.26
C SER A 786 -55.85 29.38 10.11
N LEU A 787 -56.47 29.39 11.27
CA LEU A 787 -56.49 28.24 12.16
C LEU A 787 -57.21 26.99 11.61
N PRO A 788 -58.26 27.07 10.77
CA PRO A 788 -58.69 25.84 10.09
C PRO A 788 -57.67 25.22 9.16
N ALA A 789 -56.71 25.99 8.64
CA ALA A 789 -55.64 25.39 7.85
C ALA A 789 -54.70 24.58 8.73
N LYS A 790 -54.37 25.11 9.92
CA LYS A 790 -53.57 24.37 10.88
C LYS A 790 -54.33 23.16 11.41
N ARG A 791 -55.66 23.25 11.46
CA ARG A 791 -56.46 22.07 11.79
C ARG A 791 -56.42 21.06 10.65
N TRP A 792 -56.50 21.53 9.40
CA TRP A 792 -56.59 20.64 8.26
C TRP A 792 -55.29 19.90 7.99
N LEU A 793 -54.15 20.54 8.29
CA LEU A 793 -52.87 19.86 8.10
C LEU A 793 -52.61 18.73 9.08
N ALA A 794 -53.39 18.64 10.15
CA ALA A 794 -53.19 17.59 11.15
C ALA A 794 -53.96 16.32 10.85
N GLN A 795 -55.08 16.42 10.14
CA GLN A 795 -55.86 15.21 9.83
C GLN A 795 -55.15 14.35 8.80
N ARG A 796 -54.93 14.87 7.61
CA ARG A 796 -54.13 14.18 6.61
C ARG A 796 -52.68 14.57 6.78
N GLY A 797 -51.80 13.57 6.77
CA GLY A 797 -50.41 13.74 7.15
C GLY A 797 -50.02 12.98 8.40
N PHE A 798 -50.98 12.47 9.17
CA PHE A 798 -50.69 11.63 10.33
C PHE A 798 -50.47 10.21 9.85
N ASP A 799 -49.25 9.73 9.93
CA ASP A 799 -48.98 8.33 9.68
C ASP A 799 -48.47 7.65 10.93
N PRO A 800 -49.02 6.49 11.30
CA PRO A 800 -48.53 5.77 12.47
C PRO A 800 -47.24 5.00 12.24
N VAL A 801 -46.65 5.08 11.06
CA VAL A 801 -45.44 4.32 10.76
C VAL A 801 -44.32 5.16 10.19
N TYR A 802 -44.56 6.39 9.72
CA TYR A 802 -43.52 7.19 9.08
C TYR A 802 -43.17 8.46 9.85
N GLY A 803 -43.72 8.64 11.04
CA GLY A 803 -43.34 9.77 11.87
C GLY A 803 -43.88 11.10 11.36
N ALA A 804 -43.14 12.16 11.68
CA ALA A 804 -43.52 13.52 11.27
C ALA A 804 -42.91 13.93 9.95
N ARG A 805 -42.18 13.06 9.29
CA ARG A 805 -41.61 13.33 7.97
C ARG A 805 -42.58 13.48 6.81
N PRO A 806 -43.76 12.83 6.75
CA PRO A 806 -44.69 13.19 5.67
C PRO A 806 -45.26 14.59 5.76
N LEU A 807 -45.29 15.18 6.96
CA LEU A 807 -45.86 16.51 7.12
C LEU A 807 -44.98 17.56 6.47
N ARG A 808 -43.66 17.40 6.57
CA ARG A 808 -42.74 18.37 5.99
C ARG A 808 -42.63 18.25 4.48
N ARG A 809 -43.14 17.17 3.88
CA ARG A 809 -43.34 17.13 2.44
C ARG A 809 -44.72 17.66 2.06
N LEU A 810 -45.71 17.44 2.92
CA LEU A 810 -47.06 17.94 2.68
C LEU A 810 -47.09 19.46 2.67
N VAL A 811 -46.24 20.10 3.49
CA VAL A 811 -46.20 21.56 3.49
C VAL A 811 -45.65 22.09 2.18
N GLN A 812 -44.58 21.49 1.67
CA GLN A 812 -44.06 21.93 0.38
C GLN A 812 -44.94 21.51 -0.80
N GLN A 813 -45.85 20.57 -0.61
CA GLN A 813 -46.83 20.32 -1.65
C GLN A 813 -47.99 21.31 -1.62
N ALA A 814 -48.46 21.66 -0.42
CA ALA A 814 -49.60 22.57 -0.32
C ALA A 814 -49.18 24.01 -0.59
N ILE A 815 -48.29 24.55 0.23
CA ILE A 815 -47.96 25.96 0.15
C ILE A 815 -46.98 26.23 -0.98
N GLY A 816 -45.86 25.49 -1.00
CA GLY A 816 -44.71 25.89 -1.79
C GLY A 816 -44.91 25.84 -3.29
N ASP A 817 -45.76 24.94 -3.78
CA ASP A 817 -45.99 24.82 -5.21
C ASP A 817 -46.73 26.03 -5.77
N GLN A 818 -47.89 26.35 -5.17
CA GLN A 818 -48.70 27.46 -5.65
C GLN A 818 -48.00 28.78 -5.40
N LEU A 819 -47.28 28.89 -4.29
CA LEU A 819 -46.56 30.13 -3.98
C LEU A 819 -45.40 30.32 -4.95
N ALA A 820 -44.69 29.24 -5.27
CA ALA A 820 -43.58 29.37 -6.21
C ALA A 820 -44.05 29.59 -7.64
N LYS A 821 -45.26 29.15 -7.98
CA LYS A 821 -45.82 29.52 -9.28
C LYS A 821 -46.23 30.97 -9.30
N MET A 822 -46.86 31.45 -8.23
CA MET A 822 -47.32 32.83 -8.18
C MET A 822 -46.20 33.84 -7.94
N LEU A 823 -45.02 33.38 -7.53
CA LEU A 823 -43.98 34.33 -7.14
C LEU A 823 -43.12 34.80 -8.30
N LEU A 824 -42.89 33.97 -9.32
CA LEU A 824 -42.06 34.35 -10.45
C LEU A 824 -42.86 34.82 -11.64
N ALA A 825 -44.15 35.12 -11.46
CA ALA A 825 -44.98 35.69 -12.51
C ALA A 825 -45.40 37.11 -12.21
N GLY A 826 -44.99 37.67 -11.08
CA GLY A 826 -45.46 38.96 -10.62
C GLY A 826 -46.42 38.79 -9.45
N GLN A 827 -47.10 39.90 -9.13
CA GLN A 827 -48.35 40.00 -8.37
C GLN A 827 -48.27 39.55 -6.91
N VAL A 828 -47.15 38.99 -6.47
CA VAL A 828 -46.91 38.64 -5.07
C VAL A 828 -45.61 39.35 -4.69
N HIS A 829 -45.48 40.60 -5.15
CA HIS A 829 -44.29 41.42 -4.94
C HIS A 829 -43.93 41.52 -3.45
N ASP A 830 -42.64 41.74 -3.20
CA ASP A 830 -42.12 41.68 -1.83
C ASP A 830 -42.59 42.87 -1.00
N GLY A 831 -42.56 42.67 0.32
CA GLY A 831 -43.17 43.63 1.23
C GLY A 831 -44.68 43.51 1.34
N ASP A 832 -45.29 42.50 0.74
CA ASP A 832 -46.72 42.30 0.77
C ASP A 832 -47.03 40.99 1.48
N THR A 833 -48.23 40.91 2.06
CA THR A 833 -48.66 39.75 2.82
C THR A 833 -49.76 39.00 2.09
N VAL A 834 -49.81 37.69 2.32
CA VAL A 834 -50.84 36.84 1.71
C VAL A 834 -51.47 35.93 2.77
N PRO A 835 -52.79 35.83 2.80
CA PRO A 835 -53.45 34.84 3.66
C PRO A 835 -53.70 33.54 2.90
N VAL A 836 -54.12 32.53 3.66
CA VAL A 836 -54.50 31.24 3.11
C VAL A 836 -55.88 30.86 3.64
N ASN A 837 -56.72 30.31 2.76
CA ASN A 837 -58.06 29.88 3.13
C ASN A 837 -58.25 28.43 2.71
N VAL A 838 -59.05 27.71 3.50
CA VAL A 838 -59.20 26.27 3.33
C VAL A 838 -60.22 26.02 2.22
N SER A 839 -59.74 25.57 1.06
CA SER A 839 -60.61 25.04 0.04
C SER A 839 -61.11 23.66 0.46
N PRO A 840 -62.25 23.20 -0.08
CA PRO A 840 -62.74 21.86 0.29
C PRO A 840 -61.81 20.68 -0.03
N ASP A 841 -60.85 20.83 -0.92
CA ASP A 841 -59.81 19.80 -1.02
C ASP A 841 -58.41 20.38 -0.94
N ALA A 842 -58.15 21.49 -1.61
CA ALA A 842 -56.85 22.16 -1.58
C ALA A 842 -56.88 23.25 -0.51
N ASP A 843 -55.94 24.18 -0.57
CA ASP A 843 -56.06 25.46 0.15
C ASP A 843 -55.47 26.57 -0.70
N SER A 844 -56.33 27.48 -1.14
CA SER A 844 -55.96 28.49 -2.11
C SER A 844 -55.14 29.61 -1.47
N LEU A 845 -54.58 30.46 -2.31
CA LEU A 845 -53.75 31.58 -1.86
C LEU A 845 -54.52 32.90 -2.00
N GLN B 159 22.29 47.82 15.41
CA GLN B 159 21.92 48.24 14.07
C GLN B 159 21.64 47.04 13.17
N ALA B 160 21.64 45.84 13.77
CA ALA B 160 21.26 44.66 13.01
C ALA B 160 19.77 44.66 12.69
N LEU B 161 18.96 45.28 13.56
CA LEU B 161 17.54 45.38 13.31
C LEU B 161 17.22 46.43 12.25
N GLN B 162 18.17 47.31 11.94
CA GLN B 162 18.01 48.25 10.85
C GLN B 162 18.02 47.54 9.50
N LYS B 163 18.73 46.42 9.41
CA LYS B 163 19.06 45.81 8.13
C LYS B 163 18.14 44.65 7.76
N TYR B 164 17.70 43.84 8.73
CA TYR B 164 17.07 42.57 8.43
C TYR B 164 15.60 42.52 8.82
N SER B 165 14.97 43.66 9.09
CA SER B 165 13.64 43.61 9.67
C SER B 165 12.83 44.80 9.21
N THR B 166 11.53 44.60 9.08
CA THR B 166 10.62 45.69 8.81
C THR B 166 10.17 46.29 10.14
N ASP B 167 9.15 47.16 10.13
CA ASP B 167 8.64 47.71 11.36
C ASP B 167 7.15 47.95 11.21
N LEU B 168 6.43 47.82 12.32
CA LEU B 168 4.99 48.03 12.33
C LEU B 168 4.56 49.27 13.08
N THR B 169 5.28 49.68 14.12
CA THR B 169 4.92 50.92 14.80
C THR B 169 5.25 52.12 13.91
N ALA B 170 6.30 52.01 13.10
CA ALA B 170 6.66 53.03 12.12
C ALA B 170 5.71 53.08 10.93
N ARG B 171 4.73 52.19 10.86
CA ARG B 171 3.62 52.33 9.92
C ARG B 171 2.30 52.61 10.61
N ALA B 172 2.13 52.18 11.85
CA ALA B 172 0.90 52.45 12.58
C ALA B 172 0.83 53.89 13.04
N ARG B 173 1.98 54.51 13.34
CA ARG B 173 1.97 55.95 13.58
C ARG B 173 1.73 56.72 12.29
N GLU B 174 2.26 56.23 11.18
CA GLU B 174 1.93 56.80 9.89
C GLU B 174 0.51 56.45 9.46
N GLY B 175 -0.05 55.35 9.94
CA GLY B 175 -1.43 55.00 9.64
C GLY B 175 -1.64 54.23 8.36
N LYS B 176 -0.67 53.43 7.92
CA LYS B 176 -0.80 52.63 6.72
C LYS B 176 -1.37 51.24 6.98
N LEU B 177 -1.98 51.03 8.15
CA LEU B 177 -2.54 49.73 8.51
C LEU B 177 -4.06 49.79 8.51
N ASP B 178 -4.67 48.63 8.25
CA ASP B 178 -6.12 48.52 8.25
C ASP B 178 -6.66 48.62 9.67
N PRO B 179 -7.93 49.02 9.83
CA PRO B 179 -8.56 48.94 11.14
C PRO B 179 -8.83 47.50 11.53
N VAL B 180 -8.96 47.29 12.84
CA VAL B 180 -9.19 45.96 13.41
C VAL B 180 -10.39 46.05 14.34
N ILE B 181 -11.41 45.24 14.09
CA ILE B 181 -12.71 45.38 14.73
C ILE B 181 -13.02 44.09 15.48
N GLY B 182 -13.29 44.21 16.76
CA GLY B 182 -13.70 43.06 17.53
C GLY B 182 -12.52 42.33 18.16
N ARG B 183 -12.85 41.15 18.70
CA ARG B 183 -11.92 40.21 19.31
C ARG B 183 -11.16 40.84 20.49
N ASP B 184 -11.91 41.19 21.52
CA ASP B 184 -11.28 41.67 22.73
C ASP B 184 -10.71 40.53 23.57
N ASN B 185 -11.33 39.35 23.50
CA ASN B 185 -10.89 38.23 24.34
C ASN B 185 -9.52 37.71 23.90
N GLU B 186 -9.28 37.65 22.59
CA GLU B 186 -8.00 37.15 22.12
C GLU B 186 -6.89 38.16 22.31
N ILE B 187 -7.19 39.46 22.13
CA ILE B 187 -6.23 40.51 22.45
C ILE B 187 -5.87 40.49 23.93
N ARG B 188 -6.87 40.33 24.79
CA ARG B 188 -6.61 40.29 26.22
C ARG B 188 -5.84 39.04 26.62
N ARG B 189 -6.07 37.92 25.94
CA ARG B 189 -5.31 36.71 26.20
C ARG B 189 -3.85 36.87 25.77
N VAL B 190 -3.61 37.52 24.64
CA VAL B 190 -2.24 37.75 24.18
C VAL B 190 -1.50 38.68 25.13
N VAL B 191 -2.16 39.78 25.54
CA VAL B 191 -1.53 40.73 26.46
C VAL B 191 -1.29 40.10 27.83
N GLN B 192 -2.18 39.20 28.26
CA GLN B 192 -1.96 38.43 29.47
C GLN B 192 -0.75 37.52 29.36
N VAL B 193 -0.59 36.84 28.23
CA VAL B 193 0.56 35.95 28.05
C VAL B 193 1.84 36.75 27.88
N LEU B 194 1.77 37.91 27.23
CA LEU B 194 2.99 38.61 26.83
C LEU B 194 3.68 39.33 27.98
N SER B 195 3.09 39.35 29.18
CA SER B 195 3.71 40.05 30.30
C SER B 195 3.89 39.16 31.52
N ARG B 196 3.90 37.84 31.35
CA ARG B 196 4.24 36.96 32.46
C ARG B 196 5.76 36.96 32.66
N ARG B 197 6.21 36.27 33.70
CA ARG B 197 7.60 36.39 34.12
C ARG B 197 8.54 35.67 33.16
N THR B 198 8.32 34.37 32.97
CA THR B 198 9.14 33.56 32.07
C THR B 198 8.23 32.86 31.08
N LYS B 199 8.84 32.39 29.98
CA LYS B 199 8.19 31.66 28.89
C LYS B 199 7.06 32.52 28.28
N ASN B 200 7.39 33.78 28.03
CA ASN B 200 6.39 34.78 27.65
C ASN B 200 6.40 35.01 26.14
N ASN B 201 5.80 34.07 25.40
CA ASN B 201 5.67 34.23 23.96
C ASN B 201 4.49 33.45 23.38
N PRO B 202 3.41 34.13 23.02
CA PRO B 202 2.25 33.43 22.47
C PRO B 202 2.46 33.00 21.03
N VAL B 203 1.76 31.95 20.62
CA VAL B 203 1.75 31.46 19.25
C VAL B 203 0.29 31.33 18.83
N LEU B 204 -0.15 32.24 17.97
CA LEU B 204 -1.53 32.22 17.53
C LEU B 204 -1.73 31.07 16.54
N ILE B 205 -2.58 30.13 16.91
CA ILE B 205 -2.82 28.93 16.12
C ILE B 205 -4.28 28.91 15.73
N GLY B 206 -4.54 28.89 14.43
CA GLY B 206 -5.91 28.81 13.99
C GLY B 206 -5.98 28.25 12.59
N GLU B 207 -7.20 27.86 12.22
CA GLU B 207 -7.50 27.45 10.87
C GLU B 207 -7.35 28.66 9.93
N PRO B 208 -6.91 28.45 8.68
CA PRO B 208 -6.38 29.56 7.88
C PRO B 208 -7.46 30.51 7.38
N GLY B 209 -7.22 31.80 7.56
CA GLY B 209 -8.10 32.85 7.07
C GLY B 209 -8.96 33.52 8.11
N VAL B 210 -8.84 33.13 9.39
CA VAL B 210 -9.72 33.68 10.41
C VAL B 210 -9.23 34.98 11.00
N GLY B 211 -8.04 35.43 10.63
CA GLY B 211 -7.51 36.65 11.17
C GLY B 211 -6.52 36.34 12.28
N LYS B 212 -5.26 36.33 11.95
CA LYS B 212 -4.21 36.14 12.95
C LYS B 212 -3.15 37.22 12.82
N THR B 213 -2.82 37.63 11.60
CA THR B 213 -2.02 38.82 11.41
C THR B 213 -2.83 40.06 11.78
N ALA B 214 -4.15 40.00 11.60
CA ALA B 214 -5.02 41.11 12.00
C ALA B 214 -5.02 41.34 13.50
N ILE B 215 -4.89 40.27 14.28
CA ILE B 215 -4.80 40.42 15.73
C ILE B 215 -3.51 41.12 16.15
N VAL B 216 -2.40 40.78 15.49
CA VAL B 216 -1.12 41.40 15.83
C VAL B 216 -1.10 42.86 15.40
N GLU B 217 -1.65 43.18 14.24
CA GLU B 217 -1.66 44.57 13.82
C GLU B 217 -2.68 45.39 14.62
N GLY B 218 -3.74 44.76 15.11
CA GLY B 218 -4.60 45.43 16.07
C GLY B 218 -3.92 45.64 17.42
N LEU B 219 -3.02 44.74 17.79
CA LEU B 219 -2.22 44.94 18.99
C LEU B 219 -1.26 46.11 18.83
N ALA B 220 -0.70 46.27 17.62
CA ALA B 220 0.14 47.45 17.35
C ALA B 220 -0.68 48.73 17.40
N GLN B 221 -1.91 48.70 16.87
CA GLN B 221 -2.82 49.83 16.95
C GLN B 221 -3.12 50.20 18.41
N ARG B 222 -3.37 49.20 19.24
CA ARG B 222 -3.70 49.49 20.64
C ARG B 222 -2.47 49.97 21.42
N ILE B 223 -1.27 49.47 21.08
CA ILE B 223 -0.05 49.97 21.73
C ILE B 223 0.21 51.42 21.36
N VAL B 224 0.01 51.79 20.09
CA VAL B 224 0.20 53.19 19.69
C VAL B 224 -0.89 54.08 20.29
N ALA B 225 -2.11 53.57 20.44
CA ALA B 225 -3.16 54.36 21.08
C ALA B 225 -2.89 54.57 22.57
N GLY B 226 -2.79 53.48 23.34
CA GLY B 226 -2.45 53.59 24.74
C GLY B 226 -3.43 52.98 25.72
N ASP B 227 -4.22 52.01 25.28
CA ASP B 227 -5.14 51.29 26.15
C ASP B 227 -4.49 50.08 26.82
N VAL B 228 -3.18 49.91 26.65
CA VAL B 228 -2.43 48.74 27.09
C VAL B 228 -2.13 48.89 28.59
N PRO B 229 -1.71 47.82 29.31
CA PRO B 229 -1.42 47.99 30.74
C PRO B 229 -0.15 48.78 31.03
N GLU B 230 0.22 48.77 32.32
CA GLU B 230 1.36 49.55 32.79
C GLU B 230 2.67 49.08 32.17
N SER B 231 2.91 47.78 32.19
CA SER B 231 4.18 47.26 31.66
C SER B 231 4.07 46.93 30.18
N LEU B 232 3.49 47.84 29.40
CA LEU B 232 3.58 47.76 27.95
C LEU B 232 3.64 49.17 27.36
N ARG B 233 4.14 50.13 28.12
CA ARG B 233 4.17 51.52 27.65
C ARG B 233 5.28 51.69 26.62
N ASP B 234 4.87 51.88 25.38
CA ASP B 234 5.73 52.26 24.25
C ASP B 234 6.84 51.23 24.00
N LYS B 235 6.40 50.02 23.66
CA LYS B 235 7.29 48.96 23.22
C LYS B 235 7.08 48.76 21.72
N THR B 236 8.18 48.69 20.98
CA THR B 236 8.14 48.69 19.53
C THR B 236 8.14 47.26 19.00
N ILE B 237 7.19 46.96 18.11
CA ILE B 237 7.09 45.64 17.49
C ILE B 237 7.91 45.64 16.21
N VAL B 238 8.90 44.77 16.15
CA VAL B 238 9.85 44.73 15.05
C VAL B 238 9.67 43.40 14.33
N ALA B 239 9.10 43.43 13.14
CA ALA B 239 8.83 42.22 12.39
C ALA B 239 10.11 41.72 11.72
N LEU B 240 10.58 40.54 12.12
CA LEU B 240 11.84 40.01 11.65
C LEU B 240 11.68 39.30 10.31
N ASP B 241 12.76 38.69 9.84
CA ASP B 241 12.79 37.90 8.62
C ASP B 241 13.53 36.59 8.86
N LEU B 242 13.17 35.57 8.09
CA LEU B 242 13.96 34.35 7.99
C LEU B 242 14.37 34.03 6.57
N GLY B 243 13.83 34.73 5.58
CA GLY B 243 14.23 34.50 4.20
C GLY B 243 15.45 35.30 3.82
N SER B 244 15.39 36.61 4.07
CA SER B 244 16.50 37.49 3.71
C SER B 244 17.67 37.37 4.67
N MET B 245 17.55 36.64 5.75
CA MET B 245 18.63 36.48 6.70
C MET B 245 19.56 35.33 6.31
N VAL B 246 19.13 34.47 5.40
CA VAL B 246 19.96 33.40 4.87
C VAL B 246 20.39 33.73 3.43
N ALA B 247 20.31 35.01 3.06
CA ALA B 247 20.58 35.47 1.71
C ALA B 247 22.02 35.26 1.28
N GLY B 248 22.96 35.97 1.89
CA GLY B 248 24.36 35.71 1.64
C GLY B 248 24.94 34.85 2.75
N SER B 249 24.96 33.54 2.52
CA SER B 249 25.25 32.62 3.62
C SER B 249 26.10 31.43 3.19
N LYS B 250 27.01 31.61 2.23
CA LYS B 250 27.73 30.46 1.67
C LYS B 250 28.71 29.86 2.66
N TYR B 251 29.63 30.66 3.18
CA TYR B 251 30.76 30.11 3.91
C TYR B 251 30.37 29.70 5.31
N ARG B 252 31.10 28.71 5.86
CA ARG B 252 30.66 27.84 6.96
C ARG B 252 30.50 28.53 8.28
N GLY B 253 30.64 29.84 8.45
CA GLY B 253 30.40 30.43 9.74
C GLY B 253 29.69 31.76 9.69
N GLU B 254 28.83 31.99 8.70
CA GLU B 254 28.31 33.33 8.49
C GLU B 254 26.87 33.51 8.96
N PHE B 255 25.98 32.55 8.68
CA PHE B 255 24.61 32.64 9.15
C PHE B 255 24.54 32.65 10.67
N GLU B 256 25.42 31.87 11.29
CA GLU B 256 25.35 31.68 12.73
C GLU B 256 25.80 32.92 13.48
N GLU B 257 26.87 33.57 12.99
CA GLU B 257 27.26 34.86 13.59
C GLU B 257 26.27 35.95 13.26
N ARG B 258 25.60 35.86 12.10
CA ARG B 258 24.59 36.84 11.74
C ARG B 258 23.41 36.81 12.69
N LEU B 259 22.87 35.61 12.93
CA LEU B 259 21.79 35.45 13.89
C LEU B 259 22.25 35.75 15.31
N LYS B 260 23.51 35.44 15.65
CA LYS B 260 24.02 35.77 16.97
C LYS B 260 24.11 37.27 17.19
N ALA B 261 24.47 38.02 16.15
CA ALA B 261 24.53 39.47 16.27
C ALA B 261 23.13 40.07 16.37
N VAL B 262 22.16 39.49 15.69
CA VAL B 262 20.77 39.97 15.81
C VAL B 262 20.24 39.71 17.22
N LEU B 263 20.50 38.51 17.77
CA LEU B 263 20.07 38.23 19.14
C LEU B 263 20.84 39.05 20.16
N ASP B 264 22.09 39.41 19.85
CA ASP B 264 22.85 40.32 20.71
C ASP B 264 22.22 41.71 20.71
N ASP B 265 21.72 42.15 19.55
CA ASP B 265 21.08 43.45 19.50
C ASP B 265 19.73 43.45 20.23
N ILE B 266 19.02 42.33 20.21
CA ILE B 266 17.76 42.26 20.98
C ILE B 266 18.06 42.21 22.48
N LYS B 267 19.05 41.41 22.88
CA LYS B 267 19.41 41.29 24.29
C LYS B 267 20.05 42.57 24.82
N ASN B 268 20.65 43.37 23.95
CA ASN B 268 21.34 44.59 24.37
C ASN B 268 20.33 45.65 24.82
N SER B 269 19.17 45.70 24.18
CA SER B 269 18.11 46.57 24.64
C SER B 269 17.51 46.04 25.94
N ALA B 270 16.76 46.90 26.63
CA ALA B 270 16.32 46.62 28.00
C ALA B 270 14.87 46.16 28.07
N GLY B 271 14.43 45.35 27.11
CA GLY B 271 13.07 44.89 27.11
C GLY B 271 12.10 45.81 26.42
N GLN B 272 12.55 46.52 25.39
CA GLN B 272 11.71 47.44 24.64
C GLN B 272 11.37 46.93 23.25
N ILE B 273 11.78 45.69 22.93
CA ILE B 273 11.58 45.12 21.61
C ILE B 273 10.74 43.87 21.75
N ILE B 274 9.58 43.88 21.08
CA ILE B 274 8.73 42.71 20.97
C ILE B 274 8.87 42.20 19.55
N THR B 275 9.45 41.01 19.39
CA THR B 275 9.63 40.49 18.04
C THR B 275 8.33 39.92 17.49
N PHE B 276 8.34 39.62 16.19
CA PHE B 276 7.17 39.07 15.53
C PHE B 276 7.63 38.33 14.27
N ILE B 277 7.68 37.01 14.36
CA ILE B 277 7.99 36.17 13.20
C ILE B 277 6.70 35.50 12.76
N ASP B 278 6.25 35.83 11.56
CA ASP B 278 5.06 35.21 10.99
C ASP B 278 5.44 33.92 10.29
N GLU B 279 4.58 32.91 10.44
CA GLU B 279 4.78 31.56 9.92
C GLU B 279 6.10 30.96 10.43
N LEU B 280 6.14 30.74 11.74
CA LEU B 280 7.37 30.34 12.40
C LEU B 280 7.75 28.89 12.18
N HIS B 281 7.12 28.17 11.26
CA HIS B 281 7.54 26.79 11.00
C HIS B 281 8.83 26.71 10.20
N THR B 282 9.37 27.84 9.75
CA THR B 282 10.70 27.87 9.16
C THR B 282 11.81 27.91 10.21
N ILE B 283 11.47 28.09 11.49
CA ILE B 283 12.48 28.20 12.54
C ILE B 283 13.13 26.87 12.85
N VAL B 284 12.55 25.76 12.37
CA VAL B 284 13.12 24.44 12.61
C VAL B 284 14.40 24.25 11.80
N GLY B 285 14.33 24.54 10.50
CA GLY B 285 15.46 24.30 9.64
C GLY B 285 16.30 25.53 9.39
N ALA B 286 16.56 25.82 8.10
CA ALA B 286 17.37 26.91 7.58
C ALA B 286 18.83 26.88 8.03
N GLY B 287 19.29 25.75 8.58
CA GLY B 287 20.64 25.68 9.10
C GLY B 287 21.65 25.04 8.17
N ALA B 288 21.32 23.85 7.67
CA ALA B 288 22.22 23.10 6.81
C ALA B 288 21.45 22.10 5.95
N ASP B 295 20.68 23.08 12.53
CA ASP B 295 21.44 23.60 13.65
C ASP B 295 20.94 25.00 13.97
N ALA B 296 20.12 25.54 13.08
CA ALA B 296 19.46 26.81 13.31
C ALA B 296 18.14 26.61 14.01
N GLY B 297 17.70 27.65 14.73
CA GLY B 297 16.61 27.46 15.67
C GLY B 297 16.98 26.60 16.85
N ASN B 298 18.27 26.46 17.11
CA ASN B 298 18.79 25.65 18.20
C ASN B 298 19.71 26.44 19.10
N MET B 299 20.23 27.57 18.64
CA MET B 299 20.86 28.54 19.52
C MET B 299 19.84 29.44 20.21
N ILE B 300 18.61 29.48 19.68
CA ILE B 300 17.54 30.25 20.29
C ILE B 300 16.81 29.43 21.35
N LYS B 301 17.13 28.16 21.46
CA LYS B 301 16.53 27.24 22.42
C LYS B 301 16.83 27.59 23.90
N PRO B 302 18.02 28.06 24.29
CA PRO B 302 18.13 28.56 25.68
C PRO B 302 17.54 29.94 25.89
N MET B 303 17.43 30.78 24.85
CA MET B 303 16.98 32.16 25.03
C MET B 303 15.50 32.23 25.35
N LEU B 304 14.71 31.29 24.84
CA LEU B 304 13.27 31.38 24.99
C LEU B 304 12.82 31.00 26.39
N ALA B 305 13.37 29.92 26.94
CA ALA B 305 12.88 29.38 28.20
C ALA B 305 13.28 30.26 29.38
N ARG B 306 14.41 30.96 29.27
CA ARG B 306 14.84 31.88 30.32
C ARG B 306 14.04 33.17 30.30
N GLY B 307 13.41 33.49 29.17
CA GLY B 307 12.58 34.66 29.08
C GLY B 307 13.34 35.88 28.61
N GLU B 308 14.02 35.76 27.46
CA GLU B 308 14.83 36.85 26.94
C GLU B 308 14.09 37.67 25.89
N LEU B 309 13.57 37.01 24.85
CA LEU B 309 12.96 37.69 23.72
C LEU B 309 11.49 37.30 23.62
N ARG B 310 10.63 38.30 23.51
CA ARG B 310 9.20 38.07 23.29
C ARG B 310 9.00 37.76 21.82
N LEU B 311 8.40 36.61 21.51
CA LEU B 311 8.35 36.13 20.13
C LEU B 311 6.92 35.76 19.76
N VAL B 312 6.15 36.76 19.33
CA VAL B 312 4.80 36.50 18.84
C VAL B 312 4.88 35.82 17.48
N GLY B 313 4.07 34.77 17.29
CA GLY B 313 4.02 34.06 16.03
C GLY B 313 2.60 33.82 15.56
N ALA B 314 2.49 33.13 14.43
CA ALA B 314 1.19 32.78 13.87
C ALA B 314 1.38 31.60 12.92
N THR B 315 0.84 30.45 13.28
CA THR B 315 0.98 29.25 12.47
C THR B 315 -0.38 28.75 12.00
N THR B 316 -0.39 28.17 10.81
CA THR B 316 -1.53 27.38 10.37
C THR B 316 -1.61 26.13 11.25
N LEU B 317 -2.83 25.64 11.47
CA LEU B 317 -3.04 24.57 12.45
C LEU B 317 -2.42 23.25 12.00
N ASP B 318 -2.48 22.92 10.71
CA ASP B 318 -2.00 21.62 10.26
C ASP B 318 -0.52 21.63 9.88
N GLU B 319 0.13 22.79 9.87
CA GLU B 319 1.57 22.85 9.77
C GLU B 319 2.23 22.70 11.13
N TYR B 320 1.47 22.99 12.18
CA TYR B 320 1.97 22.92 13.55
C TYR B 320 2.32 21.49 13.94
N ARG B 321 1.37 20.56 13.75
CA ARG B 321 1.61 19.19 14.13
C ARG B 321 2.58 18.50 13.18
N LYS B 322 2.77 19.05 11.98
CA LYS B 322 3.67 18.43 11.03
C LYS B 322 5.12 18.85 11.24
N HIS B 323 5.36 20.10 11.65
CA HIS B 323 6.74 20.57 11.75
C HIS B 323 7.24 20.81 13.17
N ILE B 324 6.36 20.96 14.15
CA ILE B 324 6.77 21.37 15.49
C ILE B 324 6.55 20.26 16.52
N GLU B 325 5.41 19.55 16.44
CA GLU B 325 5.18 18.40 17.32
C GLU B 325 6.17 17.27 17.08
N LYS B 326 6.75 17.22 15.87
CA LYS B 326 7.88 16.33 15.57
C LYS B 326 9.09 16.60 16.46
N ASP B 327 9.24 17.83 16.95
CA ASP B 327 10.48 18.29 17.58
C ASP B 327 10.22 18.83 18.98
N ALA B 328 9.61 18.00 19.84
CA ALA B 328 8.90 18.39 21.05
C ALA B 328 9.71 19.09 22.15
N ALA B 329 10.98 19.37 21.92
CA ALA B 329 11.69 20.26 22.85
C ALA B 329 11.23 21.69 22.72
N LEU B 330 10.95 22.14 21.49
CA LEU B 330 10.58 23.54 21.28
C LEU B 330 9.14 23.81 21.70
N GLU B 331 8.24 22.84 21.52
CA GLU B 331 6.82 23.13 21.70
C GLU B 331 6.42 23.33 23.15
N ARG B 332 7.31 23.07 24.10
CA ARG B 332 7.04 23.46 25.48
C ARG B 332 7.22 24.97 25.66
N ARG B 333 8.24 25.53 25.03
CA ARG B 333 8.56 26.96 25.15
C ARG B 333 7.49 27.91 24.62
N PHE B 334 6.61 27.41 23.75
CA PHE B 334 5.58 28.26 23.18
C PHE B 334 4.25 28.01 23.88
N GLN B 335 3.41 29.04 23.87
CA GLN B 335 2.06 28.96 24.40
C GLN B 335 1.08 28.96 23.23
N GLN B 336 -0.06 28.32 23.44
CA GLN B 336 -1.08 28.25 22.40
C GLN B 336 -2.20 29.23 22.71
N VAL B 337 -2.65 29.95 21.68
CA VAL B 337 -3.86 30.76 21.76
C VAL B 337 -4.67 30.42 20.53
N TYR B 338 -5.76 29.70 20.71
CA TYR B 338 -6.57 29.25 19.60
C TYR B 338 -7.49 30.38 19.16
N VAL B 339 -7.44 30.70 17.86
CA VAL B 339 -8.26 31.77 17.29
C VAL B 339 -9.40 31.09 16.53
N GLY B 340 -10.57 31.02 17.14
CA GLY B 340 -11.71 30.43 16.46
C GLY B 340 -12.36 31.41 15.50
N GLU B 341 -13.04 30.86 14.50
CA GLU B 341 -13.68 31.69 13.49
C GLU B 341 -14.95 32.32 14.07
N PRO B 342 -15.33 33.49 13.59
CA PRO B 342 -16.55 34.13 14.10
C PRO B 342 -17.80 33.61 13.39
N SER B 343 -18.94 34.04 13.92
CA SER B 343 -20.23 33.70 13.33
C SER B 343 -20.58 34.74 12.28
N VAL B 344 -21.85 34.72 11.82
CA VAL B 344 -22.27 35.64 10.78
C VAL B 344 -22.53 37.03 11.36
N GLU B 345 -23.05 37.10 12.57
CA GLU B 345 -23.55 38.35 13.13
C GLU B 345 -22.44 39.33 13.44
N ASP B 346 -21.24 38.84 13.76
CA ASP B 346 -20.11 39.74 13.92
C ASP B 346 -19.36 39.95 12.61
N THR B 347 -19.49 39.02 11.67
CA THR B 347 -18.91 39.20 10.34
C THR B 347 -19.58 40.35 9.60
N ILE B 348 -20.86 40.58 9.87
CA ILE B 348 -21.54 41.76 9.33
C ILE B 348 -20.89 43.04 9.84
N GLY B 349 -20.55 43.09 11.12
CA GLY B 349 -19.87 44.26 11.67
C GLY B 349 -18.45 44.43 11.16
N ILE B 350 -17.75 43.31 10.93
CA ILE B 350 -16.41 43.38 10.34
C ILE B 350 -16.51 43.90 8.91
N LEU B 351 -17.56 43.54 8.19
CA LEU B 351 -17.78 44.12 6.87
C LEU B 351 -18.14 45.59 6.94
N ARG B 352 -18.83 46.00 8.02
CA ARG B 352 -19.06 47.44 8.20
C ARG B 352 -17.78 48.19 8.51
N GLY B 353 -16.79 47.53 9.11
CA GLY B 353 -15.57 48.22 9.45
C GLY B 353 -14.69 48.52 8.25
N LEU B 354 -14.62 47.59 7.29
CA LEU B 354 -13.70 47.71 6.16
C LEU B 354 -14.39 48.27 4.92
N LYS B 355 -15.38 49.14 5.09
CA LYS B 355 -16.09 49.65 3.93
C LYS B 355 -15.46 50.92 3.39
N ASP B 356 -14.98 51.79 4.28
CA ASP B 356 -14.45 53.09 3.91
C ASP B 356 -12.98 53.04 3.54
N ARG B 357 -12.45 51.87 3.22
CA ARG B 357 -11.21 51.74 2.48
C ARG B 357 -11.46 51.36 1.03
N TYR B 358 -12.46 50.51 0.81
CA TYR B 358 -12.84 50.12 -0.54
C TYR B 358 -13.63 51.21 -1.24
N GLU B 359 -14.38 52.01 -0.48
CA GLU B 359 -14.98 53.20 -1.07
C GLU B 359 -13.95 54.25 -1.45
N VAL B 360 -12.77 54.23 -0.83
CA VAL B 360 -11.72 55.17 -1.21
C VAL B 360 -10.97 54.66 -2.43
N HIS B 361 -10.53 53.39 -2.40
CA HIS B 361 -9.74 52.86 -3.51
C HIS B 361 -10.59 52.66 -4.76
N HIS B 362 -11.87 52.39 -4.61
CA HIS B 362 -12.81 52.37 -5.72
C HIS B 362 -13.88 53.40 -5.40
N GLY B 363 -13.95 54.46 -6.20
CA GLY B 363 -14.81 55.59 -5.87
C GLY B 363 -16.29 55.35 -6.09
N VAL B 364 -16.85 54.39 -5.36
CA VAL B 364 -18.25 53.99 -5.53
C VAL B 364 -18.95 54.13 -4.20
N ARG B 365 -20.23 53.76 -4.16
CA ARG B 365 -20.95 53.61 -2.91
C ARG B 365 -21.43 52.18 -2.77
N ILE B 366 -21.52 51.71 -1.54
CA ILE B 366 -21.93 50.34 -1.25
C ILE B 366 -23.18 50.39 -0.38
N THR B 367 -24.26 49.83 -0.89
CA THR B 367 -25.51 49.76 -0.17
C THR B 367 -25.35 48.85 1.04
N ASP B 368 -26.05 49.18 2.13
CA ASP B 368 -25.98 48.36 3.34
C ASP B 368 -26.66 47.02 3.13
N SER B 369 -27.67 46.94 2.26
CA SER B 369 -28.31 45.67 1.98
C SER B 369 -27.37 44.73 1.24
N ALA B 370 -26.54 45.27 0.35
CA ALA B 370 -25.51 44.47 -0.30
C ALA B 370 -24.36 44.14 0.63
N LEU B 371 -24.32 44.72 1.82
CA LEU B 371 -23.35 44.34 2.82
C LEU B 371 -23.90 43.25 3.73
N VAL B 372 -25.21 43.03 3.72
CA VAL B 372 -25.81 41.90 4.44
C VAL B 372 -25.93 40.68 3.54
N ALA B 373 -26.31 40.89 2.28
CA ALA B 373 -26.44 39.79 1.33
C ALA B 373 -25.10 39.19 0.94
N ALA B 374 -23.99 39.84 1.25
CA ALA B 374 -22.69 39.22 1.04
C ALA B 374 -22.40 38.20 2.13
N ALA B 375 -22.56 38.58 3.38
CA ALA B 375 -22.23 37.68 4.47
C ALA B 375 -23.26 36.59 4.63
N THR B 376 -24.51 36.85 4.26
CA THR B 376 -25.55 35.84 4.44
C THR B 376 -25.48 34.78 3.34
N LEU B 377 -25.45 35.21 2.09
CA LEU B 377 -25.62 34.31 0.96
C LEU B 377 -24.32 33.61 0.57
N SER B 378 -23.20 33.95 1.21
CA SER B 378 -21.96 33.19 1.06
C SER B 378 -21.77 32.18 2.17
N ASP B 379 -22.86 31.61 2.67
CA ASP B 379 -22.81 30.49 3.59
C ASP B 379 -23.41 29.24 2.98
N ARG B 380 -24.54 29.37 2.30
CA ARG B 380 -25.18 28.22 1.66
C ARG B 380 -24.58 27.89 0.32
N TYR B 381 -23.64 28.69 -0.20
CA TYR B 381 -23.13 28.46 -1.55
C TYR B 381 -21.64 28.15 -1.57
N ILE B 382 -20.82 28.90 -0.86
CA ILE B 382 -19.37 28.71 -0.87
C ILE B 382 -18.99 27.96 0.40
N THR B 383 -18.47 26.75 0.25
CA THR B 383 -18.25 25.86 1.38
C THR B 383 -16.83 25.27 1.29
N ALA B 384 -15.86 26.14 1.09
CA ALA B 384 -14.45 25.75 1.20
C ALA B 384 -13.68 26.63 2.15
N ARG B 385 -13.91 27.94 2.14
CA ARG B 385 -13.13 28.86 2.95
C ARG B 385 -13.84 29.10 4.28
N PHE B 386 -13.31 30.03 5.06
CA PHE B 386 -13.80 30.38 6.39
C PHE B 386 -14.19 31.85 6.40
N LEU B 387 -14.98 32.24 7.40
CA LEU B 387 -15.77 33.44 7.16
C LEU B 387 -15.38 34.64 8.01
N PRO B 388 -14.15 35.17 7.92
CA PRO B 388 -14.02 36.63 7.94
C PRO B 388 -13.71 37.20 6.56
N ASP B 389 -13.27 36.37 5.62
CA ASP B 389 -12.77 36.87 4.34
C ASP B 389 -13.42 36.23 3.13
N LYS B 390 -14.11 35.11 3.29
CA LYS B 390 -14.91 34.54 2.23
C LYS B 390 -16.16 35.39 1.93
N ALA B 391 -16.48 36.35 2.79
CA ALA B 391 -17.49 37.35 2.48
C ALA B 391 -16.92 38.62 1.86
N ILE B 392 -15.63 38.92 2.09
CA ILE B 392 -15.05 40.17 1.59
C ILE B 392 -14.82 40.11 0.09
N ASP B 393 -14.43 38.94 -0.41
CA ASP B 393 -14.04 38.79 -1.82
C ASP B 393 -15.19 39.06 -2.77
N LEU B 394 -16.42 38.75 -2.36
CA LEU B 394 -17.59 39.06 -3.17
C LEU B 394 -17.76 40.57 -3.32
N VAL B 395 -17.62 41.30 -2.22
CA VAL B 395 -17.79 42.75 -2.23
C VAL B 395 -16.71 43.40 -3.08
N ASP B 396 -15.48 42.93 -2.95
CA ASP B 396 -14.38 43.56 -3.68
C ASP B 396 -14.45 43.24 -5.18
N GLU B 397 -14.80 42.01 -5.55
CA GLU B 397 -14.95 41.71 -6.97
C GLU B 397 -16.17 42.39 -7.57
N ALA B 398 -17.21 42.62 -6.76
CA ALA B 398 -18.37 43.36 -7.25
C ALA B 398 -18.02 44.82 -7.51
N ALA B 399 -17.19 45.41 -6.65
CA ALA B 399 -16.74 46.79 -6.90
C ALA B 399 -15.81 46.86 -8.09
N SER B 400 -15.00 45.82 -8.32
CA SER B 400 -14.17 45.79 -9.53
C SER B 400 -15.03 45.72 -10.79
N ARG B 401 -16.09 44.89 -10.76
CA ARG B 401 -17.00 44.78 -11.90
C ARG B 401 -17.75 46.08 -12.14
N LEU B 402 -18.11 46.78 -11.07
CA LEU B 402 -18.82 48.04 -11.23
C LEU B 402 -17.90 49.13 -11.79
N ARG B 403 -16.63 49.14 -11.37
CA ARG B 403 -15.67 50.07 -11.96
C ARG B 403 -15.38 49.74 -13.42
N MET B 404 -15.45 48.46 -13.79
CA MET B 404 -15.38 48.09 -15.20
C MET B 404 -16.56 48.65 -15.97
N GLU B 405 -17.77 48.55 -15.40
CA GLU B 405 -18.97 48.96 -16.12
C GLU B 405 -19.10 50.48 -16.21
N ILE B 406 -18.60 51.21 -15.20
CA ILE B 406 -18.61 52.68 -15.28
C ILE B 406 -17.68 53.16 -16.37
N ASP B 407 -16.58 52.44 -16.61
CA ASP B 407 -15.73 52.71 -17.75
C ASP B 407 -16.42 52.23 -19.04
N SER B 408 -15.65 52.24 -20.13
CA SER B 408 -16.08 52.59 -21.48
C SER B 408 -17.47 52.10 -21.92
N ARG B 409 -17.69 50.79 -21.90
CA ARG B 409 -18.98 50.31 -22.39
C ARG B 409 -19.57 49.24 -21.49
N PRO B 410 -20.60 49.59 -20.72
CA PRO B 410 -21.27 48.65 -19.82
C PRO B 410 -20.71 47.23 -19.89
N VAL B 411 -21.50 46.28 -20.37
CA VAL B 411 -21.06 44.88 -20.44
C VAL B 411 -21.49 44.15 -21.72
N GLU B 412 -22.74 43.71 -21.76
CA GLU B 412 -23.30 42.96 -22.89
C GLU B 412 -22.98 43.57 -24.25
N ILE B 413 -23.57 44.73 -24.55
CA ILE B 413 -23.32 45.42 -25.80
C ILE B 413 -21.92 45.10 -26.35
N ASP B 414 -20.94 45.01 -25.46
CA ASP B 414 -19.60 44.59 -25.85
C ASP B 414 -19.62 43.14 -26.33
N GLU B 415 -20.26 42.28 -25.55
CA GLU B 415 -20.43 40.88 -25.90
C GLU B 415 -21.00 40.73 -27.31
N VAL B 416 -22.13 41.40 -27.54
CA VAL B 416 -22.84 41.32 -28.82
C VAL B 416 -22.04 41.92 -29.96
N GLU B 417 -21.31 43.01 -29.69
CA GLU B 417 -20.51 43.65 -30.73
C GLU B 417 -19.37 42.73 -31.18
N ARG B 418 -18.69 42.13 -30.21
CA ARG B 418 -17.62 41.18 -30.52
C ARG B 418 -18.16 39.95 -31.25
N LEU B 419 -19.32 39.48 -30.81
CA LEU B 419 -19.93 38.30 -31.42
C LEU B 419 -20.31 38.56 -32.89
N VAL B 420 -20.99 39.68 -33.13
CA VAL B 420 -21.40 40.02 -34.49
C VAL B 420 -20.20 40.36 -35.38
N ARG B 421 -19.13 40.89 -34.78
CA ARG B 421 -17.93 41.13 -35.55
C ARG B 421 -17.33 39.79 -35.97
N ARG B 422 -17.41 38.80 -35.07
CA ARG B 422 -16.89 37.46 -35.33
C ARG B 422 -17.65 36.79 -36.47
N LEU B 423 -18.98 36.77 -36.34
CA LEU B 423 -19.83 36.17 -37.35
C LEU B 423 -19.70 36.89 -38.69
N GLU B 424 -19.51 38.20 -38.63
CA GLU B 424 -19.24 38.99 -39.83
C GLU B 424 -17.97 38.48 -40.52
N ILE B 425 -16.88 38.40 -39.75
CA ILE B 425 -15.61 37.87 -40.24
C ILE B 425 -15.80 36.53 -40.95
N GLU B 426 -16.29 35.54 -40.21
CA GLU B 426 -16.52 34.21 -40.77
C GLU B 426 -17.33 34.25 -42.05
N GLU B 427 -18.48 34.91 -42.00
CA GLU B 427 -19.35 35.01 -43.16
C GLU B 427 -18.66 35.59 -44.40
N MET B 428 -17.96 36.69 -44.22
CA MET B 428 -17.28 37.34 -45.34
C MET B 428 -16.12 36.50 -45.85
N ALA B 429 -15.52 35.73 -44.97
CA ALA B 429 -14.46 34.80 -45.36
C ALA B 429 -15.03 33.69 -46.23
N LEU B 430 -16.26 33.27 -45.91
CA LEU B 430 -16.91 32.21 -46.67
C LEU B 430 -17.38 32.68 -48.05
N SER B 431 -17.57 33.99 -48.19
CA SER B 431 -18.02 34.56 -49.46
C SER B 431 -16.94 34.49 -50.55
N LEU B 442 -22.49 31.20 -46.50
CA LEU B 442 -23.10 30.01 -45.92
C LEU B 442 -24.60 30.22 -45.73
N ALA B 443 -25.07 31.42 -46.06
CA ALA B 443 -26.39 31.89 -45.62
C ALA B 443 -26.44 31.64 -44.13
N LYS B 444 -27.59 31.12 -43.64
CA LYS B 444 -27.61 30.61 -42.28
C LYS B 444 -27.19 31.67 -41.28
N LEU B 445 -25.91 31.63 -40.97
CA LEU B 445 -25.25 32.69 -40.23
C LEU B 445 -25.72 34.09 -40.69
N ARG B 446 -25.94 34.27 -41.99
CA ARG B 446 -26.50 35.51 -42.55
C ARG B 446 -27.76 35.95 -41.80
N SER B 447 -28.68 35.00 -41.58
CA SER B 447 -29.85 35.21 -40.73
C SER B 447 -29.44 35.57 -39.30
N GLU B 448 -28.60 34.74 -38.69
CA GLU B 448 -28.24 34.90 -37.29
C GLU B 448 -27.47 36.20 -37.06
N LEU B 449 -26.78 36.64 -38.11
CA LEU B 449 -26.20 37.97 -38.13
C LEU B 449 -27.30 38.99 -37.93
N ALA B 450 -28.22 39.02 -38.89
CA ALA B 450 -29.32 40.00 -38.91
C ALA B 450 -30.08 40.05 -37.59
N ASP B 451 -30.47 38.87 -37.08
CA ASP B 451 -31.16 38.78 -35.80
C ASP B 451 -30.33 39.41 -34.69
N GLN B 452 -29.05 39.06 -34.64
CA GLN B 452 -28.14 39.58 -33.64
C GLN B 452 -27.93 41.09 -33.83
N LYS B 453 -28.13 41.56 -35.05
CA LYS B 453 -28.01 42.98 -35.32
C LYS B 453 -29.28 43.70 -34.87
N GLU B 454 -30.40 43.00 -34.90
CA GLU B 454 -31.64 43.56 -34.41
C GLU B 454 -31.51 43.75 -32.90
N LYS B 455 -31.13 42.67 -32.22
CA LYS B 455 -30.96 42.68 -30.78
C LYS B 455 -29.99 43.78 -30.35
N LEU B 456 -28.79 43.77 -30.93
CA LEU B 456 -27.78 44.76 -30.59
C LEU B 456 -28.27 46.18 -30.85
N ALA B 457 -29.15 46.32 -31.84
CA ALA B 457 -29.74 47.63 -32.11
C ALA B 457 -30.62 48.01 -30.93
N GLU B 458 -31.55 47.12 -30.60
CA GLU B 458 -32.54 47.37 -29.56
C GLU B 458 -31.86 47.78 -28.26
N LEU B 459 -30.96 46.92 -27.78
CA LEU B 459 -30.20 47.20 -26.58
C LEU B 459 -29.54 48.57 -26.65
N THR B 460 -28.90 48.86 -27.78
CA THR B 460 -28.19 50.11 -27.94
C THR B 460 -29.16 51.24 -27.68
N THR B 461 -30.33 51.17 -28.32
CA THR B 461 -31.31 52.23 -28.18
C THR B 461 -31.69 52.33 -26.70
N ARG B 462 -31.94 51.17 -26.09
CA ARG B 462 -32.32 51.12 -24.69
C ARG B 462 -31.27 51.83 -23.87
N TRP B 463 -30.00 51.53 -24.17
CA TRP B 463 -28.89 52.14 -23.46
C TRP B 463 -29.06 53.65 -23.48
N GLN B 464 -29.19 54.20 -24.69
CA GLN B 464 -29.34 55.63 -24.89
C GLN B 464 -30.50 56.14 -24.04
N ASN B 465 -31.61 55.42 -24.12
CA ASN B 465 -32.83 55.82 -23.42
C ASN B 465 -32.51 55.98 -21.94
N GLU B 466 -31.87 54.96 -21.39
CA GLU B 466 -31.53 54.95 -19.97
C GLU B 466 -30.68 56.17 -19.66
N LYS B 467 -29.65 56.38 -20.48
CA LYS B 467 -28.75 57.51 -20.30
C LYS B 467 -29.57 58.80 -20.22
N ASN B 468 -30.50 58.95 -21.16
CA ASN B 468 -31.32 60.14 -21.23
C ASN B 468 -31.99 60.36 -19.88
N ALA B 469 -32.63 59.31 -19.38
CA ALA B 469 -33.32 59.38 -18.10
C ALA B 469 -32.38 59.92 -17.04
N LYS B 530 -27.72 52.60 -11.17
CA LYS B 530 -26.83 51.45 -11.07
C LYS B 530 -25.45 51.86 -10.57
N GLU B 531 -25.34 53.11 -10.10
CA GLU B 531 -24.06 53.70 -9.70
C GLU B 531 -23.49 53.10 -8.42
N GLU B 532 -24.25 52.29 -7.70
CA GLU B 532 -23.78 51.61 -6.50
C GLU B 532 -23.93 50.11 -6.69
N VAL B 533 -23.31 49.35 -5.80
CA VAL B 533 -23.51 47.91 -5.82
C VAL B 533 -24.80 47.59 -5.08
N GLY B 534 -25.41 46.48 -5.44
CA GLY B 534 -26.65 46.07 -4.83
C GLY B 534 -26.66 44.58 -4.58
N PRO B 535 -27.70 44.09 -3.90
CA PRO B 535 -27.78 42.65 -3.60
C PRO B 535 -28.01 41.78 -4.82
N ASP B 536 -28.38 42.35 -5.97
CA ASP B 536 -28.38 41.59 -7.21
C ASP B 536 -26.97 41.34 -7.72
N ASP B 537 -26.06 42.28 -7.48
CA ASP B 537 -24.75 42.20 -8.09
C ASP B 537 -23.84 41.23 -7.34
N ILE B 538 -24.00 41.14 -6.01
CA ILE B 538 -23.32 40.11 -5.25
C ILE B 538 -23.77 38.72 -5.69
N ALA B 539 -25.07 38.59 -5.95
CA ALA B 539 -25.61 37.33 -6.45
C ALA B 539 -25.11 37.03 -7.85
N ASP B 540 -24.91 38.06 -8.67
CA ASP B 540 -24.39 37.84 -10.02
C ASP B 540 -22.93 37.42 -9.98
N VAL B 541 -22.16 37.96 -9.04
CA VAL B 541 -20.76 37.54 -8.90
C VAL B 541 -20.68 36.11 -8.41
N VAL B 542 -21.44 35.77 -7.36
CA VAL B 542 -21.41 34.41 -6.83
C VAL B 542 -22.19 33.42 -7.69
N SER B 543 -22.84 33.90 -8.75
CA SER B 543 -23.33 33.02 -9.80
C SER B 543 -22.28 32.80 -10.88
N ALA B 544 -21.55 33.85 -11.25
CA ALA B 544 -20.50 33.70 -12.26
C ALA B 544 -19.36 32.85 -11.74
N TRP B 545 -18.99 33.05 -10.49
CA TRP B 545 -18.08 32.14 -9.81
C TRP B 545 -18.90 31.00 -9.21
N THR B 546 -18.30 29.82 -9.18
CA THR B 546 -18.86 28.55 -8.68
C THR B 546 -20.13 28.09 -9.41
N GLY B 547 -20.50 28.70 -10.53
CA GLY B 547 -21.46 28.11 -11.44
C GLY B 547 -22.94 28.08 -11.09
N ILE B 548 -23.29 28.21 -9.82
CA ILE B 548 -24.67 27.97 -9.38
C ILE B 548 -25.55 29.14 -9.79
N PRO B 549 -26.68 28.90 -10.45
CA PRO B 549 -27.59 30.01 -10.77
C PRO B 549 -28.35 30.47 -9.53
N ALA B 550 -28.17 31.74 -9.17
CA ALA B 550 -28.93 32.34 -8.07
C ALA B 550 -28.99 33.86 -8.31
N GLY B 551 -30.14 34.35 -8.77
CA GLY B 551 -30.29 35.77 -9.05
C GLY B 551 -31.68 36.31 -8.79
N ARG B 552 -32.02 37.44 -9.45
CA ARG B 552 -33.33 38.05 -9.33
C ARG B 552 -34.28 37.69 -10.47
N LEU B 553 -33.86 36.79 -11.37
CA LEU B 553 -34.66 36.33 -12.53
C LEU B 553 -35.03 37.51 -13.44
N LEU B 554 -34.01 38.08 -14.09
CA LEU B 554 -34.21 39.28 -14.90
C LEU B 554 -34.81 38.98 -16.28
N GLU B 555 -35.95 38.26 -16.30
CA GLU B 555 -36.89 38.07 -17.39
C GLU B 555 -36.33 37.24 -18.55
N GLY B 556 -35.04 36.96 -18.55
CA GLY B 556 -34.49 36.07 -19.56
C GLY B 556 -34.79 34.61 -19.29
N GLU B 557 -35.11 34.27 -18.04
CA GLU B 557 -35.34 32.90 -17.64
C GLU B 557 -36.76 32.59 -17.22
N THR B 558 -37.57 33.61 -16.90
CA THR B 558 -38.98 33.34 -16.65
C THR B 558 -39.71 32.96 -17.93
N ALA B 559 -39.20 33.42 -19.07
CA ALA B 559 -39.67 32.93 -20.36
C ALA B 559 -39.27 31.47 -20.57
N LYS B 560 -38.17 31.04 -19.98
CA LYS B 560 -37.81 29.62 -20.03
C LYS B 560 -38.57 28.81 -18.99
N LEU B 561 -38.55 29.27 -17.73
CA LEU B 561 -39.15 28.53 -16.64
C LEU B 561 -40.67 28.50 -16.69
N LEU B 562 -41.30 29.42 -17.44
CA LEU B 562 -42.74 29.40 -17.55
C LEU B 562 -43.21 28.26 -18.45
N ARG B 563 -42.65 28.17 -19.66
CA ARG B 563 -42.95 27.05 -20.54
C ARG B 563 -41.93 25.94 -20.24
N MET B 564 -42.31 25.05 -19.32
CA MET B 564 -41.42 23.94 -19.03
C MET B 564 -42.20 22.64 -19.00
N GLU B 565 -43.49 22.71 -18.68
CA GLU B 565 -44.38 21.59 -18.96
C GLU B 565 -44.65 21.49 -20.45
N ASP B 566 -44.58 22.62 -21.16
CA ASP B 566 -44.84 22.66 -22.59
C ASP B 566 -43.58 22.44 -23.42
N GLU B 567 -42.42 22.91 -22.94
CA GLU B 567 -41.20 22.80 -23.72
C GLU B 567 -40.61 21.40 -23.68
N LEU B 568 -40.79 20.69 -22.57
CA LEU B 568 -40.22 19.36 -22.43
C LEU B 568 -41.01 18.31 -23.18
N GLY B 569 -42.19 18.66 -23.69
CA GLY B 569 -42.97 17.73 -24.50
C GLY B 569 -42.61 17.74 -25.97
N LYS B 570 -41.36 18.09 -26.28
CA LYS B 570 -40.83 17.95 -27.63
C LYS B 570 -39.85 16.79 -27.73
N ARG B 571 -39.57 16.14 -26.61
CA ARG B 571 -38.72 14.95 -26.58
C ARG B 571 -39.34 13.80 -25.80
N VAL B 572 -40.25 14.08 -24.87
CA VAL B 572 -40.98 13.06 -24.12
C VAL B 572 -42.45 13.22 -24.44
N ILE B 573 -43.08 12.15 -24.94
CA ILE B 573 -44.48 12.17 -25.35
C ILE B 573 -45.27 11.33 -24.35
N GLY B 574 -46.36 11.89 -23.85
CA GLY B 574 -47.10 11.25 -22.80
C GLY B 574 -46.39 11.41 -21.47
N GLN B 575 -46.89 10.67 -20.47
CA GLN B 575 -46.37 10.65 -19.10
C GLN B 575 -46.38 12.06 -18.50
N LYS B 576 -47.59 12.59 -18.36
CA LYS B 576 -47.78 14.00 -18.02
C LYS B 576 -47.44 14.30 -16.57
N ALA B 577 -47.84 13.43 -15.65
CA ALA B 577 -47.58 13.64 -14.23
C ALA B 577 -46.10 13.59 -13.90
N ALA B 578 -45.33 12.79 -14.64
CA ALA B 578 -43.89 12.77 -14.48
C ALA B 578 -43.26 14.10 -14.89
N VAL B 579 -43.82 14.73 -15.91
CA VAL B 579 -43.31 16.03 -16.33
C VAL B 579 -43.66 17.10 -15.32
N THR B 580 -44.89 17.07 -14.80
CA THR B 580 -45.31 18.10 -13.86
C THR B 580 -44.62 17.98 -12.51
N ALA B 581 -44.31 16.76 -12.08
CA ALA B 581 -43.67 16.54 -10.79
C ALA B 581 -42.21 16.99 -10.75
N VAL B 582 -41.58 17.25 -11.90
CA VAL B 582 -40.21 17.72 -11.95
C VAL B 582 -40.25 19.21 -12.31
N SER B 583 -41.25 19.58 -13.11
CA SER B 583 -41.43 20.98 -13.44
C SER B 583 -41.89 21.79 -12.24
N ASP B 584 -42.45 21.13 -11.23
CA ASP B 584 -42.82 21.78 -9.99
C ASP B 584 -41.76 21.59 -8.91
N ALA B 585 -40.60 21.05 -9.28
CA ALA B 585 -39.46 20.94 -8.37
C ALA B 585 -38.24 21.69 -8.85
N VAL B 586 -38.24 22.15 -10.10
CA VAL B 586 -37.22 23.13 -10.50
C VAL B 586 -37.68 24.53 -10.10
N ARG B 587 -38.95 24.83 -10.32
CA ARG B 587 -39.47 26.19 -10.07
C ARG B 587 -39.49 26.53 -8.59
N ARG B 588 -39.69 25.54 -7.71
CA ARG B 588 -39.63 25.84 -6.29
C ARG B 588 -38.19 26.08 -5.85
N SER B 589 -37.21 25.64 -6.63
CA SER B 589 -35.83 25.89 -6.31
C SER B 589 -35.38 27.24 -6.82
N ARG B 590 -35.91 27.68 -7.96
CA ARG B 590 -35.54 28.99 -8.47
C ARG B 590 -36.18 30.15 -7.70
N ALA B 591 -37.29 29.91 -7.00
CA ALA B 591 -38.00 30.96 -6.30
C ALA B 591 -37.68 31.01 -4.81
N GLY B 592 -36.61 30.35 -4.38
CA GLY B 592 -36.12 30.50 -3.01
C GLY B 592 -36.95 29.85 -1.92
N VAL B 593 -38.00 29.10 -2.27
CA VAL B 593 -38.89 28.52 -1.27
C VAL B 593 -38.29 27.27 -0.63
N SER B 594 -37.36 26.61 -1.30
CA SER B 594 -36.86 25.31 -0.87
C SER B 594 -35.99 25.43 0.38
N ASP B 595 -35.79 24.29 1.03
CA ASP B 595 -35.06 24.24 2.29
C ASP B 595 -33.57 24.22 1.99
N PRO B 596 -32.76 25.06 2.67
CA PRO B 596 -31.39 25.29 2.21
C PRO B 596 -30.41 24.17 2.54
N ASN B 597 -30.75 23.17 3.35
CA ASN B 597 -29.85 22.05 3.60
C ASN B 597 -30.59 20.73 3.38
N ARG B 598 -30.68 20.35 2.11
CA ARG B 598 -31.29 19.15 1.54
C ARG B 598 -31.02 19.26 0.05
N PRO B 599 -30.91 18.16 -0.70
CA PRO B 599 -30.88 18.26 -2.15
C PRO B 599 -32.18 18.87 -2.69
N THR B 600 -32.03 19.64 -3.76
CA THR B 600 -33.15 20.43 -4.27
C THR B 600 -34.24 19.54 -4.87
N GLY B 601 -33.86 18.42 -5.46
CA GLY B 601 -34.83 17.43 -5.88
C GLY B 601 -34.21 16.06 -5.86
N ALA B 602 -34.83 15.13 -5.14
CA ALA B 602 -34.25 13.80 -4.97
C ALA B 602 -35.39 12.80 -5.08
N PHE B 603 -35.55 12.19 -6.25
CA PHE B 603 -36.74 11.38 -6.47
C PHE B 603 -36.45 10.15 -7.32
N MET B 604 -37.33 9.17 -7.15
CA MET B 604 -37.21 7.84 -7.71
C MET B 604 -38.45 7.57 -8.55
N PHE B 605 -38.25 7.11 -9.78
CA PHE B 605 -39.39 6.66 -10.56
C PHE B 605 -39.13 5.32 -11.24
N LEU B 606 -40.23 4.58 -11.41
CA LEU B 606 -40.17 3.17 -11.79
C LEU B 606 -41.37 2.85 -12.67
N GLY B 607 -41.49 1.57 -13.03
CA GLY B 607 -42.52 1.11 -13.94
C GLY B 607 -41.99 0.06 -14.90
N PRO B 608 -42.73 -0.24 -15.96
CA PRO B 608 -42.27 -1.22 -16.94
C PRO B 608 -41.17 -0.65 -17.82
N THR B 609 -40.75 -1.44 -18.80
CA THR B 609 -39.61 -1.10 -19.61
C THR B 609 -40.04 -0.50 -20.94
N GLY B 610 -39.11 0.21 -21.58
CA GLY B 610 -39.37 0.86 -22.84
C GLY B 610 -40.40 1.98 -22.74
N VAL B 611 -40.35 2.77 -21.67
CA VAL B 611 -41.39 3.73 -21.37
C VAL B 611 -40.89 5.17 -21.51
N GLY B 612 -39.64 5.42 -21.14
CA GLY B 612 -39.13 6.77 -21.18
C GLY B 612 -38.57 7.27 -19.86
N LYS B 613 -38.07 6.35 -19.04
CA LYS B 613 -37.54 6.71 -17.73
C LYS B 613 -36.06 7.07 -17.75
N THR B 614 -35.40 6.97 -18.90
CA THR B 614 -34.06 7.51 -19.06
C THR B 614 -34.04 8.64 -20.07
N GLU B 615 -34.94 8.60 -21.06
CA GLU B 615 -35.07 9.70 -22.02
C GLU B 615 -35.60 10.96 -21.34
N LEU B 616 -36.36 10.81 -20.25
CA LEU B 616 -36.76 11.96 -19.45
C LEU B 616 -35.58 12.57 -18.73
N ALA B 617 -34.78 11.74 -18.07
CA ALA B 617 -33.65 12.24 -17.29
C ALA B 617 -32.51 12.74 -18.16
N LYS B 618 -32.50 12.44 -19.45
CA LYS B 618 -31.57 13.02 -20.41
C LYS B 618 -32.18 14.17 -21.18
N ALA B 619 -33.29 14.71 -20.70
CA ALA B 619 -33.97 15.81 -21.35
C ALA B 619 -34.07 17.06 -20.49
N LEU B 620 -34.13 16.90 -19.17
CA LEU B 620 -34.03 18.04 -18.28
C LEU B 620 -32.58 18.40 -17.98
N ALA B 621 -31.64 17.59 -18.45
CA ALA B 621 -30.24 17.97 -18.52
C ALA B 621 -29.88 18.55 -19.87
N ASP B 622 -30.87 18.96 -20.65
CA ASP B 622 -30.66 19.45 -22.00
C ASP B 622 -31.08 20.90 -22.18
N PHE B 623 -31.88 21.46 -21.28
CA PHE B 623 -32.09 22.89 -21.30
C PHE B 623 -31.60 23.58 -20.05
N LEU B 624 -31.32 22.84 -18.98
CA LEU B 624 -30.59 23.45 -17.88
C LEU B 624 -29.13 23.67 -18.25
N PHE B 625 -28.58 22.85 -19.13
CA PHE B 625 -27.17 22.89 -19.50
C PHE B 625 -26.90 23.20 -20.95
N ASP B 626 -27.84 22.85 -21.85
CA ASP B 626 -27.64 22.80 -23.30
C ASP B 626 -26.49 21.86 -23.70
N ASP B 627 -26.29 20.80 -22.91
CA ASP B 627 -25.42 19.68 -23.22
C ASP B 627 -26.21 18.38 -23.05
N GLU B 628 -25.53 17.26 -23.22
CA GLU B 628 -26.09 15.98 -22.82
C GLU B 628 -25.07 15.08 -22.15
N ARG B 629 -23.81 15.51 -22.05
CA ARG B 629 -22.77 14.77 -21.36
C ARG B 629 -22.42 15.39 -20.02
N ALA B 630 -23.11 16.47 -19.64
CA ALA B 630 -22.76 17.24 -18.45
C ALA B 630 -23.45 16.75 -17.20
N MET B 631 -23.77 15.46 -17.13
CA MET B 631 -24.32 14.86 -15.94
C MET B 631 -23.43 13.71 -15.48
N VAL B 632 -23.59 13.32 -14.23
CA VAL B 632 -22.77 12.27 -13.64
C VAL B 632 -23.57 10.99 -13.79
N ARG B 633 -23.37 10.29 -14.91
CA ARG B 633 -24.12 9.08 -15.20
C ARG B 633 -23.30 7.88 -14.75
N ILE B 634 -23.36 7.62 -13.45
CA ILE B 634 -22.80 6.38 -12.93
C ILE B 634 -23.90 5.35 -12.92
N ASP B 635 -23.51 4.08 -12.85
CA ASP B 635 -24.43 2.97 -13.08
C ASP B 635 -24.29 1.98 -11.95
N MET B 636 -25.39 1.71 -11.24
CA MET B 636 -25.38 0.72 -10.18
C MET B 636 -25.78 -0.67 -10.66
N SER B 637 -25.55 -1.00 -11.92
CA SER B 637 -25.71 -2.36 -12.38
C SER B 637 -24.48 -3.20 -12.11
N GLU B 638 -23.40 -2.59 -11.64
CA GLU B 638 -22.13 -3.25 -11.44
C GLU B 638 -21.76 -3.42 -9.98
N TYR B 639 -22.60 -2.93 -9.07
CA TYR B 639 -22.28 -2.96 -7.64
C TYR B 639 -22.92 -4.18 -6.99
N GLY B 640 -22.60 -5.35 -7.55
CA GLY B 640 -23.23 -6.57 -7.10
C GLY B 640 -22.76 -7.06 -5.76
N GLU B 641 -21.58 -6.64 -5.32
CA GLU B 641 -20.93 -7.16 -4.13
C GLU B 641 -20.72 -6.05 -3.10
N LYS B 642 -20.26 -6.47 -1.93
CA LYS B 642 -20.20 -5.59 -0.76
C LYS B 642 -18.99 -4.68 -0.75
N HIS B 643 -18.03 -4.87 -1.65
CA HIS B 643 -16.82 -4.06 -1.65
C HIS B 643 -16.69 -3.18 -2.89
N THR B 644 -17.76 -3.01 -3.66
CA THR B 644 -17.75 -2.04 -4.75
C THR B 644 -18.17 -0.66 -4.29
N VAL B 645 -18.40 -0.48 -2.99
CA VAL B 645 -18.61 0.86 -2.44
C VAL B 645 -17.36 1.70 -2.58
N ALA B 646 -16.19 1.06 -2.44
CA ALA B 646 -14.92 1.77 -2.35
C ALA B 646 -14.50 2.44 -3.65
N ARG B 647 -15.16 2.18 -4.77
CA ARG B 647 -14.73 2.86 -5.97
C ARG B 647 -15.29 4.26 -6.09
N LEU B 648 -16.25 4.64 -5.25
CA LEU B 648 -16.82 5.97 -5.29
C LEU B 648 -16.62 6.74 -3.99
N ILE B 649 -15.81 6.25 -3.07
CA ILE B 649 -15.62 6.96 -1.81
C ILE B 649 -14.14 7.05 -1.51
N GLY B 650 -13.32 6.32 -2.25
CA GLY B 650 -11.88 6.32 -2.05
C GLY B 650 -11.43 5.23 -1.10
N ALA B 651 -10.15 5.13 -0.97
CA ALA B 651 -9.57 4.17 -0.05
C ALA B 651 -9.14 4.85 1.23
N PRO B 652 -9.16 4.14 2.37
CA PRO B 652 -8.63 4.73 3.60
C PRO B 652 -7.13 4.89 3.48
N PRO B 653 -6.54 5.84 4.21
CA PRO B 653 -5.13 6.20 3.95
C PRO B 653 -4.17 5.12 4.43
N GLY B 654 -3.26 4.74 3.54
CA GLY B 654 -2.34 3.64 3.79
C GLY B 654 -2.44 2.52 2.78
N TYR B 655 -3.34 2.59 1.81
CA TYR B 655 -3.55 1.54 0.84
C TYR B 655 -3.17 2.03 -0.56
N VAL B 656 -3.47 1.21 -1.58
CA VAL B 656 -2.81 1.35 -2.87
C VAL B 656 -3.26 2.60 -3.60
N GLY B 657 -4.53 2.68 -3.96
CA GLY B 657 -4.98 3.89 -4.60
C GLY B 657 -5.50 4.85 -3.56
N TYR B 658 -4.65 5.74 -3.07
CA TYR B 658 -5.03 6.72 -2.07
C TYR B 658 -5.06 8.13 -2.62
N GLU B 659 -4.07 8.52 -3.42
CA GLU B 659 -4.15 9.78 -4.14
C GLU B 659 -4.86 9.52 -5.48
N ALA B 660 -6.14 9.19 -5.36
CA ALA B 660 -7.04 9.18 -6.50
C ALA B 660 -8.39 9.80 -6.21
N GLY B 661 -8.83 9.86 -4.96
CA GLY B 661 -10.14 10.38 -4.63
C GLY B 661 -11.25 9.41 -4.97
N GLY B 662 -12.47 9.74 -4.59
CA GLY B 662 -13.61 8.99 -5.05
C GLY B 662 -13.93 9.29 -6.50
N GLN B 663 -14.73 8.43 -7.10
CA GLN B 663 -15.23 8.69 -8.44
C GLN B 663 -16.47 9.58 -8.40
N LEU B 664 -17.13 9.67 -7.27
CA LEU B 664 -18.27 10.55 -7.06
C LEU B 664 -17.88 11.85 -6.37
N THR B 665 -17.03 11.77 -5.35
CA THR B 665 -16.67 12.94 -4.56
C THR B 665 -15.83 13.92 -5.37
N GLU B 666 -14.95 13.43 -6.23
CA GLU B 666 -14.11 14.28 -7.04
C GLU B 666 -14.70 14.52 -8.43
N ALA B 667 -16.02 14.57 -8.54
CA ALA B 667 -16.68 15.02 -9.75
C ALA B 667 -17.79 16.01 -9.48
N VAL B 668 -18.14 16.24 -8.22
CA VAL B 668 -19.13 17.23 -7.83
C VAL B 668 -18.40 18.39 -7.18
N ARG B 669 -17.28 18.09 -6.51
CA ARG B 669 -16.44 19.11 -5.90
C ARG B 669 -15.86 20.07 -6.93
N ARG B 670 -15.68 19.64 -8.17
CA ARG B 670 -15.32 20.55 -9.26
C ARG B 670 -16.44 21.55 -9.52
N ARG B 671 -17.59 21.07 -9.97
CA ARG B 671 -18.74 21.93 -10.29
C ARG B 671 -19.98 21.38 -9.61
N PRO B 672 -20.46 22.00 -8.55
CA PRO B 672 -21.51 21.41 -7.71
C PRO B 672 -22.93 21.74 -8.14
N TYR B 673 -23.25 21.46 -9.40
CA TYR B 673 -24.57 21.79 -9.91
C TYR B 673 -25.20 20.68 -10.76
N THR B 674 -24.44 19.71 -11.24
CA THR B 674 -24.93 18.77 -12.23
C THR B 674 -25.92 17.78 -11.65
N VAL B 675 -26.95 17.45 -12.45
CA VAL B 675 -27.87 16.38 -12.12
C VAL B 675 -27.14 15.04 -12.14
N VAL B 676 -27.47 14.16 -11.20
CA VAL B 676 -26.85 12.85 -11.10
C VAL B 676 -27.94 11.78 -11.15
N LEU B 677 -27.67 10.72 -11.90
CA LEU B 677 -28.56 9.59 -12.03
C LEU B 677 -28.03 8.40 -11.24
N PHE B 678 -28.92 7.44 -11.01
CA PHE B 678 -28.51 6.12 -10.56
C PHE B 678 -29.41 5.12 -11.26
N ASP B 679 -28.81 4.24 -12.05
CA ASP B 679 -29.52 3.43 -13.02
C ASP B 679 -29.65 2.00 -12.51
N GLU B 680 -30.87 1.45 -12.60
CA GLU B 680 -31.21 0.07 -12.23
C GLU B 680 -30.84 -0.23 -10.77
N ILE B 681 -31.58 0.40 -9.87
CA ILE B 681 -31.34 0.32 -8.44
C ILE B 681 -31.65 -1.05 -7.84
N GLU B 682 -32.30 -1.95 -8.60
CA GLU B 682 -32.54 -3.30 -8.12
C GLU B 682 -31.24 -4.06 -7.93
N LYS B 683 -30.41 -4.09 -8.97
CA LYS B 683 -29.33 -5.04 -9.09
C LYS B 683 -28.16 -4.76 -8.16
N ALA B 684 -28.12 -3.60 -7.51
CA ALA B 684 -27.11 -3.36 -6.51
C ALA B 684 -27.41 -4.16 -5.25
N HIS B 685 -26.33 -4.56 -4.57
CA HIS B 685 -26.43 -5.27 -3.30
C HIS B 685 -27.07 -4.35 -2.26
N PRO B 686 -27.82 -4.89 -1.29
CA PRO B 686 -28.41 -4.03 -0.25
C PRO B 686 -27.42 -3.50 0.79
N ASP B 687 -26.32 -2.92 0.32
CA ASP B 687 -25.35 -2.25 1.16
C ASP B 687 -24.93 -0.90 0.60
N VAL B 688 -25.14 -0.66 -0.70
CA VAL B 688 -24.90 0.66 -1.27
C VAL B 688 -26.06 1.60 -0.94
N PHE B 689 -27.22 1.03 -0.57
CA PHE B 689 -28.35 1.83 -0.15
C PHE B 689 -28.03 2.59 1.14
N ASP B 690 -27.28 1.97 2.03
CA ASP B 690 -26.91 2.62 3.27
C ASP B 690 -25.83 3.68 3.07
N VAL B 691 -25.11 3.63 1.96
CA VAL B 691 -24.22 4.73 1.61
C VAL B 691 -25.02 5.88 1.01
N LEU B 692 -25.98 5.55 0.14
CA LEU B 692 -26.84 6.55 -0.48
C LEU B 692 -27.83 7.18 0.51
N LEU B 693 -27.98 6.58 1.71
CA LEU B 693 -28.91 7.08 2.71
C LEU B 693 -28.53 8.47 3.21
N GLN B 694 -27.29 8.64 3.70
CA GLN B 694 -26.93 9.94 4.27
C GLN B 694 -26.64 11.00 3.22
N VAL B 695 -26.53 10.60 1.95
CA VAL B 695 -26.56 11.56 0.85
C VAL B 695 -27.84 12.38 0.91
N LEU B 696 -28.98 11.69 0.98
CA LEU B 696 -30.25 12.32 1.22
C LEU B 696 -30.30 12.80 2.67
N ASP B 697 -31.10 13.86 2.90
CA ASP B 697 -31.55 14.33 4.21
C ASP B 697 -30.44 14.96 5.07
N GLU B 698 -29.19 14.87 4.61
CA GLU B 698 -28.10 15.62 5.22
C GLU B 698 -27.44 16.55 4.22
N GLY B 699 -27.04 16.02 3.07
CA GLY B 699 -26.44 16.82 2.03
C GLY B 699 -24.95 16.67 1.88
N ARG B 700 -24.32 15.67 2.51
CA ARG B 700 -22.88 15.58 2.46
C ARG B 700 -22.42 14.15 2.69
N LEU B 701 -21.21 13.86 2.21
CA LEU B 701 -20.47 12.68 2.62
C LEU B 701 -19.00 13.05 2.67
N THR B 702 -18.16 12.08 3.04
CA THR B 702 -16.73 12.30 3.20
C THR B 702 -15.95 11.38 2.26
N ASP B 703 -14.64 11.46 2.35
CA ASP B 703 -13.73 10.69 1.51
C ASP B 703 -12.58 10.22 2.37
N GLY B 704 -11.49 9.79 1.73
CA GLY B 704 -10.30 9.41 2.49
C GLY B 704 -9.66 10.58 3.21
N HIS B 705 -9.53 11.71 2.51
CA HIS B 705 -8.89 12.88 3.09
C HIS B 705 -9.77 13.60 4.10
N GLY B 706 -11.06 13.28 4.15
CA GLY B 706 -11.94 13.96 5.07
C GLY B 706 -12.47 15.30 4.60
N ARG B 707 -12.24 15.66 3.35
CA ARG B 707 -12.79 16.90 2.80
C ARG B 707 -14.22 16.63 2.37
N THR B 708 -15.18 17.22 3.06
CA THR B 708 -16.58 16.95 2.79
C THR B 708 -17.02 17.65 1.51
N VAL B 709 -17.82 16.96 0.72
CA VAL B 709 -18.44 17.53 -0.46
C VAL B 709 -19.92 17.73 -0.15
N ASP B 710 -20.53 18.69 -0.82
CA ASP B 710 -21.88 19.12 -0.47
C ASP B 710 -22.84 18.94 -1.64
N PHE B 711 -23.83 18.08 -1.44
CA PHE B 711 -24.91 17.88 -2.42
C PHE B 711 -26.11 18.75 -2.09
N ARG B 712 -25.91 20.04 -1.88
CA ARG B 712 -27.04 20.89 -1.50
C ARG B 712 -27.92 21.21 -2.69
N ASN B 713 -27.35 21.32 -3.88
CA ASN B 713 -28.10 21.83 -5.01
C ASN B 713 -27.83 21.04 -6.27
N THR B 714 -27.79 19.72 -6.15
CA THR B 714 -27.84 18.82 -7.29
C THR B 714 -29.28 18.35 -7.47
N ILE B 715 -29.49 17.40 -8.37
CA ILE B 715 -30.77 16.71 -8.50
C ILE B 715 -30.47 15.23 -8.63
N LEU B 716 -30.94 14.44 -7.67
CA LEU B 716 -30.71 13.01 -7.65
C LEU B 716 -31.92 12.31 -8.27
N ILE B 717 -31.67 11.50 -9.30
CA ILE B 717 -32.72 10.80 -10.01
C ILE B 717 -32.44 9.31 -9.97
N LEU B 718 -33.39 8.53 -9.47
CA LEU B 718 -33.23 7.11 -9.24
C LEU B 718 -34.16 6.32 -10.16
N THR B 719 -33.60 5.62 -11.15
CA THR B 719 -34.45 4.81 -12.02
C THR B 719 -34.55 3.40 -11.45
N SER B 720 -35.42 2.60 -12.05
CA SER B 720 -35.73 1.26 -11.55
C SER B 720 -36.43 0.47 -12.64
N ASN B 721 -36.69 -0.82 -12.36
CA ASN B 721 -37.55 -1.67 -13.17
C ASN B 721 -38.39 -2.58 -12.31
N LEU B 722 -38.94 -2.07 -11.20
CA LEU B 722 -39.63 -2.93 -10.27
C LEU B 722 -41.02 -3.32 -10.75
N GLY B 723 -41.46 -4.49 -10.31
CA GLY B 723 -42.84 -4.94 -10.46
C GLY B 723 -43.16 -5.48 -11.83
N SER B 724 -43.36 -4.57 -12.80
CA SER B 724 -43.70 -4.86 -14.19
C SER B 724 -44.96 -5.74 -14.28
N GLY B 725 -46.08 -5.13 -13.87
CA GLY B 725 -47.35 -5.82 -13.96
C GLY B 725 -48.38 -5.49 -12.89
N GLY B 726 -47.97 -4.81 -11.82
CA GLY B 726 -48.95 -4.23 -10.91
C GLY B 726 -49.41 -2.87 -11.40
N SER B 727 -50.71 -2.60 -11.22
CA SER B 727 -51.30 -1.36 -11.70
C SER B 727 -50.72 -0.15 -10.98
N ALA B 728 -51.05 -0.02 -9.70
CA ALA B 728 -50.29 0.84 -8.79
C ALA B 728 -50.11 0.21 -7.42
N GLU B 729 -50.97 -0.72 -7.02
CA GLU B 729 -50.89 -1.27 -5.67
C GLU B 729 -49.77 -2.29 -5.55
N GLN B 730 -49.71 -3.23 -6.51
CA GLN B 730 -48.76 -4.32 -6.40
C GLN B 730 -47.33 -3.87 -6.69
N VAL B 731 -47.15 -2.95 -7.63
CA VAL B 731 -45.81 -2.46 -7.93
C VAL B 731 -45.30 -1.56 -6.80
N LEU B 732 -46.19 -1.02 -5.99
CA LEU B 732 -45.79 -0.33 -4.77
C LEU B 732 -45.73 -1.28 -3.58
N ALA B 733 -46.31 -2.46 -3.69
CA ALA B 733 -46.15 -3.49 -2.68
C ALA B 733 -44.88 -4.32 -2.90
N ALA B 734 -44.25 -4.19 -4.05
CA ALA B 734 -42.96 -4.83 -4.28
C ALA B 734 -41.79 -3.98 -3.83
N VAL B 735 -41.99 -2.67 -3.66
CA VAL B 735 -40.94 -1.79 -3.18
C VAL B 735 -40.63 -2.08 -1.72
N ARG B 736 -41.68 -2.32 -0.93
CA ARG B 736 -41.56 -2.41 0.51
C ARG B 736 -40.82 -3.67 0.97
N ALA B 737 -40.81 -4.71 0.16
CA ALA B 737 -40.03 -5.90 0.50
C ALA B 737 -38.55 -5.72 0.30
N THR B 738 -38.13 -4.80 -0.57
CA THR B 738 -36.73 -4.63 -0.91
C THR B 738 -36.09 -3.40 -0.27
N PHE B 739 -36.84 -2.32 -0.10
CA PHE B 739 -36.31 -1.10 0.51
C PHE B 739 -36.83 -0.99 1.94
N LYS B 740 -35.95 -0.57 2.84
CA LYS B 740 -36.29 -0.45 4.25
C LYS B 740 -37.24 0.73 4.47
N PRO B 741 -37.94 0.78 5.62
CA PRO B 741 -38.81 1.93 5.90
C PRO B 741 -38.06 3.23 6.20
N GLU B 742 -36.74 3.22 6.25
CA GLU B 742 -35.97 4.45 6.41
C GLU B 742 -35.29 4.88 5.12
N PHE B 743 -35.66 4.29 3.99
CA PHE B 743 -35.19 4.74 2.69
C PHE B 743 -36.32 5.19 1.78
N ILE B 744 -37.50 4.61 1.90
CA ILE B 744 -38.70 5.18 1.28
C ILE B 744 -39.01 6.52 1.93
N ASN B 745 -38.72 6.63 3.23
CA ASN B 745 -39.02 7.80 4.02
C ASN B 745 -38.17 9.00 3.61
N ARG B 746 -36.99 8.77 3.03
CA ARG B 746 -36.12 9.89 2.67
C ARG B 746 -36.52 10.53 1.35
N LEU B 747 -37.16 9.78 0.47
CA LEU B 747 -37.35 10.23 -0.90
C LEU B 747 -38.48 11.23 -1.00
N ASP B 748 -38.53 11.89 -2.16
CA ASP B 748 -39.66 12.67 -2.64
C ASP B 748 -40.68 11.75 -3.29
N ASP B 749 -41.56 12.31 -4.12
CA ASP B 749 -42.67 11.60 -4.74
C ASP B 749 -42.19 10.38 -5.52
N VAL B 750 -42.52 9.20 -5.01
CA VAL B 750 -42.22 7.94 -5.69
C VAL B 750 -43.17 7.81 -6.87
N LEU B 751 -42.66 8.01 -8.08
CA LEU B 751 -43.51 8.11 -9.23
C LEU B 751 -43.75 6.75 -9.87
N ILE B 752 -44.84 6.66 -10.62
CA ILE B 752 -45.22 5.47 -11.37
C ILE B 752 -45.39 5.88 -12.82
N PHE B 753 -44.84 5.10 -13.74
CA PHE B 753 -45.01 5.40 -15.16
C PHE B 753 -46.06 4.49 -15.75
N GLU B 754 -46.99 5.08 -16.50
CA GLU B 754 -48.00 4.31 -17.20
C GLU B 754 -47.41 3.64 -18.43
N GLY B 755 -48.22 2.85 -19.10
CA GLY B 755 -47.85 2.25 -20.37
C GLY B 755 -47.99 3.24 -21.51
N LEU B 756 -48.25 2.71 -22.70
CA LEU B 756 -48.37 3.55 -23.89
C LEU B 756 -49.68 3.23 -24.59
N ASN B 757 -50.50 4.25 -24.77
CA ASN B 757 -51.69 4.09 -25.61
C ASN B 757 -51.26 4.00 -27.07
N PRO B 758 -52.06 3.34 -27.91
CA PRO B 758 -51.79 3.38 -29.36
C PRO B 758 -51.99 4.75 -29.97
N GLU B 759 -52.71 5.66 -29.30
CA GLU B 759 -52.81 7.03 -29.77
C GLU B 759 -51.48 7.76 -29.62
N GLU B 760 -50.75 7.49 -28.54
CA GLU B 760 -49.46 8.12 -28.31
C GLU B 760 -48.42 7.66 -29.32
N LEU B 761 -48.40 6.35 -29.60
CA LEU B 761 -47.35 5.70 -30.37
C LEU B 761 -47.33 6.14 -31.84
N VAL B 762 -48.39 6.81 -32.31
CA VAL B 762 -48.34 7.48 -33.61
C VAL B 762 -47.27 8.56 -33.60
N ARG B 763 -47.39 9.50 -32.66
CA ARG B 763 -46.63 10.74 -32.71
C ARG B 763 -45.14 10.52 -32.49
N ILE B 764 -44.80 9.49 -31.70
CA ILE B 764 -43.43 9.04 -31.49
C ILE B 764 -42.73 8.82 -32.83
N VAL B 765 -43.44 8.14 -33.74
CA VAL B 765 -42.91 7.80 -35.07
C VAL B 765 -42.48 9.05 -35.82
N ASP B 766 -43.24 10.13 -35.64
CA ASP B 766 -42.93 11.43 -36.24
C ASP B 766 -41.53 11.88 -35.88
N ILE B 767 -41.26 11.94 -34.56
CA ILE B 767 -39.96 12.37 -34.05
C ILE B 767 -38.87 11.43 -34.54
N GLN B 768 -39.20 10.12 -34.59
CA GLN B 768 -38.25 9.11 -35.07
C GLN B 768 -37.82 9.41 -36.48
N LEU B 769 -38.79 9.62 -37.37
CA LEU B 769 -38.45 9.91 -38.75
C LEU B 769 -37.81 11.28 -38.87
N ALA B 770 -38.25 12.22 -38.02
CA ALA B 770 -37.65 13.55 -38.00
C ALA B 770 -36.20 13.45 -37.58
N GLN B 771 -35.91 12.59 -36.60
CA GLN B 771 -34.54 12.42 -36.15
C GLN B 771 -33.70 11.80 -37.25
N LEU B 772 -34.29 10.87 -38.01
CA LEU B 772 -33.55 10.23 -39.08
C LEU B 772 -33.28 11.23 -40.19
N GLY B 773 -34.18 12.19 -40.38
CA GLY B 773 -33.93 13.25 -41.35
C GLY B 773 -32.72 14.07 -40.97
N LYS B 774 -32.58 14.38 -39.68
CA LYS B 774 -31.43 15.15 -39.26
C LYS B 774 -30.17 14.31 -39.15
N ARG B 775 -30.29 12.98 -39.33
CA ARG B 775 -29.07 12.20 -39.50
C ARG B 775 -28.63 12.20 -40.95
N LEU B 776 -29.54 12.43 -41.89
CA LEU B 776 -29.20 12.38 -43.31
C LEU B 776 -29.05 13.75 -43.92
N ALA B 777 -28.49 14.70 -43.18
CA ALA B 777 -28.21 16.02 -43.73
C ALA B 777 -26.80 16.14 -44.28
N GLN B 778 -25.87 15.32 -43.79
CA GLN B 778 -24.50 15.37 -44.29
C GLN B 778 -24.43 14.89 -45.74
N ARG B 779 -25.20 13.87 -46.08
CA ARG B 779 -25.26 13.38 -47.44
C ARG B 779 -26.23 14.18 -48.30
N ARG B 780 -26.92 15.16 -47.71
CA ARG B 780 -27.96 15.98 -48.35
C ARG B 780 -29.06 15.11 -48.96
N LEU B 781 -29.37 13.97 -48.34
CA LEU B 781 -30.41 13.08 -48.81
C LEU B 781 -31.67 13.33 -48.00
N GLN B 782 -32.72 13.76 -48.67
CA GLN B 782 -34.00 14.06 -48.03
C GLN B 782 -34.99 12.98 -48.43
N LEU B 783 -35.86 12.61 -47.49
CA LEU B 783 -36.82 11.55 -47.75
C LEU B 783 -38.22 11.99 -47.35
N GLN B 784 -39.19 11.64 -48.18
CA GLN B 784 -40.58 12.05 -48.05
C GLN B 784 -41.41 10.87 -47.59
N VAL B 785 -42.00 10.99 -46.40
CA VAL B 785 -42.81 9.94 -45.82
C VAL B 785 -44.28 10.28 -46.00
N SER B 786 -45.02 9.37 -46.63
CA SER B 786 -46.44 9.57 -46.84
C SER B 786 -47.21 9.22 -45.57
N LEU B 787 -48.44 9.74 -45.50
CA LEU B 787 -49.33 9.39 -44.40
C LEU B 787 -49.73 7.91 -44.32
N PRO B 788 -49.95 7.15 -45.42
CA PRO B 788 -50.15 5.70 -45.23
C PRO B 788 -48.97 4.96 -44.65
N ALA B 789 -47.75 5.28 -45.08
CA ALA B 789 -46.57 4.67 -44.48
C ALA B 789 -46.37 5.12 -43.04
N LYS B 790 -46.93 6.26 -42.67
CA LYS B 790 -46.78 6.76 -41.31
C LYS B 790 -47.82 6.15 -40.38
N ARG B 791 -49.02 5.89 -40.87
CA ARG B 791 -50.01 5.17 -40.07
C ARG B 791 -49.82 3.66 -40.14
N TRP B 792 -48.97 3.17 -41.03
CA TRP B 792 -48.71 1.73 -41.10
C TRP B 792 -47.81 1.25 -39.98
N LEU B 793 -46.88 2.09 -39.52
CA LEU B 793 -45.88 1.63 -38.55
C LEU B 793 -46.48 1.45 -37.17
N ALA B 794 -47.47 2.24 -36.80
CA ALA B 794 -48.13 2.03 -35.51
C ALA B 794 -49.00 0.79 -35.51
N GLN B 795 -49.42 0.33 -36.69
CA GLN B 795 -50.19 -0.91 -36.77
C GLN B 795 -49.30 -2.13 -36.57
N ARG B 796 -48.10 -2.11 -37.15
CA ARG B 796 -47.21 -3.26 -37.09
C ARG B 796 -46.42 -3.30 -35.78
N GLY B 797 -46.01 -2.14 -35.27
CA GLY B 797 -45.09 -2.11 -34.15
C GLY B 797 -45.67 -1.75 -32.80
N PHE B 798 -46.83 -2.29 -32.46
CA PHE B 798 -47.43 -2.08 -31.14
C PHE B 798 -47.33 -3.38 -30.34
N ASP B 799 -46.64 -3.30 -29.20
CA ASP B 799 -46.54 -4.42 -28.26
C ASP B 799 -46.73 -3.82 -26.87
N PRO B 800 -47.75 -4.21 -26.12
CA PRO B 800 -47.96 -3.65 -24.78
C PRO B 800 -47.07 -4.23 -23.70
N VAL B 801 -46.09 -5.05 -24.04
CA VAL B 801 -45.16 -5.61 -23.08
C VAL B 801 -43.81 -4.92 -23.14
N TYR B 802 -43.34 -4.60 -24.33
CA TYR B 802 -41.99 -4.10 -24.53
C TYR B 802 -41.94 -2.60 -24.84
N GLY B 803 -43.03 -1.87 -24.65
CA GLY B 803 -42.98 -0.42 -24.79
C GLY B 803 -42.86 0.04 -26.22
N ALA B 804 -42.00 1.03 -26.45
CA ALA B 804 -41.80 1.63 -27.76
C ALA B 804 -40.43 1.34 -28.36
N ARG B 805 -39.59 0.61 -27.66
CA ARG B 805 -38.30 0.20 -28.22
C ARG B 805 -38.40 -0.76 -29.43
N PRO B 806 -39.33 -1.73 -29.51
CA PRO B 806 -39.41 -2.52 -30.76
C PRO B 806 -39.84 -1.74 -31.99
N LEU B 807 -40.35 -0.52 -31.87
CA LEU B 807 -40.66 0.25 -33.06
C LEU B 807 -39.40 0.76 -33.72
N ARG B 808 -38.35 0.99 -32.93
CA ARG B 808 -37.08 1.50 -33.43
C ARG B 808 -36.19 0.39 -33.96
N ARG B 809 -36.71 -0.82 -34.06
CA ARG B 809 -36.17 -1.81 -34.98
C ARG B 809 -37.02 -1.92 -36.23
N LEU B 810 -38.32 -1.63 -36.12
CA LEU B 810 -39.21 -1.67 -37.27
C LEU B 810 -38.89 -0.56 -38.26
N VAL B 811 -38.44 0.61 -37.76
CA VAL B 811 -38.08 1.71 -38.65
C VAL B 811 -36.87 1.36 -39.49
N GLN B 812 -35.89 0.69 -38.90
CA GLN B 812 -34.68 0.35 -39.63
C GLN B 812 -34.78 -0.97 -40.38
N GLN B 813 -35.80 -1.78 -40.11
CA GLN B 813 -36.07 -2.91 -40.98
C GLN B 813 -36.94 -2.53 -42.16
N ALA B 814 -37.85 -1.58 -41.99
CA ALA B 814 -38.67 -1.13 -43.11
C ALA B 814 -37.82 -0.31 -44.08
N ILE B 815 -37.27 0.79 -43.60
CA ILE B 815 -36.56 1.72 -44.48
C ILE B 815 -35.10 1.33 -44.65
N GLY B 816 -34.43 0.98 -43.55
CA GLY B 816 -32.97 0.89 -43.56
C GLY B 816 -32.39 -0.27 -44.35
N ASP B 817 -33.12 -1.40 -44.41
CA ASP B 817 -32.59 -2.61 -45.05
C ASP B 817 -32.34 -2.41 -46.53
N GLN B 818 -33.26 -1.73 -47.22
CA GLN B 818 -33.12 -1.48 -48.64
C GLN B 818 -32.50 -0.13 -48.95
N LEU B 819 -32.60 0.84 -48.04
CA LEU B 819 -31.91 2.11 -48.26
C LEU B 819 -30.40 1.95 -48.15
N ALA B 820 -29.94 1.05 -47.27
CA ALA B 820 -28.50 0.81 -47.17
C ALA B 820 -27.96 0.10 -48.41
N LYS B 821 -28.81 -0.67 -49.10
CA LYS B 821 -28.38 -1.29 -50.34
C LYS B 821 -28.42 -0.29 -51.49
N MET B 822 -29.47 0.53 -51.57
CA MET B 822 -29.57 1.51 -52.64
C MET B 822 -28.57 2.65 -52.50
N LEU B 823 -28.09 2.92 -51.29
CA LEU B 823 -27.26 4.10 -51.09
C LEU B 823 -25.83 3.90 -51.55
N LEU B 824 -25.32 2.67 -51.52
CA LEU B 824 -23.93 2.41 -51.87
C LEU B 824 -23.76 1.65 -53.17
N ALA B 825 -24.85 1.26 -53.82
CA ALA B 825 -24.77 0.60 -55.12
C ALA B 825 -24.80 1.58 -56.28
N GLY B 826 -24.70 2.88 -55.99
CA GLY B 826 -24.93 3.88 -57.01
C GLY B 826 -26.40 4.27 -57.05
N GLN B 827 -26.73 5.01 -58.13
CA GLN B 827 -28.08 5.37 -58.60
C GLN B 827 -28.95 6.15 -57.61
N VAL B 828 -28.43 6.48 -56.43
CA VAL B 828 -29.08 7.37 -55.48
C VAL B 828 -28.02 8.34 -54.98
N HIS B 829 -28.28 9.65 -55.13
CA HIS B 829 -27.26 10.65 -54.86
C HIS B 829 -27.88 11.79 -54.07
N ASP B 830 -27.03 12.78 -53.77
CA ASP B 830 -27.46 13.97 -53.07
C ASP B 830 -28.41 14.81 -53.92
N GLY B 831 -29.33 15.49 -53.25
CA GLY B 831 -30.34 16.27 -53.92
C GLY B 831 -31.67 15.57 -54.10
N ASP B 832 -31.73 14.26 -53.86
CA ASP B 832 -32.95 13.50 -54.07
C ASP B 832 -33.93 13.73 -52.93
N THR B 833 -35.21 13.71 -53.28
CA THR B 833 -36.29 13.62 -52.31
C THR B 833 -36.88 12.22 -52.50
N VAL B 834 -36.27 11.24 -51.83
CA VAL B 834 -36.63 9.84 -51.97
C VAL B 834 -37.95 9.58 -51.27
N PRO B 835 -38.99 9.14 -51.97
CA PRO B 835 -40.26 8.87 -51.31
C PRO B 835 -40.34 7.46 -50.78
N VAL B 836 -41.12 7.29 -49.71
CA VAL B 836 -41.52 5.96 -49.26
C VAL B 836 -43.03 5.86 -49.35
N ASN B 837 -43.51 4.81 -50.01
CA ASN B 837 -44.92 4.63 -50.27
C ASN B 837 -45.23 3.16 -50.19
N VAL B 838 -46.45 2.84 -49.72
CA VAL B 838 -46.79 1.47 -49.34
C VAL B 838 -47.12 0.71 -50.62
N SER B 839 -46.14 -0.01 -51.15
CA SER B 839 -46.46 -1.22 -51.89
C SER B 839 -47.12 -2.19 -50.90
N PRO B 840 -48.23 -2.89 -51.30
CA PRO B 840 -49.26 -3.36 -50.33
C PRO B 840 -48.85 -4.08 -49.05
N ASP B 841 -47.60 -4.54 -48.93
CA ASP B 841 -47.08 -4.99 -47.64
C ASP B 841 -45.88 -4.19 -47.15
N ALA B 842 -44.84 -4.05 -47.97
CA ALA B 842 -43.58 -3.48 -47.54
C ALA B 842 -43.58 -1.97 -47.75
N ASP B 843 -42.41 -1.34 -47.65
CA ASP B 843 -42.26 0.09 -47.92
C ASP B 843 -41.31 0.23 -49.10
N SER B 844 -41.85 0.14 -50.32
CA SER B 844 -41.03 0.24 -51.51
C SER B 844 -40.68 1.69 -51.79
N LEU B 845 -39.44 1.92 -52.22
CA LEU B 845 -38.94 3.26 -52.46
C LEU B 845 -39.53 3.85 -53.75
N GLN C 159 17.38 44.19 -13.21
CA GLN C 159 18.01 43.88 -14.48
C GLN C 159 18.10 42.37 -14.68
N ALA C 160 17.87 41.62 -13.62
CA ALA C 160 17.92 40.15 -13.70
C ALA C 160 16.73 39.58 -14.44
N LEU C 161 15.67 40.37 -14.64
CA LEU C 161 14.54 39.93 -15.44
C LEU C 161 14.93 39.76 -16.90
N GLN C 162 15.95 40.47 -17.35
CA GLN C 162 16.49 40.24 -18.69
C GLN C 162 17.15 38.87 -18.80
N LYS C 163 17.63 38.31 -17.69
CA LYS C 163 18.48 37.13 -17.71
C LYS C 163 17.77 35.86 -17.27
N TYR C 164 16.77 35.97 -16.40
CA TYR C 164 16.06 34.80 -15.88
C TYR C 164 14.71 34.56 -16.52
N SER C 165 14.12 35.58 -17.15
CA SER C 165 12.75 35.49 -17.64
C SER C 165 12.72 35.61 -19.15
N THR C 166 11.60 35.17 -19.71
CA THR C 166 11.28 35.42 -21.12
C THR C 166 10.47 36.70 -21.20
N ASP C 167 9.84 36.96 -22.35
CA ASP C 167 8.88 38.05 -22.46
C ASP C 167 7.78 37.60 -23.40
N LEU C 168 6.55 38.07 -23.12
CA LEU C 168 5.39 37.74 -23.93
C LEU C 168 4.68 38.98 -24.45
N THR C 169 5.23 40.17 -24.23
CA THR C 169 4.72 41.38 -24.83
C THR C 169 5.56 41.83 -26.02
N ALA C 170 6.88 41.67 -25.90
CA ALA C 170 7.77 41.86 -27.04
C ALA C 170 7.47 40.85 -28.13
N ARG C 171 7.11 39.61 -27.75
CA ARG C 171 6.66 38.63 -28.71
C ARG C 171 5.24 38.87 -29.18
N ALA C 172 4.51 39.79 -28.54
CA ALA C 172 3.17 40.12 -29.00
C ALA C 172 3.18 41.29 -29.98
N ARG C 173 4.15 42.19 -29.86
CA ARG C 173 4.26 43.29 -30.82
C ARG C 173 4.81 42.85 -32.16
N GLU C 174 5.39 41.65 -32.24
CA GLU C 174 5.86 41.11 -33.51
C GLU C 174 4.82 40.24 -34.19
N GLY C 175 3.68 40.01 -33.55
CA GLY C 175 2.65 39.18 -34.14
C GLY C 175 2.97 37.71 -34.18
N LYS C 176 3.96 37.26 -33.39
CA LYS C 176 4.41 35.88 -33.41
C LYS C 176 3.63 34.99 -32.46
N LEU C 177 2.40 35.36 -32.14
CA LEU C 177 1.50 34.54 -31.36
C LEU C 177 0.26 34.25 -32.19
N ASP C 178 -0.44 33.20 -31.83
CA ASP C 178 -1.61 32.86 -32.62
C ASP C 178 -2.81 33.73 -32.21
N PRO C 179 -3.68 34.07 -33.16
CA PRO C 179 -4.87 34.87 -32.82
C PRO C 179 -5.84 34.05 -31.98
N VAL C 180 -6.33 34.67 -30.92
CA VAL C 180 -7.15 33.99 -29.92
C VAL C 180 -8.61 34.35 -30.16
N ILE C 181 -9.42 33.34 -30.45
CA ILE C 181 -10.76 33.53 -30.95
C ILE C 181 -11.74 33.03 -29.90
N GLY C 182 -12.81 33.78 -29.69
CA GLY C 182 -13.79 33.35 -28.72
C GLY C 182 -13.34 33.59 -27.30
N ARG C 183 -14.13 33.04 -26.38
CA ARG C 183 -13.92 33.10 -24.93
C ARG C 183 -13.84 34.53 -24.43
N ASP C 184 -14.94 35.25 -24.58
CA ASP C 184 -15.01 36.59 -24.02
C ASP C 184 -15.18 36.56 -22.51
N ASN C 185 -15.91 35.57 -22.00
CA ASN C 185 -16.26 35.55 -20.58
C ASN C 185 -15.05 35.27 -19.71
N GLU C 186 -14.11 34.46 -20.17
CA GLU C 186 -12.96 34.17 -19.33
C GLU C 186 -11.95 35.30 -19.34
N ILE C 187 -11.77 36.00 -20.46
CA ILE C 187 -10.94 37.20 -20.47
C ILE C 187 -11.55 38.27 -19.58
N ARG C 188 -12.89 38.40 -19.62
CA ARG C 188 -13.53 39.39 -18.77
C ARG C 188 -13.45 39.02 -17.31
N ARG C 189 -13.50 37.72 -16.99
CA ARG C 189 -13.34 37.27 -15.60
C ARG C 189 -11.92 37.49 -15.11
N VAL C 190 -10.92 37.25 -15.95
CA VAL C 190 -9.54 37.46 -15.54
C VAL C 190 -9.23 38.94 -15.34
N VAL C 191 -9.75 39.80 -16.22
CA VAL C 191 -9.54 41.24 -16.04
C VAL C 191 -10.32 41.76 -14.84
N GLN C 192 -11.49 41.17 -14.56
CA GLN C 192 -12.25 41.52 -13.37
C GLN C 192 -11.50 41.15 -12.09
N VAL C 193 -10.88 39.98 -12.06
CA VAL C 193 -10.15 39.55 -10.86
C VAL C 193 -8.85 40.32 -10.72
N LEU C 194 -8.17 40.59 -11.83
CA LEU C 194 -6.81 41.12 -11.80
C LEU C 194 -6.77 42.64 -11.56
N SER C 195 -7.86 43.26 -11.11
CA SER C 195 -7.86 44.69 -10.83
C SER C 195 -8.43 45.01 -9.46
N ARG C 196 -8.67 44.01 -8.61
CA ARG C 196 -9.15 44.28 -7.27
C ARG C 196 -7.98 44.75 -6.39
N ARG C 197 -8.32 45.12 -5.15
CA ARG C 197 -7.35 45.81 -4.30
C ARG C 197 -6.29 44.86 -3.76
N THR C 198 -6.70 43.85 -3.02
CA THR C 198 -5.79 42.85 -2.49
C THR C 198 -6.09 41.51 -3.15
N LYS C 199 -5.08 40.64 -3.12
CA LYS C 199 -5.21 39.22 -3.47
C LYS C 199 -5.62 39.06 -4.94
N ASN C 200 -5.01 39.84 -5.82
CA ASN C 200 -5.35 39.84 -7.23
C ASN C 200 -4.39 38.94 -8.00
N ASN C 201 -4.73 37.65 -8.06
CA ASN C 201 -3.96 36.67 -8.82
C ASN C 201 -4.82 35.46 -9.16
N PRO C 202 -5.14 35.24 -10.43
CA PRO C 202 -6.00 34.12 -10.80
C PRO C 202 -5.22 32.87 -11.15
N VAL C 203 -5.91 31.74 -11.03
CA VAL C 203 -5.40 30.44 -11.43
C VAL C 203 -6.39 29.86 -12.42
N LEU C 204 -5.95 29.63 -13.64
CA LEU C 204 -6.79 29.05 -14.68
C LEU C 204 -6.79 27.54 -14.55
N ILE C 205 -7.97 26.95 -14.42
CA ILE C 205 -8.11 25.53 -14.12
C ILE C 205 -9.00 24.88 -15.17
N GLY C 206 -8.52 23.79 -15.75
CA GLY C 206 -9.34 23.01 -16.67
C GLY C 206 -8.57 21.78 -17.10
N GLU C 207 -9.31 20.82 -17.63
CA GLU C 207 -8.72 19.60 -18.14
C GLU C 207 -7.84 19.91 -19.35
N PRO C 208 -6.75 19.15 -19.57
CA PRO C 208 -5.72 19.61 -20.51
C PRO C 208 -6.18 19.54 -21.95
N GLY C 209 -5.96 20.65 -22.67
CA GLY C 209 -6.39 20.79 -24.05
C GLY C 209 -7.31 21.98 -24.27
N VAL C 210 -7.98 22.47 -23.23
CA VAL C 210 -9.08 23.40 -23.42
C VAL C 210 -8.64 24.81 -23.80
N GLY C 211 -7.37 25.14 -23.62
CA GLY C 211 -6.89 26.47 -23.87
C GLY C 211 -6.74 27.23 -22.57
N LYS C 212 -5.54 27.25 -22.02
CA LYS C 212 -5.27 27.96 -20.78
C LYS C 212 -4.04 28.82 -21.02
N THR C 213 -3.19 28.34 -21.91
CA THR C 213 -2.11 29.14 -22.47
C THR C 213 -2.63 30.10 -23.54
N ALA C 214 -3.74 29.75 -24.21
CA ALA C 214 -4.30 30.65 -25.20
C ALA C 214 -4.93 31.88 -24.58
N ILE C 215 -5.47 31.75 -23.37
CA ILE C 215 -6.17 32.85 -22.71
C ILE C 215 -5.21 33.98 -22.35
N VAL C 216 -4.03 33.62 -21.84
CA VAL C 216 -3.05 34.62 -21.43
C VAL C 216 -2.48 35.34 -22.65
N GLU C 217 -2.29 34.60 -23.74
CA GLU C 217 -1.81 35.23 -24.97
C GLU C 217 -2.87 36.12 -25.60
N GLY C 218 -4.15 35.77 -25.45
CA GLY C 218 -5.20 36.68 -25.88
C GLY C 218 -5.27 37.92 -25.03
N LEU C 219 -4.99 37.80 -23.74
CA LEU C 219 -4.89 38.98 -22.88
C LEU C 219 -3.71 39.86 -23.28
N ALA C 220 -2.60 39.27 -23.71
CA ALA C 220 -1.48 40.06 -24.21
C ALA C 220 -1.84 40.77 -25.51
N GLN C 221 -2.57 40.07 -26.40
CA GLN C 221 -3.11 40.70 -27.61
C GLN C 221 -4.00 41.89 -27.27
N ARG C 222 -4.82 41.75 -26.24
CA ARG C 222 -5.73 42.83 -25.88
C ARG C 222 -4.98 44.00 -25.25
N ILE C 223 -3.94 43.72 -24.46
CA ILE C 223 -3.13 44.78 -23.87
C ILE C 223 -2.42 45.59 -24.94
N VAL C 224 -1.87 44.91 -25.94
CA VAL C 224 -1.26 45.64 -27.06
C VAL C 224 -2.32 46.37 -27.89
N ALA C 225 -3.52 45.79 -28.01
CA ALA C 225 -4.58 46.41 -28.80
C ALA C 225 -5.17 47.63 -28.09
N GLY C 226 -5.76 47.42 -26.92
CA GLY C 226 -6.28 48.55 -26.17
C GLY C 226 -7.76 48.47 -25.83
N ASP C 227 -8.33 47.26 -25.77
CA ASP C 227 -9.67 47.07 -25.25
C ASP C 227 -9.71 46.96 -23.73
N VAL C 228 -8.56 47.13 -23.08
CA VAL C 228 -8.41 46.99 -21.64
C VAL C 228 -9.08 48.17 -20.93
N PRO C 229 -9.35 48.10 -19.62
CA PRO C 229 -9.68 49.31 -18.88
C PRO C 229 -8.48 50.23 -18.76
N GLU C 230 -8.73 51.42 -18.22
CA GLU C 230 -7.67 52.42 -18.12
C GLU C 230 -6.68 52.10 -17.02
N SER C 231 -7.00 51.19 -16.11
CA SER C 231 -6.05 50.80 -15.07
C SER C 231 -4.95 49.91 -15.62
N LEU C 232 -5.26 49.04 -16.58
CA LEU C 232 -4.33 48.06 -17.11
C LEU C 232 -3.62 48.53 -18.37
N ARG C 233 -3.36 49.82 -18.51
CA ARG C 233 -2.66 50.30 -19.69
C ARG C 233 -1.16 50.12 -19.52
N ASP C 234 -0.53 49.49 -20.52
CA ASP C 234 0.92 49.39 -20.70
C ASP C 234 1.58 48.69 -19.51
N LYS C 235 1.30 47.39 -19.39
CA LYS C 235 1.73 46.61 -18.24
C LYS C 235 2.90 45.67 -18.50
N THR C 236 3.07 45.17 -19.73
CA THR C 236 4.23 44.39 -20.18
C THR C 236 4.43 43.11 -19.35
N ILE C 237 3.52 42.16 -19.62
CA ILE C 237 3.56 40.81 -19.02
C ILE C 237 4.93 40.16 -19.19
N VAL C 238 5.51 39.73 -18.08
CA VAL C 238 6.83 39.10 -18.04
C VAL C 238 6.66 37.71 -17.47
N ALA C 239 7.09 36.69 -18.20
CA ALA C 239 6.93 35.30 -17.81
C ALA C 239 8.18 34.83 -17.07
N LEU C 240 8.04 34.60 -15.76
CA LEU C 240 9.14 34.10 -14.95
C LEU C 240 9.43 32.63 -15.27
N ASP C 241 10.47 32.11 -14.62
CA ASP C 241 10.85 30.71 -14.71
C ASP C 241 11.33 30.24 -13.36
N LEU C 242 10.58 29.36 -12.73
CA LEU C 242 11.04 28.63 -11.55
C LEU C 242 11.68 27.30 -11.92
N GLY C 243 11.99 27.09 -13.19
CA GLY C 243 12.76 25.94 -13.62
C GLY C 243 14.20 26.32 -13.90
N SER C 244 14.39 27.41 -14.62
CA SER C 244 15.71 27.85 -15.04
C SER C 244 16.37 28.77 -14.03
N MET C 245 15.89 28.78 -12.80
CA MET C 245 16.44 29.66 -11.78
C MET C 245 17.13 28.85 -10.68
N VAL C 246 17.15 27.53 -10.82
CA VAL C 246 17.80 26.64 -9.88
C VAL C 246 18.93 25.96 -10.67
N ALA C 247 19.53 26.74 -11.58
CA ALA C 247 20.55 26.23 -12.49
C ALA C 247 21.79 25.70 -11.77
N GLY C 248 22.58 26.58 -11.18
CA GLY C 248 23.62 26.11 -10.29
C GLY C 248 23.46 26.76 -8.94
N SER C 249 22.98 26.00 -7.98
CA SER C 249 22.72 26.54 -6.65
C SER C 249 23.04 25.53 -5.58
N LYS C 250 24.16 24.82 -5.72
CA LYS C 250 24.46 23.77 -4.74
C LYS C 250 24.95 24.30 -3.40
N TYR C 251 25.16 25.61 -3.29
CA TYR C 251 25.55 26.22 -2.03
C TYR C 251 24.32 26.59 -1.23
N ARG C 252 24.49 26.75 0.08
CA ARG C 252 23.36 26.78 0.99
C ARG C 252 22.62 28.11 1.03
N GLY C 253 22.96 29.07 0.17
CA GLY C 253 22.20 30.30 0.17
C GLY C 253 22.02 30.98 -1.17
N GLU C 254 22.23 30.29 -2.28
CA GLU C 254 22.25 31.01 -3.56
C GLU C 254 20.85 31.22 -4.13
N PHE C 255 20.03 30.16 -4.15
CA PHE C 255 18.68 30.24 -4.71
C PHE C 255 17.79 31.19 -3.91
N GLU C 256 18.00 31.25 -2.61
CA GLU C 256 17.17 32.06 -1.73
C GLU C 256 17.37 33.55 -2.00
N GLU C 257 18.63 33.99 -2.09
CA GLU C 257 18.89 35.39 -2.43
C GLU C 257 18.60 35.68 -3.89
N ARG C 258 18.67 34.67 -4.75
CA ARG C 258 18.32 34.87 -6.16
C ARG C 258 16.83 35.18 -6.31
N LEU C 259 15.98 34.40 -5.67
CA LEU C 259 14.55 34.67 -5.68
C LEU C 259 14.22 35.97 -4.97
N LYS C 260 14.96 36.31 -3.91
CA LYS C 260 14.73 37.58 -3.23
C LYS C 260 15.14 38.76 -4.11
N ALA C 261 16.18 38.60 -4.94
CA ALA C 261 16.56 39.66 -5.85
C ALA C 261 15.52 39.84 -6.95
N VAL C 262 14.92 38.74 -7.41
CA VAL C 262 13.86 38.84 -8.41
C VAL C 262 12.63 39.52 -7.82
N LEU C 263 12.26 39.18 -6.57
CA LEU C 263 11.11 39.82 -5.95
C LEU C 263 11.35 41.28 -5.64
N ASP C 264 12.58 41.66 -5.30
CA ASP C 264 12.87 43.08 -5.11
C ASP C 264 12.94 43.82 -6.44
N ASP C 265 13.27 43.14 -7.53
CA ASP C 265 13.24 43.79 -8.83
C ASP C 265 11.80 44.04 -9.29
N ILE C 266 10.89 43.11 -8.97
CA ILE C 266 9.48 43.34 -9.28
C ILE C 266 8.90 44.42 -8.38
N LYS C 267 9.20 44.36 -7.08
CA LYS C 267 8.65 45.35 -6.14
C LYS C 267 9.24 46.73 -6.36
N ASN C 268 10.45 46.81 -6.91
CA ASN C 268 11.13 48.08 -7.13
C ASN C 268 10.60 48.81 -8.37
N SER C 269 9.70 48.21 -9.12
CA SER C 269 8.99 48.88 -10.20
C SER C 269 7.57 49.16 -9.75
N ALA C 270 7.16 50.42 -9.83
CA ALA C 270 5.96 50.91 -9.16
C ALA C 270 4.70 50.44 -9.88
N GLY C 271 4.33 49.19 -9.64
CA GLY C 271 3.05 48.65 -10.07
C GLY C 271 2.87 48.51 -11.56
N GLN C 272 3.82 47.87 -12.23
CA GLN C 272 3.73 47.70 -13.68
C GLN C 272 3.72 46.24 -14.10
N ILE C 273 4.64 45.43 -13.61
CA ILE C 273 4.88 44.11 -14.19
C ILE C 273 3.80 43.13 -13.73
N ILE C 274 3.13 42.52 -14.70
CA ILE C 274 2.27 41.36 -14.46
C ILE C 274 3.12 40.11 -14.64
N THR C 275 3.40 39.40 -13.57
CA THR C 275 4.13 38.16 -13.71
C THR C 275 3.20 37.07 -14.26
N PHE C 276 3.81 36.04 -14.86
CA PHE C 276 3.06 34.92 -15.40
C PHE C 276 3.89 33.66 -15.17
N ILE C 277 3.50 32.87 -14.18
CA ILE C 277 4.17 31.62 -13.90
C ILE C 277 3.30 30.49 -14.41
N ASP C 278 3.79 29.82 -15.45
CA ASP C 278 3.08 28.71 -16.07
C ASP C 278 3.38 27.42 -15.32
N GLU C 279 2.33 26.63 -15.10
CA GLU C 279 2.35 25.38 -14.34
C GLU C 279 2.86 25.61 -12.92
N LEU C 280 2.09 26.38 -12.16
CA LEU C 280 2.51 26.77 -10.83
C LEU C 280 2.30 25.68 -9.79
N HIS C 281 1.97 24.45 -10.15
CA HIS C 281 1.91 23.42 -9.14
C HIS C 281 3.29 22.92 -8.74
N THR C 282 4.33 23.30 -9.46
CA THR C 282 5.71 22.95 -9.13
C THR C 282 6.43 24.09 -8.42
N ILE C 283 5.70 25.05 -7.88
CA ILE C 283 6.32 26.13 -7.12
C ILE C 283 6.32 25.84 -5.63
N VAL C 284 5.62 24.80 -5.19
CA VAL C 284 5.55 24.50 -3.76
C VAL C 284 6.89 23.97 -3.25
N GLY C 285 7.33 22.84 -3.77
CA GLY C 285 8.62 22.29 -3.39
C GLY C 285 9.72 22.70 -4.35
N ALA C 286 9.96 24.00 -4.48
CA ALA C 286 10.98 24.47 -5.42
C ALA C 286 12.38 24.24 -4.88
N GLY C 287 12.71 24.85 -3.75
CA GLY C 287 14.00 24.67 -3.14
C GLY C 287 13.95 23.76 -1.93
N ALA C 288 14.43 22.53 -2.08
CA ALA C 288 14.41 21.58 -0.98
C ALA C 288 15.65 21.77 -0.12
N THR C 289 15.46 22.36 1.06
CA THR C 289 16.56 22.57 2.01
C THR C 289 16.68 21.41 2.99
N GLY C 290 16.80 20.19 2.47
CA GLY C 290 16.88 19.01 3.31
C GLY C 290 15.52 18.50 3.73
N ALA C 293 12.11 20.62 6.33
CA ALA C 293 12.37 22.02 6.66
C ALA C 293 11.97 22.92 5.49
N MET C 294 10.70 23.33 5.49
CA MET C 294 10.16 24.12 4.39
C MET C 294 10.65 25.56 4.53
N ASP C 295 11.49 26.00 3.59
CA ASP C 295 11.94 27.39 3.59
C ASP C 295 12.01 27.94 2.17
N ALA C 296 11.34 27.31 1.21
CA ALA C 296 11.27 27.83 -0.14
C ALA C 296 9.90 27.51 -0.72
N GLY C 297 9.39 28.43 -1.53
CA GLY C 297 8.00 28.40 -1.92
C GLY C 297 7.07 29.11 -0.97
N ASN C 298 7.53 29.36 0.27
CA ASN C 298 6.83 30.22 1.21
C ASN C 298 7.64 31.49 1.50
N MET C 299 8.26 32.03 0.47
CA MET C 299 8.81 33.38 0.50
C MET C 299 7.86 34.38 -0.15
N ILE C 300 7.17 33.96 -1.22
CA ILE C 300 6.10 34.78 -1.79
C ILE C 300 4.83 34.72 -0.96
N LYS C 301 4.73 33.79 -0.02
CA LYS C 301 3.54 33.64 0.80
C LYS C 301 3.17 34.87 1.64
N PRO C 302 4.10 35.62 2.26
CA PRO C 302 3.67 36.89 2.85
C PRO C 302 3.50 38.02 1.85
N MET C 303 3.95 37.86 0.61
CA MET C 303 3.88 38.95 -0.34
C MET C 303 2.58 38.93 -1.13
N LEU C 304 2.02 37.75 -1.37
CA LEU C 304 0.76 37.64 -2.11
C LEU C 304 -0.41 38.18 -1.32
N ALA C 305 -0.32 38.16 0.02
CA ALA C 305 -1.44 38.55 0.86
C ALA C 305 -1.75 40.03 0.75
N ARG C 306 -0.72 40.87 0.56
CA ARG C 306 -0.96 42.27 0.25
C ARG C 306 -1.19 42.50 -1.24
N GLY C 307 -0.81 41.54 -2.07
CA GLY C 307 -1.04 41.64 -3.50
C GLY C 307 -0.16 42.64 -4.21
N GLU C 308 1.15 42.40 -4.19
CA GLU C 308 2.09 43.28 -4.88
C GLU C 308 2.52 42.75 -6.24
N LEU C 309 2.47 41.44 -6.45
CA LEU C 309 2.78 40.83 -7.73
C LEU C 309 1.53 40.12 -8.22
N ARG C 310 1.29 40.17 -9.53
CA ARG C 310 -0.05 39.89 -10.06
C ARG C 310 -0.28 38.44 -10.46
N LEU C 311 0.75 37.72 -10.92
CA LEU C 311 0.85 36.25 -10.87
C LEU C 311 -0.29 35.52 -11.58
N VAL C 312 -0.31 35.62 -12.89
CA VAL C 312 -1.21 34.79 -13.68
C VAL C 312 -0.61 33.40 -13.79
N GLY C 313 -1.43 32.37 -13.55
CA GLY C 313 -0.99 31.00 -13.69
C GLY C 313 -2.03 30.15 -14.41
N ALA C 314 -1.65 28.91 -14.70
CA ALA C 314 -2.54 27.99 -15.40
C ALA C 314 -2.11 26.56 -15.08
N THR C 315 -2.85 25.89 -14.19
CA THR C 315 -2.55 24.52 -13.82
C THR C 315 -3.68 23.60 -14.21
N THR C 316 -3.33 22.33 -14.38
CA THR C 316 -4.29 21.29 -14.74
C THR C 316 -5.20 21.02 -13.54
N LEU C 317 -6.39 20.50 -13.82
CA LEU C 317 -7.39 20.28 -12.79
C LEU C 317 -6.99 19.19 -11.80
N ASP C 318 -6.44 18.10 -12.28
CA ASP C 318 -6.06 16.98 -11.42
C ASP C 318 -4.61 17.06 -10.94
N GLU C 319 -3.88 18.11 -11.32
CA GLU C 319 -2.61 18.45 -10.69
C GLU C 319 -2.78 19.45 -9.57
N TYR C 320 -4.01 19.85 -9.28
CA TYR C 320 -4.30 20.89 -8.30
C TYR C 320 -4.63 20.33 -6.93
N ARG C 321 -5.30 19.18 -6.86
CA ARG C 321 -5.58 18.55 -5.57
C ARG C 321 -4.49 17.59 -5.16
N LYS C 322 -3.35 17.60 -5.84
CA LYS C 322 -2.21 16.76 -5.48
C LYS C 322 -1.08 17.56 -4.87
N HIS C 323 -0.95 18.83 -5.21
CA HIS C 323 0.15 19.65 -4.72
C HIS C 323 -0.30 20.86 -3.92
N ILE C 324 -1.33 21.57 -4.36
CA ILE C 324 -1.73 22.80 -3.68
C ILE C 324 -2.72 22.53 -2.55
N GLU C 325 -3.72 21.68 -2.80
CA GLU C 325 -4.65 21.28 -1.74
C GLU C 325 -3.97 20.45 -0.66
N LYS C 326 -2.84 19.80 -0.99
CA LYS C 326 -1.97 19.19 0.01
C LYS C 326 -1.42 20.24 0.98
N ASP C 327 -1.15 21.44 0.47
CA ASP C 327 -0.38 22.45 1.19
C ASP C 327 -1.16 23.76 1.24
N ALA C 328 -2.41 23.65 1.74
CA ALA C 328 -3.55 24.57 1.71
C ALA C 328 -3.32 25.89 2.39
N ALA C 329 -2.16 26.28 2.90
CA ALA C 329 -1.99 27.67 3.33
C ALA C 329 -1.99 28.62 2.13
N LEU C 330 -1.53 28.16 0.98
CA LEU C 330 -1.46 29.00 -0.21
C LEU C 330 -2.76 29.07 -0.98
N GLU C 331 -3.66 28.11 -0.79
CA GLU C 331 -4.79 27.97 -1.72
C GLU C 331 -5.81 29.08 -1.58
N ARG C 332 -5.71 29.86 -0.50
CA ARG C 332 -6.61 30.96 -0.26
C ARG C 332 -6.09 32.22 -0.96
N ARG C 333 -4.79 32.27 -1.22
CA ARG C 333 -4.21 33.42 -1.89
C ARG C 333 -4.61 33.53 -3.35
N PHE C 334 -5.19 32.48 -3.95
CA PHE C 334 -5.49 32.46 -5.36
C PHE C 334 -6.99 32.44 -5.59
N GLN C 335 -7.47 33.27 -6.50
CA GLN C 335 -8.80 33.08 -7.04
C GLN C 335 -8.77 32.02 -8.12
N GLN C 336 -9.87 31.33 -8.30
CA GLN C 336 -9.95 30.24 -9.26
C GLN C 336 -10.84 30.62 -10.43
N VAL C 337 -10.38 30.34 -11.64
CA VAL C 337 -11.14 30.59 -12.85
C VAL C 337 -11.26 29.26 -13.58
N TYR C 338 -12.45 28.68 -13.55
CA TYR C 338 -12.69 27.41 -14.19
C TYR C 338 -12.84 27.62 -15.69
N VAL C 339 -12.27 26.71 -16.48
CA VAL C 339 -12.38 26.77 -17.93
C VAL C 339 -12.91 25.44 -18.43
N GLY C 340 -14.07 25.48 -19.08
CA GLY C 340 -14.65 24.31 -19.70
C GLY C 340 -14.49 24.32 -21.20
N GLU C 341 -14.51 23.12 -21.79
CA GLU C 341 -14.31 22.99 -23.22
C GLU C 341 -15.54 23.50 -23.98
N PRO C 342 -15.36 23.95 -25.21
CA PRO C 342 -16.51 24.37 -26.01
C PRO C 342 -17.25 23.17 -26.61
N SER C 343 -18.27 23.47 -27.39
CA SER C 343 -19.04 22.49 -28.12
C SER C 343 -18.59 22.49 -29.58
N VAL C 344 -19.34 21.78 -30.43
CA VAL C 344 -18.96 21.62 -31.82
C VAL C 344 -19.12 22.93 -32.58
N GLU C 345 -20.21 23.65 -32.32
CA GLU C 345 -20.54 24.84 -33.09
C GLU C 345 -19.54 25.97 -32.86
N ASP C 346 -18.93 26.04 -31.67
CA ASP C 346 -17.89 27.03 -31.45
C ASP C 346 -16.55 26.56 -32.01
N THR C 347 -16.33 25.25 -32.06
CA THR C 347 -15.12 24.72 -32.68
C THR C 347 -15.10 25.00 -34.18
N ILE C 348 -16.28 25.00 -34.80
CA ILE C 348 -16.40 25.39 -36.20
C ILE C 348 -15.96 26.83 -36.39
N GLY C 349 -16.32 27.71 -35.45
CA GLY C 349 -15.90 29.09 -35.53
C GLY C 349 -14.43 29.31 -35.22
N ILE C 350 -13.85 28.47 -34.36
CA ILE C 350 -12.43 28.60 -34.04
C ILE C 350 -11.58 28.16 -35.23
N LEU C 351 -11.94 27.03 -35.85
CA LEU C 351 -11.14 26.48 -36.95
C LEU C 351 -11.11 27.37 -38.18
N ARG C 352 -12.12 28.21 -38.39
CA ARG C 352 -12.08 29.10 -39.54
C ARG C 352 -11.17 30.29 -39.35
N GLY C 353 -10.61 30.49 -38.15
CA GLY C 353 -9.72 31.61 -37.95
C GLY C 353 -8.28 31.18 -37.96
N LEU C 354 -8.03 29.90 -37.68
CA LEU C 354 -6.70 29.33 -37.77
C LEU C 354 -6.37 28.81 -39.16
N LYS C 355 -7.26 29.04 -40.13
CA LYS C 355 -6.98 28.69 -41.52
C LYS C 355 -6.31 29.88 -42.22
N ASP C 356 -5.31 30.43 -41.56
CA ASP C 356 -4.48 31.54 -42.03
C ASP C 356 -3.03 31.32 -41.70
N ARG C 357 -2.72 30.38 -40.81
CA ARG C 357 -1.37 30.08 -40.39
C ARG C 357 -0.88 28.75 -40.94
N TYR C 358 -1.77 27.83 -41.24
CA TYR C 358 -1.43 26.55 -41.85
C TYR C 358 -1.38 26.62 -43.36
N GLU C 359 -1.89 27.70 -43.96
CA GLU C 359 -1.70 27.94 -45.38
C GLU C 359 -0.35 28.58 -45.68
N VAL C 360 0.30 29.16 -44.68
CA VAL C 360 1.61 29.78 -44.87
C VAL C 360 2.73 28.79 -44.62
N HIS C 361 2.63 28.03 -43.53
CA HIS C 361 3.64 27.01 -43.24
C HIS C 361 3.58 25.86 -44.23
N HIS C 362 2.39 25.52 -44.71
CA HIS C 362 2.21 24.56 -45.79
C HIS C 362 1.50 25.31 -46.90
N GLY C 363 2.19 25.51 -48.03
CA GLY C 363 1.61 26.30 -49.11
C GLY C 363 0.54 25.57 -49.89
N VAL C 364 -0.61 25.35 -49.26
CA VAL C 364 -1.71 24.59 -49.86
C VAL C 364 -2.99 25.41 -49.76
N ARG C 365 -4.11 24.81 -50.16
CA ARG C 365 -5.42 25.43 -50.04
C ARG C 365 -6.32 24.48 -49.25
N ILE C 366 -7.16 25.05 -48.38
CA ILE C 366 -7.98 24.25 -47.47
C ILE C 366 -9.44 24.60 -47.70
N THR C 367 -10.25 23.58 -47.97
CA THR C 367 -11.69 23.74 -48.16
C THR C 367 -12.37 23.88 -46.81
N ASP C 368 -13.42 24.71 -46.76
CA ASP C 368 -14.24 24.85 -45.56
C ASP C 368 -15.00 23.56 -45.25
N SER C 369 -15.26 22.75 -46.27
CA SER C 369 -15.90 21.46 -46.06
C SER C 369 -15.05 20.54 -45.19
N ALA C 370 -13.72 20.67 -45.27
CA ALA C 370 -12.84 19.90 -44.38
C ALA C 370 -13.03 20.33 -42.93
N LEU C 371 -13.24 21.62 -42.69
CA LEU C 371 -13.43 22.11 -41.33
C LEU C 371 -14.77 21.65 -40.78
N VAL C 372 -15.83 21.79 -41.57
CA VAL C 372 -17.15 21.39 -41.10
C VAL C 372 -17.28 19.87 -41.05
N ALA C 373 -16.38 19.14 -41.72
CA ALA C 373 -16.31 17.69 -41.53
C ALA C 373 -15.60 17.36 -40.23
N ALA C 374 -14.36 17.83 -40.07
CA ALA C 374 -13.51 17.42 -38.96
C ALA C 374 -13.99 17.94 -37.61
N ALA C 375 -14.81 18.98 -37.59
CA ALA C 375 -15.35 19.44 -36.31
C ALA C 375 -16.40 18.47 -35.77
N THR C 376 -16.99 17.66 -36.62
CA THR C 376 -18.04 16.73 -36.22
C THR C 376 -17.60 15.27 -36.28
N LEU C 377 -16.74 14.94 -37.24
CA LEU C 377 -16.31 13.56 -37.45
C LEU C 377 -15.37 13.06 -36.37
N SER C 378 -14.66 13.95 -35.68
CA SER C 378 -13.85 13.58 -34.53
C SER C 378 -14.57 13.83 -33.22
N ASP C 379 -15.90 13.84 -33.25
CA ASP C 379 -16.70 13.82 -32.04
C ASP C 379 -17.27 12.43 -31.78
N ARG C 380 -17.08 11.50 -32.71
CA ARG C 380 -17.51 10.12 -32.53
C ARG C 380 -16.37 9.14 -32.36
N TYR C 381 -15.19 9.43 -32.93
CA TYR C 381 -14.17 8.41 -33.11
C TYR C 381 -13.06 8.51 -32.08
N ILE C 382 -12.37 9.63 -32.01
CA ILE C 382 -11.23 9.77 -31.09
C ILE C 382 -11.81 10.28 -29.78
N THR C 383 -12.29 9.34 -28.98
CA THR C 383 -12.91 9.66 -27.70
C THR C 383 -11.90 9.49 -26.56
N ALA C 384 -10.80 10.24 -26.67
CA ALA C 384 -9.75 10.19 -25.67
C ALA C 384 -9.17 11.53 -25.29
N ARG C 385 -9.46 12.61 -26.02
CA ARG C 385 -8.97 13.93 -25.69
C ARG C 385 -10.12 14.90 -25.61
N PHE C 386 -9.82 16.20 -25.54
CA PHE C 386 -10.82 17.25 -25.49
C PHE C 386 -10.61 18.18 -26.67
N LEU C 387 -11.62 18.99 -26.97
CA LEU C 387 -11.81 19.53 -28.32
C LEU C 387 -11.89 21.04 -28.37
N PRO C 388 -10.78 21.75 -28.15
CA PRO C 388 -10.50 22.88 -29.02
C PRO C 388 -9.40 22.56 -30.01
N ASP C 389 -8.68 21.46 -29.77
CA ASP C 389 -7.46 21.16 -30.50
C ASP C 389 -7.43 19.79 -31.15
N LYS C 390 -8.29 18.88 -30.71
CA LYS C 390 -8.34 17.54 -31.28
C LYS C 390 -8.88 17.55 -32.71
N ALA C 391 -9.50 18.64 -33.14
CA ALA C 391 -9.81 18.84 -34.55
C ALA C 391 -8.72 19.60 -35.30
N ILE C 392 -7.78 20.23 -34.60
CA ILE C 392 -6.70 20.94 -35.29
C ILE C 392 -5.70 19.96 -35.89
N ASP C 393 -5.38 18.91 -35.12
CA ASP C 393 -4.33 17.99 -35.52
C ASP C 393 -4.71 17.19 -36.75
N LEU C 394 -5.99 16.89 -36.93
CA LEU C 394 -6.43 16.23 -38.16
C LEU C 394 -6.23 17.12 -39.38
N VAL C 395 -6.48 18.42 -39.21
CA VAL C 395 -6.28 19.36 -40.31
C VAL C 395 -4.81 19.47 -40.68
N ASP C 396 -3.94 19.55 -39.67
CA ASP C 396 -2.51 19.71 -39.97
C ASP C 396 -1.91 18.42 -40.53
N GLU C 397 -2.34 17.26 -40.03
CA GLU C 397 -1.83 16.01 -40.57
C GLU C 397 -2.37 15.74 -41.98
N ALA C 398 -3.58 16.19 -42.28
CA ALA C 398 -4.04 16.08 -43.66
C ALA C 398 -3.31 17.04 -44.59
N ALA C 399 -2.90 18.21 -44.07
CA ALA C 399 -2.06 19.10 -44.87
C ALA C 399 -0.71 18.47 -45.16
N SER C 400 -0.15 17.74 -44.19
CA SER C 400 1.09 17.02 -44.47
C SER C 400 0.88 15.87 -45.44
N ARG C 401 -0.28 15.20 -45.37
CA ARG C 401 -0.63 14.18 -46.37
C ARG C 401 -0.66 14.76 -47.77
N LEU C 402 -1.17 15.98 -47.91
CA LEU C 402 -1.21 16.58 -49.25
C LEU C 402 0.17 17.07 -49.69
N ARG C 403 0.95 17.63 -48.76
CA ARG C 403 2.28 18.13 -49.10
C ARG C 403 3.24 17.01 -49.47
N MET C 404 3.05 15.81 -48.91
CA MET C 404 3.86 14.67 -49.33
C MET C 404 3.57 14.24 -50.76
N GLU C 405 2.40 14.59 -51.30
CA GLU C 405 2.05 14.23 -52.67
C GLU C 405 2.27 15.37 -53.66
N ILE C 406 2.21 16.62 -53.21
CA ILE C 406 2.55 17.74 -54.08
C ILE C 406 4.05 17.73 -54.37
N ASP C 407 4.85 17.25 -53.43
CA ASP C 407 6.26 17.01 -53.70
C ASP C 407 6.39 15.78 -54.59
N SER C 408 7.65 15.40 -54.84
CA SER C 408 8.17 14.90 -56.13
C SER C 408 7.23 14.08 -56.98
N ARG C 409 6.68 12.99 -56.44
CA ARG C 409 5.65 12.24 -57.14
C ARG C 409 4.81 11.51 -56.11
N PRO C 410 3.57 11.21 -56.53
CA PRO C 410 2.50 10.55 -55.76
C PRO C 410 2.84 9.47 -54.73
N VAL C 411 1.88 8.60 -54.46
CA VAL C 411 2.03 7.55 -53.45
C VAL C 411 1.84 6.07 -53.82
N GLU C 412 0.65 5.66 -54.28
CA GLU C 412 0.47 4.24 -54.53
C GLU C 412 1.66 3.73 -55.32
N ILE C 413 1.82 4.30 -56.52
CA ILE C 413 2.97 3.99 -57.36
C ILE C 413 4.25 3.82 -56.52
N ASP C 414 4.41 4.64 -55.50
CA ASP C 414 5.51 4.49 -54.56
C ASP C 414 5.38 3.18 -53.79
N GLU C 415 4.17 2.94 -53.28
CA GLU C 415 3.87 1.70 -52.57
C GLU C 415 4.26 0.49 -53.41
N VAL C 416 3.76 0.45 -54.63
CA VAL C 416 4.00 -0.68 -55.53
C VAL C 416 5.46 -0.81 -55.93
N GLU C 417 6.14 0.33 -56.12
CA GLU C 417 7.55 0.30 -56.50
C GLU C 417 8.39 -0.31 -55.38
N ARG C 418 8.14 0.14 -54.15
CA ARG C 418 8.85 -0.38 -52.99
C ARG C 418 8.55 -1.86 -52.78
N LEU C 419 7.28 -2.23 -52.97
CA LEU C 419 6.87 -3.62 -52.80
C LEU C 419 7.55 -4.54 -53.82
N VAL C 420 7.53 -4.16 -55.09
CA VAL C 420 8.14 -4.97 -56.14
C VAL C 420 9.66 -4.99 -56.01
N ARG C 421 10.24 -3.91 -55.48
CA ARG C 421 11.68 -3.91 -55.23
C ARG C 421 11.97 -4.93 -54.13
N ARG C 422 11.09 -5.00 -53.14
CA ARG C 422 11.26 -5.93 -52.02
C ARG C 422 11.19 -7.38 -52.51
N LEU C 423 10.13 -7.69 -53.23
CA LEU C 423 9.93 -9.04 -53.76
C LEU C 423 11.06 -9.42 -54.72
N GLU C 424 11.54 -8.43 -55.47
CA GLU C 424 12.69 -8.63 -56.34
C GLU C 424 13.91 -9.06 -55.52
N ILE C 425 14.22 -8.28 -54.48
CA ILE C 425 15.30 -8.60 -53.56
C ILE C 425 15.22 -10.04 -53.06
N GLU C 426 14.11 -10.34 -52.39
CA GLU C 426 13.87 -11.67 -51.84
C GLU C 426 14.09 -12.76 -52.89
N GLU C 427 13.41 -12.63 -54.02
CA GLU C 427 13.50 -13.62 -55.10
C GLU C 427 14.93 -13.85 -55.58
N MET C 428 15.65 -12.77 -55.84
CA MET C 428 17.02 -12.89 -56.34
C MET C 428 17.95 -13.47 -55.27
N ALA C 429 17.64 -13.21 -54.01
CA ALA C 429 18.40 -13.80 -52.91
C ALA C 429 18.19 -15.29 -52.87
N LEU C 430 16.97 -15.72 -53.18
CA LEU C 430 16.64 -17.15 -53.18
C LEU C 430 17.27 -17.90 -54.34
N SER C 431 17.59 -17.17 -55.41
CA SER C 431 18.19 -17.77 -56.60
C SER C 431 19.63 -18.24 -56.35
N LEU C 442 12.12 -19.35 -55.80
CA LEU C 442 10.97 -19.95 -55.11
C LEU C 442 9.81 -20.13 -56.08
N ALA C 443 10.01 -19.67 -57.32
CA ALA C 443 8.90 -19.45 -58.26
C ALA C 443 7.87 -18.63 -57.50
N LYS C 444 6.59 -18.99 -57.64
CA LYS C 444 5.60 -18.41 -56.74
C LYS C 444 5.59 -16.90 -56.79
N LEU C 445 6.34 -16.33 -55.85
CA LEU C 445 6.69 -14.93 -55.88
C LEU C 445 7.03 -14.43 -57.29
N ARG C 446 7.70 -15.25 -58.09
CA ARG C 446 7.98 -14.97 -59.50
C ARG C 446 6.72 -14.53 -60.26
N SER C 447 5.64 -15.29 -60.08
CA SER C 447 4.31 -14.92 -60.57
C SER C 447 3.85 -13.59 -59.98
N GLU C 448 3.87 -13.49 -58.65
CA GLU C 448 3.31 -12.32 -57.96
C GLU C 448 4.11 -11.08 -58.29
N LEU C 449 5.39 -11.27 -58.60
CA LEU C 449 6.23 -10.23 -59.15
C LEU C 449 5.57 -9.72 -60.43
N ALA C 450 5.48 -10.61 -61.41
CA ALA C 450 4.97 -10.30 -62.75
C ALA C 450 3.61 -9.60 -62.69
N ASP C 451 2.68 -10.16 -61.93
CA ASP C 451 1.36 -9.56 -61.74
C ASP C 451 1.48 -8.14 -61.22
N GLN C 452 2.30 -7.97 -60.18
CA GLN C 452 2.51 -6.67 -59.56
C GLN C 452 3.20 -5.72 -60.54
N LYS C 453 3.94 -6.29 -61.49
CA LYS C 453 4.61 -5.47 -62.50
C LYS C 453 3.61 -5.05 -63.56
N GLU C 454 2.58 -5.88 -63.78
CA GLU C 454 1.52 -5.54 -64.71
C GLU C 454 0.77 -4.35 -64.13
N LYS C 455 0.32 -4.51 -62.88
CA LYS C 455 -0.42 -3.47 -62.19
C LYS C 455 0.34 -2.16 -62.17
N LEU C 456 1.58 -2.20 -61.68
CA LEU C 456 2.41 -1.00 -61.59
C LEU C 456 2.60 -0.37 -62.96
N ALA C 457 2.60 -1.20 -64.01
CA ALA C 457 2.70 -0.67 -65.36
C ALA C 457 1.44 0.12 -65.67
N GLU C 458 0.29 -0.53 -65.48
CA GLU C 458 -1.00 0.06 -65.83
C GLU C 458 -1.17 1.40 -65.15
N LEU C 459 -1.05 1.41 -63.82
CA LEU C 459 -1.13 2.64 -63.05
C LEU C 459 -0.21 3.71 -63.61
N THR C 460 1.03 3.32 -63.89
CA THR C 460 2.02 4.28 -64.38
C THR C 460 1.46 4.93 -65.63
N THR C 461 0.96 4.11 -66.55
CA THR C 461 0.46 4.63 -67.80
C THR C 461 -0.69 5.59 -67.49
N ARG C 462 -1.58 5.14 -66.60
CA ARG C 462 -2.73 5.94 -66.21
C ARG C 462 -2.25 7.29 -65.71
N TRP C 463 -1.21 7.26 -64.88
CA TRP C 463 -0.65 8.48 -64.32
C TRP C 463 -0.33 9.43 -65.47
N GLN C 464 0.47 8.93 -66.41
CA GLN C 464 0.88 9.74 -67.55
C GLN C 464 -0.34 10.30 -68.25
N ASN C 465 -1.33 9.44 -68.47
CA ASN C 465 -2.52 9.83 -69.19
C ASN C 465 -3.15 11.02 -68.49
N GLU C 466 -3.31 10.90 -67.17
CA GLU C 466 -3.91 11.96 -66.37
C GLU C 466 -3.13 13.23 -66.57
N LYS C 467 -1.81 13.13 -66.43
CA LYS C 467 -0.93 14.28 -66.57
C LYS C 467 -1.22 14.96 -67.90
N ASN C 468 -1.30 14.15 -68.96
CA ASN C 468 -1.52 14.67 -70.30
C ASN C 468 -2.77 15.53 -70.30
N ALA C 469 -3.85 14.97 -69.76
CA ALA C 469 -5.12 15.67 -69.69
C ALA C 469 -4.91 17.04 -69.05
N LYS C 530 -5.24 17.42 -58.29
CA LYS C 530 -5.78 18.30 -57.26
C LYS C 530 -4.67 18.91 -56.41
N GLU C 531 -4.98 20.03 -55.76
CA GLU C 531 -4.01 20.74 -54.96
C GLU C 531 -4.57 21.18 -53.61
N GLU C 532 -5.79 20.79 -53.27
CA GLU C 532 -6.41 21.19 -52.02
C GLU C 532 -6.84 19.95 -51.24
N VAL C 533 -7.03 20.14 -49.94
CA VAL C 533 -7.53 19.07 -49.08
C VAL C 533 -9.05 19.12 -49.08
N GLY C 534 -9.65 17.95 -48.90
CA GLY C 534 -11.09 17.84 -48.83
C GLY C 534 -11.51 16.96 -47.68
N PRO C 535 -12.82 16.74 -47.52
CA PRO C 535 -13.32 15.95 -46.38
C PRO C 535 -13.08 14.45 -46.49
N ASP C 536 -12.48 13.97 -47.58
CA ASP C 536 -12.06 12.59 -47.67
C ASP C 536 -10.69 12.33 -47.06
N ASP C 537 -9.78 13.30 -47.15
CA ASP C 537 -8.46 13.11 -46.56
C ASP C 537 -8.52 13.12 -45.04
N ILE C 538 -9.44 13.90 -44.48
CA ILE C 538 -9.69 13.87 -43.03
C ILE C 538 -10.13 12.49 -42.61
N ALA C 539 -11.03 11.89 -43.39
CA ALA C 539 -11.54 10.55 -43.08
C ALA C 539 -10.45 9.50 -43.24
N ASP C 540 -9.55 9.68 -44.22
CA ASP C 540 -8.47 8.72 -44.40
C ASP C 540 -7.45 8.82 -43.27
N VAL C 541 -7.20 10.03 -42.77
CA VAL C 541 -6.32 10.20 -41.62
C VAL C 541 -6.93 9.57 -40.37
N VAL C 542 -8.23 9.74 -40.16
CA VAL C 542 -8.87 9.09 -39.02
C VAL C 542 -8.93 7.58 -39.21
N SER C 543 -8.98 7.11 -40.46
CA SER C 543 -8.89 5.68 -40.70
C SER C 543 -7.49 5.15 -40.41
N ALA C 544 -6.48 5.98 -40.55
CA ALA C 544 -5.09 5.56 -40.35
C ALA C 544 -4.68 5.55 -38.88
N TRP C 545 -5.58 5.85 -37.96
CA TRP C 545 -5.22 6.03 -36.55
C TRP C 545 -6.46 5.83 -35.72
N THR C 546 -6.41 4.84 -34.81
CA THR C 546 -7.58 4.17 -34.23
C THR C 546 -8.46 3.61 -35.36
N GLY C 547 -7.93 2.54 -35.96
CA GLY C 547 -8.17 2.13 -37.33
C GLY C 547 -9.56 1.72 -37.78
N ILE C 548 -10.58 2.13 -37.03
CA ILE C 548 -11.97 2.14 -37.45
C ILE C 548 -12.11 2.77 -38.84
N PRO C 549 -12.50 2.02 -39.87
CA PRO C 549 -12.60 2.61 -41.21
C PRO C 549 -13.77 3.56 -41.30
N ALA C 550 -13.50 4.77 -41.82
CA ALA C 550 -14.47 5.84 -41.78
C ALA C 550 -14.48 6.66 -43.08
N GLY C 551 -14.10 6.05 -44.19
CA GLY C 551 -14.00 6.75 -45.44
C GLY C 551 -15.34 7.00 -46.11
N ARG C 552 -15.29 7.31 -47.40
CA ARG C 552 -16.48 7.43 -48.23
C ARG C 552 -16.83 6.08 -48.85
N LEU C 553 -16.02 5.05 -48.59
CA LEU C 553 -16.06 3.73 -49.23
C LEU C 553 -15.92 3.87 -50.74
N LEU C 554 -14.73 4.35 -51.12
CA LEU C 554 -14.43 4.67 -52.52
C LEU C 554 -13.62 3.54 -53.15
N GLU C 555 -14.31 2.67 -53.88
CA GLU C 555 -13.77 1.75 -54.89
C GLU C 555 -12.95 0.59 -54.30
N GLY C 556 -12.65 0.64 -53.01
CA GLY C 556 -11.75 -0.34 -52.41
C GLY C 556 -12.47 -1.59 -51.96
N GLU C 557 -13.65 -1.42 -51.35
CA GLU C 557 -14.36 -2.53 -50.75
C GLU C 557 -15.78 -2.69 -51.23
N THR C 558 -16.29 -1.78 -52.08
CA THR C 558 -17.67 -1.88 -52.53
C THR C 558 -17.89 -3.13 -53.38
N ALA C 559 -16.88 -3.50 -54.17
CA ALA C 559 -16.92 -4.76 -54.88
C ALA C 559 -16.89 -5.94 -53.93
N LYS C 560 -16.22 -5.81 -52.78
CA LYS C 560 -16.29 -6.86 -51.78
C LYS C 560 -17.53 -6.72 -50.91
N LEU C 561 -18.01 -5.50 -50.69
CA LEU C 561 -19.25 -5.32 -49.92
C LEU C 561 -20.48 -5.82 -50.65
N LEU C 562 -20.45 -5.92 -51.97
CA LEU C 562 -21.57 -6.56 -52.65
C LEU C 562 -21.38 -8.07 -52.74
N ARG C 563 -20.18 -8.52 -53.09
CA ARG C 563 -19.84 -9.94 -53.05
C ARG C 563 -19.40 -10.30 -51.63
N MET C 564 -20.36 -10.30 -50.72
CA MET C 564 -20.05 -10.56 -49.33
C MET C 564 -20.92 -11.65 -48.73
N GLU C 565 -22.18 -11.74 -49.14
CA GLU C 565 -23.04 -12.82 -48.65
C GLU C 565 -22.64 -14.15 -49.28
N ASP C 566 -22.42 -14.17 -50.59
CA ASP C 566 -22.01 -15.41 -51.23
C ASP C 566 -20.53 -15.70 -51.01
N GLU C 567 -19.72 -14.67 -50.74
CA GLU C 567 -18.32 -14.92 -50.43
C GLU C 567 -18.17 -15.54 -49.05
N LEU C 568 -19.07 -15.21 -48.13
CA LEU C 568 -19.09 -15.85 -46.83
C LEU C 568 -19.66 -17.26 -46.89
N GLY C 569 -20.31 -17.62 -47.98
CA GLY C 569 -20.83 -18.95 -48.20
C GLY C 569 -19.81 -19.96 -48.70
N LYS C 570 -18.54 -19.58 -48.81
CA LYS C 570 -17.47 -20.52 -49.09
C LYS C 570 -16.96 -21.21 -47.83
N ARG C 571 -17.51 -20.86 -46.67
CA ARG C 571 -17.12 -21.45 -45.40
C ARG C 571 -18.31 -21.86 -44.55
N VAL C 572 -19.48 -21.27 -44.75
CA VAL C 572 -20.70 -21.65 -44.06
C VAL C 572 -21.70 -22.11 -45.11
N ILE C 573 -22.21 -23.32 -44.97
CA ILE C 573 -23.13 -23.92 -45.93
C ILE C 573 -24.54 -23.80 -45.38
N GLY C 574 -25.43 -23.19 -46.17
CA GLY C 574 -26.80 -23.02 -45.73
C GLY C 574 -26.91 -21.92 -44.70
N GLN C 575 -28.06 -21.92 -44.02
CA GLN C 575 -28.46 -20.91 -43.04
C GLN C 575 -28.38 -19.51 -43.64
N LYS C 576 -29.16 -19.31 -44.70
CA LYS C 576 -29.10 -18.08 -45.48
C LYS C 576 -29.65 -16.90 -44.70
N ALA C 577 -30.66 -17.14 -43.86
CA ALA C 577 -31.36 -16.06 -43.17
C ALA C 577 -30.51 -15.40 -42.09
N ALA C 578 -29.46 -16.07 -41.62
CA ALA C 578 -28.55 -15.46 -40.65
C ALA C 578 -27.43 -14.71 -41.32
N VAL C 579 -26.91 -15.26 -42.42
CA VAL C 579 -25.85 -14.60 -43.17
C VAL C 579 -26.39 -13.31 -43.78
N THR C 580 -27.66 -13.29 -44.18
CA THR C 580 -28.27 -12.06 -44.66
C THR C 580 -28.39 -11.02 -43.55
N ALA C 581 -28.75 -11.44 -42.34
CA ALA C 581 -28.90 -10.51 -41.23
C ALA C 581 -27.57 -10.03 -40.67
N VAL C 582 -26.46 -10.71 -40.96
CA VAL C 582 -25.14 -10.21 -40.62
C VAL C 582 -24.60 -9.27 -41.70
N SER C 583 -24.76 -9.65 -42.97
CA SER C 583 -24.40 -8.81 -44.08
C SER C 583 -25.13 -7.48 -44.06
N ASP C 584 -26.40 -7.49 -43.63
CA ASP C 584 -27.17 -6.26 -43.52
C ASP C 584 -26.60 -5.33 -42.45
N ALA C 585 -26.23 -5.90 -41.29
CA ALA C 585 -25.70 -5.09 -40.20
C ALA C 585 -24.29 -4.58 -40.47
N VAL C 586 -23.54 -5.23 -41.36
CA VAL C 586 -22.27 -4.65 -41.78
C VAL C 586 -22.47 -3.57 -42.84
N ARG C 587 -23.36 -3.82 -43.82
CA ARG C 587 -23.55 -2.88 -44.91
C ARG C 587 -24.20 -1.58 -44.43
N ARG C 588 -25.15 -1.64 -43.49
CA ARG C 588 -25.73 -0.39 -43.03
C ARG C 588 -24.79 0.37 -42.12
N SER C 589 -23.81 -0.30 -41.53
CA SER C 589 -22.84 0.40 -40.71
C SER C 589 -21.84 1.15 -41.58
N ARG C 590 -21.29 0.48 -42.59
CA ARG C 590 -20.32 1.17 -43.45
C ARG C 590 -20.98 2.17 -44.39
N ALA C 591 -22.28 2.06 -44.65
CA ALA C 591 -22.94 3.06 -45.47
C ALA C 591 -23.16 4.36 -44.72
N GLY C 592 -23.20 4.32 -43.39
CA GLY C 592 -23.38 5.53 -42.62
C GLY C 592 -24.83 5.96 -42.50
N VAL C 593 -25.68 5.04 -42.07
CA VAL C 593 -27.11 5.28 -41.95
C VAL C 593 -27.48 5.14 -40.49
N SER C 594 -26.72 4.31 -39.76
CA SER C 594 -27.05 3.99 -38.38
C SER C 594 -26.64 5.13 -37.46
N ASP C 595 -26.95 4.98 -36.18
CA ASP C 595 -26.99 5.78 -34.96
C ASP C 595 -25.62 5.87 -34.32
N PRO C 596 -25.18 7.08 -33.94
CA PRO C 596 -23.82 7.25 -33.43
C PRO C 596 -23.58 6.73 -32.02
N ASN C 597 -24.62 6.48 -31.22
CA ASN C 597 -24.44 5.94 -29.88
C ASN C 597 -25.35 4.71 -29.67
N ARG C 598 -24.85 3.57 -30.15
CA ARG C 598 -25.38 2.22 -30.05
C ARG C 598 -24.32 1.32 -30.66
N PRO C 599 -24.10 0.10 -30.15
CA PRO C 599 -23.22 -0.83 -30.87
C PRO C 599 -23.74 -1.14 -32.26
N THR C 600 -22.80 -1.37 -33.18
CA THR C 600 -23.15 -1.49 -34.59
C THR C 600 -23.97 -2.74 -34.88
N GLY C 601 -23.79 -3.78 -34.09
CA GLY C 601 -24.68 -4.92 -34.13
C GLY C 601 -24.40 -5.84 -32.97
N ALA C 602 -25.43 -6.19 -32.21
CA ALA C 602 -25.25 -6.96 -30.98
C ALA C 602 -26.40 -7.95 -30.91
N PHE C 603 -26.14 -9.20 -31.27
CA PHE C 603 -27.22 -10.16 -31.38
C PHE C 603 -26.79 -11.58 -31.02
N MET C 604 -27.79 -12.44 -30.92
CA MET C 604 -27.69 -13.75 -30.31
C MET C 604 -28.39 -14.75 -31.20
N PHE C 605 -27.63 -15.71 -31.73
CA PHE C 605 -28.21 -16.80 -32.48
C PHE C 605 -28.00 -18.13 -31.77
N LEU C 606 -29.00 -19.00 -31.90
CA LEU C 606 -29.08 -20.21 -31.08
C LEU C 606 -29.85 -21.29 -31.82
N GLY C 607 -29.61 -22.54 -31.41
CA GLY C 607 -30.23 -23.69 -32.01
C GLY C 607 -29.75 -24.97 -31.36
N PRO C 608 -29.70 -26.06 -32.11
CA PRO C 608 -29.10 -27.29 -31.60
C PRO C 608 -27.58 -27.26 -31.73
N THR C 609 -26.94 -28.36 -31.37
CA THR C 609 -25.50 -28.45 -31.28
C THR C 609 -24.89 -28.98 -32.58
N GLY C 610 -23.68 -28.51 -32.87
CA GLY C 610 -22.98 -28.92 -34.08
C GLY C 610 -23.58 -28.39 -35.35
N VAL C 611 -23.98 -27.13 -35.37
CA VAL C 611 -24.63 -26.55 -36.54
C VAL C 611 -23.74 -25.53 -37.26
N GLY C 612 -22.93 -24.77 -36.52
CA GLY C 612 -22.09 -23.76 -37.13
C GLY C 612 -22.23 -22.37 -36.55
N LYS C 613 -22.66 -22.28 -35.30
CA LYS C 613 -22.82 -20.98 -34.66
C LYS C 613 -21.51 -20.38 -34.22
N THR C 614 -20.52 -21.19 -33.87
CA THR C 614 -19.18 -20.66 -33.66
C THR C 614 -18.43 -20.54 -34.98
N GLU C 615 -18.86 -21.29 -36.00
CA GLU C 615 -18.21 -21.22 -37.31
C GLU C 615 -18.51 -19.90 -38.00
N LEU C 616 -19.72 -19.37 -37.81
CA LEU C 616 -20.07 -18.10 -38.44
C LEU C 616 -19.33 -16.94 -37.81
N ALA C 617 -19.16 -16.96 -36.49
CA ALA C 617 -18.48 -15.86 -35.82
C ALA C 617 -16.99 -15.85 -36.12
N LYS C 618 -16.41 -17.01 -36.40
CA LYS C 618 -15.04 -17.05 -36.89
C LYS C 618 -14.95 -16.82 -38.38
N ALA C 619 -16.07 -16.80 -39.09
CA ALA C 619 -16.05 -16.57 -40.53
C ALA C 619 -16.12 -15.09 -40.88
N LEU C 620 -16.86 -14.29 -40.12
CA LEU C 620 -16.96 -12.87 -40.40
C LEU C 620 -15.84 -12.09 -39.76
N ALA C 621 -15.02 -12.72 -38.94
CA ALA C 621 -13.78 -12.12 -38.44
C ALA C 621 -12.60 -12.42 -39.34
N ASP C 622 -12.86 -12.63 -40.63
CA ASP C 622 -11.84 -13.13 -41.53
C ASP C 622 -11.73 -12.20 -42.74
N PHE C 623 -12.81 -11.48 -43.04
CA PHE C 623 -12.73 -10.50 -44.11
C PHE C 623 -12.86 -9.05 -43.63
N LEU C 624 -13.24 -8.83 -42.37
CA LEU C 624 -13.09 -7.49 -41.83
C LEU C 624 -11.63 -7.16 -41.57
N PHE C 625 -10.82 -8.18 -41.29
CA PHE C 625 -9.47 -8.00 -40.79
C PHE C 625 -8.39 -8.61 -41.65
N ASP C 626 -8.74 -9.55 -42.53
CA ASP C 626 -7.81 -10.51 -43.14
C ASP C 626 -6.99 -11.25 -42.09
N ASP C 627 -7.64 -11.53 -40.95
CA ASP C 627 -7.02 -12.21 -39.83
C ASP C 627 -7.92 -13.34 -39.33
N GLU C 628 -7.53 -13.97 -38.23
CA GLU C 628 -8.39 -14.96 -37.59
C GLU C 628 -8.42 -14.82 -36.09
N ARG C 629 -7.55 -14.01 -35.49
CA ARG C 629 -7.37 -14.00 -34.04
C ARG C 629 -7.43 -12.59 -33.46
N ALA C 630 -7.75 -11.58 -34.28
CA ALA C 630 -7.84 -10.22 -33.77
C ALA C 630 -9.10 -10.00 -32.94
N MET C 631 -10.08 -10.89 -33.04
CA MET C 631 -11.26 -10.77 -32.20
C MET C 631 -10.92 -11.17 -30.77
N VAL C 632 -11.80 -10.76 -29.85
CA VAL C 632 -11.58 -11.02 -28.44
C VAL C 632 -12.58 -12.08 -28.01
N ARG C 633 -12.17 -13.34 -28.04
CA ARG C 633 -13.05 -14.45 -27.70
C ARG C 633 -12.89 -14.78 -26.23
N ILE C 634 -13.88 -14.42 -25.43
CA ILE C 634 -13.93 -14.85 -24.04
C ILE C 634 -15.06 -15.86 -23.90
N ASP C 635 -15.00 -16.63 -22.83
CA ASP C 635 -16.00 -17.65 -22.57
C ASP C 635 -16.66 -17.41 -21.23
N MET C 636 -17.95 -17.68 -21.16
CA MET C 636 -18.73 -17.61 -19.94
C MET C 636 -19.15 -18.98 -19.45
N SER C 637 -18.28 -19.96 -19.62
CA SER C 637 -18.41 -21.23 -18.93
C SER C 637 -17.57 -21.28 -17.66
N GLU C 638 -16.65 -20.33 -17.49
CA GLU C 638 -15.95 -20.20 -16.22
C GLU C 638 -16.80 -19.52 -15.17
N TYR C 639 -17.87 -18.84 -15.56
CA TYR C 639 -18.54 -17.92 -14.65
C TYR C 639 -19.68 -18.61 -13.91
N GLY C 640 -19.41 -19.74 -13.29
CA GLY C 640 -20.43 -20.49 -12.61
C GLY C 640 -20.83 -19.97 -11.24
N GLU C 641 -20.29 -18.82 -10.83
CA GLU C 641 -20.54 -18.28 -9.50
C GLU C 641 -20.76 -16.79 -9.59
N LYS C 642 -21.11 -16.19 -8.46
CA LYS C 642 -21.57 -14.81 -8.44
C LYS C 642 -20.43 -13.82 -8.62
N HIS C 643 -19.32 -14.06 -7.91
CA HIS C 643 -18.28 -13.05 -7.73
C HIS C 643 -17.27 -12.99 -8.86
N THR C 644 -17.38 -13.84 -9.87
CA THR C 644 -16.32 -13.90 -10.87
C THR C 644 -16.38 -12.78 -11.89
N VAL C 645 -17.45 -11.97 -11.85
CA VAL C 645 -17.65 -10.80 -12.71
C VAL C 645 -16.44 -9.88 -12.71
N ALA C 646 -15.82 -9.73 -11.54
CA ALA C 646 -14.65 -8.87 -11.34
C ALA C 646 -13.44 -9.26 -12.17
N ARG C 647 -13.44 -10.40 -12.87
CA ARG C 647 -12.29 -10.63 -13.72
C ARG C 647 -12.43 -9.94 -15.08
N LEU C 648 -13.52 -9.21 -15.34
CA LEU C 648 -13.62 -8.48 -16.59
C LEU C 648 -13.92 -7.00 -16.39
N ILE C 649 -13.88 -6.49 -15.16
CA ILE C 649 -14.22 -5.10 -14.88
C ILE C 649 -13.18 -4.43 -13.99
N GLY C 650 -12.17 -5.17 -13.52
CA GLY C 650 -11.15 -4.60 -12.67
C GLY C 650 -11.55 -4.64 -11.21
N ALA C 651 -10.58 -4.35 -10.36
CA ALA C 651 -10.85 -4.39 -8.94
C ALA C 651 -10.86 -2.98 -8.36
N PRO C 652 -11.75 -2.70 -7.41
CA PRO C 652 -11.89 -1.33 -6.90
C PRO C 652 -10.68 -0.93 -6.08
N PRO C 653 -10.41 0.37 -5.92
CA PRO C 653 -9.15 0.79 -5.30
C PRO C 653 -9.06 0.44 -3.82
N GLY C 654 -7.85 0.09 -3.41
CA GLY C 654 -7.59 -0.47 -2.10
C GLY C 654 -7.36 -1.97 -2.09
N TYR C 655 -7.51 -2.63 -3.23
CA TYR C 655 -7.49 -4.08 -3.32
C TYR C 655 -6.36 -4.54 -4.25
N VAL C 656 -6.25 -5.85 -4.44
CA VAL C 656 -4.99 -6.46 -4.86
C VAL C 656 -4.68 -6.14 -6.31
N GLY C 657 -5.50 -6.59 -7.24
CA GLY C 657 -5.16 -6.32 -8.61
C GLY C 657 -5.73 -4.99 -9.04
N TYR C 658 -4.95 -3.93 -8.92
CA TYR C 658 -5.44 -2.61 -9.25
C TYR C 658 -4.68 -1.96 -10.40
N GLU C 659 -3.39 -2.25 -10.54
CA GLU C 659 -2.67 -1.80 -11.72
C GLU C 659 -3.09 -2.58 -12.96
N ALA C 660 -3.53 -3.83 -12.77
CA ALA C 660 -3.80 -4.69 -13.92
C ALA C 660 -5.05 -4.26 -14.68
N GLY C 661 -5.99 -3.60 -14.02
CA GLY C 661 -7.21 -3.23 -14.70
C GLY C 661 -8.07 -4.46 -14.95
N GLY C 662 -8.88 -4.39 -16.00
CA GLY C 662 -9.72 -5.51 -16.37
C GLY C 662 -9.10 -6.33 -17.49
N GLN C 663 -9.47 -7.62 -17.54
CA GLN C 663 -9.03 -8.46 -18.64
C GLN C 663 -9.71 -8.05 -19.95
N LEU C 664 -10.94 -7.56 -19.88
CA LEU C 664 -11.69 -7.13 -21.05
C LEU C 664 -11.40 -5.69 -21.41
N THR C 665 -11.53 -4.78 -20.44
CA THR C 665 -11.51 -3.35 -20.74
C THR C 665 -10.12 -2.87 -21.13
N GLU C 666 -9.06 -3.45 -20.57
CA GLU C 666 -7.71 -3.10 -21.03
C GLU C 666 -7.37 -3.69 -22.39
N ALA C 667 -8.23 -4.53 -22.97
CA ALA C 667 -7.96 -5.17 -24.25
C ALA C 667 -8.88 -4.73 -25.37
N VAL C 668 -9.81 -3.82 -25.11
CA VAL C 668 -10.64 -3.24 -26.16
C VAL C 668 -10.30 -1.77 -26.39
N ARG C 669 -9.80 -1.06 -25.38
CA ARG C 669 -9.32 0.31 -25.53
C ARG C 669 -8.16 0.42 -26.50
N ARG C 670 -7.39 -0.65 -26.69
CA ARG C 670 -6.46 -0.73 -27.81
C ARG C 670 -7.20 -1.32 -29.02
N ARG C 671 -7.11 -0.63 -30.16
CA ARG C 671 -7.75 -0.94 -31.44
C ARG C 671 -9.24 -1.23 -31.32
N PRO C 672 -10.09 -0.23 -31.13
CA PRO C 672 -11.51 -0.49 -30.88
C PRO C 672 -12.30 -0.78 -32.15
N TYR C 673 -12.02 -1.92 -32.78
CA TYR C 673 -12.82 -2.37 -33.91
C TYR C 673 -13.02 -3.89 -33.93
N THR C 674 -12.52 -4.61 -32.94
CA THR C 674 -12.57 -6.06 -32.95
C THR C 674 -13.96 -6.58 -32.63
N VAL C 675 -14.28 -7.74 -33.20
CA VAL C 675 -15.51 -8.46 -32.89
C VAL C 675 -15.38 -9.07 -31.50
N VAL C 676 -16.47 -9.10 -30.75
CA VAL C 676 -16.50 -9.68 -29.41
C VAL C 676 -17.51 -10.81 -29.39
N LEU C 677 -17.08 -11.99 -28.91
CA LEU C 677 -17.95 -13.14 -28.70
C LEU C 677 -18.14 -13.38 -27.22
N PHE C 678 -19.31 -13.93 -26.87
CA PHE C 678 -19.55 -14.43 -25.51
C PHE C 678 -20.11 -15.85 -25.63
N ASP C 679 -19.24 -16.84 -25.53
CA ASP C 679 -19.65 -18.21 -25.77
C ASP C 679 -20.40 -18.81 -24.59
N GLU C 680 -21.45 -19.59 -24.89
CA GLU C 680 -22.24 -20.37 -23.93
C GLU C 680 -22.84 -19.50 -22.83
N ILE C 681 -23.80 -18.66 -23.23
CA ILE C 681 -24.49 -17.78 -22.29
C ILE C 681 -25.43 -18.54 -21.35
N GLU C 682 -25.69 -19.82 -21.64
CA GLU C 682 -26.49 -20.65 -20.73
C GLU C 682 -25.80 -20.85 -19.40
N LYS C 683 -24.56 -21.33 -19.43
CA LYS C 683 -23.92 -21.87 -18.24
C LYS C 683 -23.47 -20.79 -17.26
N ALA C 684 -23.53 -19.52 -17.65
CA ALA C 684 -23.20 -18.44 -16.73
C ALA C 684 -24.28 -18.29 -15.68
N HIS C 685 -23.86 -17.94 -14.47
CA HIS C 685 -24.81 -17.67 -13.41
C HIS C 685 -25.54 -16.37 -13.70
N PRO C 686 -26.83 -16.25 -13.31
CA PRO C 686 -27.58 -15.02 -13.58
C PRO C 686 -27.13 -13.79 -12.77
N ASP C 687 -25.86 -13.43 -12.92
CA ASP C 687 -25.31 -12.19 -12.38
C ASP C 687 -24.45 -11.47 -13.40
N VAL C 688 -23.93 -12.19 -14.41
CA VAL C 688 -23.17 -11.56 -15.49
C VAL C 688 -24.11 -10.98 -16.53
N PHE C 689 -25.38 -11.38 -16.51
CA PHE C 689 -26.40 -10.81 -17.40
C PHE C 689 -26.65 -9.34 -17.11
N ASP C 690 -26.40 -8.91 -15.88
CA ASP C 690 -26.70 -7.55 -15.46
C ASP C 690 -25.48 -6.64 -15.51
N VAL C 691 -24.41 -7.09 -16.17
CA VAL C 691 -23.27 -6.24 -16.49
C VAL C 691 -23.28 -5.86 -17.96
N LEU C 692 -23.65 -6.81 -18.82
CA LEU C 692 -23.90 -6.54 -20.24
C LEU C 692 -25.16 -5.73 -20.47
N LEU C 693 -25.98 -5.51 -19.43
CA LEU C 693 -27.27 -4.87 -19.59
C LEU C 693 -27.13 -3.38 -19.93
N GLN C 694 -26.00 -2.75 -19.60
CA GLN C 694 -25.77 -1.40 -20.06
C GLN C 694 -24.81 -1.33 -21.24
N VAL C 695 -24.16 -2.44 -21.59
CA VAL C 695 -23.29 -2.46 -22.76
C VAL C 695 -24.11 -2.30 -24.03
N LEU C 696 -25.22 -3.03 -24.11
CA LEU C 696 -25.93 -3.22 -25.37
C LEU C 696 -26.70 -1.99 -25.82
N ASP C 697 -27.00 -1.05 -24.93
CA ASP C 697 -27.83 0.10 -25.28
C ASP C 697 -27.03 1.39 -25.32
N GLU C 698 -26.38 1.76 -24.24
CA GLU C 698 -25.51 2.94 -24.20
C GLU C 698 -24.09 2.44 -24.10
N GLY C 699 -23.33 2.53 -25.19
CA GLY C 699 -22.14 1.72 -25.33
C GLY C 699 -20.93 2.04 -24.47
N ARG C 700 -21.12 2.68 -23.33
CA ARG C 700 -20.05 2.98 -22.40
C ARG C 700 -19.88 1.86 -21.38
N LEU C 701 -18.66 1.75 -20.86
CA LEU C 701 -18.40 0.88 -19.72
C LEU C 701 -17.30 1.52 -18.91
N THR C 702 -17.35 1.32 -17.59
CA THR C 702 -16.40 1.93 -16.66
C THR C 702 -15.67 0.86 -15.87
N ASP C 703 -14.36 0.90 -15.90
CA ASP C 703 -13.51 -0.08 -15.23
C ASP C 703 -13.13 0.43 -13.83
N GLY C 704 -12.11 -0.18 -13.21
CA GLY C 704 -11.76 0.14 -11.85
C GLY C 704 -11.19 1.54 -11.66
N HIS C 705 -10.41 2.01 -12.63
CA HIS C 705 -9.88 3.37 -12.57
C HIS C 705 -11.00 4.39 -12.67
N GLY C 706 -11.75 4.36 -13.76
CA GLY C 706 -12.78 5.34 -14.02
C GLY C 706 -12.80 5.72 -15.49
N ARG C 707 -11.91 5.11 -16.27
CA ARG C 707 -11.85 5.36 -17.70
C ARG C 707 -13.07 4.79 -18.41
N THR C 708 -13.86 5.66 -19.02
CA THR C 708 -15.04 5.24 -19.75
C THR C 708 -14.59 4.71 -21.11
N VAL C 709 -14.49 3.39 -21.22
CA VAL C 709 -14.26 2.78 -22.52
C VAL C 709 -15.58 2.79 -23.28
N ASP C 710 -15.53 2.81 -24.60
CA ASP C 710 -16.73 2.84 -25.41
C ASP C 710 -16.80 1.62 -26.31
N PHE C 711 -17.89 0.87 -26.22
CA PHE C 711 -18.17 -0.19 -27.19
C PHE C 711 -19.10 0.32 -28.28
N ARG C 712 -18.74 1.44 -28.90
CA ARG C 712 -19.65 2.10 -29.81
C ARG C 712 -19.73 1.40 -31.16
N ASN C 713 -18.61 0.94 -31.69
CA ASN C 713 -18.59 0.38 -33.03
C ASN C 713 -17.79 -0.91 -33.07
N THR C 714 -18.05 -1.78 -32.12
CA THR C 714 -17.68 -3.18 -32.19
C THR C 714 -18.88 -3.97 -32.68
N ILE C 715 -18.78 -5.30 -32.67
CA ILE C 715 -19.88 -6.18 -33.00
C ILE C 715 -19.94 -7.28 -31.95
N LEU C 716 -21.06 -7.40 -31.26
CA LEU C 716 -21.22 -8.33 -30.15
C LEU C 716 -22.07 -9.51 -30.56
N ILE C 717 -21.58 -10.71 -30.31
CA ILE C 717 -22.27 -11.93 -30.68
C ILE C 717 -22.40 -12.82 -29.45
N LEU C 718 -23.61 -13.27 -29.18
CA LEU C 718 -23.90 -14.22 -28.13
C LEU C 718 -24.23 -15.57 -28.77
N THR C 719 -23.72 -16.65 -28.19
CA THR C 719 -24.08 -17.99 -28.62
C THR C 719 -24.83 -18.69 -27.50
N SER C 720 -25.58 -19.72 -27.86
CA SER C 720 -26.41 -20.42 -26.87
C SER C 720 -26.62 -21.85 -27.33
N ASN C 721 -27.42 -22.60 -26.56
CA ASN C 721 -27.79 -23.96 -26.91
C ASN C 721 -29.23 -24.32 -26.56
N LEU C 722 -30.09 -23.32 -26.33
CA LEU C 722 -31.44 -23.58 -25.84
C LEU C 722 -32.29 -24.25 -26.90
N GLY C 723 -33.17 -25.15 -26.46
CA GLY C 723 -34.21 -25.75 -27.30
C GLY C 723 -33.70 -26.52 -28.50
N SER C 724 -33.07 -27.67 -28.26
CA SER C 724 -32.32 -28.36 -29.31
C SER C 724 -33.24 -28.97 -30.37
N GLY C 725 -34.42 -29.43 -29.99
CA GLY C 725 -35.29 -30.02 -30.98
C GLY C 725 -36.77 -29.76 -30.79
N GLY C 726 -37.12 -28.77 -29.96
CA GLY C 726 -38.52 -28.57 -29.61
C GLY C 726 -39.40 -28.03 -30.71
N SER C 727 -39.23 -26.75 -31.04
CA SER C 727 -40.04 -26.07 -32.03
C SER C 727 -39.32 -24.78 -32.41
N ALA C 728 -40.00 -23.93 -33.19
CA ALA C 728 -39.57 -22.56 -33.40
C ALA C 728 -40.17 -21.61 -32.38
N GLU C 729 -41.12 -22.07 -31.57
CA GLU C 729 -41.69 -21.28 -30.50
C GLU C 729 -41.57 -21.93 -29.13
N GLN C 730 -41.29 -23.23 -29.05
CA GLN C 730 -40.93 -23.80 -27.75
C GLN C 730 -39.55 -23.35 -27.31
N VAL C 731 -38.66 -23.07 -28.26
CA VAL C 731 -37.39 -22.47 -27.90
C VAL C 731 -37.58 -20.98 -27.61
N LEU C 732 -38.58 -20.36 -28.23
CA LEU C 732 -38.83 -18.95 -28.01
C LEU C 732 -39.53 -18.71 -26.68
N ALA C 733 -40.27 -19.70 -26.18
CA ALA C 733 -40.75 -19.68 -24.81
C ALA C 733 -39.70 -20.15 -23.82
N ALA C 734 -38.61 -20.75 -24.29
CA ALA C 734 -37.53 -21.17 -23.43
C ALA C 734 -36.53 -20.05 -23.16
N VAL C 735 -36.41 -19.10 -24.08
CA VAL C 735 -35.56 -17.94 -23.88
C VAL C 735 -36.12 -17.06 -22.77
N ARG C 736 -37.43 -16.82 -22.79
CA ARG C 736 -38.08 -15.90 -21.87
C ARG C 736 -38.10 -16.43 -20.44
N ALA C 737 -37.90 -17.74 -20.24
CA ALA C 737 -37.84 -18.28 -18.90
C ALA C 737 -36.56 -17.84 -18.19
N THR C 738 -35.41 -18.03 -18.82
CA THR C 738 -34.14 -17.74 -18.16
C THR C 738 -33.84 -16.25 -18.14
N PHE C 739 -34.37 -15.50 -19.08
CA PHE C 739 -34.09 -14.07 -19.19
C PHE C 739 -35.22 -13.25 -18.59
N LYS C 740 -35.07 -11.95 -18.65
CA LYS C 740 -36.07 -10.97 -18.25
C LYS C 740 -36.41 -10.08 -19.44
N PRO C 741 -37.54 -9.36 -19.39
CA PRO C 741 -37.86 -8.44 -20.49
C PRO C 741 -36.90 -7.28 -20.65
N GLU C 742 -36.14 -6.92 -19.62
CA GLU C 742 -35.19 -5.82 -19.74
C GLU C 742 -33.96 -6.19 -20.55
N PHE C 743 -33.72 -7.48 -20.79
CA PHE C 743 -32.54 -7.95 -21.49
C PHE C 743 -32.82 -8.47 -22.88
N ILE C 744 -34.01 -9.00 -23.12
CA ILE C 744 -34.37 -9.44 -24.46
C ILE C 744 -34.67 -8.23 -25.34
N ASN C 745 -35.11 -7.13 -24.74
CA ASN C 745 -35.48 -5.95 -25.49
C ASN C 745 -34.26 -5.24 -26.05
N ARG C 746 -33.10 -5.41 -25.41
CA ARG C 746 -31.89 -4.73 -25.89
C ARG C 746 -31.37 -5.34 -27.18
N LEU C 747 -31.66 -6.62 -27.40
CA LEU C 747 -31.02 -7.39 -28.45
C LEU C 747 -31.62 -7.09 -29.81
N ASP C 748 -30.91 -7.51 -30.85
CA ASP C 748 -31.44 -7.56 -32.20
C ASP C 748 -32.05 -8.95 -32.43
N ASP C 749 -32.27 -9.32 -33.69
CA ASP C 749 -33.06 -10.49 -34.06
C ASP C 749 -32.42 -11.77 -33.54
N VAL C 750 -33.19 -12.51 -32.75
CA VAL C 750 -32.76 -13.81 -32.24
C VAL C 750 -32.87 -14.81 -33.38
N LEU C 751 -31.72 -15.21 -33.92
CA LEU C 751 -31.68 -15.98 -35.15
C LEU C 751 -31.69 -17.47 -34.82
N ILE C 752 -32.80 -18.15 -35.12
CA ILE C 752 -32.87 -19.58 -34.88
C ILE C 752 -32.08 -20.30 -35.97
N PHE C 753 -31.23 -21.24 -35.56
CA PHE C 753 -30.57 -22.13 -36.51
C PHE C 753 -31.35 -23.43 -36.65
N GLU C 754 -31.39 -23.93 -37.88
CA GLU C 754 -32.12 -25.16 -38.19
C GLU C 754 -31.18 -26.36 -38.06
N GLY C 755 -31.63 -27.52 -38.54
CA GLY C 755 -30.76 -28.67 -38.63
C GLY C 755 -29.95 -28.66 -39.92
N LEU C 756 -29.78 -29.81 -40.56
CA LEU C 756 -29.04 -29.90 -41.80
C LEU C 756 -29.83 -30.73 -42.80
N ASN C 757 -29.26 -30.90 -43.99
CA ASN C 757 -29.85 -31.64 -45.08
C ASN C 757 -28.86 -32.65 -45.63
N PRO C 758 -29.34 -33.80 -46.11
CA PRO C 758 -28.43 -34.79 -46.72
C PRO C 758 -27.81 -34.29 -48.01
N GLU C 759 -28.48 -33.41 -48.75
CA GLU C 759 -27.85 -32.75 -49.88
C GLU C 759 -26.78 -31.77 -49.39
N GLU C 760 -27.17 -30.87 -48.47
CA GLU C 760 -26.28 -29.84 -47.95
C GLU C 760 -25.14 -30.40 -47.11
N LEU C 761 -25.22 -31.66 -46.68
CA LEU C 761 -24.08 -32.29 -46.04
C LEU C 761 -22.97 -32.57 -47.03
N VAL C 762 -23.33 -32.84 -48.29
CA VAL C 762 -22.36 -33.22 -49.32
C VAL C 762 -21.37 -32.10 -49.57
N ARG C 763 -21.87 -30.86 -49.67
CA ARG C 763 -21.00 -29.71 -49.88
C ARG C 763 -20.13 -29.42 -48.67
N ILE C 764 -20.48 -29.96 -47.50
CA ILE C 764 -19.58 -29.89 -46.36
C ILE C 764 -18.31 -30.70 -46.63
N VAL C 765 -18.49 -31.91 -47.19
CA VAL C 765 -17.42 -32.91 -47.25
C VAL C 765 -16.27 -32.43 -48.10
N ASP C 766 -16.60 -31.76 -49.22
CA ASP C 766 -15.62 -31.20 -50.14
C ASP C 766 -14.68 -30.24 -49.42
N ILE C 767 -15.24 -29.38 -48.56
CA ILE C 767 -14.44 -28.43 -47.81
C ILE C 767 -13.50 -29.14 -46.86
N GLN C 768 -13.97 -30.23 -46.25
CA GLN C 768 -13.09 -31.08 -45.44
C GLN C 768 -11.97 -31.65 -46.30
N LEU C 769 -12.33 -32.14 -47.49
CA LEU C 769 -11.35 -32.68 -48.40
C LEU C 769 -10.64 -31.61 -49.21
N ALA C 770 -10.96 -30.35 -48.95
CA ALA C 770 -10.03 -29.30 -49.34
C ALA C 770 -9.04 -29.03 -48.23
N GLN C 771 -9.51 -29.04 -46.98
CA GLN C 771 -8.75 -28.48 -45.88
C GLN C 771 -7.55 -29.35 -45.54
N LEU C 772 -7.80 -30.65 -45.31
CA LEU C 772 -6.70 -31.61 -45.18
C LEU C 772 -5.89 -31.70 -46.46
N GLY C 773 -6.52 -31.44 -47.61
CA GLY C 773 -5.80 -31.38 -48.87
C GLY C 773 -4.79 -30.27 -48.93
N LYS C 774 -4.96 -29.21 -48.12
CA LYS C 774 -3.91 -28.21 -47.98
C LYS C 774 -2.88 -28.63 -46.95
N ARG C 775 -3.30 -29.37 -45.92
CA ARG C 775 -2.42 -29.71 -44.82
C ARG C 775 -1.32 -30.67 -45.26
N LEU C 776 -1.65 -31.57 -46.18
CA LEU C 776 -0.66 -32.46 -46.77
C LEU C 776 0.18 -31.78 -47.85
N ALA C 777 -0.10 -30.52 -48.19
CA ALA C 777 0.67 -29.85 -49.21
C ALA C 777 2.08 -29.47 -48.74
N GLN C 778 2.34 -29.48 -47.44
CA GLN C 778 3.67 -29.13 -46.94
C GLN C 778 4.68 -30.22 -47.25
N ARG C 779 4.25 -31.48 -47.28
CA ARG C 779 5.03 -32.56 -47.85
C ARG C 779 4.55 -32.94 -49.25
N ARG C 780 3.84 -32.02 -49.89
CA ARG C 780 3.35 -32.07 -51.30
C ARG C 780 2.66 -33.37 -51.67
N LEU C 781 2.08 -34.07 -50.71
CA LEU C 781 1.11 -35.10 -51.02
C LEU C 781 -0.27 -34.47 -51.20
N GLN C 782 -1.04 -35.01 -52.13
CA GLN C 782 -2.44 -34.64 -52.27
C GLN C 782 -3.21 -35.92 -52.59
N LEU C 783 -4.48 -35.76 -52.93
CA LEU C 783 -5.36 -36.89 -53.11
C LEU C 783 -6.08 -36.78 -54.45
N GLN C 784 -6.54 -37.94 -54.95
CA GLN C 784 -7.41 -38.03 -56.11
C GLN C 784 -8.62 -38.82 -55.65
N VAL C 785 -9.61 -38.12 -55.08
CA VAL C 785 -10.78 -38.76 -54.49
C VAL C 785 -11.90 -38.73 -55.52
N SER C 786 -12.57 -39.86 -55.71
CA SER C 786 -13.62 -39.99 -56.70
C SER C 786 -15.00 -39.83 -56.06
N LEU C 787 -16.02 -39.79 -56.91
CA LEU C 787 -17.39 -39.60 -56.46
C LEU C 787 -17.98 -40.72 -55.58
N PRO C 788 -17.75 -42.04 -55.81
CA PRO C 788 -18.34 -43.03 -54.90
C PRO C 788 -17.85 -42.94 -53.47
N ALA C 789 -16.56 -42.69 -53.26
CA ALA C 789 -16.05 -42.48 -51.91
C ALA C 789 -16.62 -41.21 -51.31
N LYS C 790 -16.76 -40.17 -52.13
CA LYS C 790 -17.20 -38.87 -51.66
C LYS C 790 -18.68 -38.86 -51.30
N ARG C 791 -19.49 -39.73 -51.87
CA ARG C 791 -20.84 -39.90 -51.38
C ARG C 791 -20.97 -41.01 -50.35
N TRP C 792 -19.98 -41.91 -50.29
CA TRP C 792 -19.92 -42.89 -49.22
C TRP C 792 -19.70 -42.21 -47.88
N LEU C 793 -18.88 -41.16 -47.87
CA LEU C 793 -18.67 -40.39 -46.65
C LEU C 793 -19.93 -39.65 -46.23
N ALA C 794 -20.74 -39.23 -47.21
CA ALA C 794 -21.95 -38.48 -46.88
C ALA C 794 -23.06 -39.41 -46.39
N GLN C 795 -23.22 -40.58 -46.99
CA GLN C 795 -24.32 -41.45 -46.62
C GLN C 795 -24.12 -42.11 -45.26
N ARG C 796 -22.88 -42.27 -44.83
CA ARG C 796 -22.59 -42.79 -43.49
C ARG C 796 -22.31 -41.65 -42.53
N GLY C 797 -22.50 -41.93 -41.25
CA GLY C 797 -22.32 -40.92 -40.22
C GLY C 797 -23.32 -39.79 -40.29
N PHE C 798 -24.54 -40.08 -40.75
CA PHE C 798 -25.60 -39.09 -40.85
C PHE C 798 -26.43 -39.14 -39.57
N ASP C 799 -26.21 -38.18 -38.68
CA ASP C 799 -27.00 -38.06 -37.47
C ASP C 799 -27.81 -36.78 -37.53
N PRO C 800 -29.14 -36.85 -37.39
CA PRO C 800 -29.92 -35.62 -37.25
C PRO C 800 -29.79 -34.97 -35.89
N VAL C 801 -29.16 -35.62 -34.91
CA VAL C 801 -29.05 -35.07 -33.57
C VAL C 801 -27.73 -34.34 -33.40
N TYR C 802 -26.61 -35.05 -33.59
CA TYR C 802 -25.30 -34.51 -33.27
C TYR C 802 -24.77 -33.53 -34.30
N GLY C 803 -25.47 -33.30 -35.40
CA GLY C 803 -24.99 -32.34 -36.38
C GLY C 803 -23.83 -32.85 -37.20
N ALA C 804 -23.08 -31.90 -37.77
CA ALA C 804 -21.99 -32.22 -38.70
C ALA C 804 -20.66 -32.43 -38.01
N ARG C 805 -20.67 -32.64 -36.71
CA ARG C 805 -19.43 -32.93 -35.98
C ARG C 805 -18.90 -34.36 -36.10
N PRO C 806 -19.71 -35.45 -36.15
CA PRO C 806 -19.11 -36.78 -36.36
C PRO C 806 -18.44 -36.99 -37.71
N LEU C 807 -18.66 -36.12 -38.68
CA LEU C 807 -17.99 -36.27 -39.96
C LEU C 807 -16.50 -36.00 -39.84
N ARG C 808 -16.13 -35.04 -38.99
CA ARG C 808 -14.73 -34.75 -38.75
C ARG C 808 -14.01 -35.84 -37.98
N ARG C 809 -14.74 -36.74 -37.33
CA ARG C 809 -14.14 -37.95 -36.80
C ARG C 809 -14.13 -39.08 -37.82
N LEU C 810 -15.16 -39.16 -38.66
CA LEU C 810 -15.25 -40.22 -39.65
C LEU C 810 -14.15 -40.11 -40.69
N VAL C 811 -13.79 -38.88 -41.06
CA VAL C 811 -12.72 -38.67 -42.04
C VAL C 811 -11.40 -39.19 -41.50
N GLN C 812 -11.06 -38.85 -40.26
CA GLN C 812 -9.78 -39.32 -39.72
C GLN C 812 -9.82 -40.76 -39.25
N GLN C 813 -10.99 -41.36 -39.06
CA GLN C 813 -11.01 -42.81 -38.86
C GLN C 813 -10.79 -43.54 -40.18
N ALA C 814 -11.42 -43.07 -41.25
CA ALA C 814 -11.30 -43.77 -42.53
C ALA C 814 -9.96 -43.49 -43.21
N ILE C 815 -9.48 -42.25 -43.15
CA ILE C 815 -8.29 -41.85 -43.88
C ILE C 815 -7.07 -41.73 -42.97
N GLY C 816 -7.25 -41.14 -41.78
CA GLY C 816 -6.11 -40.71 -40.98
C GLY C 816 -5.30 -41.85 -40.41
N ASP C 817 -5.95 -42.89 -39.89
CA ASP C 817 -5.21 -44.00 -39.32
C ASP C 817 -4.59 -44.86 -40.41
N GLN C 818 -5.28 -45.01 -41.53
CA GLN C 818 -4.76 -45.74 -42.68
C GLN C 818 -3.52 -45.07 -43.25
N LEU C 819 -3.60 -43.77 -43.48
CA LEU C 819 -2.46 -43.02 -44.00
C LEU C 819 -1.36 -42.89 -42.96
N ALA C 820 -1.71 -42.95 -41.67
CA ALA C 820 -0.70 -42.92 -40.63
C ALA C 820 0.12 -44.20 -40.61
N LYS C 821 -0.56 -45.35 -40.73
CA LYS C 821 0.15 -46.62 -40.80
C LYS C 821 0.96 -46.74 -42.08
N MET C 822 0.40 -46.30 -43.20
CA MET C 822 1.07 -46.49 -44.47
C MET C 822 2.23 -45.51 -44.66
N LEU C 823 2.11 -44.30 -44.12
CA LEU C 823 3.04 -43.22 -44.46
C LEU C 823 4.39 -43.37 -43.77
N LEU C 824 4.39 -43.46 -42.45
CA LEU C 824 5.64 -43.36 -41.68
C LEU C 824 6.45 -44.67 -41.70
N ALA C 825 6.03 -45.67 -42.46
CA ALA C 825 6.85 -46.84 -42.76
C ALA C 825 7.45 -46.75 -44.16
N GLY C 826 7.73 -45.54 -44.61
CA GLY C 826 8.25 -45.34 -45.95
C GLY C 826 7.15 -45.42 -47.00
N GLN C 827 7.59 -45.65 -48.24
CA GLN C 827 6.82 -46.11 -49.40
C GLN C 827 5.69 -45.19 -49.88
N VAL C 828 5.48 -44.06 -49.21
CA VAL C 828 4.48 -43.08 -49.62
C VAL C 828 5.23 -41.77 -49.79
N HIS C 829 6.41 -41.85 -50.42
CA HIS C 829 7.36 -40.77 -50.64
C HIS C 829 6.75 -39.45 -51.09
N ASP C 830 7.35 -38.35 -50.64
CA ASP C 830 6.86 -37.01 -50.98
C ASP C 830 6.93 -36.77 -52.48
N GLY C 831 5.82 -36.29 -53.04
CA GLY C 831 5.62 -36.47 -54.47
C GLY C 831 4.30 -37.15 -54.77
N ASP C 832 4.38 -38.43 -55.16
CA ASP C 832 3.28 -39.24 -55.68
C ASP C 832 2.02 -39.18 -54.84
N THR C 833 0.96 -38.66 -55.43
CA THR C 833 -0.34 -38.58 -54.80
C THR C 833 -1.10 -39.87 -55.00
N VAL C 834 -1.67 -40.41 -53.93
CA VAL C 834 -2.30 -41.72 -53.93
C VAL C 834 -3.80 -41.57 -54.11
N PRO C 835 -4.43 -42.32 -54.99
CA PRO C 835 -5.89 -42.33 -55.05
C PRO C 835 -6.48 -43.11 -53.88
N VAL C 836 -7.75 -42.86 -53.61
CA VAL C 836 -8.52 -43.69 -52.68
C VAL C 836 -9.80 -44.14 -53.38
N ASN C 837 -10.28 -45.31 -52.99
CA ASN C 837 -11.52 -45.85 -53.56
C ASN C 837 -12.09 -46.86 -52.59
N VAL C 838 -13.39 -47.08 -52.68
CA VAL C 838 -14.10 -47.91 -51.72
C VAL C 838 -13.93 -49.39 -52.08
N SER C 839 -13.64 -50.20 -51.07
CA SER C 839 -13.66 -51.65 -51.12
C SER C 839 -14.77 -52.13 -50.22
N PRO C 840 -15.72 -52.95 -50.72
CA PRO C 840 -17.16 -52.74 -50.47
C PRO C 840 -17.61 -52.10 -49.16
N ASP C 841 -17.05 -52.50 -48.02
CA ASP C 841 -17.42 -51.83 -46.77
C ASP C 841 -16.62 -50.53 -46.59
N ALA C 842 -15.30 -50.64 -46.46
CA ALA C 842 -14.46 -49.50 -46.12
C ALA C 842 -13.90 -48.88 -47.41
N ASP C 843 -12.88 -48.04 -47.28
CA ASP C 843 -12.15 -47.53 -48.44
C ASP C 843 -10.65 -47.69 -48.21
N SER C 844 -9.93 -47.94 -49.30
CA SER C 844 -8.49 -48.15 -49.24
C SER C 844 -7.82 -47.28 -50.29
N LEU C 845 -6.50 -47.27 -50.26
CA LEU C 845 -5.71 -46.49 -51.20
C LEU C 845 -5.73 -47.14 -52.58
N GLN D 159 29.98 21.44 -27.51
CA GLN D 159 30.70 20.70 -26.49
C GLN D 159 29.73 20.13 -25.46
N ALA D 160 28.44 20.36 -25.68
CA ALA D 160 27.40 19.83 -24.80
C ALA D 160 26.88 18.50 -25.29
N LEU D 161 26.32 18.47 -26.50
CA LEU D 161 25.79 17.23 -27.07
C LEU D 161 26.82 16.47 -27.91
N GLN D 162 28.03 16.35 -27.35
CA GLN D 162 28.99 15.38 -27.86
C GLN D 162 29.65 14.59 -26.75
N LYS D 163 29.33 14.88 -25.48
CA LYS D 163 29.87 14.13 -24.35
C LYS D 163 28.81 13.31 -23.65
N TYR D 164 27.55 13.44 -24.05
CA TYR D 164 26.44 12.67 -23.52
C TYR D 164 25.77 11.80 -24.55
N SER D 165 25.52 12.34 -25.75
CA SER D 165 24.67 11.70 -26.74
C SER D 165 25.48 11.32 -27.98
N THR D 166 25.22 10.13 -28.48
CA THR D 166 25.86 9.62 -29.68
C THR D 166 25.14 10.14 -30.92
N ASP D 167 25.46 9.58 -32.08
CA ASP D 167 24.90 10.06 -33.34
C ASP D 167 24.65 8.85 -34.23
N LEU D 168 23.38 8.59 -34.53
CA LEU D 168 23.05 7.45 -35.40
C LEU D 168 23.41 7.73 -36.84
N THR D 169 23.43 9.00 -37.25
CA THR D 169 23.77 9.34 -38.62
C THR D 169 25.25 9.08 -38.90
N ALA D 170 26.14 9.46 -37.97
CA ALA D 170 27.55 9.13 -38.10
C ALA D 170 27.79 7.63 -37.98
N ARG D 171 26.93 6.94 -37.24
CA ARG D 171 26.98 5.50 -37.09
C ARG D 171 26.52 4.78 -38.36
N ALA D 172 25.84 5.48 -39.27
CA ALA D 172 25.35 4.91 -40.51
C ALA D 172 26.11 5.39 -41.73
N ARG D 173 27.25 6.06 -41.55
CA ARG D 173 28.02 6.52 -42.70
C ARG D 173 28.73 5.37 -43.40
N GLU D 174 29.04 4.30 -42.68
CA GLU D 174 29.67 3.12 -43.25
C GLU D 174 28.68 2.00 -43.52
N GLY D 175 27.70 1.79 -42.63
CA GLY D 175 26.79 0.69 -42.78
C GLY D 175 26.69 -0.18 -41.55
N LYS D 176 27.01 0.39 -40.38
CA LYS D 176 26.98 -0.34 -39.12
C LYS D 176 25.57 -0.44 -38.54
N LEU D 177 24.62 -0.92 -39.33
CA LEU D 177 23.23 -1.05 -38.88
C LEU D 177 22.70 -2.36 -39.42
N ASP D 178 21.38 -2.52 -39.40
CA ASP D 178 20.75 -3.69 -39.97
C ASP D 178 19.81 -3.27 -41.10
N PRO D 179 19.95 -3.87 -42.27
CA PRO D 179 19.15 -3.45 -43.44
C PRO D 179 17.70 -3.88 -43.35
N VAL D 180 16.85 -3.02 -42.76
CA VAL D 180 15.44 -3.32 -42.59
C VAL D 180 14.75 -3.56 -43.94
N ILE D 181 13.76 -4.44 -43.94
CA ILE D 181 12.98 -4.80 -45.12
C ILE D 181 11.51 -4.71 -44.75
N GLY D 182 10.75 -3.94 -45.52
CA GLY D 182 9.32 -3.84 -45.29
C GLY D 182 8.95 -2.68 -44.38
N ARG D 183 7.75 -2.78 -43.82
CA ARG D 183 7.13 -1.78 -42.94
C ARG D 183 7.03 -0.42 -43.62
N ASP D 184 6.20 -0.40 -44.67
CA ASP D 184 6.01 0.82 -45.43
C ASP D 184 5.09 1.80 -44.73
N ASN D 185 3.98 1.31 -44.17
CA ASN D 185 3.01 2.20 -43.53
C ASN D 185 3.58 2.84 -42.27
N GLU D 186 4.47 2.15 -41.56
CA GLU D 186 5.03 2.72 -40.34
C GLU D 186 6.01 3.84 -40.65
N ILE D 187 6.85 3.69 -41.67
CA ILE D 187 7.75 4.77 -42.09
C ILE D 187 6.93 5.93 -42.66
N ARG D 188 5.97 5.63 -43.54
CA ARG D 188 5.14 6.65 -44.14
C ARG D 188 4.11 7.23 -43.18
N ARG D 189 4.03 6.78 -41.94
CA ARG D 189 3.30 7.48 -40.91
C ARG D 189 4.23 8.27 -39.99
N VAL D 190 5.41 7.75 -39.70
CA VAL D 190 6.35 8.45 -38.82
C VAL D 190 6.86 9.73 -39.47
N VAL D 191 7.10 9.69 -40.79
CA VAL D 191 7.66 10.87 -41.46
C VAL D 191 6.65 12.01 -41.52
N GLN D 192 5.42 11.72 -41.93
CA GLN D 192 4.41 12.77 -42.06
C GLN D 192 3.66 13.03 -40.76
N VAL D 193 4.21 12.60 -39.64
CA VAL D 193 3.96 13.24 -38.35
C VAL D 193 5.16 14.08 -37.91
N LEU D 194 6.37 13.70 -38.30
CA LEU D 194 7.58 14.39 -37.88
C LEU D 194 7.80 15.71 -38.63
N SER D 195 6.98 16.02 -39.61
CA SER D 195 7.16 17.25 -40.38
C SER D 195 5.87 18.07 -40.43
N ARG D 196 5.22 18.21 -39.29
CA ARG D 196 4.12 19.16 -39.12
C ARG D 196 4.61 20.34 -38.28
N ARG D 197 3.69 21.25 -37.97
CA ARG D 197 4.08 22.54 -37.40
C ARG D 197 4.23 22.49 -35.88
N THR D 198 3.17 22.14 -35.17
CA THR D 198 3.16 22.13 -33.71
C THR D 198 2.84 20.74 -33.22
N LYS D 199 3.46 20.36 -32.10
CA LYS D 199 3.23 19.10 -31.39
C LYS D 199 3.53 17.90 -32.30
N ASN D 200 4.82 17.78 -32.64
CA ASN D 200 5.29 16.94 -33.74
C ASN D 200 6.25 15.84 -33.34
N ASN D 201 5.93 15.08 -32.30
CA ASN D 201 6.82 14.06 -31.77
C ASN D 201 6.11 12.72 -31.59
N PRO D 202 6.39 11.74 -32.43
CA PRO D 202 5.67 10.46 -32.36
C PRO D 202 6.25 9.56 -31.29
N VAL D 203 5.48 8.51 -30.96
CA VAL D 203 5.90 7.48 -30.02
C VAL D 203 5.56 6.13 -30.63
N LEU D 204 6.55 5.26 -30.73
CA LEU D 204 6.38 3.97 -31.40
C LEU D 204 5.93 2.93 -30.37
N ILE D 205 4.63 2.94 -30.08
CA ILE D 205 4.07 1.99 -29.12
C ILE D 205 3.92 0.63 -29.79
N GLY D 206 4.55 -0.38 -29.21
CA GLY D 206 4.42 -1.72 -29.73
C GLY D 206 4.61 -2.75 -28.64
N GLU D 207 4.03 -3.92 -28.86
CA GLU D 207 4.31 -5.07 -28.02
C GLU D 207 5.78 -5.47 -28.18
N PRO D 208 6.43 -5.97 -27.13
CA PRO D 208 7.90 -6.03 -27.13
C PRO D 208 8.46 -7.14 -28.01
N GLY D 209 9.48 -6.78 -28.78
CA GLY D 209 10.16 -7.69 -29.65
C GLY D 209 9.67 -7.73 -31.07
N VAL D 210 9.18 -6.60 -31.61
CA VAL D 210 8.62 -6.57 -32.96
C VAL D 210 9.42 -5.73 -33.93
N GLY D 211 10.47 -5.04 -33.48
CA GLY D 211 11.27 -4.26 -34.39
C GLY D 211 11.07 -2.76 -34.26
N LYS D 212 10.89 -2.28 -33.03
CA LYS D 212 10.68 -0.86 -32.82
C LYS D 212 11.96 -0.05 -32.91
N THR D 213 13.12 -0.70 -32.87
CA THR D 213 14.38 -0.01 -33.08
C THR D 213 14.78 -0.01 -34.53
N ALA D 214 14.47 -1.09 -35.27
CA ALA D 214 14.81 -1.20 -36.68
C ALA D 214 14.05 -0.21 -37.54
N ILE D 215 12.90 0.27 -37.08
CA ILE D 215 12.18 1.31 -37.81
C ILE D 215 12.96 2.62 -37.81
N VAL D 216 13.53 2.97 -36.65
CA VAL D 216 14.28 4.21 -36.56
C VAL D 216 15.60 4.11 -37.31
N GLU D 217 16.24 2.94 -37.29
CA GLU D 217 17.46 2.74 -38.06
C GLU D 217 17.18 2.76 -39.56
N GLY D 218 16.05 2.22 -39.99
CA GLY D 218 15.67 2.34 -41.39
C GLY D 218 15.36 3.76 -41.79
N LEU D 219 14.78 4.53 -40.86
CA LEU D 219 14.59 5.96 -41.10
C LEU D 219 15.92 6.68 -41.22
N ALA D 220 16.91 6.27 -40.44
CA ALA D 220 18.23 6.88 -40.52
C ALA D 220 18.91 6.56 -41.84
N GLN D 221 18.78 5.32 -42.31
CA GLN D 221 19.35 4.98 -43.61
C GLN D 221 18.62 5.69 -44.75
N ARG D 222 17.31 5.89 -44.61
CA ARG D 222 16.56 6.63 -45.61
C ARG D 222 16.93 8.11 -45.60
N ILE D 223 17.32 8.65 -44.45
CA ILE D 223 17.80 10.03 -44.38
C ILE D 223 19.16 10.14 -45.06
N VAL D 224 20.08 9.21 -44.75
CA VAL D 224 21.44 9.30 -45.27
C VAL D 224 21.47 9.06 -46.78
N ALA D 225 20.73 8.07 -47.26
CA ALA D 225 20.73 7.76 -48.69
C ALA D 225 19.96 8.75 -49.54
N GLY D 226 19.29 9.74 -48.94
CA GLY D 226 18.64 10.78 -49.70
C GLY D 226 17.36 10.37 -50.39
N ASP D 227 16.38 9.90 -49.62
CA ASP D 227 15.07 9.53 -50.16
C ASP D 227 13.92 10.22 -49.46
N VAL D 228 14.19 10.93 -48.36
CA VAL D 228 13.19 11.55 -47.49
C VAL D 228 12.59 12.77 -48.19
N PRO D 229 11.45 13.35 -47.71
CA PRO D 229 10.93 14.56 -48.36
C PRO D 229 11.79 15.81 -48.16
N GLU D 230 11.25 16.93 -48.66
CA GLU D 230 12.07 18.11 -48.92
C GLU D 230 12.55 18.78 -47.65
N SER D 231 11.66 18.99 -46.68
CA SER D 231 12.12 19.67 -45.47
C SER D 231 12.68 18.69 -44.43
N LEU D 232 13.50 17.74 -44.88
CA LEU D 232 14.26 16.86 -44.01
C LEU D 232 15.66 16.58 -44.57
N ARG D 233 16.25 17.55 -45.25
CA ARG D 233 17.58 17.37 -45.83
C ARG D 233 18.63 17.29 -44.73
N ASP D 234 19.13 16.07 -44.49
CA ASP D 234 20.32 15.78 -43.68
C ASP D 234 20.15 16.27 -42.24
N LYS D 235 19.20 15.64 -41.56
CA LYS D 235 18.72 16.13 -40.28
C LYS D 235 19.50 15.60 -39.08
N THR D 236 20.38 14.62 -39.27
CA THR D 236 21.43 14.20 -38.32
C THR D 236 20.86 13.84 -36.95
N ILE D 237 20.11 12.72 -36.92
CA ILE D 237 19.34 12.40 -35.72
C ILE D 237 20.26 11.94 -34.60
N VAL D 238 19.93 12.36 -33.38
CA VAL D 238 20.80 12.21 -32.23
C VAL D 238 20.13 11.23 -31.27
N ALA D 239 20.93 10.40 -30.61
CA ALA D 239 20.42 9.43 -29.65
C ALA D 239 20.82 9.89 -28.25
N LEU D 240 19.91 10.59 -27.58
CA LEU D 240 20.13 10.98 -26.19
C LEU D 240 19.98 9.78 -25.28
N ASP D 241 20.39 9.98 -24.02
CA ASP D 241 20.26 8.95 -22.99
C ASP D 241 20.21 9.63 -21.62
N LEU D 242 18.99 9.73 -21.07
CA LEU D 242 18.83 10.30 -19.74
C LEU D 242 19.31 9.38 -18.63
N GLY D 243 19.61 8.12 -18.94
CA GLY D 243 20.19 7.24 -17.94
C GLY D 243 21.61 7.60 -17.57
N SER D 244 22.30 8.37 -18.41
CA SER D 244 23.67 8.79 -18.14
C SER D 244 23.75 10.27 -17.79
N MET D 245 22.62 10.93 -17.52
CA MET D 245 22.62 12.32 -17.13
C MET D 245 22.26 12.52 -15.66
N VAL D 246 21.97 11.44 -14.95
CA VAL D 246 21.71 11.50 -13.51
C VAL D 246 22.94 10.85 -12.87
N ALA D 247 24.08 10.99 -13.53
CA ALA D 247 25.28 10.29 -13.12
C ALA D 247 25.93 10.92 -11.89
N GLY D 248 26.43 12.15 -12.03
CA GLY D 248 26.97 12.86 -10.88
C GLY D 248 26.01 13.87 -10.31
N SER D 249 25.27 13.50 -9.27
CA SER D 249 24.29 14.40 -8.66
C SER D 249 24.01 13.93 -7.24
N LYS D 250 24.62 14.59 -6.25
CA LYS D 250 24.14 14.55 -4.87
C LYS D 250 24.12 15.99 -4.35
N TYR D 251 23.12 16.76 -4.78
CA TYR D 251 23.08 18.18 -4.49
C TYR D 251 21.64 18.65 -4.61
N ARG D 252 21.47 19.96 -4.62
CA ARG D 252 20.31 20.60 -5.21
C ARG D 252 20.76 21.26 -6.51
N GLY D 253 19.92 21.18 -7.53
CA GLY D 253 20.18 21.85 -8.80
C GLY D 253 21.43 21.45 -9.53
N GLU D 254 21.54 20.18 -9.92
CA GLU D 254 22.66 19.74 -10.73
C GLU D 254 22.15 19.00 -11.94
N PHE D 255 21.00 18.32 -11.79
CA PHE D 255 20.31 17.77 -12.93
C PHE D 255 19.79 18.87 -13.84
N GLU D 256 19.39 20.00 -13.25
CA GLU D 256 18.77 21.08 -14.00
C GLU D 256 19.74 21.72 -14.98
N GLU D 257 20.95 22.02 -14.53
CA GLU D 257 21.94 22.66 -15.40
C GLU D 257 22.43 21.69 -16.46
N ARG D 258 22.61 20.43 -16.07
CA ARG D 258 23.09 19.41 -17.00
C ARG D 258 22.07 19.12 -18.09
N LEU D 259 20.77 19.26 -17.77
CA LEU D 259 19.75 19.14 -18.81
C LEU D 259 19.61 20.42 -19.62
N LYS D 260 19.76 21.57 -18.96
CA LYS D 260 19.57 22.85 -19.61
C LYS D 260 20.62 23.11 -20.66
N ALA D 261 21.86 22.67 -20.42
CA ALA D 261 22.91 22.81 -21.43
C ALA D 261 22.57 22.02 -22.69
N VAL D 262 21.96 20.85 -22.53
CA VAL D 262 21.59 20.04 -23.68
C VAL D 262 20.42 20.67 -24.44
N LEU D 263 19.41 21.13 -23.71
CA LEU D 263 18.27 21.79 -24.37
C LEU D 263 18.69 23.09 -25.06
N ASP D 264 19.62 23.83 -24.46
CA ASP D 264 20.07 25.06 -25.09
C ASP D 264 20.93 24.76 -26.31
N ASP D 265 21.72 23.69 -26.29
CA ASP D 265 22.50 23.38 -27.47
C ASP D 265 21.63 22.78 -28.57
N ILE D 266 20.49 22.18 -28.23
CA ILE D 266 19.56 21.76 -29.26
C ILE D 266 18.86 22.97 -29.88
N LYS D 267 18.23 23.81 -29.04
CA LYS D 267 17.45 24.91 -29.59
C LYS D 267 18.29 26.11 -29.99
N ASN D 268 19.60 26.06 -29.80
CA ASN D 268 20.47 27.17 -30.13
C ASN D 268 20.86 27.16 -31.58
N SER D 269 21.02 25.98 -32.17
CA SER D 269 21.28 25.86 -33.60
C SER D 269 19.97 25.95 -34.36
N ALA D 270 20.01 25.63 -35.65
CA ALA D 270 18.80 25.56 -36.45
C ALA D 270 18.16 24.20 -36.28
N GLY D 271 17.23 23.85 -37.18
CA GLY D 271 16.54 22.58 -37.11
C GLY D 271 17.28 21.41 -37.72
N GLN D 272 18.28 20.88 -37.00
CA GLN D 272 18.96 19.67 -37.44
C GLN D 272 19.29 18.75 -36.25
N ILE D 273 18.49 18.81 -35.19
CA ILE D 273 18.73 18.02 -33.99
C ILE D 273 17.49 17.20 -33.66
N ILE D 274 16.92 16.54 -34.68
CA ILE D 274 15.86 15.54 -34.42
C ILE D 274 16.34 14.53 -33.40
N THR D 275 15.64 14.43 -32.28
CA THR D 275 16.09 13.64 -31.15
C THR D 275 15.59 12.21 -31.25
N PHE D 276 16.13 11.36 -30.37
CA PHE D 276 15.71 9.96 -30.29
C PHE D 276 16.02 9.44 -28.89
N ILE D 277 14.98 9.21 -28.09
CA ILE D 277 15.10 8.58 -26.79
C ILE D 277 14.39 7.25 -26.84
N ASP D 278 15.14 6.16 -26.66
CA ASP D 278 14.55 4.86 -26.50
C ASP D 278 14.15 4.66 -25.04
N GLU D 279 13.01 3.99 -24.83
CA GLU D 279 12.43 3.72 -23.51
C GLU D 279 12.20 5.03 -22.73
N LEU D 280 11.29 5.84 -23.25
CA LEU D 280 10.99 7.11 -22.61
C LEU D 280 10.01 6.98 -21.45
N HIS D 281 9.80 5.80 -20.88
CA HIS D 281 9.02 5.72 -19.66
C HIS D 281 9.79 6.27 -18.47
N THR D 282 11.12 6.31 -18.55
CA THR D 282 11.94 6.91 -17.51
C THR D 282 12.17 8.40 -17.72
N ILE D 283 11.29 9.06 -18.47
CA ILE D 283 11.30 10.52 -18.55
C ILE D 283 10.63 11.13 -17.34
N VAL D 284 9.95 10.32 -16.52
CA VAL D 284 9.18 10.84 -15.41
C VAL D 284 10.05 11.04 -14.17
N GLY D 285 10.95 10.11 -13.91
CA GLY D 285 11.67 10.07 -12.65
C GLY D 285 12.80 11.09 -12.53
N ALA D 286 13.69 10.81 -11.57
CA ALA D 286 14.83 11.66 -11.19
C ALA D 286 14.41 13.06 -10.76
N GLY D 287 13.28 13.13 -10.05
CA GLY D 287 12.77 14.42 -9.62
C GLY D 287 13.44 15.03 -8.42
N ALA D 288 13.29 14.38 -7.26
CA ALA D 288 13.79 14.92 -5.99
C ALA D 288 13.87 13.82 -4.93
N ASP D 295 9.16 17.94 -10.60
CA ASP D 295 10.07 19.04 -10.33
C ASP D 295 11.30 18.90 -11.23
N ALA D 296 11.46 17.70 -11.79
CA ALA D 296 12.50 17.45 -12.77
C ALA D 296 11.94 16.49 -13.81
N GLY D 297 12.54 16.52 -15.00
CA GLY D 297 11.86 15.99 -16.16
C GLY D 297 10.67 16.84 -16.53
N ASN D 298 10.74 18.14 -16.19
CA ASN D 298 9.62 19.06 -16.32
C ASN D 298 10.07 20.39 -16.89
N MET D 299 11.36 20.53 -17.25
CA MET D 299 11.77 21.61 -18.13
C MET D 299 11.35 21.37 -19.57
N ILE D 300 10.92 20.16 -19.89
CA ILE D 300 10.67 19.78 -21.27
C ILE D 300 9.21 19.97 -21.68
N LYS D 301 8.29 20.09 -20.74
CA LYS D 301 6.88 20.20 -21.06
C LYS D 301 6.47 21.52 -21.72
N PRO D 302 7.02 22.70 -21.37
CA PRO D 302 6.79 23.85 -22.27
C PRO D 302 7.51 23.73 -23.59
N MET D 303 8.60 22.96 -23.65
CA MET D 303 9.34 22.85 -24.91
C MET D 303 8.64 21.94 -25.89
N LEU D 304 7.91 20.93 -25.43
CA LEU D 304 7.32 19.97 -26.35
C LEU D 304 6.12 20.55 -27.07
N ALA D 305 5.31 21.35 -26.40
CA ALA D 305 4.14 21.91 -27.07
C ALA D 305 4.46 23.25 -27.72
N ARG D 306 5.58 23.31 -28.43
CA ARG D 306 5.91 24.46 -29.28
C ARG D 306 6.61 23.99 -30.54
N GLY D 307 6.95 22.71 -30.65
CA GLY D 307 7.56 22.14 -31.84
C GLY D 307 9.00 22.52 -32.06
N GLU D 308 9.89 22.16 -31.13
CA GLU D 308 11.29 22.52 -31.28
C GLU D 308 12.22 21.32 -31.32
N LEU D 309 12.08 20.39 -30.39
CA LEU D 309 12.87 19.16 -30.39
C LEU D 309 11.95 18.01 -30.79
N ARG D 310 12.35 17.25 -31.79
CA ARG D 310 11.39 16.40 -32.48
C ARG D 310 11.13 15.06 -31.80
N LEU D 311 12.07 14.59 -30.96
CA LEU D 311 11.89 13.60 -29.88
C LEU D 311 11.12 12.34 -30.31
N VAL D 312 11.75 11.55 -31.16
CA VAL D 312 11.13 10.29 -31.59
C VAL D 312 11.42 9.21 -30.55
N GLY D 313 10.36 8.66 -29.95
CA GLY D 313 10.50 7.67 -28.91
C GLY D 313 9.86 6.33 -29.26
N ALA D 314 10.00 5.39 -28.32
CA ALA D 314 9.46 4.05 -28.50
C ALA D 314 9.39 3.38 -27.13
N THR D 315 8.20 2.98 -26.70
CA THR D 315 8.04 2.29 -25.43
C THR D 315 7.18 1.04 -25.59
N THR D 316 7.38 0.11 -24.65
CA THR D 316 6.56 -1.08 -24.56
C THR D 316 5.15 -0.69 -24.13
N LEU D 317 4.17 -1.52 -24.49
CA LEU D 317 2.78 -1.16 -24.27
C LEU D 317 2.36 -1.27 -22.80
N ASP D 318 2.98 -2.17 -22.02
CA ASP D 318 2.57 -2.30 -20.63
C ASP D 318 3.10 -1.16 -19.76
N GLU D 319 4.26 -0.61 -20.08
CA GLU D 319 4.80 0.51 -19.30
C GLU D 319 4.03 1.78 -19.57
N TYR D 320 3.49 1.91 -20.77
CA TYR D 320 2.86 3.14 -21.21
C TYR D 320 1.54 3.40 -20.48
N ARG D 321 0.80 2.34 -20.15
CA ARG D 321 -0.41 2.47 -19.37
C ARG D 321 -0.15 2.33 -17.87
N LYS D 322 1.10 2.42 -17.46
CA LYS D 322 1.47 2.36 -16.06
C LYS D 322 2.16 3.63 -15.58
N HIS D 323 2.93 4.29 -16.44
CA HIS D 323 3.61 5.52 -16.05
C HIS D 323 3.02 6.77 -16.71
N ILE D 324 2.91 6.77 -18.03
CA ILE D 324 2.64 8.01 -18.75
C ILE D 324 1.16 8.35 -18.72
N GLU D 325 0.30 7.37 -18.98
CA GLU D 325 -1.14 7.61 -19.15
C GLU D 325 -1.84 8.05 -17.87
N LYS D 326 -1.19 7.90 -16.71
CA LYS D 326 -1.69 8.48 -15.47
C LYS D 326 -1.58 10.01 -15.49
N ASP D 327 -0.75 10.57 -16.37
CA ASP D 327 -0.27 11.94 -16.27
C ASP D 327 -0.63 12.73 -17.52
N ALA D 328 -1.92 12.76 -17.88
CA ALA D 328 -2.45 13.11 -19.20
C ALA D 328 -2.05 14.47 -19.73
N ALA D 329 -1.43 15.34 -18.94
CA ALA D 329 -0.81 16.53 -19.52
C ALA D 329 0.38 16.15 -20.40
N LEU D 330 1.07 15.06 -20.06
CA LEU D 330 2.18 14.59 -20.90
C LEU D 330 1.67 13.98 -22.19
N GLU D 331 0.81 12.97 -22.08
CA GLU D 331 0.49 12.18 -23.26
C GLU D 331 -0.44 12.89 -24.24
N ARG D 332 -0.67 14.17 -24.00
CA ARG D 332 -1.45 15.01 -24.90
C ARG D 332 -0.45 15.61 -25.89
N ARG D 333 0.85 15.51 -25.58
CA ARG D 333 1.90 16.02 -26.44
C ARG D 333 2.39 15.02 -27.47
N PHE D 334 2.17 13.73 -27.25
CA PHE D 334 2.74 12.72 -28.14
C PHE D 334 1.67 12.13 -29.04
N GLN D 335 2.02 11.93 -30.30
CA GLN D 335 1.20 11.10 -31.18
C GLN D 335 1.52 9.64 -30.91
N GLN D 336 0.76 8.74 -31.53
CA GLN D 336 0.93 7.30 -31.28
C GLN D 336 0.93 6.55 -32.61
N VAL D 337 2.12 6.28 -33.13
CA VAL D 337 2.25 5.28 -34.18
C VAL D 337 2.21 3.91 -33.53
N TYR D 338 1.24 3.09 -33.92
CA TYR D 338 1.11 1.75 -33.38
C TYR D 338 1.78 0.76 -34.31
N VAL D 339 2.52 -0.18 -33.71
CA VAL D 339 3.27 -1.18 -34.45
C VAL D 339 2.80 -2.56 -34.01
N GLY D 340 2.29 -3.34 -34.96
CA GLY D 340 1.80 -4.67 -34.69
C GLY D 340 2.70 -5.74 -35.28
N GLU D 341 2.46 -6.98 -34.86
CA GLU D 341 3.32 -8.09 -35.26
C GLU D 341 3.10 -8.44 -36.73
N PRO D 342 4.12 -8.91 -37.42
CA PRO D 342 3.96 -9.32 -38.81
C PRO D 342 3.35 -10.72 -38.92
N SER D 343 3.02 -11.07 -40.16
CA SER D 343 2.49 -12.38 -40.48
C SER D 343 3.65 -13.35 -40.72
N VAL D 344 3.35 -14.52 -41.28
CA VAL D 344 4.37 -15.56 -41.44
C VAL D 344 5.18 -15.35 -42.71
N GLU D 345 4.50 -15.12 -43.84
CA GLU D 345 5.20 -14.99 -45.11
C GLU D 345 6.03 -13.72 -45.19
N ASP D 346 5.55 -12.65 -44.55
CA ASP D 346 6.36 -11.43 -44.49
C ASP D 346 7.54 -11.61 -43.54
N THR D 347 7.41 -12.48 -42.53
CA THR D 347 8.57 -12.84 -41.71
C THR D 347 9.57 -13.65 -42.51
N ILE D 348 9.08 -14.49 -43.44
CA ILE D 348 9.99 -15.22 -44.33
C ILE D 348 10.70 -14.25 -45.26
N GLY D 349 10.00 -13.21 -45.70
CA GLY D 349 10.65 -12.16 -46.48
C GLY D 349 11.71 -11.39 -45.69
N ILE D 350 11.42 -11.13 -44.40
CA ILE D 350 12.41 -10.54 -43.50
C ILE D 350 13.64 -11.45 -43.38
N LEU D 351 13.41 -12.75 -43.20
CA LEU D 351 14.52 -13.68 -43.00
C LEU D 351 15.36 -13.84 -44.26
N ARG D 352 14.73 -13.82 -45.43
CA ARG D 352 15.53 -13.84 -46.66
C ARG D 352 16.21 -12.50 -46.90
N GLY D 353 15.70 -11.42 -46.31
CA GLY D 353 16.45 -10.17 -46.34
C GLY D 353 17.72 -10.25 -45.53
N LEU D 354 17.67 -10.88 -44.35
CA LEU D 354 18.81 -10.97 -43.45
C LEU D 354 19.64 -12.22 -43.68
N LYS D 355 19.62 -12.78 -44.88
CA LYS D 355 20.54 -13.87 -45.21
C LYS D 355 21.83 -13.31 -45.82
N ASP D 356 22.39 -12.33 -45.13
CA ASP D 356 23.65 -11.70 -45.50
C ASP D 356 24.66 -11.73 -44.37
N ARG D 357 24.26 -11.35 -43.17
CA ARG D 357 25.21 -11.15 -42.10
C ARG D 357 25.45 -12.42 -41.29
N TYR D 358 24.44 -13.29 -41.20
CA TYR D 358 24.60 -14.51 -40.42
C TYR D 358 25.46 -15.54 -41.13
N GLU D 359 25.58 -15.47 -42.45
CA GLU D 359 26.50 -16.34 -43.17
C GLU D 359 27.91 -15.77 -43.22
N VAL D 360 28.10 -14.50 -42.88
CA VAL D 360 29.41 -13.87 -42.87
C VAL D 360 30.05 -13.93 -41.49
N HIS D 361 29.27 -13.62 -40.46
CA HIS D 361 29.75 -13.73 -39.09
C HIS D 361 30.05 -15.18 -38.72
N HIS D 362 29.09 -16.06 -38.90
CA HIS D 362 29.30 -17.50 -38.82
C HIS D 362 29.46 -18.01 -40.25
N GLY D 363 30.63 -18.55 -40.57
CA GLY D 363 30.96 -18.83 -41.95
C GLY D 363 30.36 -20.08 -42.56
N VAL D 364 29.08 -20.34 -42.31
CA VAL D 364 28.40 -21.51 -42.84
C VAL D 364 27.30 -21.04 -43.78
N ARG D 365 26.77 -21.98 -44.56
CA ARG D 365 25.65 -21.71 -45.45
C ARG D 365 24.34 -22.04 -44.75
N ILE D 366 23.25 -21.52 -45.31
CA ILE D 366 21.90 -21.74 -44.77
C ILE D 366 20.97 -22.03 -45.93
N THR D 367 20.36 -23.21 -45.93
CA THR D 367 19.37 -23.56 -46.92
C THR D 367 18.11 -22.74 -46.70
N ASP D 368 17.42 -22.38 -47.80
CA ASP D 368 16.18 -21.64 -47.69
C ASP D 368 15.07 -22.47 -47.04
N SER D 369 15.11 -23.80 -47.23
CA SER D 369 14.14 -24.65 -46.57
C SER D 369 14.33 -24.66 -45.07
N ALA D 370 15.56 -24.43 -44.59
CA ALA D 370 15.78 -24.24 -43.16
C ALA D 370 15.12 -22.96 -42.67
N LEU D 371 15.16 -21.90 -43.47
CA LEU D 371 14.49 -20.65 -43.09
C LEU D 371 12.98 -20.83 -43.05
N VAL D 372 12.41 -21.53 -44.04
CA VAL D 372 10.97 -21.74 -44.07
C VAL D 372 10.52 -22.65 -42.94
N ALA D 373 11.31 -23.69 -42.64
CA ALA D 373 10.96 -24.59 -41.55
C ALA D 373 11.12 -23.95 -40.19
N ALA D 374 12.10 -23.05 -40.03
CA ALA D 374 12.25 -22.33 -38.77
C ALA D 374 11.13 -21.31 -38.59
N ALA D 375 10.69 -20.67 -39.68
CA ALA D 375 9.64 -19.68 -39.56
C ALA D 375 8.29 -20.34 -39.30
N THR D 376 7.99 -21.43 -39.99
CA THR D 376 6.70 -22.08 -39.82
C THR D 376 6.64 -22.86 -38.51
N LEU D 377 7.73 -23.55 -38.18
CA LEU D 377 7.71 -24.49 -37.06
C LEU D 377 7.71 -23.79 -35.72
N SER D 378 8.27 -22.57 -35.65
CA SER D 378 8.27 -21.80 -34.41
C SER D 378 6.95 -21.12 -34.13
N ASP D 379 6.04 -21.06 -35.11
CA ASP D 379 4.78 -20.38 -34.90
C ASP D 379 3.86 -21.18 -33.99
N ARG D 380 3.92 -22.50 -34.06
CA ARG D 380 2.95 -23.35 -33.41
C ARG D 380 3.40 -23.89 -32.06
N TYR D 381 4.67 -23.75 -31.73
CA TYR D 381 5.18 -24.37 -30.51
C TYR D 381 5.65 -23.36 -29.47
N ILE D 382 6.08 -22.18 -29.87
CA ILE D 382 6.56 -21.16 -28.95
C ILE D 382 5.63 -19.97 -29.13
N THR D 383 4.56 -19.92 -28.35
CA THR D 383 3.54 -18.89 -28.50
C THR D 383 3.59 -17.96 -27.28
N ALA D 384 4.79 -17.65 -26.82
CA ALA D 384 4.99 -16.70 -25.73
C ALA D 384 5.70 -15.43 -26.18
N ARG D 385 6.47 -15.49 -27.25
CA ARG D 385 7.10 -14.32 -27.83
C ARG D 385 6.59 -14.12 -29.25
N PHE D 386 6.99 -13.01 -29.85
CA PHE D 386 6.39 -12.53 -31.09
C PHE D 386 7.38 -12.65 -32.23
N LEU D 387 6.88 -12.47 -33.45
CA LEU D 387 7.58 -13.12 -34.56
C LEU D 387 8.21 -12.19 -35.59
N PRO D 388 9.06 -11.23 -35.22
CA PRO D 388 10.19 -10.95 -36.11
C PRO D 388 11.51 -11.50 -35.59
N ASP D 389 11.53 -11.93 -34.34
CA ASP D 389 12.79 -12.27 -33.68
C ASP D 389 12.79 -13.59 -32.94
N LYS D 390 11.62 -14.15 -32.63
CA LYS D 390 11.54 -15.53 -32.16
C LYS D 390 11.90 -16.52 -33.28
N ALA D 391 11.89 -16.07 -34.54
CA ALA D 391 12.36 -16.86 -35.66
C ALA D 391 13.82 -16.60 -36.01
N ILE D 392 14.48 -15.64 -35.38
CA ILE D 392 15.90 -15.41 -35.62
C ILE D 392 16.75 -16.22 -34.65
N ASP D 393 16.29 -16.34 -33.39
CA ASP D 393 17.04 -17.05 -32.37
C ASP D 393 17.19 -18.54 -32.67
N LEU D 394 16.26 -19.13 -33.42
CA LEU D 394 16.44 -20.51 -33.88
C LEU D 394 17.63 -20.63 -34.80
N VAL D 395 17.71 -19.72 -35.78
CA VAL D 395 18.82 -19.74 -36.74
C VAL D 395 20.14 -19.48 -36.03
N ASP D 396 20.12 -18.60 -35.04
CA ASP D 396 21.37 -18.28 -34.33
C ASP D 396 21.82 -19.45 -33.45
N GLU D 397 20.90 -20.07 -32.71
CA GLU D 397 21.27 -21.22 -31.88
C GLU D 397 21.70 -22.41 -32.74
N ALA D 398 21.05 -22.61 -33.87
CA ALA D 398 21.43 -23.73 -34.74
C ALA D 398 22.78 -23.49 -35.38
N ALA D 399 23.07 -22.26 -35.79
CA ALA D 399 24.37 -21.96 -36.38
C ALA D 399 25.48 -22.05 -35.34
N SER D 400 25.19 -21.64 -34.09
CA SER D 400 26.19 -21.75 -33.04
C SER D 400 26.48 -23.21 -32.69
N ARG D 401 25.44 -24.03 -32.60
CA ARG D 401 25.66 -25.44 -32.31
C ARG D 401 26.37 -26.14 -33.47
N LEU D 402 26.09 -25.74 -34.70
CA LEU D 402 26.78 -26.36 -35.84
C LEU D 402 28.25 -25.96 -35.88
N ARG D 403 28.55 -24.68 -35.59
CA ARG D 403 29.94 -24.25 -35.51
C ARG D 403 30.69 -24.95 -34.38
N MET D 404 30.01 -25.22 -33.26
CA MET D 404 30.69 -25.92 -32.17
C MET D 404 30.85 -27.41 -32.48
N GLU D 405 29.92 -28.01 -33.22
CA GLU D 405 30.03 -29.43 -33.53
C GLU D 405 31.09 -29.69 -34.60
N ILE D 406 31.04 -28.96 -35.71
CA ILE D 406 31.96 -29.26 -36.81
C ILE D 406 33.34 -28.68 -36.54
N ASP D 407 33.42 -27.37 -36.36
CA ASP D 407 34.72 -26.74 -36.16
C ASP D 407 35.20 -26.97 -34.73
N SER D 408 36.53 -27.12 -34.59
CA SER D 408 37.24 -27.36 -33.35
C SER D 408 36.82 -28.65 -32.64
N ARG D 409 36.23 -29.60 -33.39
CA ARG D 409 35.89 -30.92 -32.89
C ARG D 409 36.11 -31.94 -33.99
N PRO D 410 36.69 -33.11 -33.65
CA PRO D 410 36.86 -34.20 -34.60
C PRO D 410 35.51 -34.79 -35.04
N LYS D 530 24.71 -30.54 -46.10
CA LYS D 530 24.65 -31.24 -44.83
C LYS D 530 25.79 -30.80 -43.90
N GLU D 531 26.87 -30.25 -44.49
CA GLU D 531 27.86 -29.57 -43.67
C GLU D 531 27.43 -28.15 -43.33
N GLU D 532 26.42 -27.64 -44.01
CA GLU D 532 25.73 -26.44 -43.59
C GLU D 532 24.53 -26.83 -42.73
N VAL D 533 23.72 -25.85 -42.33
CA VAL D 533 22.55 -26.15 -41.50
C VAL D 533 21.48 -26.77 -42.38
N GLY D 534 20.49 -27.39 -41.74
CA GLY D 534 19.38 -27.97 -42.44
C GLY D 534 18.14 -27.95 -41.57
N PRO D 535 16.98 -28.23 -42.17
CA PRO D 535 15.72 -28.19 -41.40
C PRO D 535 15.50 -29.34 -40.44
N ASP D 536 16.50 -30.20 -40.23
CA ASP D 536 16.47 -31.19 -39.16
C ASP D 536 17.28 -30.76 -37.94
N ASP D 537 18.16 -29.78 -38.08
CA ASP D 537 18.81 -29.21 -36.91
C ASP D 537 17.91 -28.21 -36.20
N ILE D 538 17.08 -27.51 -36.98
CA ILE D 538 16.05 -26.62 -36.44
C ILE D 538 15.06 -27.41 -35.59
N ALA D 539 14.77 -28.65 -35.99
CA ALA D 539 13.91 -29.53 -35.21
C ALA D 539 14.56 -29.87 -33.86
N ASP D 540 15.87 -30.11 -33.84
CA ASP D 540 16.54 -30.40 -32.58
C ASP D 540 16.59 -29.17 -31.68
N VAL D 541 16.77 -27.99 -32.29
CA VAL D 541 16.81 -26.74 -31.52
C VAL D 541 15.47 -26.48 -30.86
N VAL D 542 14.39 -26.61 -31.63
CA VAL D 542 13.06 -26.37 -31.07
C VAL D 542 12.53 -27.56 -30.30
N SER D 543 13.25 -28.69 -30.30
CA SER D 543 12.81 -29.89 -29.60
C SER D 543 13.45 -30.06 -28.24
N ALA D 544 14.78 -29.96 -28.15
CA ALA D 544 15.45 -30.08 -26.87
C ALA D 544 15.06 -28.94 -25.95
N TRP D 545 15.29 -27.71 -26.40
CA TRP D 545 14.67 -26.56 -25.79
C TRP D 545 13.17 -26.59 -26.05
N THR D 546 12.39 -26.21 -25.02
CA THR D 546 10.92 -26.16 -24.92
C THR D 546 10.24 -27.53 -24.85
N GLY D 547 10.95 -28.64 -25.05
CA GLY D 547 10.45 -29.97 -24.72
C GLY D 547 9.28 -30.49 -25.52
N ILE D 548 9.35 -30.44 -26.85
CA ILE D 548 8.34 -31.00 -27.73
C ILE D 548 9.05 -31.88 -28.74
N PRO D 549 8.71 -33.15 -28.86
CA PRO D 549 9.54 -34.09 -29.63
C PRO D 549 9.30 -34.08 -31.13
N ALA D 550 8.76 -33.01 -31.70
CA ALA D 550 8.39 -32.98 -33.11
C ALA D 550 9.62 -32.95 -34.02
N GLY D 551 9.35 -32.93 -35.32
CA GLY D 551 10.39 -33.01 -36.33
C GLY D 551 9.86 -33.54 -37.64
N ARG D 552 10.52 -34.56 -38.20
CA ARG D 552 10.01 -35.24 -39.39
C ARG D 552 10.15 -36.75 -39.29
N LEU D 553 10.27 -37.30 -38.08
CA LEU D 553 10.57 -38.71 -37.81
C LEU D 553 11.89 -39.12 -38.46
N LEU D 554 12.96 -38.49 -37.96
CA LEU D 554 14.30 -38.96 -38.28
C LEU D 554 14.52 -40.34 -37.69
N GLU D 555 15.36 -41.14 -38.35
CA GLU D 555 15.49 -42.55 -37.99
C GLU D 555 16.16 -42.73 -36.64
N GLY D 556 15.59 -43.64 -35.84
CA GLY D 556 16.07 -43.92 -34.51
C GLY D 556 14.91 -44.14 -33.56
N GLU D 557 13.78 -43.48 -33.84
CA GLU D 557 12.57 -43.66 -33.06
C GLU D 557 11.44 -44.29 -33.85
N THR D 558 11.51 -44.26 -35.19
CA THR D 558 10.41 -44.78 -36.00
C THR D 558 10.31 -46.30 -35.91
N ALA D 559 11.46 -46.97 -35.80
CA ALA D 559 11.44 -48.41 -35.53
C ALA D 559 10.86 -48.72 -34.16
N LYS D 560 11.11 -47.84 -33.18
CA LYS D 560 10.41 -47.95 -31.91
C LYS D 560 8.94 -47.55 -32.05
N LEU D 561 8.65 -46.65 -32.99
CA LEU D 561 7.28 -46.15 -33.15
C LEU D 561 6.36 -47.21 -33.74
N LEU D 562 6.87 -48.08 -34.61
CA LEU D 562 6.04 -49.19 -35.06
C LEU D 562 5.91 -50.27 -33.99
N ARG D 563 7.00 -50.60 -33.30
CA ARG D 563 6.94 -51.56 -32.19
C ARG D 563 6.47 -50.83 -30.93
N MET D 564 5.19 -50.51 -30.93
CA MET D 564 4.60 -49.75 -29.84
C MET D 564 3.34 -50.38 -29.28
N GLU D 565 2.51 -50.99 -30.14
CA GLU D 565 1.32 -51.70 -29.66
C GLU D 565 1.72 -52.95 -28.88
N ASP D 566 2.56 -53.79 -29.48
CA ASP D 566 3.08 -54.96 -28.78
C ASP D 566 4.04 -54.59 -27.65
N GLU D 567 4.65 -53.40 -27.71
CA GLU D 567 5.44 -52.92 -26.59
C GLU D 567 4.54 -52.56 -25.42
N LEU D 568 3.39 -51.95 -25.69
CA LEU D 568 2.47 -51.57 -24.63
C LEU D 568 1.78 -52.79 -24.02
N GLY D 569 1.78 -53.92 -24.72
CA GLY D 569 1.26 -55.16 -24.18
C GLY D 569 2.22 -55.89 -23.27
N LYS D 570 3.28 -55.22 -22.82
CA LYS D 570 4.23 -55.79 -21.89
C LYS D 570 4.11 -55.24 -20.48
N ARG D 571 3.31 -54.19 -20.28
CA ARG D 571 2.78 -53.90 -18.95
C ARG D 571 1.27 -54.05 -18.89
N VAL D 572 0.55 -53.60 -19.92
CA VAL D 572 -0.89 -53.73 -19.96
C VAL D 572 -1.21 -55.05 -20.65
N ILE D 573 -1.59 -56.04 -19.85
CA ILE D 573 -1.97 -57.36 -20.33
C ILE D 573 -3.49 -57.47 -20.22
N GLY D 574 -4.10 -58.04 -21.26
CA GLY D 574 -5.51 -57.87 -21.53
C GLY D 574 -5.69 -56.77 -22.55
N GLN D 575 -6.97 -56.50 -22.85
CA GLN D 575 -7.44 -55.33 -23.61
C GLN D 575 -6.80 -55.27 -25.01
N LYS D 576 -7.22 -56.23 -25.83
CA LYS D 576 -6.69 -56.34 -27.19
C LYS D 576 -7.12 -55.15 -28.05
N ALA D 577 -8.38 -54.76 -27.98
CA ALA D 577 -8.95 -53.79 -28.91
C ALA D 577 -9.08 -52.38 -28.33
N ALA D 578 -8.47 -52.13 -27.19
CA ALA D 578 -8.47 -50.79 -26.60
C ALA D 578 -7.07 -50.19 -26.57
N VAL D 579 -6.12 -50.80 -27.26
CA VAL D 579 -4.75 -50.31 -27.30
C VAL D 579 -4.54 -49.64 -28.66
N THR D 580 -5.17 -50.20 -29.69
CA THR D 580 -4.96 -49.70 -31.05
C THR D 580 -5.55 -48.31 -31.24
N ALA D 581 -6.62 -47.97 -30.51
CA ALA D 581 -7.14 -46.61 -30.59
C ALA D 581 -6.21 -45.61 -29.92
N VAL D 582 -5.50 -46.03 -28.88
CA VAL D 582 -4.51 -45.17 -28.26
C VAL D 582 -3.28 -45.06 -29.14
N SER D 583 -2.92 -46.16 -29.83
CA SER D 583 -1.81 -46.15 -30.77
C SER D 583 -2.09 -45.24 -31.95
N ASP D 584 -3.34 -45.21 -32.41
CA ASP D 584 -3.75 -44.42 -33.55
C ASP D 584 -4.08 -42.99 -33.17
N ALA D 585 -3.60 -42.52 -32.02
CA ALA D 585 -3.55 -41.10 -31.72
C ALA D 585 -2.12 -40.59 -31.74
N VAL D 586 -1.19 -41.33 -31.12
CA VAL D 586 0.21 -40.93 -31.14
C VAL D 586 0.80 -41.06 -32.53
N ARG D 587 0.53 -42.20 -33.19
CA ARG D 587 1.04 -42.36 -34.56
C ARG D 587 0.29 -41.51 -35.56
N ARG D 588 -0.92 -41.07 -35.23
CA ARG D 588 -1.63 -40.16 -36.12
C ARG D 588 -1.16 -38.73 -35.92
N SER D 589 -0.72 -38.38 -34.72
CA SER D 589 -0.33 -37.02 -34.40
C SER D 589 1.12 -36.71 -34.75
N ARG D 590 2.05 -37.61 -34.45
CA ARG D 590 3.44 -37.30 -34.77
C ARG D 590 3.74 -37.44 -36.26
N ALA D 591 2.90 -38.15 -37.00
CA ALA D 591 3.06 -38.27 -38.45
C ALA D 591 2.69 -37.00 -39.21
N GLY D 592 2.24 -35.95 -38.53
CA GLY D 592 1.97 -34.69 -39.20
C GLY D 592 0.67 -34.62 -39.94
N VAL D 593 -0.27 -35.53 -39.68
CA VAL D 593 -1.58 -35.50 -40.30
C VAL D 593 -2.58 -35.44 -39.15
N SER D 594 -2.92 -34.22 -38.73
CA SER D 594 -3.84 -33.93 -37.64
C SER D 594 -4.11 -32.43 -37.64
N ASP D 595 -5.23 -32.04 -37.03
CA ASP D 595 -5.61 -30.63 -36.99
C ASP D 595 -4.65 -29.86 -36.08
N PRO D 596 -4.26 -28.64 -36.49
CA PRO D 596 -3.32 -27.87 -35.66
C PRO D 596 -3.97 -27.22 -34.45
N ASN D 597 -5.31 -27.17 -34.39
CA ASN D 597 -6.00 -26.56 -33.26
C ASN D 597 -7.05 -27.54 -32.72
N ARG D 598 -6.58 -28.48 -31.92
CA ARG D 598 -7.23 -29.50 -31.11
C ARG D 598 -6.15 -30.15 -30.27
N PRO D 599 -6.47 -30.68 -29.10
CA PRO D 599 -5.53 -31.60 -28.45
C PRO D 599 -5.39 -32.87 -29.27
N THR D 600 -4.23 -33.49 -29.15
CA THR D 600 -3.93 -34.68 -29.94
C THR D 600 -4.55 -35.95 -29.39
N GLY D 601 -5.48 -35.84 -28.44
CA GLY D 601 -6.22 -36.97 -27.93
C GLY D 601 -7.16 -36.53 -26.84
N ALA D 602 -8.42 -36.97 -26.91
CA ALA D 602 -9.40 -36.58 -25.90
C ALA D 602 -10.28 -37.74 -25.50
N PHE D 603 -9.84 -38.97 -25.74
CA PHE D 603 -10.68 -40.14 -25.59
C PHE D 603 -10.90 -40.49 -24.12
N MET D 604 -12.07 -41.04 -23.84
CA MET D 604 -12.44 -41.49 -22.51
C MET D 604 -12.79 -42.97 -22.55
N PHE D 605 -12.50 -43.66 -21.46
CA PHE D 605 -12.85 -45.07 -21.39
C PHE D 605 -13.33 -45.44 -20.00
N LEU D 606 -14.19 -46.46 -19.96
CA LEU D 606 -14.93 -46.85 -18.78
C LEU D 606 -15.25 -48.33 -18.84
N GLY D 607 -15.76 -48.86 -17.72
CA GLY D 607 -16.11 -50.26 -17.63
C GLY D 607 -16.22 -50.71 -16.19
N PRO D 608 -15.89 -51.98 -15.93
CA PRO D 608 -15.86 -52.46 -14.55
C PRO D 608 -14.65 -51.92 -13.80
N THR D 609 -14.66 -52.16 -12.50
CA THR D 609 -13.56 -51.74 -11.64
C THR D 609 -12.48 -52.80 -11.62
N GLY D 610 -11.25 -52.36 -11.39
CA GLY D 610 -10.13 -53.29 -11.29
C GLY D 610 -9.72 -53.91 -12.61
N VAL D 611 -9.95 -53.22 -13.72
CA VAL D 611 -9.56 -53.72 -15.03
C VAL D 611 -8.24 -53.09 -15.48
N GLY D 612 -7.81 -52.01 -14.84
CA GLY D 612 -6.53 -51.39 -15.14
C GLY D 612 -6.59 -50.19 -16.06
N LYS D 613 -7.46 -49.24 -15.72
CA LYS D 613 -7.55 -47.99 -16.49
C LYS D 613 -6.37 -47.08 -16.19
N THR D 614 -6.16 -46.79 -14.89
CA THR D 614 -5.03 -45.99 -14.44
C THR D 614 -3.71 -46.66 -14.80
N GLU D 615 -3.69 -47.99 -14.81
CA GLU D 615 -2.50 -48.74 -15.21
C GLU D 615 -2.17 -48.52 -16.68
N LEU D 616 -3.19 -48.51 -17.55
CA LEU D 616 -2.96 -48.21 -18.96
C LEU D 616 -2.50 -46.77 -19.15
N ALA D 617 -3.08 -45.84 -18.40
CA ALA D 617 -2.66 -44.44 -18.49
C ALA D 617 -1.22 -44.25 -18.04
N LYS D 618 -0.83 -44.95 -16.97
CA LYS D 618 0.54 -44.82 -16.49
C LYS D 618 1.54 -45.54 -17.38
N ALA D 619 1.14 -46.62 -18.05
CA ALA D 619 2.03 -47.22 -19.03
C ALA D 619 2.21 -46.32 -20.25
N LEU D 620 1.14 -45.63 -20.64
CA LEU D 620 1.24 -44.68 -21.74
C LEU D 620 2.13 -43.49 -21.37
N ALA D 621 2.05 -43.04 -20.12
CA ALA D 621 2.95 -41.99 -19.66
C ALA D 621 4.37 -42.52 -19.51
N ASP D 622 4.53 -43.81 -19.27
CA ASP D 622 5.86 -44.40 -19.20
C ASP D 622 6.51 -44.43 -20.58
N PHE D 623 5.72 -44.68 -21.63
CA PHE D 623 6.31 -44.95 -22.94
C PHE D 623 6.98 -43.72 -23.55
N LEU D 624 6.37 -42.54 -23.41
CA LEU D 624 6.89 -41.36 -24.08
C LEU D 624 7.42 -40.30 -23.11
N PHE D 625 7.77 -40.70 -21.89
CA PHE D 625 8.60 -39.89 -21.01
C PHE D 625 9.70 -40.66 -20.31
N ASP D 626 9.64 -41.99 -20.29
CA ASP D 626 10.51 -42.89 -19.50
C ASP D 626 10.46 -42.57 -18.01
N ASP D 627 9.34 -42.04 -17.53
CA ASP D 627 9.24 -41.50 -16.18
C ASP D 627 7.89 -41.86 -15.60
N GLU D 628 7.57 -41.26 -14.45
CA GLU D 628 6.28 -41.45 -13.81
C GLU D 628 5.65 -40.17 -13.28
N ARG D 629 6.40 -39.07 -13.18
CA ARG D 629 5.88 -37.84 -12.58
C ARG D 629 5.57 -36.78 -13.63
N ALA D 630 5.67 -37.12 -14.91
CA ALA D 630 5.23 -36.20 -15.96
C ALA D 630 3.72 -36.17 -16.08
N MET D 631 3.04 -37.24 -15.66
CA MET D 631 1.59 -37.25 -15.68
C MET D 631 1.02 -36.34 -14.61
N VAL D 632 -0.09 -35.69 -14.93
CA VAL D 632 -0.74 -34.77 -14.01
C VAL D 632 -2.08 -35.38 -13.63
N ARG D 633 -2.10 -36.12 -12.53
CA ARG D 633 -3.33 -36.71 -12.02
C ARG D 633 -4.04 -35.69 -11.14
N ILE D 634 -5.26 -35.31 -11.50
CA ILE D 634 -6.08 -34.53 -10.58
C ILE D 634 -7.33 -35.33 -10.26
N ASP D 635 -7.71 -35.28 -8.99
CA ASP D 635 -8.81 -36.08 -8.47
C ASP D 635 -10.15 -35.54 -9.00
N MET D 636 -11.17 -36.37 -8.91
CA MET D 636 -12.53 -35.89 -9.05
C MET D 636 -13.42 -36.32 -7.90
N SER D 637 -12.88 -36.97 -6.88
CA SER D 637 -13.64 -37.24 -5.68
C SER D 637 -13.57 -36.10 -4.67
N GLU D 638 -12.85 -35.03 -5.00
CA GLU D 638 -12.76 -33.85 -4.15
C GLU D 638 -13.89 -32.86 -4.38
N TYR D 639 -14.58 -32.95 -5.51
CA TYR D 639 -15.37 -31.85 -6.05
C TYR D 639 -16.86 -32.03 -5.84
N GLY D 640 -17.28 -32.55 -4.68
CA GLY D 640 -18.70 -32.66 -4.41
C GLY D 640 -19.36 -31.32 -4.24
N GLU D 641 -18.67 -30.38 -3.59
CA GLU D 641 -19.22 -29.05 -3.37
C GLU D 641 -19.01 -28.18 -4.59
N LYS D 642 -19.96 -27.27 -4.80
CA LYS D 642 -19.98 -26.48 -6.03
C LYS D 642 -18.96 -25.37 -6.02
N HIS D 643 -18.65 -24.83 -4.85
CA HIS D 643 -17.72 -23.73 -4.75
C HIS D 643 -16.26 -24.16 -4.83
N THR D 644 -15.98 -25.46 -4.82
CA THR D 644 -14.61 -25.97 -4.80
C THR D 644 -14.00 -26.12 -6.19
N VAL D 645 -14.54 -25.43 -7.19
CA VAL D 645 -14.05 -25.61 -8.55
C VAL D 645 -12.78 -24.81 -8.77
N ALA D 646 -12.63 -23.68 -8.12
CA ALA D 646 -11.60 -22.67 -8.37
C ALA D 646 -10.18 -23.13 -8.06
N ARG D 647 -9.89 -24.38 -7.69
CA ARG D 647 -8.52 -24.83 -7.58
C ARG D 647 -7.83 -24.84 -8.94
N LEU D 648 -8.57 -25.12 -10.00
CA LEU D 648 -8.01 -25.30 -11.32
C LEU D 648 -8.28 -24.11 -12.23
N ILE D 649 -8.70 -22.98 -11.68
CA ILE D 649 -8.76 -21.74 -12.42
C ILE D 649 -7.92 -20.70 -11.69
N GLY D 650 -8.30 -20.40 -10.45
CA GLY D 650 -7.66 -19.36 -9.68
C GLY D 650 -8.68 -18.54 -8.92
N ALA D 651 -8.45 -17.24 -8.82
CA ALA D 651 -9.36 -16.35 -8.13
C ALA D 651 -9.39 -15.03 -8.89
N PRO D 652 -10.56 -14.38 -8.96
CA PRO D 652 -10.66 -13.12 -9.69
C PRO D 652 -9.96 -12.02 -8.93
N PRO D 653 -9.58 -10.92 -9.60
CA PRO D 653 -8.72 -9.91 -8.95
C PRO D 653 -9.42 -9.19 -7.81
N GLY D 654 -8.90 -9.35 -6.62
CA GLY D 654 -9.47 -8.72 -5.46
C GLY D 654 -9.75 -9.73 -4.37
N TYR D 655 -9.28 -10.96 -4.58
CA TYR D 655 -9.54 -12.04 -3.64
C TYR D 655 -8.22 -12.64 -3.18
N VAL D 656 -8.34 -13.67 -2.33
CA VAL D 656 -7.27 -13.99 -1.38
C VAL D 656 -6.07 -14.59 -2.08
N GLY D 657 -6.26 -15.67 -2.83
CA GLY D 657 -5.15 -16.22 -3.56
C GLY D 657 -5.10 -15.69 -4.97
N TYR D 658 -4.31 -14.64 -5.20
CA TYR D 658 -4.28 -14.04 -6.52
C TYR D 658 -2.92 -14.10 -7.18
N GLU D 659 -1.84 -13.93 -6.41
CA GLU D 659 -0.50 -14.02 -6.99
C GLU D 659 -0.13 -15.44 -7.34
N ALA D 660 -0.77 -16.44 -6.71
CA ALA D 660 -0.44 -17.83 -7.00
C ALA D 660 -0.95 -18.25 -8.36
N GLY D 661 -2.27 -18.18 -8.56
CA GLY D 661 -2.86 -18.63 -9.80
C GLY D 661 -3.69 -19.88 -9.61
N GLY D 662 -3.57 -20.83 -10.54
CA GLY D 662 -4.31 -22.07 -10.43
C GLY D 662 -3.44 -23.30 -10.41
N GLN D 663 -3.97 -24.42 -9.93
CA GLN D 663 -3.27 -25.70 -9.99
C GLN D 663 -3.02 -26.14 -11.42
N LEU D 664 -4.10 -26.39 -12.15
CA LEU D 664 -4.08 -26.98 -13.48
C LEU D 664 -3.58 -26.00 -14.54
N THR D 665 -3.36 -24.74 -14.21
CA THR D 665 -2.77 -23.83 -15.16
C THR D 665 -1.27 -23.63 -14.95
N GLU D 666 -0.84 -23.41 -13.70
CA GLU D 666 0.59 -23.33 -13.42
C GLU D 666 1.28 -24.67 -13.60
N ALA D 667 0.53 -25.78 -13.53
CA ALA D 667 1.13 -27.08 -13.79
C ALA D 667 1.47 -27.27 -15.26
N VAL D 668 0.79 -26.55 -16.16
CA VAL D 668 0.96 -26.76 -17.60
C VAL D 668 1.64 -25.57 -18.28
N ARG D 669 1.76 -24.41 -17.61
CA ARG D 669 2.58 -23.33 -18.16
C ARG D 669 4.04 -23.72 -18.26
N ARG D 670 4.51 -24.57 -17.35
CA ARG D 670 5.75 -25.30 -17.52
C ARG D 670 5.41 -26.75 -17.84
N ARG D 671 6.37 -27.42 -18.51
CA ARG D 671 6.25 -28.79 -19.04
C ARG D 671 5.00 -28.90 -19.93
N PRO D 672 5.02 -28.34 -21.14
CA PRO D 672 3.81 -28.31 -21.98
C PRO D 672 3.69 -29.53 -22.89
N TYR D 673 3.92 -30.72 -22.34
CA TYR D 673 3.77 -31.93 -23.12
C TYR D 673 3.16 -33.06 -22.28
N THR D 674 2.68 -32.73 -21.08
CA THR D 674 2.23 -33.72 -20.13
C THR D 674 0.96 -34.42 -20.60
N VAL D 675 0.69 -35.57 -19.99
CA VAL D 675 -0.61 -36.24 -20.07
C VAL D 675 -1.36 -35.87 -18.80
N VAL D 676 -2.67 -35.69 -18.90
CA VAL D 676 -3.48 -35.24 -17.78
C VAL D 676 -4.53 -36.31 -17.51
N LEU D 677 -4.87 -36.50 -16.23
CA LEU D 677 -5.80 -37.55 -15.82
C LEU D 677 -6.88 -36.99 -14.92
N PHE D 678 -8.11 -37.41 -15.20
CA PHE D 678 -9.32 -36.99 -14.49
C PHE D 678 -9.96 -38.27 -13.96
N ASP D 679 -9.49 -38.73 -12.80
CA ASP D 679 -9.90 -40.04 -12.32
C ASP D 679 -11.28 -39.99 -11.67
N GLU D 680 -12.14 -40.93 -12.09
CA GLU D 680 -13.51 -41.12 -11.60
C GLU D 680 -14.35 -39.86 -11.79
N ILE D 681 -14.56 -39.50 -13.05
CA ILE D 681 -15.44 -38.36 -13.30
C ILE D 681 -16.87 -38.90 -13.43
N GLU D 682 -17.45 -39.24 -12.28
CA GLU D 682 -18.88 -39.44 -12.12
C GLU D 682 -19.28 -38.73 -10.83
N LYS D 683 -18.34 -38.70 -9.89
CA LYS D 683 -18.58 -38.12 -8.58
C LYS D 683 -18.67 -36.60 -8.64
N ALA D 684 -18.09 -35.99 -9.66
CA ALA D 684 -18.21 -34.55 -9.85
C ALA D 684 -19.63 -34.19 -10.24
N HIS D 685 -20.25 -33.30 -9.47
CA HIS D 685 -21.60 -32.86 -9.74
C HIS D 685 -21.62 -32.03 -11.03
N PRO D 686 -22.77 -31.97 -11.75
CA PRO D 686 -22.75 -31.39 -13.10
C PRO D 686 -22.56 -29.87 -13.17
N ASP D 687 -21.45 -29.37 -12.66
CA ASP D 687 -20.97 -28.04 -13.00
C ASP D 687 -19.47 -28.01 -13.25
N VAL D 688 -18.74 -29.04 -12.85
CA VAL D 688 -17.34 -29.15 -13.24
C VAL D 688 -17.23 -29.48 -14.72
N PHE D 689 -18.22 -30.21 -15.25
CA PHE D 689 -18.27 -30.55 -16.67
C PHE D 689 -18.32 -29.34 -17.58
N ASP D 690 -18.72 -28.19 -17.06
CA ASP D 690 -18.78 -26.97 -17.85
C ASP D 690 -17.41 -26.32 -18.01
N VAL D 691 -16.43 -26.68 -17.18
CA VAL D 691 -15.11 -26.09 -17.33
C VAL D 691 -14.37 -26.73 -18.49
N LEU D 692 -14.11 -28.04 -18.38
CA LEU D 692 -13.40 -28.79 -19.42
C LEU D 692 -14.22 -28.98 -20.69
N LEU D 693 -15.45 -28.48 -20.74
CA LEU D 693 -16.16 -28.33 -21.99
C LEU D 693 -15.42 -27.41 -22.95
N GLN D 694 -14.73 -26.38 -22.45
CA GLN D 694 -14.06 -25.47 -23.36
C GLN D 694 -12.56 -25.72 -23.44
N VAL D 695 -12.03 -26.59 -22.60
CA VAL D 695 -10.70 -27.16 -22.84
C VAL D 695 -10.71 -27.93 -24.16
N LEU D 696 -11.67 -28.84 -24.30
CA LEU D 696 -11.95 -29.49 -25.55
C LEU D 696 -12.53 -28.47 -26.54
N ASP D 697 -12.39 -28.79 -27.84
CA ASP D 697 -12.95 -28.09 -28.99
C ASP D 697 -12.27 -26.75 -29.27
N GLU D 698 -11.45 -26.28 -28.36
CA GLU D 698 -10.69 -25.05 -28.53
C GLU D 698 -9.22 -25.23 -28.23
N GLY D 699 -8.87 -26.02 -27.22
CA GLY D 699 -7.49 -26.12 -26.80
C GLY D 699 -6.97 -24.88 -26.11
N ARG D 700 -7.78 -24.22 -25.31
CA ARG D 700 -7.30 -23.09 -24.55
C ARG D 700 -8.00 -23.04 -23.19
N LEU D 701 -7.38 -22.31 -22.27
CA LEU D 701 -7.95 -22.10 -20.96
C LEU D 701 -7.41 -20.78 -20.42
N THR D 702 -8.25 -20.06 -19.69
CA THR D 702 -7.87 -18.78 -19.12
C THR D 702 -7.92 -18.86 -17.60
N ASP D 703 -7.21 -17.94 -16.96
CA ASP D 703 -7.07 -17.92 -15.51
C ASP D 703 -7.20 -16.48 -15.04
N GLY D 704 -6.78 -16.23 -13.80
CA GLY D 704 -7.06 -14.96 -13.15
C GLY D 704 -6.38 -13.77 -13.79
N HIS D 705 -5.14 -13.95 -14.26
CA HIS D 705 -4.43 -12.85 -14.90
C HIS D 705 -4.89 -12.60 -16.33
N GLY D 706 -5.59 -13.56 -16.94
CA GLY D 706 -5.98 -13.42 -18.33
C GLY D 706 -5.00 -13.96 -19.32
N ARG D 707 -4.21 -14.95 -18.94
CA ARG D 707 -3.16 -15.52 -19.78
C ARG D 707 -3.64 -16.87 -20.31
N THR D 708 -3.88 -16.94 -21.62
CA THR D 708 -4.46 -18.13 -22.22
C THR D 708 -3.40 -19.20 -22.37
N VAL D 709 -3.49 -20.24 -21.59
CA VAL D 709 -2.63 -21.40 -21.75
C VAL D 709 -3.28 -22.32 -22.77
N ASP D 710 -2.46 -23.02 -23.56
CA ASP D 710 -2.93 -23.77 -24.71
C ASP D 710 -2.61 -25.26 -24.56
N PHE D 711 -3.64 -26.08 -24.57
CA PHE D 711 -3.46 -27.53 -24.50
C PHE D 711 -3.46 -28.14 -25.88
N ARG D 712 -2.65 -27.61 -26.79
CA ARG D 712 -2.78 -28.06 -28.17
C ARG D 712 -1.99 -29.32 -28.46
N ASN D 713 -1.09 -29.72 -27.56
CA ASN D 713 -0.26 -30.90 -27.78
C ASN D 713 -0.15 -31.71 -26.50
N THR D 714 -1.25 -31.89 -25.79
CA THR D 714 -1.32 -32.74 -24.62
C THR D 714 -2.32 -33.87 -24.87
N ILE D 715 -2.19 -34.93 -24.09
CA ILE D 715 -3.15 -36.03 -24.10
C ILE D 715 -4.14 -35.79 -22.98
N LEU D 716 -5.43 -35.94 -23.26
CA LEU D 716 -6.46 -35.84 -22.25
C LEU D 716 -7.15 -37.19 -22.12
N ILE D 717 -7.12 -37.75 -20.91
CA ILE D 717 -7.71 -39.05 -20.64
C ILE D 717 -8.53 -38.92 -19.37
N LEU D 718 -9.81 -39.23 -19.45
CA LEU D 718 -10.71 -39.11 -18.31
C LEU D 718 -11.45 -40.42 -18.13
N THR D 719 -11.27 -41.07 -16.98
CA THR D 719 -11.82 -42.40 -16.74
C THR D 719 -13.12 -42.30 -15.96
N SER D 720 -13.99 -43.28 -16.17
CA SER D 720 -15.33 -43.24 -15.62
C SER D 720 -15.68 -44.58 -14.99
N ASN D 721 -16.90 -44.66 -14.44
CA ASN D 721 -17.36 -45.87 -13.79
C ASN D 721 -18.83 -46.14 -14.09
N LEU D 722 -19.40 -45.54 -15.13
CA LEU D 722 -20.80 -45.76 -15.44
C LEU D 722 -21.04 -47.16 -16.00
N GLY D 723 -22.25 -47.66 -15.83
CA GLY D 723 -22.57 -48.98 -16.30
C GLY D 723 -22.29 -50.05 -15.27
N SER D 724 -21.12 -50.68 -15.37
CA SER D 724 -20.59 -51.70 -14.46
C SER D 724 -21.54 -52.91 -14.39
N GLY D 725 -21.63 -53.60 -15.53
CA GLY D 725 -22.38 -54.84 -15.58
C GLY D 725 -23.14 -55.06 -16.87
N GLY D 726 -23.51 -53.98 -17.55
CA GLY D 726 -24.26 -54.07 -18.78
C GLY D 726 -23.37 -54.29 -19.98
N SER D 727 -23.99 -54.20 -21.16
CA SER D 727 -23.30 -54.33 -22.42
C SER D 727 -23.14 -52.95 -23.06
N ALA D 728 -22.66 -52.94 -24.31
CA ALA D 728 -22.33 -51.71 -25.02
C ALA D 728 -23.55 -50.84 -25.34
N GLU D 729 -24.76 -51.37 -25.23
CA GLU D 729 -25.97 -50.55 -25.26
C GLU D 729 -26.54 -50.30 -23.88
N GLN D 730 -26.28 -51.20 -22.92
CA GLN D 730 -26.81 -51.04 -21.58
C GLN D 730 -25.97 -50.05 -20.77
N VAL D 731 -24.66 -50.07 -20.95
CA VAL D 731 -23.80 -49.11 -20.25
C VAL D 731 -23.94 -47.71 -20.86
N LEU D 732 -24.00 -47.64 -22.19
CA LEU D 732 -23.96 -46.37 -22.91
C LEU D 732 -25.21 -45.52 -22.69
N ALA D 733 -26.32 -46.13 -22.28
CA ALA D 733 -27.51 -45.35 -21.92
C ALA D 733 -27.27 -44.53 -20.65
N ALA D 734 -26.44 -45.03 -19.74
CA ALA D 734 -26.09 -44.25 -18.56
C ALA D 734 -25.21 -43.06 -18.90
N VAL D 735 -24.35 -43.21 -19.91
CA VAL D 735 -23.54 -42.07 -20.37
C VAL D 735 -24.44 -41.06 -21.08
N ARG D 736 -25.42 -41.53 -21.85
CA ARG D 736 -26.38 -40.62 -22.46
C ARG D 736 -27.23 -39.91 -21.42
N ALA D 737 -27.56 -40.58 -20.33
CA ALA D 737 -28.47 -40.00 -19.34
C ALA D 737 -27.76 -39.05 -18.38
N THR D 738 -26.58 -39.42 -17.92
CA THR D 738 -25.92 -38.65 -16.87
C THR D 738 -25.15 -37.45 -17.39
N PHE D 739 -25.06 -37.26 -18.70
CA PHE D 739 -24.31 -36.17 -19.30
C PHE D 739 -25.25 -35.25 -20.09
N LYS D 740 -24.66 -34.32 -20.80
CA LYS D 740 -25.31 -33.43 -21.74
C LYS D 740 -25.05 -33.90 -23.16
N PRO D 741 -25.87 -33.51 -24.14
CA PRO D 741 -25.60 -33.88 -25.53
C PRO D 741 -24.38 -33.21 -26.13
N GLU D 742 -23.83 -32.18 -25.48
CA GLU D 742 -22.69 -31.45 -26.03
C GLU D 742 -21.36 -31.88 -25.46
N PHE D 743 -21.33 -32.52 -24.28
CA PHE D 743 -20.08 -33.04 -23.76
C PHE D 743 -19.72 -34.37 -24.39
N ILE D 744 -20.72 -35.18 -24.74
CA ILE D 744 -20.48 -36.42 -25.46
C ILE D 744 -20.06 -36.14 -26.90
N ASN D 745 -20.43 -34.97 -27.42
CA ASN D 745 -20.23 -34.66 -28.82
C ASN D 745 -18.76 -34.41 -29.15
N ARG D 746 -17.94 -34.08 -28.16
CA ARG D 746 -16.60 -33.57 -28.44
C ARG D 746 -15.50 -34.60 -28.29
N LEU D 747 -15.70 -35.61 -27.46
CA LEU D 747 -14.64 -36.58 -27.22
C LEU D 747 -14.57 -37.60 -28.36
N ASP D 748 -13.55 -38.44 -28.29
CA ASP D 748 -13.23 -39.44 -29.30
C ASP D 748 -13.98 -40.73 -28.96
N ASP D 749 -13.54 -41.84 -29.55
CA ASP D 749 -14.18 -43.14 -29.38
C ASP D 749 -14.27 -43.55 -27.92
N VAL D 750 -15.49 -43.79 -27.46
CA VAL D 750 -15.73 -44.19 -26.08
C VAL D 750 -15.32 -45.66 -25.97
N LEU D 751 -14.09 -45.88 -25.50
CA LEU D 751 -13.56 -47.23 -25.42
C LEU D 751 -14.18 -47.97 -24.25
N ILE D 752 -14.51 -49.24 -24.47
CA ILE D 752 -15.18 -50.06 -23.47
C ILE D 752 -14.22 -51.17 -23.06
N PHE D 753 -13.76 -51.13 -21.82
CA PHE D 753 -12.89 -52.19 -21.33
C PHE D 753 -13.73 -53.43 -21.05
N GLU D 754 -13.12 -54.59 -21.28
CA GLU D 754 -13.80 -55.86 -21.12
C GLU D 754 -13.59 -56.37 -19.70
N GLY D 755 -13.96 -57.63 -19.46
CA GLY D 755 -13.58 -58.30 -18.25
C GLY D 755 -12.19 -58.91 -18.38
N LEU D 756 -11.87 -59.78 -17.43
CA LEU D 756 -10.60 -60.49 -17.47
C LEU D 756 -10.82 -61.95 -17.84
N ASN D 757 -9.99 -62.45 -18.75
CA ASN D 757 -10.04 -63.84 -19.13
C ASN D 757 -9.50 -64.70 -17.99
N PRO D 758 -10.12 -65.85 -17.71
CA PRO D 758 -9.59 -66.74 -16.65
C PRO D 758 -8.26 -67.38 -17.02
N GLU D 759 -7.91 -67.43 -18.30
CA GLU D 759 -6.59 -67.92 -18.69
C GLU D 759 -5.51 -66.93 -18.30
N GLU D 760 -5.70 -65.65 -18.61
CA GLU D 760 -4.66 -64.66 -18.44
C GLU D 760 -4.42 -64.25 -17.00
N LEU D 761 -5.30 -64.64 -16.07
CA LEU D 761 -5.22 -64.21 -14.67
C LEU D 761 -3.94 -64.65 -13.97
N VAL D 762 -3.28 -65.69 -14.47
CA VAL D 762 -1.98 -66.07 -13.93
C VAL D 762 -0.94 -64.99 -14.25
N ARG D 763 -0.95 -64.49 -15.49
CA ARG D 763 0.17 -63.73 -16.03
C ARG D 763 0.36 -62.40 -15.31
N ILE D 764 -0.75 -61.76 -14.92
CA ILE D 764 -0.72 -60.50 -14.16
C ILE D 764 0.08 -60.67 -12.87
N VAL D 765 -0.06 -61.85 -12.23
CA VAL D 765 0.65 -62.17 -10.99
C VAL D 765 2.16 -62.06 -11.20
N ASP D 766 2.63 -62.57 -12.35
CA ASP D 766 4.06 -62.50 -12.69
C ASP D 766 4.56 -61.08 -12.74
N ILE D 767 3.72 -60.17 -13.26
CA ILE D 767 4.06 -58.75 -13.35
C ILE D 767 4.31 -58.18 -11.96
N GLN D 768 3.42 -58.50 -11.02
CA GLN D 768 3.60 -58.04 -9.65
C GLN D 768 4.87 -58.64 -9.06
N LEU D 769 5.13 -59.91 -9.37
CA LEU D 769 6.34 -60.55 -8.90
C LEU D 769 7.55 -59.95 -9.60
N ALA D 770 7.40 -59.55 -10.86
CA ALA D 770 8.46 -58.85 -11.56
C ALA D 770 8.75 -57.51 -10.92
N GLN D 771 7.69 -56.85 -10.40
CA GLN D 771 7.90 -55.61 -9.66
C GLN D 771 8.65 -55.88 -8.36
N LEU D 772 8.46 -57.08 -7.79
CA LEU D 772 9.24 -57.48 -6.62
C LEU D 772 10.71 -57.60 -7.00
N GLY D 773 10.98 -58.07 -8.22
CA GLY D 773 12.33 -58.10 -8.73
C GLY D 773 12.94 -56.74 -8.95
N LYS D 774 12.11 -55.70 -9.08
CA LYS D 774 12.64 -54.35 -9.13
C LYS D 774 13.05 -53.87 -7.74
N ARG D 775 12.40 -54.38 -6.70
CA ARG D 775 12.46 -53.73 -5.40
C ARG D 775 13.30 -54.49 -4.38
N LEU D 776 13.39 -55.82 -4.48
CA LEU D 776 14.40 -56.56 -3.72
C LEU D 776 15.67 -56.74 -4.54
N ALA D 777 16.21 -55.62 -5.03
CA ALA D 777 17.39 -55.64 -5.89
C ALA D 777 18.59 -54.97 -5.25
N GLN D 778 18.48 -54.49 -4.02
CA GLN D 778 19.63 -53.93 -3.31
C GLN D 778 20.50 -55.00 -2.68
N ARG D 779 20.18 -56.27 -2.87
CA ARG D 779 20.96 -57.38 -2.37
C ARG D 779 21.29 -58.30 -3.56
N ARG D 780 21.90 -59.42 -3.24
CA ARG D 780 22.07 -60.51 -4.20
C ARG D 780 20.89 -61.49 -4.16
N LEU D 781 19.79 -61.10 -3.52
CA LEU D 781 18.68 -62.00 -3.27
C LEU D 781 17.84 -62.18 -4.53
N GLN D 782 17.36 -63.41 -4.74
CA GLN D 782 16.43 -63.75 -5.81
C GLN D 782 15.34 -64.63 -5.23
N LEU D 783 14.40 -65.06 -6.07
CA LEU D 783 13.30 -65.91 -5.62
C LEU D 783 13.09 -67.06 -6.59
N GLN D 784 12.37 -68.07 -6.11
CA GLN D 784 12.06 -69.30 -6.85
C GLN D 784 10.60 -69.66 -6.69
N VAL D 785 9.71 -68.71 -6.97
CA VAL D 785 8.27 -68.83 -6.75
C VAL D 785 7.72 -69.92 -7.65
N SER D 786 7.23 -71.00 -7.02
CA SER D 786 6.86 -72.23 -7.70
C SER D 786 5.51 -72.07 -8.39
N LEU D 787 5.19 -73.06 -9.21
CA LEU D 787 4.03 -73.01 -10.09
C LEU D 787 2.69 -73.31 -9.39
N PRO D 788 2.55 -74.31 -8.50
CA PRO D 788 1.26 -74.44 -7.79
C PRO D 788 0.97 -73.30 -6.82
N ALA D 789 2.00 -72.73 -6.19
CA ALA D 789 1.78 -71.58 -5.33
C ALA D 789 1.37 -70.35 -6.14
N LYS D 790 1.94 -70.20 -7.34
CA LYS D 790 1.52 -69.15 -8.26
C LYS D 790 0.08 -69.36 -8.70
N ARG D 791 -0.30 -70.62 -8.94
CA ARG D 791 -1.67 -70.94 -9.32
C ARG D 791 -2.65 -70.62 -8.19
N TRP D 792 -2.27 -70.96 -6.96
CA TRP D 792 -3.10 -70.62 -5.80
C TRP D 792 -3.20 -69.11 -5.61
N LEU D 793 -2.10 -68.39 -5.86
CA LEU D 793 -2.12 -66.95 -5.71
C LEU D 793 -2.94 -66.29 -6.81
N ALA D 794 -3.07 -66.94 -7.96
CA ALA D 794 -4.00 -66.47 -8.98
C ALA D 794 -5.45 -66.79 -8.61
N GLN D 795 -5.68 -67.90 -7.91
CA GLN D 795 -7.05 -68.23 -7.50
C GLN D 795 -7.53 -67.30 -6.39
N ARG D 796 -6.71 -67.13 -5.35
CA ARG D 796 -7.06 -66.27 -4.23
C ARG D 796 -6.83 -64.82 -4.61
N GLY D 797 -7.71 -63.94 -4.15
CA GLY D 797 -7.52 -62.52 -4.37
C GLY D 797 -8.01 -61.98 -5.69
N PHE D 798 -8.93 -62.68 -6.35
CA PHE D 798 -9.61 -62.16 -7.53
C PHE D 798 -11.10 -62.47 -7.42
N ASP D 799 -11.72 -61.94 -6.36
CA ASP D 799 -13.18 -61.93 -6.28
C ASP D 799 -13.78 -61.27 -7.53
N PRO D 800 -14.83 -61.86 -8.11
CA PRO D 800 -15.20 -61.49 -9.48
C PRO D 800 -15.83 -60.11 -9.61
N VAL D 801 -16.54 -59.63 -8.59
CA VAL D 801 -17.18 -58.33 -8.71
C VAL D 801 -16.17 -57.20 -8.51
N TYR D 802 -15.29 -57.34 -7.53
CA TYR D 802 -14.44 -56.24 -7.10
C TYR D 802 -13.14 -56.13 -7.90
N GLY D 803 -13.04 -56.82 -9.04
CA GLY D 803 -11.92 -56.63 -9.93
C GLY D 803 -10.60 -57.21 -9.41
N ALA D 804 -9.54 -56.84 -10.11
CA ALA D 804 -8.20 -57.35 -9.85
C ALA D 804 -7.44 -56.53 -8.83
N ARG D 805 -8.22 -55.91 -7.94
CA ARG D 805 -7.73 -55.02 -6.91
C ARG D 805 -7.19 -55.63 -5.61
N PRO D 806 -7.78 -56.69 -5.06
CA PRO D 806 -7.16 -57.11 -3.79
C PRO D 806 -5.79 -57.74 -3.97
N LEU D 807 -5.24 -57.75 -5.19
CA LEU D 807 -4.14 -58.66 -5.50
C LEU D 807 -2.81 -58.16 -4.94
N ARG D 808 -2.55 -56.85 -5.03
CA ARG D 808 -1.27 -56.30 -4.60
C ARG D 808 -1.09 -56.41 -3.10
N ARG D 809 -2.13 -56.06 -2.35
CA ARG D 809 -2.13 -56.24 -0.91
C ARG D 809 -2.03 -57.71 -0.52
N LEU D 810 -2.62 -58.60 -1.34
CA LEU D 810 -2.49 -60.03 -1.08
C LEU D 810 -1.07 -60.52 -1.27
N VAL D 811 -0.39 -60.05 -2.33
CA VAL D 811 0.99 -60.44 -2.58
C VAL D 811 1.90 -59.97 -1.46
N GLN D 812 1.75 -58.70 -1.06
CA GLN D 812 2.59 -58.17 0.01
C GLN D 812 2.30 -58.85 1.34
N GLN D 813 1.03 -59.14 1.62
CA GLN D 813 0.64 -59.85 2.84
C GLN D 813 1.23 -61.26 2.87
N ALA D 814 1.02 -62.03 1.81
CA ALA D 814 1.42 -63.42 1.79
C ALA D 814 2.90 -63.62 1.58
N ILE D 815 3.66 -62.58 1.24
CA ILE D 815 5.10 -62.78 1.06
C ILE D 815 5.92 -61.92 2.00
N GLY D 816 5.76 -60.60 1.91
CA GLY D 816 6.77 -59.67 2.44
C GLY D 816 6.86 -59.65 3.96
N ASP D 817 5.75 -59.97 4.65
CA ASP D 817 5.76 -59.96 6.10
C ASP D 817 6.65 -61.06 6.67
N GLN D 818 6.38 -62.31 6.29
CA GLN D 818 7.22 -63.39 6.78
C GLN D 818 8.58 -63.39 6.10
N LEU D 819 8.72 -62.75 4.94
CA LEU D 819 10.06 -62.64 4.36
C LEU D 819 10.91 -61.65 5.17
N ALA D 820 10.32 -60.56 5.64
CA ALA D 820 11.04 -59.66 6.53
C ALA D 820 11.31 -60.30 7.88
N LYS D 821 10.41 -61.18 8.35
CA LYS D 821 10.68 -61.90 9.59
C LYS D 821 11.85 -62.87 9.43
N MET D 822 11.87 -63.64 8.34
CA MET D 822 12.98 -64.56 8.09
C MET D 822 14.27 -63.82 7.78
N LEU D 823 14.19 -62.61 7.22
CA LEU D 823 15.39 -61.87 6.87
C LEU D 823 15.97 -61.11 8.06
N LEU D 824 15.13 -60.68 9.00
CA LEU D 824 15.60 -59.85 10.11
C LEU D 824 16.03 -60.68 11.31
N ALA D 825 15.44 -61.87 11.51
CA ALA D 825 15.72 -62.70 12.66
C ALA D 825 16.91 -63.64 12.45
N GLY D 826 17.82 -63.30 11.54
CA GLY D 826 18.95 -64.13 11.26
C GLY D 826 18.57 -65.32 10.39
N GLN D 827 19.56 -66.19 10.18
CA GLN D 827 19.50 -67.57 9.68
C GLN D 827 19.03 -67.70 8.23
N VAL D 828 18.62 -66.59 7.60
CA VAL D 828 18.29 -66.54 6.18
C VAL D 828 19.00 -65.29 5.66
N HIS D 829 20.13 -65.48 5.01
CA HIS D 829 20.96 -64.38 4.58
C HIS D 829 20.65 -64.04 3.12
N ASP D 830 21.48 -63.18 2.53
CA ASP D 830 21.27 -62.73 1.17
C ASP D 830 21.57 -63.85 0.16
N GLY D 831 20.99 -63.70 -1.02
CA GLY D 831 21.22 -64.63 -2.12
C GLY D 831 20.45 -65.93 -2.03
N ASP D 832 19.70 -66.16 -0.97
CA ASP D 832 19.01 -67.43 -0.77
C ASP D 832 17.72 -67.39 -1.58
N THR D 833 17.79 -67.86 -2.82
CA THR D 833 16.62 -67.94 -3.68
C THR D 833 15.72 -69.07 -3.21
N VAL D 834 14.85 -68.80 -2.25
CA VAL D 834 14.01 -69.83 -1.65
C VAL D 834 12.77 -70.04 -2.51
N PRO D 835 12.21 -71.23 -2.55
CA PRO D 835 10.91 -71.42 -3.18
C PRO D 835 9.79 -71.08 -2.21
N VAL D 836 8.56 -71.20 -2.69
CA VAL D 836 7.38 -71.11 -1.85
C VAL D 836 6.52 -72.34 -2.09
N ASN D 837 6.16 -73.02 -1.01
CA ASN D 837 5.38 -74.24 -1.12
C ASN D 837 3.90 -73.89 -1.28
N VAL D 838 3.07 -74.91 -1.47
CA VAL D 838 1.64 -74.69 -1.30
C VAL D 838 1.33 -74.43 0.18
N SER D 839 1.96 -75.20 1.09
CA SER D 839 1.85 -75.14 2.55
C SER D 839 0.37 -75.18 2.95
N PRO D 840 -0.27 -76.37 2.90
CA PRO D 840 -1.62 -76.54 2.33
C PRO D 840 -2.64 -75.42 2.48
N ASP D 841 -2.72 -74.79 3.65
CA ASP D 841 -3.71 -73.75 3.89
C ASP D 841 -3.37 -72.47 3.14
N ALA D 842 -2.25 -71.84 3.50
CA ALA D 842 -1.86 -70.56 2.92
C ALA D 842 -0.36 -70.56 2.68
N ASP D 843 0.07 -69.69 1.77
CA ASP D 843 1.44 -69.73 1.25
C ASP D 843 2.45 -69.31 2.32
N SER D 844 3.52 -70.11 2.44
CA SER D 844 4.62 -69.84 3.35
C SER D 844 5.92 -69.76 2.56
N LEU D 845 7.01 -69.54 3.28
CA LEU D 845 8.33 -69.55 2.67
C LEU D 845 8.77 -70.99 2.48
N ALA E 1 43.61 31.84 3.18
CA ALA E 1 43.45 32.29 1.80
C ALA E 1 42.34 31.52 1.09
N ALA E 2 42.08 30.30 1.56
CA ALA E 2 41.06 29.43 0.98
C ALA E 2 39.89 29.30 1.94
N ALA E 3 38.68 29.51 1.43
CA ALA E 3 37.46 29.38 2.21
C ALA E 3 36.75 28.08 1.86
N ALA E 4 35.82 27.67 2.72
CA ALA E 4 35.29 26.31 2.70
C ALA E 4 34.01 26.15 1.88
N ALA E 5 33.04 27.06 2.03
CA ALA E 5 31.82 27.14 1.21
C ALA E 5 30.99 25.85 1.30
N ALA E 6 30.41 25.64 2.49
CA ALA E 6 29.57 24.48 2.76
C ALA E 6 28.36 24.43 1.83
N ALA E 7 27.90 23.22 1.55
CA ALA E 7 26.90 22.95 0.52
C ALA E 7 25.66 22.29 1.10
N ALA E 8 24.62 22.19 0.29
CA ALA E 8 23.34 21.63 0.69
C ALA E 8 23.21 20.20 0.17
N ALA E 9 22.07 19.59 0.48
CA ALA E 9 21.81 18.20 0.11
C ALA E 9 20.30 17.98 0.01
N ALA E 10 19.93 16.85 -0.55
CA ALA E 10 18.52 16.49 -0.73
C ALA E 10 18.33 15.01 -0.42
N ALA E 11 17.43 14.71 0.52
CA ALA E 11 17.22 13.35 1.01
C ALA E 11 15.87 12.81 0.56
N ALA E 12 15.87 11.55 0.11
CA ALA E 12 14.68 10.88 -0.38
C ALA E 12 14.36 9.67 0.48
N ALA E 13 13.07 9.47 0.75
CA ALA E 13 12.60 8.32 1.54
C ALA E 13 11.15 8.06 1.17
N ALA E 14 10.88 6.96 0.47
CA ALA E 14 9.56 6.69 -0.08
C ALA E 14 8.72 5.88 0.92
N ALA E 15 7.55 5.43 0.48
CA ALA E 15 6.57 4.82 1.38
C ALA E 15 5.93 3.61 0.72
N ALA E 16 5.80 2.53 1.48
CA ALA E 16 5.13 1.33 1.01
C ALA E 16 3.62 1.49 1.09
N ALA E 17 2.90 0.53 0.51
CA ALA E 17 1.44 0.55 0.52
C ALA E 17 0.95 -0.89 0.47
N ALA E 18 -0.18 -1.14 1.13
CA ALA E 18 -0.70 -2.48 1.27
C ALA E 18 -2.00 -2.66 0.50
N ALA E 19 -2.27 -3.89 0.09
CA ALA E 19 -3.52 -4.29 -0.53
C ALA E 19 -4.31 -5.17 0.43
N ALA E 20 -5.64 -5.14 0.32
CA ALA E 20 -6.46 -5.62 1.43
C ALA E 20 -7.02 -7.03 1.26
N ALA E 21 -7.19 -7.52 0.03
CA ALA E 21 -7.41 -8.95 -0.28
C ALA E 21 -8.66 -9.52 0.39
N ALA E 22 -9.82 -9.09 -0.11
CA ALA E 22 -11.11 -9.50 0.43
C ALA E 22 -11.35 -11.01 0.26
N ALA E 23 -12.23 -11.56 1.10
CA ALA E 23 -12.46 -13.00 1.19
C ALA E 23 -13.94 -13.30 1.02
N ALA E 24 -14.26 -14.24 0.13
CA ALA E 24 -15.63 -14.43 -0.38
C ALA E 24 -16.57 -15.10 0.60
N ALA E 25 -16.10 -15.50 1.80
CA ALA E 25 -16.92 -15.81 2.97
C ALA E 25 -17.91 -16.96 2.71
N ALA E 26 -17.36 -18.13 2.44
CA ALA E 26 -18.18 -19.32 2.24
C ALA E 26 -17.61 -20.54 2.96
N GLN F 159 44.43 0.91 -19.49
CA GLN F 159 45.77 0.88 -18.92
C GLN F 159 45.89 1.84 -17.73
N ALA F 160 44.97 2.79 -17.66
CA ALA F 160 44.91 3.71 -16.53
C ALA F 160 43.94 3.24 -15.45
N LEU F 161 43.08 2.29 -15.75
CA LEU F 161 42.12 1.75 -14.80
C LEU F 161 42.64 0.54 -14.06
N GLN F 162 43.77 -0.02 -14.49
CA GLN F 162 44.29 -1.24 -13.87
C GLN F 162 44.88 -1.00 -12.49
N LYS F 163 45.20 0.25 -12.15
CA LYS F 163 45.51 0.58 -10.77
C LYS F 163 44.26 0.76 -9.93
N TYR F 164 43.09 0.91 -10.57
CA TYR F 164 41.83 1.06 -9.88
C TYR F 164 40.92 -0.16 -10.05
N SER F 165 41.19 -0.99 -11.05
CA SER F 165 40.51 -2.26 -11.28
C SER F 165 41.54 -3.38 -11.18
N THR F 166 41.14 -4.58 -11.57
CA THR F 166 42.01 -5.74 -11.51
C THR F 166 42.16 -6.36 -12.90
N ASP F 167 42.83 -7.51 -12.96
CA ASP F 167 43.08 -8.22 -14.21
C ASP F 167 43.41 -9.66 -13.88
N LEU F 168 42.73 -10.59 -14.55
CA LEU F 168 43.02 -12.02 -14.45
C LEU F 168 43.29 -12.63 -15.83
N THR F 169 43.93 -11.85 -16.70
CA THR F 169 44.50 -12.34 -17.94
C THR F 169 46.02 -12.33 -17.91
N ALA F 170 46.61 -11.22 -17.48
CA ALA F 170 48.05 -11.18 -17.23
C ALA F 170 48.42 -12.01 -16.02
N ARG F 171 47.55 -12.07 -15.02
CA ARG F 171 47.77 -12.96 -13.89
C ARG F 171 47.51 -14.42 -14.26
N ALA F 172 46.80 -14.67 -15.36
CA ALA F 172 46.53 -16.04 -15.79
C ALA F 172 47.75 -16.72 -16.38
N ARG F 173 48.80 -15.97 -16.72
CA ARG F 173 50.06 -16.55 -17.17
C ARG F 173 51.08 -16.63 -16.05
N GLU F 174 50.74 -16.15 -14.85
CA GLU F 174 51.61 -16.34 -13.69
C GLU F 174 51.61 -17.80 -13.26
N GLY F 175 50.44 -18.32 -12.91
CA GLY F 175 50.35 -19.64 -12.32
C GLY F 175 49.62 -19.58 -10.99
N LYS F 176 48.88 -18.50 -10.77
CA LYS F 176 48.06 -18.36 -9.57
C LYS F 176 46.72 -19.08 -9.69
N LEU F 177 46.49 -19.82 -10.77
CA LEU F 177 45.19 -20.41 -11.04
C LEU F 177 45.07 -21.80 -10.43
N ASP F 178 43.85 -22.14 -10.03
CA ASP F 178 43.56 -23.36 -9.30
C ASP F 178 43.53 -24.57 -10.23
N PRO F 179 43.50 -25.79 -9.67
CA PRO F 179 43.18 -26.95 -10.51
C PRO F 179 41.74 -26.92 -11.01
N VAL F 180 41.59 -27.35 -12.26
CA VAL F 180 40.36 -27.21 -13.03
C VAL F 180 39.74 -28.61 -13.15
N ILE F 181 39.96 -29.43 -12.11
CA ILE F 181 39.50 -30.82 -12.09
C ILE F 181 37.98 -30.87 -12.15
N GLY F 182 37.47 -31.61 -13.13
CA GLY F 182 36.04 -31.73 -13.32
C GLY F 182 35.44 -30.53 -14.01
N ARG F 183 34.14 -30.67 -14.30
CA ARG F 183 33.26 -29.63 -14.85
C ARG F 183 33.76 -29.12 -16.20
N ASP F 184 33.70 -30.02 -17.18
CA ASP F 184 34.12 -29.71 -18.54
C ASP F 184 32.97 -29.87 -19.53
N ASN F 185 31.77 -29.46 -19.12
CA ASN F 185 30.63 -29.30 -20.02
C ASN F 185 30.00 -27.93 -19.91
N GLU F 186 30.00 -27.34 -18.72
CA GLU F 186 29.49 -25.99 -18.54
C GLU F 186 30.37 -24.97 -19.25
N ILE F 187 31.66 -25.27 -19.41
CA ILE F 187 32.54 -24.43 -20.22
C ILE F 187 32.10 -24.43 -21.67
N ARG F 188 31.72 -25.60 -22.18
CA ARG F 188 31.22 -25.67 -23.55
C ARG F 188 29.91 -24.93 -23.70
N ARG F 189 29.06 -24.97 -22.66
CA ARG F 189 27.81 -24.20 -22.69
C ARG F 189 28.08 -22.69 -22.72
N VAL F 190 29.05 -22.23 -21.93
CA VAL F 190 29.36 -20.80 -21.88
C VAL F 190 29.99 -20.33 -23.19
N VAL F 191 30.89 -21.13 -23.77
CA VAL F 191 31.48 -20.75 -25.05
C VAL F 191 30.44 -20.79 -26.17
N GLN F 192 29.45 -21.69 -26.07
CA GLN F 192 28.36 -21.70 -27.04
C GLN F 192 27.48 -20.46 -26.91
N VAL F 193 27.25 -19.99 -25.68
CA VAL F 193 26.48 -18.75 -25.50
C VAL F 193 27.28 -17.56 -26.01
N LEU F 194 28.60 -17.57 -25.79
CA LEU F 194 29.41 -16.39 -25.99
C LEU F 194 29.59 -16.02 -27.45
N SER F 195 29.53 -16.99 -28.36
CA SER F 195 29.69 -16.73 -29.78
C SER F 195 28.31 -16.77 -30.43
N ARG F 196 27.58 -15.67 -30.33
CA ARG F 196 26.31 -15.48 -30.99
C ARG F 196 26.22 -14.04 -31.45
N ARG F 197 25.15 -13.70 -32.17
CA ARG F 197 25.01 -12.32 -32.61
C ARG F 197 24.42 -11.46 -31.51
N THR F 198 23.23 -11.82 -31.04
CA THR F 198 22.68 -11.25 -29.82
C THR F 198 22.99 -12.17 -28.65
N LYS F 199 22.45 -11.84 -27.48
CA LYS F 199 22.42 -12.68 -26.28
C LYS F 199 23.80 -13.03 -25.72
N ASN F 200 24.88 -12.46 -26.23
CA ASN F 200 26.23 -12.88 -25.87
C ASN F 200 26.70 -12.16 -24.60
N ASN F 201 26.02 -12.47 -23.51
CA ASN F 201 26.37 -12.00 -22.18
C ASN F 201 25.79 -12.98 -21.16
N PRO F 202 26.46 -14.10 -20.91
CA PRO F 202 25.88 -15.13 -20.05
C PRO F 202 25.91 -14.77 -18.59
N VAL F 203 24.94 -15.29 -17.84
CA VAL F 203 24.95 -15.22 -16.40
C VAL F 203 24.88 -16.64 -15.83
N LEU F 204 25.77 -16.91 -14.88
CA LEU F 204 25.86 -18.19 -14.21
C LEU F 204 24.95 -18.13 -12.98
N ILE F 205 23.91 -18.95 -12.99
CA ILE F 205 22.90 -18.93 -11.94
C ILE F 205 22.99 -20.21 -11.15
N GLY F 206 23.19 -20.09 -9.84
CA GLY F 206 23.24 -21.27 -8.99
C GLY F 206 23.38 -20.87 -7.54
N GLU F 207 23.58 -21.89 -6.72
CA GLU F 207 23.82 -21.70 -5.30
C GLU F 207 25.17 -21.03 -5.07
N PRO F 208 25.30 -20.22 -4.02
CA PRO F 208 26.57 -19.55 -3.75
C PRO F 208 27.59 -20.50 -3.12
N GLY F 209 28.86 -20.16 -3.29
CA GLY F 209 29.90 -20.98 -2.68
C GLY F 209 30.14 -22.29 -3.39
N VAL F 210 30.05 -22.32 -4.71
CA VAL F 210 30.21 -23.55 -5.47
C VAL F 210 31.43 -23.45 -6.38
N GLY F 211 31.74 -22.24 -6.85
CA GLY F 211 32.89 -22.10 -7.73
C GLY F 211 32.64 -21.59 -9.14
N LYS F 212 31.68 -20.67 -9.27
CA LYS F 212 31.48 -19.98 -10.55
C LYS F 212 32.71 -19.16 -10.92
N THR F 213 33.38 -18.58 -9.92
CA THR F 213 34.67 -17.93 -10.12
C THR F 213 35.70 -18.91 -10.66
N ALA F 214 35.68 -20.15 -10.16
CA ALA F 214 36.57 -21.17 -10.67
C ALA F 214 36.21 -21.58 -12.11
N ILE F 215 34.93 -21.46 -12.48
CA ILE F 215 34.53 -21.69 -13.87
C ILE F 215 35.13 -20.62 -14.78
N VAL F 216 35.10 -19.36 -14.35
CA VAL F 216 35.68 -18.31 -15.18
C VAL F 216 37.20 -18.39 -15.20
N GLU F 217 37.82 -18.81 -14.09
CA GLU F 217 39.26 -19.05 -14.08
C GLU F 217 39.65 -20.20 -15.01
N GLY F 218 38.84 -21.25 -15.04
CA GLY F 218 39.10 -22.34 -15.97
C GLY F 218 38.90 -21.93 -17.41
N LEU F 219 37.97 -21.01 -17.66
CA LEU F 219 37.81 -20.47 -19.01
C LEU F 219 39.02 -19.65 -19.43
N ALA F 220 39.55 -18.84 -18.52
CA ALA F 220 40.76 -18.07 -18.81
C ALA F 220 41.97 -18.97 -18.98
N GLN F 221 42.05 -20.04 -18.19
CA GLN F 221 43.14 -21.01 -18.31
C GLN F 221 43.03 -21.79 -19.62
N ARG F 222 41.81 -22.00 -20.12
CA ARG F 222 41.64 -22.57 -21.44
C ARG F 222 42.02 -21.58 -22.54
N ILE F 223 41.83 -20.29 -22.29
CA ILE F 223 42.16 -19.28 -23.30
C ILE F 223 43.67 -19.13 -23.44
N VAL F 224 44.40 -19.06 -22.32
CA VAL F 224 45.82 -18.76 -22.37
C VAL F 224 46.67 -19.86 -23.01
N ALA F 225 46.13 -21.07 -23.14
CA ALA F 225 46.76 -22.09 -23.97
C ALA F 225 46.09 -22.23 -25.33
N GLY F 226 44.78 -22.00 -25.40
CA GLY F 226 44.08 -21.94 -26.67
C GLY F 226 43.34 -23.20 -27.04
N ASP F 227 42.03 -23.20 -26.85
CA ASP F 227 41.16 -24.28 -27.30
C ASP F 227 39.85 -23.78 -27.90
N VAL F 228 39.41 -22.57 -27.57
CA VAL F 228 38.27 -21.91 -28.17
C VAL F 228 38.63 -21.59 -29.63
N PRO F 229 37.67 -21.41 -30.54
CA PRO F 229 38.03 -21.17 -31.94
C PRO F 229 38.71 -19.82 -32.14
N GLU F 230 39.24 -19.65 -33.36
CA GLU F 230 40.04 -18.48 -33.69
C GLU F 230 39.21 -17.21 -33.75
N SER F 231 37.89 -17.31 -33.92
CA SER F 231 37.03 -16.14 -33.88
C SER F 231 36.89 -15.53 -32.48
N LEU F 232 37.46 -16.16 -31.45
CA LEU F 232 37.58 -15.59 -30.11
C LEU F 232 39.01 -15.79 -29.62
N ARG F 233 39.99 -15.45 -30.47
CA ARG F 233 41.40 -15.64 -30.15
C ARG F 233 41.96 -14.42 -29.44
N ASP F 234 42.64 -14.67 -28.30
CA ASP F 234 43.39 -13.68 -27.53
C ASP F 234 42.47 -12.56 -27.04
N LYS F 235 41.54 -12.95 -26.17
CA LYS F 235 40.71 -12.00 -25.45
C LYS F 235 41.41 -11.64 -24.14
N THR F 236 41.04 -10.50 -23.57
CA THR F 236 41.53 -10.12 -22.25
C THR F 236 40.35 -10.02 -21.30
N ILE F 237 40.45 -10.67 -20.15
CA ILE F 237 39.37 -10.74 -19.19
C ILE F 237 39.77 -9.96 -17.94
N VAL F 238 38.83 -9.13 -17.46
CA VAL F 238 39.04 -8.24 -16.33
C VAL F 238 38.09 -8.64 -15.21
N ALA F 239 38.64 -8.91 -14.03
CA ALA F 239 37.82 -9.05 -12.84
C ALA F 239 37.47 -7.67 -12.32
N LEU F 240 36.21 -7.47 -11.96
CA LEU F 240 35.73 -6.15 -11.53
C LEU F 240 35.73 -6.05 -10.02
N ASP F 241 36.06 -4.85 -9.52
CA ASP F 241 36.09 -4.57 -8.08
C ASP F 241 34.69 -4.13 -7.67
N LEU F 242 33.92 -5.09 -7.14
CA LEU F 242 32.55 -4.80 -6.74
C LEU F 242 32.44 -4.13 -5.38
N GLY F 243 33.55 -3.99 -4.66
CA GLY F 243 33.57 -3.21 -3.44
C GLY F 243 34.11 -1.81 -3.62
N SER F 244 34.51 -1.43 -4.84
CA SER F 244 35.22 -0.19 -5.06
C SER F 244 34.31 1.03 -5.11
N MET F 245 33.00 0.86 -5.04
CA MET F 245 32.10 2.01 -5.07
C MET F 245 31.27 2.18 -3.80
N VAL F 246 30.96 1.09 -3.08
CA VAL F 246 30.29 1.22 -1.79
C VAL F 246 31.08 0.43 -0.75
N ARG F 252 25.14 8.50 -1.84
CA ARG F 252 25.80 8.04 -3.06
C ARG F 252 27.10 8.80 -3.29
N GLY F 253 27.33 9.20 -4.55
CA GLY F 253 28.50 9.97 -4.91
C GLY F 253 29.66 9.14 -5.40
N GLU F 254 29.61 7.83 -5.25
CA GLU F 254 30.61 6.94 -5.82
C GLU F 254 30.01 5.72 -6.50
N PHE F 255 28.77 5.35 -6.16
CA PHE F 255 28.08 4.20 -6.74
C PHE F 255 27.87 4.32 -8.24
N GLU F 256 27.89 5.55 -8.77
CA GLU F 256 27.83 5.76 -10.21
C GLU F 256 28.95 6.66 -10.71
N GLU F 257 29.67 7.36 -9.83
CA GLU F 257 30.63 8.38 -10.29
C GLU F 257 31.88 7.75 -10.89
N ARG F 258 32.55 6.87 -10.14
CA ARG F 258 33.68 6.12 -10.71
C ARG F 258 33.21 5.13 -11.77
N LEU F 259 31.96 4.70 -11.68
CA LEU F 259 31.37 3.80 -12.66
C LEU F 259 31.33 4.41 -14.05
N LYS F 260 31.11 5.73 -14.15
CA LYS F 260 31.09 6.37 -15.46
C LYS F 260 32.48 6.40 -16.08
N ALA F 261 33.52 6.62 -15.27
CA ALA F 261 34.88 6.60 -15.80
C ALA F 261 35.30 5.19 -16.21
N VAL F 262 34.84 4.18 -15.47
CA VAL F 262 35.13 2.79 -15.84
C VAL F 262 34.44 2.44 -17.16
N LEU F 263 33.17 2.82 -17.30
CA LEU F 263 32.46 2.54 -18.53
C LEU F 263 32.98 3.36 -19.71
N ASP F 264 33.52 4.55 -19.45
CA ASP F 264 34.16 5.32 -20.52
C ASP F 264 35.48 4.69 -20.94
N ASP F 265 36.21 4.09 -19.99
CA ASP F 265 37.44 3.41 -20.36
C ASP F 265 37.13 2.11 -21.11
N ILE F 266 35.99 1.49 -20.82
CA ILE F 266 35.54 0.37 -21.65
C ILE F 266 35.14 0.87 -23.04
N LYS F 267 34.54 2.06 -23.12
CA LYS F 267 34.22 2.67 -24.42
C LYS F 267 35.47 3.03 -25.20
N ASN F 268 36.60 3.25 -24.51
CA ASN F 268 37.86 3.59 -25.15
C ASN F 268 38.67 2.36 -25.54
N SER F 269 38.01 1.23 -25.71
CA SER F 269 38.69 0.00 -26.09
C SER F 269 38.51 -0.32 -27.58
N ALA F 270 37.25 -0.44 -28.01
CA ALA F 270 36.87 -1.05 -29.29
C ALA F 270 37.57 -2.39 -29.48
N GLY F 271 37.49 -3.23 -28.45
CA GLY F 271 38.28 -4.45 -28.41
C GLY F 271 37.87 -5.49 -27.40
N GLN F 272 38.83 -6.32 -27.01
CA GLN F 272 38.58 -7.57 -26.31
C GLN F 272 38.79 -7.42 -24.80
N ILE F 273 37.96 -6.60 -24.17
CA ILE F 273 38.12 -6.23 -22.77
C ILE F 273 36.91 -6.79 -22.02
N ILE F 274 36.55 -8.03 -22.37
CA ILE F 274 35.42 -8.78 -21.83
C ILE F 274 35.40 -8.77 -20.30
N THR F 275 34.31 -8.28 -19.72
CA THR F 275 34.23 -7.98 -18.32
C THR F 275 33.83 -9.20 -17.50
N PHE F 276 33.82 -9.03 -16.18
CA PHE F 276 33.30 -10.05 -15.26
C PHE F 276 32.81 -9.35 -14.00
N ILE F 277 31.50 -9.24 -13.84
CA ILE F 277 30.88 -8.68 -12.64
C ILE F 277 30.25 -9.81 -11.86
N ASP F 278 30.64 -9.94 -10.59
CA ASP F 278 30.09 -10.96 -9.71
C ASP F 278 29.01 -10.35 -8.83
N GLU F 279 27.94 -11.11 -8.60
CA GLU F 279 26.77 -10.71 -7.81
C GLU F 279 26.15 -9.41 -8.34
N LEU F 280 25.79 -9.45 -9.62
CA LEU F 280 25.29 -8.25 -10.29
C LEU F 280 23.82 -7.96 -9.98
N HIS F 281 23.14 -8.80 -9.21
CA HIS F 281 21.75 -8.50 -8.88
C HIS F 281 21.64 -7.37 -7.85
N THR F 282 22.73 -7.04 -7.16
CA THR F 282 22.77 -5.86 -6.31
C THR F 282 23.20 -4.61 -7.05
N ILE F 283 23.65 -4.74 -8.30
CA ILE F 283 24.12 -3.58 -9.08
C ILE F 283 23.15 -3.23 -10.21
N VAL F 284 22.20 -4.10 -10.53
CA VAL F 284 21.24 -3.82 -11.59
C VAL F 284 20.02 -3.08 -11.03
N GLY F 297 20.73 2.08 -12.61
CA GLY F 297 19.77 1.07 -13.00
C GLY F 297 19.83 0.73 -14.48
N ASN F 298 19.40 1.68 -15.32
CA ASN F 298 19.35 1.49 -16.76
C ASN F 298 20.38 2.33 -17.49
N MET F 299 21.47 2.71 -16.82
CA MET F 299 22.50 3.50 -17.48
C MET F 299 23.33 2.65 -18.44
N ILE F 300 23.33 1.33 -18.25
CA ILE F 300 24.21 0.46 -19.03
C ILE F 300 23.58 0.11 -20.38
N LYS F 301 22.25 0.10 -20.46
CA LYS F 301 21.48 -0.52 -21.55
C LYS F 301 21.73 0.06 -22.95
N PRO F 302 21.81 1.39 -23.17
CA PRO F 302 22.21 1.84 -24.52
C PRO F 302 23.65 1.53 -24.85
N MET F 303 24.51 1.42 -23.84
CA MET F 303 25.91 1.05 -24.06
C MET F 303 26.05 -0.47 -24.15
N LEU F 304 25.19 -1.21 -23.45
CA LEU F 304 25.26 -2.65 -23.44
C LEU F 304 24.67 -3.25 -24.71
N ALA F 305 23.56 -2.69 -25.19
CA ALA F 305 22.90 -3.21 -26.38
C ALA F 305 23.49 -2.67 -27.67
N ARG F 306 24.55 -1.87 -27.59
CA ARG F 306 25.24 -1.38 -28.76
C ARG F 306 26.28 -2.36 -29.29
N GLY F 307 26.81 -3.22 -28.42
CA GLY F 307 27.70 -4.27 -28.87
C GLY F 307 29.17 -3.91 -28.94
N GLU F 308 29.76 -3.53 -27.80
CA GLU F 308 31.20 -3.33 -27.74
C GLU F 308 31.80 -3.93 -26.46
N LEU F 309 31.05 -4.81 -25.79
CA LEU F 309 31.48 -5.38 -24.52
C LEU F 309 30.70 -6.66 -24.29
N ARG F 310 31.32 -7.60 -23.57
CA ARG F 310 30.70 -8.89 -23.28
C ARG F 310 30.69 -9.07 -21.77
N LEU F 311 29.50 -9.18 -21.19
CA LEU F 311 29.31 -9.04 -19.76
C LEU F 311 29.10 -10.44 -19.16
N VAL F 312 30.20 -11.10 -18.79
CA VAL F 312 30.09 -12.36 -18.06
C VAL F 312 29.69 -12.05 -16.62
N GLY F 313 28.69 -12.74 -16.10
CA GLY F 313 28.21 -12.46 -14.77
C GLY F 313 27.90 -13.72 -13.99
N ALA F 314 27.86 -13.57 -12.67
CA ALA F 314 27.48 -14.66 -11.78
C ALA F 314 26.52 -14.13 -10.73
N THR F 315 25.38 -14.80 -10.58
CA THR F 315 24.37 -14.37 -9.62
C THR F 315 23.93 -15.49 -8.69
N THR F 316 22.85 -15.23 -7.96
CA THR F 316 22.24 -16.18 -7.04
C THR F 316 20.80 -16.42 -7.50
N LEU F 317 20.29 -17.62 -7.25
CA LEU F 317 19.00 -18.05 -7.80
C LEU F 317 17.84 -17.24 -7.23
N ASP F 318 17.82 -17.03 -5.92
CA ASP F 318 16.61 -16.48 -5.29
C ASP F 318 16.46 -14.99 -5.57
N GLU F 319 17.55 -14.23 -5.58
CA GLU F 319 17.41 -12.83 -5.95
C GLU F 319 17.25 -12.64 -7.45
N TYR F 320 17.47 -13.67 -8.25
CA TYR F 320 17.19 -13.59 -9.67
C TYR F 320 15.69 -13.54 -9.94
N ARG F 321 14.87 -14.01 -9.01
CA ARG F 321 13.42 -13.84 -9.12
C ARG F 321 12.94 -12.56 -8.44
N LYS F 322 13.86 -11.72 -7.97
CA LYS F 322 13.52 -10.48 -7.28
C LYS F 322 13.97 -9.23 -8.04
N HIS F 323 15.25 -9.13 -8.36
CA HIS F 323 15.81 -7.89 -8.91
C HIS F 323 15.65 -7.78 -10.41
N ILE F 324 15.91 -8.87 -11.15
CA ILE F 324 16.04 -8.75 -12.59
C ILE F 324 14.70 -8.78 -13.30
N GLU F 325 13.61 -9.04 -12.60
CA GLU F 325 12.32 -9.23 -13.25
C GLU F 325 11.37 -8.05 -13.10
N LYS F 326 11.62 -7.13 -12.18
CA LYS F 326 10.83 -5.90 -12.09
C LYS F 326 11.62 -4.67 -12.52
N ASP F 327 12.90 -4.59 -12.16
CA ASP F 327 13.77 -3.48 -12.55
C ASP F 327 14.57 -3.81 -13.81
N ALA F 328 13.98 -4.57 -14.73
CA ALA F 328 14.72 -5.28 -15.77
C ALA F 328 15.43 -4.41 -16.80
N ALA F 329 14.65 -3.85 -17.73
CA ALA F 329 15.03 -2.99 -18.87
C ALA F 329 15.95 -3.65 -19.91
N LEU F 330 16.57 -4.78 -19.58
CA LEU F 330 17.36 -5.53 -20.55
C LEU F 330 17.33 -7.03 -20.28
N GLU F 331 16.36 -7.54 -19.50
CA GLU F 331 16.33 -8.94 -19.08
C GLU F 331 16.12 -9.90 -20.25
N ARG F 332 15.78 -9.35 -21.41
CA ARG F 332 15.64 -10.15 -22.60
C ARG F 332 17.01 -10.32 -23.30
N ARG F 333 18.09 -9.89 -22.63
CA ARG F 333 19.43 -10.01 -23.17
C ARG F 333 20.32 -10.74 -22.18
N PHE F 334 19.87 -11.89 -21.70
CA PHE F 334 20.74 -12.79 -20.93
C PHE F 334 20.42 -14.23 -21.25
N GLN F 335 21.41 -15.09 -21.03
CA GLN F 335 21.24 -16.54 -21.01
C GLN F 335 21.55 -17.05 -19.60
N GLN F 336 20.80 -18.06 -19.18
CA GLN F 336 20.81 -18.51 -17.79
C GLN F 336 21.54 -19.86 -17.71
N VAL F 337 22.85 -19.83 -17.56
CA VAL F 337 23.60 -21.07 -17.47
C VAL F 337 23.50 -21.60 -16.05
N TYR F 338 22.87 -22.76 -15.89
CA TYR F 338 22.73 -23.37 -14.57
C TYR F 338 23.98 -24.13 -14.20
N VAL F 339 24.66 -23.67 -13.18
CA VAL F 339 25.66 -24.47 -12.49
C VAL F 339 24.95 -25.17 -11.34
N GLY F 340 25.33 -26.43 -11.07
CA GLY F 340 24.65 -27.24 -10.09
C GLY F 340 25.59 -27.72 -9.00
N GLU F 341 24.99 -28.43 -8.03
CA GLU F 341 25.75 -29.03 -6.96
C GLU F 341 26.59 -30.19 -7.50
N PRO F 342 27.72 -30.49 -6.86
CA PRO F 342 28.50 -31.65 -7.28
C PRO F 342 28.01 -32.93 -6.63
N SER F 343 28.46 -34.05 -7.18
CA SER F 343 28.24 -35.35 -6.56
C SER F 343 29.26 -35.56 -5.45
N VAL F 344 29.18 -36.72 -4.79
CA VAL F 344 30.16 -37.02 -3.76
C VAL F 344 31.52 -37.35 -4.39
N GLU F 345 31.51 -38.15 -5.45
CA GLU F 345 32.77 -38.59 -6.05
C GLU F 345 33.45 -37.47 -6.82
N ASP F 346 32.69 -36.59 -7.47
CA ASP F 346 33.27 -35.42 -8.10
C ASP F 346 33.86 -34.47 -7.08
N THR F 347 33.23 -34.37 -5.91
CA THR F 347 33.78 -33.58 -4.81
C THR F 347 35.08 -34.19 -4.30
N ILE F 348 35.14 -35.53 -4.24
CA ILE F 348 36.36 -36.23 -3.86
C ILE F 348 37.48 -35.96 -4.87
N GLY F 349 37.13 -35.96 -6.16
CA GLY F 349 38.13 -35.72 -7.19
C GLY F 349 38.67 -34.30 -7.18
N ILE F 350 37.78 -33.31 -7.00
CA ILE F 350 38.22 -31.93 -6.86
C ILE F 350 39.03 -31.76 -5.59
N LEU F 351 38.62 -32.43 -4.51
CA LEU F 351 39.26 -32.25 -3.21
C LEU F 351 40.64 -32.89 -3.17
N ARG F 352 40.83 -33.99 -3.88
CA ARG F 352 42.16 -34.55 -4.02
C ARG F 352 42.97 -33.85 -5.09
N GLY F 353 42.32 -33.12 -6.00
CA GLY F 353 43.05 -32.19 -6.82
C GLY F 353 43.56 -31.01 -6.01
N LEU F 354 42.75 -30.52 -5.09
CA LEU F 354 43.16 -29.44 -4.19
C LEU F 354 43.64 -30.05 -2.88
N LYS F 355 44.77 -30.74 -2.96
CA LYS F 355 45.38 -31.39 -1.82
C LYS F 355 46.87 -31.04 -1.77
N ASP F 356 47.44 -30.76 -2.93
CA ASP F 356 48.85 -30.42 -3.05
C ASP F 356 49.11 -28.93 -2.91
N ARG F 357 48.08 -28.14 -2.57
CA ARG F 357 48.30 -26.73 -2.32
C ARG F 357 48.74 -26.47 -0.88
N TYR F 358 48.26 -27.27 0.06
CA TYR F 358 48.41 -26.97 1.49
C TYR F 358 49.63 -27.62 2.10
N GLU F 359 50.71 -27.73 1.33
CA GLU F 359 52.04 -27.96 1.86
C GLU F 359 52.74 -26.65 2.23
N VAL F 360 52.08 -25.51 2.00
CA VAL F 360 52.72 -24.19 2.09
C VAL F 360 52.27 -23.44 3.33
N HIS F 361 50.97 -23.16 3.44
CA HIS F 361 50.46 -22.44 4.61
C HIS F 361 50.54 -23.31 5.86
N HIS F 362 50.20 -24.58 5.73
CA HIS F 362 50.33 -25.56 6.79
C HIS F 362 51.28 -26.65 6.30
N GLY F 363 51.94 -27.34 7.23
CA GLY F 363 52.75 -28.47 6.82
C GLY F 363 52.53 -29.72 7.64
N VAL F 364 51.93 -30.74 7.00
CA VAL F 364 51.73 -32.07 7.58
C VAL F 364 51.87 -33.10 6.46
N ARG F 365 51.77 -34.38 6.81
CA ARG F 365 51.64 -35.46 5.84
C ARG F 365 50.16 -35.77 5.71
N ILE F 366 49.61 -35.50 4.52
CA ILE F 366 48.16 -35.59 4.32
C ILE F 366 47.73 -37.04 4.31
N THR F 367 46.82 -37.39 5.20
CA THR F 367 46.30 -38.75 5.28
C THR F 367 45.36 -39.00 4.10
N ASP F 368 45.48 -40.20 3.51
CA ASP F 368 44.72 -40.55 2.32
C ASP F 368 43.23 -40.65 2.62
N SER F 369 42.85 -41.53 3.56
CA SER F 369 41.45 -41.78 3.86
C SER F 369 40.77 -40.65 4.62
N ALA F 370 41.54 -39.72 5.18
CA ALA F 370 40.95 -38.58 5.89
C ALA F 370 40.20 -37.65 4.96
N LEU F 371 40.57 -37.61 3.67
CA LEU F 371 39.86 -36.79 2.70
C LEU F 371 38.43 -37.27 2.50
N VAL F 372 38.27 -38.55 2.18
CA VAL F 372 36.94 -39.11 1.96
C VAL F 372 36.18 -39.21 3.28
N ALA F 373 36.88 -39.37 4.41
CA ALA F 373 36.20 -39.38 5.69
C ALA F 373 35.65 -38.00 6.04
N ALA F 374 36.42 -36.95 5.77
CA ALA F 374 35.96 -35.59 6.07
C ALA F 374 34.82 -35.18 5.15
N ALA F 375 34.88 -35.58 3.88
CA ALA F 375 33.77 -35.28 2.96
C ALA F 375 32.50 -36.03 3.36
N THR F 376 32.64 -37.31 3.74
CA THR F 376 31.47 -38.11 4.11
C THR F 376 30.84 -37.61 5.40
N LEU F 377 31.66 -37.19 6.37
CA LEU F 377 31.10 -36.68 7.62
C LEU F 377 30.57 -35.26 7.48
N SER F 378 31.11 -34.47 6.55
CA SER F 378 30.56 -33.15 6.29
C SER F 378 29.28 -33.22 5.48
N ASP F 379 29.05 -34.34 4.78
CA ASP F 379 27.85 -34.49 3.96
C ASP F 379 26.56 -34.47 4.79
N ARG F 380 26.61 -34.97 6.03
CA ARG F 380 25.36 -35.21 6.75
C ARG F 380 24.83 -33.94 7.44
N TYR F 381 25.58 -33.40 8.39
CA TYR F 381 24.97 -32.46 9.34
C TYR F 381 25.15 -30.99 8.96
N ILE F 382 26.15 -30.66 8.15
CA ILE F 382 26.31 -29.30 7.69
C ILE F 382 25.28 -29.01 6.61
N THR F 383 24.53 -27.92 6.77
CA THR F 383 23.45 -27.60 5.86
C THR F 383 23.59 -26.24 5.19
N ALA F 384 23.99 -25.21 5.94
CA ALA F 384 24.06 -23.86 5.38
C ALA F 384 25.21 -23.71 4.40
N ARG F 385 26.26 -24.51 4.53
CA ARG F 385 27.36 -24.51 3.60
C ARG F 385 27.16 -25.60 2.56
N PHE F 386 27.82 -25.43 1.41
CA PHE F 386 27.58 -26.27 0.26
C PHE F 386 28.84 -27.01 -0.14
N LEU F 387 28.64 -28.22 -0.65
CA LEU F 387 29.60 -29.30 -0.83
C LEU F 387 30.97 -28.99 -1.46
N PRO F 388 31.14 -28.02 -2.37
CA PRO F 388 32.52 -27.73 -2.81
C PRO F 388 33.40 -27.09 -1.74
N ASP F 389 32.93 -26.07 -1.03
CA ASP F 389 33.76 -25.47 0.02
C ASP F 389 33.35 -25.91 1.42
N LYS F 390 32.30 -26.73 1.53
CA LYS F 390 32.02 -27.42 2.78
C LYS F 390 33.16 -28.37 3.14
N ALA F 391 33.84 -28.92 2.14
CA ALA F 391 35.07 -29.67 2.34
C ALA F 391 36.30 -28.77 2.34
N ILE F 392 36.11 -27.46 2.42
CA ILE F 392 37.18 -26.53 2.72
C ILE F 392 37.06 -25.96 4.13
N ASP F 393 35.83 -25.88 4.67
CA ASP F 393 35.63 -25.65 6.09
C ASP F 393 36.15 -26.80 6.96
N LEU F 394 36.36 -27.96 6.36
CA LEU F 394 37.14 -29.10 6.83
C LEU F 394 38.63 -28.85 6.61
N VAL F 395 39.36 -29.91 6.25
CA VAL F 395 40.76 -30.24 6.46
C VAL F 395 41.72 -29.06 6.64
N ASP F 396 41.51 -27.98 5.88
CA ASP F 396 42.24 -26.73 6.13
C ASP F 396 42.04 -26.23 7.56
N GLU F 397 40.84 -26.42 8.11
CA GLU F 397 40.63 -26.13 9.53
C GLU F 397 41.21 -27.22 10.43
N ALA F 398 41.27 -28.46 9.94
CA ALA F 398 41.79 -29.56 10.76
C ALA F 398 43.29 -29.43 10.99
N ALA F 399 44.01 -28.88 10.03
CA ALA F 399 45.41 -28.54 10.23
C ALA F 399 45.59 -27.15 10.82
N SER F 400 44.53 -26.37 10.96
CA SER F 400 44.65 -25.04 11.52
C SER F 400 44.82 -25.09 13.03
N ARG F 401 44.05 -25.93 13.70
CA ARG F 401 44.21 -26.11 15.13
C ARG F 401 45.31 -27.08 15.49
N LEU F 402 45.90 -27.76 14.49
CA LEU F 402 47.09 -28.56 14.67
C LEU F 402 48.38 -27.75 14.53
N ARG F 403 48.25 -26.43 14.35
CA ARG F 403 49.39 -25.54 14.50
C ARG F 403 49.85 -25.47 15.96
N MET F 404 48.98 -25.82 16.91
CA MET F 404 49.32 -25.73 18.33
C MET F 404 50.34 -26.78 18.76
N GLU F 405 50.43 -27.90 18.04
CA GLU F 405 51.33 -28.97 18.47
C GLU F 405 52.79 -28.75 18.08
N ILE F 406 53.13 -27.64 17.42
CA ILE F 406 54.51 -27.30 17.17
C ILE F 406 54.92 -26.06 17.96
N ASP F 407 54.16 -25.71 18.99
CA ASP F 407 54.47 -24.57 19.85
C ASP F 407 55.69 -24.83 20.71
N LYS F 530 52.08 -37.46 14.61
CA LYS F 530 51.35 -36.21 14.86
C LYS F 530 51.45 -35.29 13.65
N GLU F 531 52.32 -35.65 12.70
CA GLU F 531 52.38 -34.96 11.42
C GLU F 531 51.44 -35.59 10.38
N GLU F 532 50.54 -36.46 10.82
CA GLU F 532 49.47 -36.98 9.99
C GLU F 532 48.12 -36.58 10.60
N VAL F 533 47.16 -36.25 9.75
CA VAL F 533 45.81 -35.97 10.20
C VAL F 533 45.08 -37.31 10.30
N GLY F 534 43.90 -37.32 10.92
CA GLY F 534 43.18 -38.55 11.12
C GLY F 534 41.68 -38.34 11.17
N PRO F 535 40.93 -39.44 11.33
CA PRO F 535 39.47 -39.31 11.46
C PRO F 535 39.04 -38.68 12.77
N ASP F 536 39.82 -38.86 13.84
CA ASP F 536 39.57 -38.14 15.08
C ASP F 536 39.89 -36.65 14.92
N ASP F 537 40.87 -36.32 14.08
CA ASP F 537 41.15 -34.93 13.73
C ASP F 537 40.00 -34.33 12.94
N ILE F 538 39.25 -35.17 12.23
CA ILE F 538 37.99 -34.73 11.66
C ILE F 538 36.92 -34.68 12.74
N ALA F 539 36.93 -35.65 13.64
CA ALA F 539 35.84 -35.82 14.60
C ALA F 539 35.82 -34.72 15.65
N ASP F 540 37.00 -34.30 16.14
CA ASP F 540 37.02 -33.27 17.17
C ASP F 540 36.71 -31.88 16.62
N VAL F 541 36.73 -31.71 15.30
CA VAL F 541 36.31 -30.44 14.72
C VAL F 541 34.79 -30.41 14.56
N VAL F 542 34.22 -31.49 14.02
CA VAL F 542 32.79 -31.50 13.74
C VAL F 542 31.98 -31.72 15.02
N SER F 543 32.56 -32.39 16.03
CA SER F 543 31.85 -32.63 17.27
C SER F 543 31.83 -31.41 18.15
N ALA F 544 32.95 -30.69 18.23
CA ALA F 544 33.07 -29.50 19.05
C ALA F 544 32.66 -28.23 18.32
N TRP F 545 31.86 -28.36 17.26
CA TRP F 545 31.35 -27.19 16.58
C TRP F 545 29.83 -27.20 16.61
N THR F 546 29.26 -28.41 16.66
CA THR F 546 27.82 -28.58 16.69
C THR F 546 27.28 -28.91 18.08
N GLY F 547 28.16 -28.98 19.08
CA GLY F 547 27.73 -29.19 20.45
C GLY F 547 27.12 -30.55 20.74
N ILE F 548 27.48 -31.56 19.95
CA ILE F 548 26.86 -32.89 20.06
C ILE F 548 27.94 -33.85 20.55
N PRO F 549 27.63 -34.71 21.52
CA PRO F 549 28.64 -35.65 22.02
C PRO F 549 29.07 -36.68 20.98
N ALA F 550 30.35 -37.04 21.02
CA ALA F 550 30.94 -37.91 20.02
C ALA F 550 30.65 -39.39 20.32
N GLY F 551 29.38 -39.73 20.23
CA GLY F 551 28.98 -41.13 20.35
C GLY F 551 28.65 -41.74 19.01
N ARG F 552 27.88 -41.03 18.20
CA ARG F 552 27.46 -41.53 16.89
C ARG F 552 28.33 -40.95 15.77
N LEU F 553 29.64 -41.20 15.87
CA LEU F 553 30.57 -40.67 14.88
C LEU F 553 30.43 -41.36 13.52
N LEU F 554 29.75 -42.50 13.46
CA LEU F 554 29.48 -43.22 12.22
C LEU F 554 28.25 -44.10 12.43
N GLU F 555 27.93 -44.89 11.40
CA GLU F 555 27.03 -46.05 11.47
C GLU F 555 25.62 -45.65 11.89
N GLY F 556 24.94 -44.96 10.98
CA GLY F 556 23.56 -44.59 11.19
C GLY F 556 22.52 -45.62 10.79
N GLU F 557 22.89 -46.90 10.74
CA GLU F 557 21.91 -47.94 10.40
C GLU F 557 21.87 -49.11 11.36
N THR F 558 22.92 -49.36 12.14
CA THR F 558 22.87 -50.38 13.19
C THR F 558 23.09 -49.76 14.56
N ALA F 559 24.16 -48.98 14.74
CA ALA F 559 24.26 -48.11 15.89
C ALA F 559 23.15 -47.08 15.83
N LYS F 560 22.52 -46.84 16.99
CA LYS F 560 21.25 -46.12 17.10
C LYS F 560 20.16 -46.76 16.25
N LEU F 561 20.22 -48.09 16.12
CA LEU F 561 19.10 -48.89 15.67
C LEU F 561 19.00 -50.07 16.62
N LEU F 562 20.14 -50.45 17.19
CA LEU F 562 20.20 -51.37 18.32
C LEU F 562 20.17 -50.64 19.65
N ARG F 563 20.36 -49.32 19.65
CA ARG F 563 20.22 -48.49 20.83
C ARG F 563 18.75 -48.24 21.18
N MET F 564 17.82 -48.67 20.33
CA MET F 564 16.39 -48.51 20.58
C MET F 564 15.99 -49.46 21.70
N GLU F 565 16.32 -49.05 22.93
CA GLU F 565 16.37 -49.91 24.11
C GLU F 565 16.08 -49.09 25.35
N ASP F 566 16.62 -49.54 26.48
CA ASP F 566 16.48 -48.97 27.82
C ASP F 566 16.72 -47.47 27.97
N GLU F 567 17.35 -46.82 26.97
CA GLU F 567 17.40 -45.36 26.95
C GLU F 567 16.02 -44.73 26.78
N LEU F 568 15.05 -45.46 26.22
CA LEU F 568 13.65 -45.08 26.35
C LEU F 568 13.23 -45.05 27.81
N GLY F 569 13.73 -46.00 28.61
CA GLY F 569 13.43 -46.05 30.04
C GLY F 569 14.03 -44.91 30.83
N LYS F 570 15.06 -44.25 30.29
CA LYS F 570 15.55 -43.02 30.88
C LYS F 570 14.55 -41.87 30.69
N ARG F 571 13.61 -42.00 29.76
CA ARG F 571 12.56 -41.02 29.55
C ARG F 571 11.16 -41.57 29.85
N VAL F 572 10.92 -42.84 29.57
CA VAL F 572 9.61 -43.44 29.80
C VAL F 572 9.76 -44.47 30.92
N ILE F 573 9.32 -44.10 32.11
CA ILE F 573 9.14 -45.07 33.18
C ILE F 573 7.84 -45.80 32.94
N GLY F 574 7.87 -47.12 33.07
CA GLY F 574 6.71 -47.96 32.86
C GLY F 574 6.59 -48.45 31.43
N GLN F 575 5.65 -49.37 31.24
CA GLN F 575 5.23 -49.93 29.95
C GLN F 575 6.41 -50.61 29.23
N LYS F 576 6.86 -51.70 29.84
CA LYS F 576 8.02 -52.45 29.31
C LYS F 576 7.71 -53.09 27.97
N ALA F 577 6.62 -53.86 27.91
CA ALA F 577 6.27 -54.58 26.68
C ALA F 577 5.87 -53.63 25.55
N ALA F 578 5.32 -52.47 25.90
CA ALA F 578 4.99 -51.48 24.89
C ALA F 578 6.24 -50.91 24.23
N VAL F 579 7.25 -50.58 25.04
CA VAL F 579 8.54 -50.14 24.53
C VAL F 579 9.17 -51.23 23.66
N THR F 580 9.04 -52.49 24.09
CA THR F 580 9.58 -53.61 23.30
C THR F 580 8.88 -53.74 21.95
N ALA F 581 7.55 -53.57 21.93
CA ALA F 581 6.79 -53.71 20.69
C ALA F 581 7.08 -52.56 19.73
N VAL F 582 7.21 -51.33 20.25
CA VAL F 582 7.53 -50.20 19.39
C VAL F 582 8.95 -50.32 18.85
N SER F 583 9.89 -50.74 19.71
CA SER F 583 11.27 -50.95 19.30
C SER F 583 11.40 -52.05 18.26
N ASP F 584 10.52 -53.05 18.30
CA ASP F 584 10.49 -54.04 17.24
C ASP F 584 9.91 -53.45 15.95
N ALA F 585 8.79 -52.72 16.08
CA ALA F 585 8.02 -52.35 14.90
C ALA F 585 8.66 -51.25 14.06
N VAL F 586 9.42 -50.34 14.68
CA VAL F 586 9.92 -49.21 13.91
C VAL F 586 11.15 -49.56 13.08
N ARG F 587 11.83 -50.67 13.40
CA ARG F 587 12.98 -51.11 12.64
C ARG F 587 12.66 -52.17 11.61
N ARG F 588 11.39 -52.55 11.48
CA ARG F 588 10.98 -53.36 10.34
C ARG F 588 10.93 -52.52 9.07
N SER F 589 10.64 -51.22 9.21
CA SER F 589 10.55 -50.33 8.06
C SER F 589 11.91 -49.96 7.49
N ARG F 590 12.97 -50.05 8.29
CA ARG F 590 14.31 -49.65 7.85
C ARG F 590 15.08 -50.77 7.19
N ALA F 591 14.45 -51.91 6.93
CA ALA F 591 15.08 -52.98 6.17
C ALA F 591 14.75 -52.89 4.69
N GLY F 592 13.65 -52.24 4.33
CA GLY F 592 13.30 -52.05 2.94
C GLY F 592 12.66 -53.28 2.32
N VAL F 593 11.62 -53.79 2.98
CA VAL F 593 10.90 -54.96 2.51
C VAL F 593 9.52 -54.60 2.01
N SER F 594 8.84 -53.67 2.69
CA SER F 594 7.50 -53.23 2.30
C SER F 594 7.59 -52.26 1.12
N ASP F 595 6.46 -51.66 0.77
CA ASP F 595 6.43 -50.67 -0.30
C ASP F 595 7.11 -49.38 0.15
N PRO F 596 7.68 -48.60 -0.78
CA PRO F 596 8.39 -47.38 -0.37
C PRO F 596 7.48 -46.21 -0.02
N ASN F 597 6.20 -46.26 -0.35
CA ASN F 597 5.29 -45.14 -0.10
C ASN F 597 4.18 -45.55 0.86
N ARG F 598 4.51 -45.58 2.14
CA ARG F 598 3.60 -45.68 3.28
C ARG F 598 4.27 -44.99 4.44
N PRO F 599 3.51 -44.60 5.48
CA PRO F 599 4.14 -44.08 6.70
C PRO F 599 5.04 -45.11 7.35
N THR F 600 6.10 -44.60 7.99
CA THR F 600 7.14 -45.48 8.55
C THR F 600 6.60 -46.34 9.67
N GLY F 601 5.66 -45.82 10.45
CA GLY F 601 4.95 -46.64 11.42
C GLY F 601 3.56 -46.09 11.65
N ALA F 602 2.54 -46.92 11.42
CA ALA F 602 1.16 -46.53 11.61
C ALA F 602 0.56 -47.11 12.88
N PHE F 603 1.41 -47.50 13.83
CA PHE F 603 0.94 -48.16 15.04
C PHE F 603 0.23 -47.18 15.96
N MET F 604 -0.79 -47.68 16.64
CA MET F 604 -1.65 -46.83 17.44
C MET F 604 -2.11 -47.59 18.67
N PHE F 605 -2.31 -46.85 19.76
CA PHE F 605 -2.53 -47.45 21.06
C PHE F 605 -3.50 -46.61 21.88
N LEU F 606 -4.19 -47.28 22.79
CA LEU F 606 -5.22 -46.66 23.60
C LEU F 606 -5.33 -47.38 24.94
N GLY F 607 -5.70 -46.62 25.96
CA GLY F 607 -5.80 -47.13 27.31
C GLY F 607 -6.26 -46.02 28.26
N PRO F 608 -5.60 -45.91 29.41
CA PRO F 608 -5.92 -44.81 30.33
C PRO F 608 -5.31 -43.48 29.89
N THR F 609 -5.47 -42.46 30.72
CA THR F 609 -4.77 -41.20 30.56
C THR F 609 -3.71 -41.09 31.65
N GLY F 610 -2.82 -40.11 31.49
CA GLY F 610 -1.81 -39.80 32.50
C GLY F 610 -0.82 -40.91 32.76
N VAL F 611 -0.38 -41.61 31.73
CA VAL F 611 0.45 -42.79 31.85
C VAL F 611 1.86 -42.54 31.34
N GLY F 612 1.96 -41.97 30.14
CA GLY F 612 3.17 -42.06 29.34
C GLY F 612 2.80 -42.16 27.88
N LYS F 613 1.49 -42.12 27.64
CA LYS F 613 0.94 -42.37 26.30
C LYS F 613 1.35 -41.29 25.31
N THR F 614 1.54 -40.05 25.78
CA THR F 614 2.19 -39.03 24.97
C THR F 614 3.61 -38.76 25.42
N GLU F 615 4.02 -39.28 26.57
CA GLU F 615 5.41 -39.20 26.99
C GLU F 615 6.27 -40.18 26.20
N LEU F 616 5.68 -41.27 25.72
CA LEU F 616 6.36 -42.12 24.74
C LEU F 616 6.55 -41.38 23.42
N ALA F 617 5.58 -40.55 23.03
CA ALA F 617 5.62 -39.87 21.75
C ALA F 617 6.76 -38.85 21.69
N LYS F 618 6.91 -38.05 22.75
CA LYS F 618 8.03 -37.14 22.84
C LYS F 618 9.35 -37.90 22.97
N ALA F 619 9.31 -39.13 23.48
CA ALA F 619 10.54 -39.90 23.70
C ALA F 619 11.11 -40.48 22.42
N LEU F 620 10.34 -40.55 21.34
CA LEU F 620 10.85 -41.05 20.09
C LEU F 620 11.04 -39.97 19.04
N ALA F 621 10.50 -38.77 19.25
CA ALA F 621 10.81 -37.66 18.37
C ALA F 621 12.23 -37.16 18.59
N ASP F 622 12.62 -37.01 19.85
CA ASP F 622 13.95 -36.48 20.15
C ASP F 622 15.06 -37.48 19.90
N PHE F 623 14.73 -38.78 19.80
CA PHE F 623 15.74 -39.79 19.55
C PHE F 623 15.86 -40.12 18.08
N LEU F 624 14.75 -40.47 17.43
CA LEU F 624 14.79 -40.97 16.07
C LEU F 624 14.85 -39.84 15.05
N PHE F 625 14.27 -38.68 15.38
CA PHE F 625 14.31 -37.50 14.52
C PHE F 625 15.22 -36.41 15.05
N ASP F 626 15.81 -36.61 16.25
CA ASP F 626 16.84 -35.74 16.83
C ASP F 626 16.36 -34.32 17.07
N ASP F 627 15.05 -34.14 17.26
CA ASP F 627 14.45 -32.82 17.41
C ASP F 627 13.49 -32.86 18.60
N GLU F 628 13.59 -31.87 19.48
CA GLU F 628 12.71 -31.88 20.65
C GLU F 628 11.28 -31.50 20.27
N ARG F 629 11.11 -30.42 19.49
CA ARG F 629 9.81 -29.96 19.04
C ARG F 629 9.62 -30.36 17.57
N ALA F 630 9.31 -31.64 17.37
CA ALA F 630 8.92 -32.14 16.06
C ALA F 630 7.70 -33.03 16.16
N MET F 631 6.80 -32.74 17.08
CA MET F 631 5.54 -33.44 17.17
C MET F 631 4.41 -32.51 16.76
N VAL F 632 3.34 -33.11 16.24
CA VAL F 632 2.15 -32.37 15.84
C VAL F 632 0.97 -33.05 16.55
N ARG F 633 0.39 -32.36 17.52
CA ARG F 633 -0.74 -32.88 18.28
C ARG F 633 -1.99 -32.12 17.84
N ILE F 634 -2.76 -32.70 16.95
CA ILE F 634 -4.05 -32.13 16.58
C ILE F 634 -5.11 -32.90 17.33
N ASP F 635 -6.23 -32.24 17.59
CA ASP F 635 -7.32 -32.84 18.35
C ASP F 635 -8.54 -32.91 17.45
N MET F 636 -9.07 -34.12 17.28
CA MET F 636 -10.33 -34.31 16.55
C MET F 636 -11.49 -34.40 17.53
N SER F 637 -11.60 -33.35 18.34
CA SER F 637 -12.68 -33.20 19.31
C SER F 637 -13.70 -32.14 18.88
N GLU F 638 -13.63 -31.71 17.63
CA GLU F 638 -14.57 -30.72 17.11
C GLU F 638 -15.21 -31.19 15.82
N TYR F 639 -14.91 -32.39 15.35
CA TYR F 639 -15.19 -32.80 13.99
C TYR F 639 -16.41 -33.72 13.98
N GLY F 640 -17.58 -33.10 14.01
CA GLY F 640 -18.82 -33.84 14.01
C GLY F 640 -19.71 -33.50 12.84
N GLU F 641 -19.25 -32.58 11.99
CA GLU F 641 -20.08 -31.99 10.95
C GLU F 641 -19.36 -32.05 9.61
N LYS F 642 -20.09 -31.66 8.56
CA LYS F 642 -19.53 -31.62 7.22
C LYS F 642 -18.64 -30.40 7.00
N HIS F 643 -18.93 -29.31 7.71
CA HIS F 643 -18.17 -28.07 7.56
C HIS F 643 -16.97 -28.00 8.51
N THR F 644 -16.63 -29.10 9.17
CA THR F 644 -15.49 -29.14 10.06
C THR F 644 -14.31 -29.92 9.51
N VAL F 645 -14.54 -30.83 8.55
CA VAL F 645 -13.46 -31.63 7.99
C VAL F 645 -12.54 -30.76 7.14
N ALA F 646 -13.12 -29.80 6.40
CA ALA F 646 -12.36 -28.94 5.49
C ALA F 646 -11.38 -28.02 6.21
N ARG F 647 -11.43 -27.94 7.54
CA ARG F 647 -10.43 -27.16 8.25
C ARG F 647 -9.09 -27.87 8.29
N LEU F 648 -9.07 -29.20 8.21
CA LEU F 648 -7.80 -29.91 8.28
C LEU F 648 -7.18 -30.16 6.90
N ILE F 649 -7.77 -29.61 5.85
CA ILE F 649 -7.17 -29.69 4.52
C ILE F 649 -7.02 -28.32 3.86
N GLY F 650 -7.78 -27.31 4.24
CA GLY F 650 -7.72 -26.00 3.63
C GLY F 650 -9.02 -25.63 2.95
N ALA F 651 -9.05 -24.39 2.49
CA ALA F 651 -10.13 -23.85 1.69
C ALA F 651 -9.67 -23.67 0.26
N PRO F 652 -10.59 -23.53 -0.70
CA PRO F 652 -10.18 -23.19 -2.07
C PRO F 652 -9.59 -21.78 -2.15
N PRO F 653 -8.90 -21.44 -3.24
CA PRO F 653 -8.27 -20.12 -3.32
C PRO F 653 -9.26 -18.98 -3.51
N GLY F 654 -9.74 -18.42 -2.41
CA GLY F 654 -10.76 -17.39 -2.49
C GLY F 654 -11.72 -17.38 -1.32
N TYR F 655 -11.57 -18.33 -0.40
CA TYR F 655 -12.53 -18.53 0.68
C TYR F 655 -11.86 -18.28 2.01
N VAL F 656 -12.57 -18.63 3.09
CA VAL F 656 -12.37 -18.08 4.42
C VAL F 656 -11.00 -18.38 5.00
N GLY F 657 -10.71 -19.65 5.26
CA GLY F 657 -9.40 -19.96 5.80
C GLY F 657 -8.43 -20.38 4.73
N TYR F 658 -7.66 -19.44 4.21
CA TYR F 658 -6.74 -19.74 3.13
C TYR F 658 -5.31 -19.36 3.44
N GLU F 659 -5.09 -18.21 4.09
CA GLU F 659 -3.73 -17.81 4.43
C GLU F 659 -3.14 -18.71 5.52
N ALA F 660 -3.99 -19.14 6.46
CA ALA F 660 -3.54 -20.10 7.47
C ALA F 660 -3.35 -21.49 6.91
N GLY F 661 -3.90 -21.78 5.73
CA GLY F 661 -3.75 -23.07 5.10
C GLY F 661 -4.49 -24.17 5.85
N GLY F 662 -4.06 -25.39 5.63
CA GLY F 662 -4.64 -26.51 6.33
C GLY F 662 -4.18 -26.57 7.77
N GLN F 663 -5.01 -27.20 8.59
CA GLN F 663 -4.65 -27.38 10.00
C GLN F 663 -3.60 -28.47 10.15
N LEU F 664 -3.54 -29.40 9.19
CA LEU F 664 -2.57 -30.48 9.19
C LEU F 664 -1.41 -30.24 8.24
N THR F 665 -1.71 -29.91 6.99
CA THR F 665 -0.73 -30.06 5.91
C THR F 665 0.32 -28.95 5.95
N GLU F 666 -0.06 -27.73 6.32
CA GLU F 666 0.91 -26.64 6.34
C GLU F 666 1.90 -26.72 7.49
N ALA F 667 1.76 -27.69 8.39
CA ALA F 667 2.78 -27.99 9.38
C ALA F 667 3.60 -29.22 9.03
N VAL F 668 3.40 -29.77 7.83
CA VAL F 668 4.09 -30.97 7.38
C VAL F 668 4.88 -30.61 6.12
N ARG F 669 4.43 -29.57 5.41
CA ARG F 669 5.13 -29.09 4.23
C ARG F 669 6.55 -28.64 4.55
N ARG F 670 6.71 -27.77 5.54
CA ARG F 670 8.00 -27.58 6.14
C ARG F 670 8.15 -28.56 7.30
N ARG F 671 9.39 -28.97 7.57
CA ARG F 671 9.79 -30.02 8.49
C ARG F 671 9.04 -31.32 8.23
N PRO F 672 9.32 -32.06 7.14
CA PRO F 672 8.64 -33.34 6.94
C PRO F 672 9.34 -34.49 7.63
N TYR F 673 9.82 -34.28 8.84
CA TYR F 673 10.51 -35.25 9.66
C TYR F 673 9.89 -35.27 11.04
N THR F 674 8.57 -35.37 11.09
CA THR F 674 7.83 -35.17 12.32
C THR F 674 7.06 -36.41 12.70
N VAL F 675 6.90 -36.62 14.00
CA VAL F 675 5.92 -37.57 14.50
C VAL F 675 4.58 -36.85 14.60
N VAL F 676 3.49 -37.55 14.35
CA VAL F 676 2.17 -36.93 14.29
C VAL F 676 1.22 -37.72 15.17
N LEU F 677 0.59 -37.05 16.13
CA LEU F 677 -0.46 -37.67 16.94
C LEU F 677 -1.84 -37.33 16.41
N PHE F 678 -2.85 -38.00 16.96
CA PHE F 678 -4.25 -37.75 16.64
C PHE F 678 -5.06 -38.03 17.90
N ASP F 679 -5.32 -37.00 18.69
CA ASP F 679 -6.00 -37.20 19.96
C ASP F 679 -7.50 -37.39 19.74
N GLU F 680 -8.05 -38.36 20.47
CA GLU F 680 -9.49 -38.55 20.69
C GLU F 680 -10.23 -38.79 19.37
N ILE F 681 -9.88 -39.90 18.71
CA ILE F 681 -10.42 -40.21 17.39
C ILE F 681 -11.88 -40.66 17.46
N GLU F 682 -12.35 -41.09 18.64
CA GLU F 682 -13.61 -41.81 18.73
C GLU F 682 -14.85 -40.93 18.60
N LYS F 683 -14.71 -39.60 18.70
CA LYS F 683 -15.83 -38.69 18.54
C LYS F 683 -15.88 -38.10 17.14
N ALA F 684 -14.96 -38.49 16.27
CA ALA F 684 -14.87 -37.90 14.93
C ALA F 684 -16.03 -38.36 14.06
N HIS F 685 -16.52 -37.43 13.24
CA HIS F 685 -17.53 -37.75 12.25
C HIS F 685 -16.94 -38.71 11.22
N PRO F 686 -17.75 -39.62 10.67
CA PRO F 686 -17.23 -40.54 9.63
C PRO F 686 -17.01 -39.91 8.26
N ASP F 687 -16.35 -38.75 8.21
CA ASP F 687 -15.84 -38.17 6.98
C ASP F 687 -14.39 -37.76 7.19
N VAL F 688 -13.76 -38.21 8.27
CA VAL F 688 -12.34 -38.03 8.44
C VAL F 688 -11.59 -39.26 7.91
N PHE F 689 -12.19 -40.44 8.06
CA PHE F 689 -11.52 -41.70 7.77
C PHE F 689 -11.25 -41.91 6.29
N ASP F 690 -11.95 -41.20 5.41
CA ASP F 690 -11.57 -41.25 4.01
C ASP F 690 -10.35 -40.37 3.73
N VAL F 691 -10.28 -39.22 4.39
CA VAL F 691 -9.08 -38.40 4.32
C VAL F 691 -7.93 -39.11 5.03
N LEU F 692 -8.20 -39.67 6.20
CA LEU F 692 -7.19 -40.37 6.99
C LEU F 692 -6.81 -41.71 6.40
N LEU F 693 -7.63 -42.26 5.50
CA LEU F 693 -7.39 -43.61 4.98
C LEU F 693 -6.28 -43.60 3.94
N GLN F 694 -6.39 -42.71 2.94
CA GLN F 694 -5.35 -42.57 1.94
C GLN F 694 -4.06 -41.98 2.48
N VAL F 695 -4.09 -41.42 3.70
CA VAL F 695 -2.85 -41.13 4.42
C VAL F 695 -2.08 -42.42 4.69
N LEU F 696 -2.77 -43.43 5.21
CA LEU F 696 -2.15 -44.71 5.52
C LEU F 696 -2.33 -45.72 4.39
N ASP F 697 -2.61 -45.27 3.18
CA ASP F 697 -2.72 -46.18 2.05
C ASP F 697 -1.85 -45.71 0.90
N GLU F 698 -1.63 -44.40 0.81
CA GLU F 698 -0.69 -43.81 -0.13
C GLU F 698 0.17 -42.79 0.60
N GLY F 699 1.30 -42.46 -0.02
CA GLY F 699 2.18 -41.47 0.57
C GLY F 699 1.97 -40.09 -0.03
N ARG F 700 0.72 -39.74 -0.33
CA ARG F 700 0.43 -38.46 -0.95
C ARG F 700 -0.93 -37.97 -0.49
N LEU F 701 -1.08 -36.65 -0.49
CA LEU F 701 -2.33 -35.99 -0.13
C LEU F 701 -2.28 -34.60 -0.73
N THR F 702 -3.46 -34.04 -1.03
CA THR F 702 -3.58 -32.76 -1.68
C THR F 702 -4.03 -31.70 -0.67
N ASP F 703 -3.50 -30.50 -0.80
CA ASP F 703 -3.76 -29.43 0.14
C ASP F 703 -4.79 -28.45 -0.41
N GLY F 704 -5.00 -27.34 0.31
CA GLY F 704 -5.93 -26.34 -0.15
C GLY F 704 -5.47 -25.59 -1.38
N HIS F 705 -4.16 -25.40 -1.52
CA HIS F 705 -3.62 -24.75 -2.72
C HIS F 705 -3.74 -25.65 -3.93
N GLY F 706 -3.13 -26.83 -3.86
CA GLY F 706 -3.01 -27.71 -5.01
C GLY F 706 -1.65 -28.39 -5.03
N ARG F 707 -0.80 -28.06 -4.06
CA ARG F 707 0.52 -28.67 -3.98
C ARG F 707 0.41 -30.07 -3.39
N THR F 708 1.54 -30.77 -3.31
CA THR F 708 1.58 -32.15 -2.87
C THR F 708 2.42 -32.28 -1.60
N VAL F 709 1.92 -33.09 -0.67
CA VAL F 709 2.64 -33.41 0.56
C VAL F 709 2.93 -34.91 0.55
N ASP F 710 4.08 -35.28 1.11
CA ASP F 710 4.53 -36.67 1.12
C ASP F 710 4.64 -37.15 2.55
N PHE F 711 3.87 -38.20 2.87
CA PHE F 711 3.81 -38.77 4.21
C PHE F 711 4.66 -40.02 4.36
N ARG F 712 5.62 -40.24 3.47
CA ARG F 712 6.32 -41.52 3.50
C ARG F 712 7.40 -41.61 4.56
N ASN F 713 7.63 -40.57 5.35
CA ASN F 713 8.64 -40.62 6.41
C ASN F 713 8.13 -39.95 7.69
N THR F 714 6.89 -40.25 8.06
CA THR F 714 6.31 -39.81 9.32
C THR F 714 5.85 -41.02 10.13
N ILE F 715 5.27 -40.76 11.30
CA ILE F 715 4.71 -41.77 12.17
C ILE F 715 3.33 -41.31 12.62
N LEU F 716 2.31 -42.09 12.34
CA LEU F 716 0.96 -41.79 12.81
C LEU F 716 0.68 -42.53 14.12
N ILE F 717 0.03 -41.85 15.04
CA ILE F 717 -0.36 -42.42 16.33
C ILE F 717 -1.79 -41.98 16.62
N LEU F 718 -2.70 -42.94 16.73
CA LEU F 718 -4.13 -42.69 16.92
C LEU F 718 -4.49 -43.11 18.34
N THR F 719 -4.65 -42.14 19.23
CA THR F 719 -4.90 -42.43 20.63
C THR F 719 -6.39 -42.32 20.97
N SER F 720 -6.75 -42.86 22.13
CA SER F 720 -8.10 -42.78 22.68
C SER F 720 -8.02 -43.01 24.19
N ASN F 721 -9.19 -43.03 24.83
CA ASN F 721 -9.25 -43.27 26.28
C ASN F 721 -10.28 -44.32 26.70
N LEU F 722 -11.10 -44.82 25.78
CA LEU F 722 -12.01 -45.91 26.12
C LEU F 722 -11.25 -47.22 26.31
N GLY F 723 -11.86 -48.09 27.10
CA GLY F 723 -11.17 -49.26 27.61
C GLY F 723 -10.82 -49.06 29.07
N SER F 724 -9.61 -49.50 29.47
CA SER F 724 -8.97 -49.24 30.75
C SER F 724 -9.66 -49.89 31.96
N GLY F 725 -10.81 -50.55 31.76
CA GLY F 725 -11.41 -51.35 32.79
C GLY F 725 -11.50 -52.81 32.35
N GLY F 726 -11.71 -53.00 31.05
CA GLY F 726 -11.60 -54.33 30.48
C GLY F 726 -10.14 -54.67 30.25
N SER F 727 -9.82 -55.95 30.45
CA SER F 727 -8.42 -56.36 30.42
C SER F 727 -7.88 -56.39 29.00
N ALA F 728 -8.41 -57.28 28.18
CA ALA F 728 -8.04 -57.31 26.76
C ALA F 728 -9.19 -57.60 25.82
N GLU F 729 -10.27 -58.22 26.28
CA GLU F 729 -11.26 -58.80 25.38
C GLU F 729 -12.32 -57.79 24.96
N GLN F 730 -13.05 -57.22 25.91
CA GLN F 730 -14.14 -56.32 25.56
C GLN F 730 -13.64 -54.98 25.05
N VAL F 731 -12.39 -54.62 25.33
CA VAL F 731 -11.84 -53.38 24.81
C VAL F 731 -11.60 -53.49 23.31
N LEU F 732 -11.03 -54.62 22.88
CA LEU F 732 -10.84 -54.85 21.45
C LEU F 732 -12.18 -55.10 20.77
N ALA F 733 -13.16 -55.64 21.51
CA ALA F 733 -14.51 -55.77 20.97
C ALA F 733 -15.16 -54.40 20.75
N ALA F 734 -14.92 -53.46 21.66
CA ALA F 734 -15.43 -52.10 21.47
C ALA F 734 -14.67 -51.38 20.36
N VAL F 735 -13.40 -51.72 20.15
CA VAL F 735 -12.67 -51.18 19.00
C VAL F 735 -13.25 -51.71 17.69
N ARG F 736 -13.55 -53.00 17.64
CA ARG F 736 -14.15 -53.58 16.43
C ARG F 736 -15.57 -53.06 16.21
N ALA F 737 -16.29 -52.77 17.28
CA ALA F 737 -17.64 -52.23 17.12
C ALA F 737 -17.63 -50.75 16.77
N THR F 738 -16.64 -49.99 17.23
CA THR F 738 -16.60 -48.56 16.99
C THR F 738 -16.17 -48.23 15.57
N PHE F 739 -15.18 -48.94 15.05
CA PHE F 739 -14.66 -48.66 13.72
C PHE F 739 -15.13 -49.73 12.74
N LYS F 740 -14.81 -49.53 11.47
CA LYS F 740 -15.03 -50.58 10.50
C LYS F 740 -13.97 -51.67 10.69
N PRO F 741 -14.29 -52.92 10.32
CA PRO F 741 -13.27 -53.98 10.39
C PRO F 741 -12.15 -53.80 9.38
N GLU F 742 -12.39 -53.06 8.29
CA GLU F 742 -11.34 -52.85 7.29
C GLU F 742 -10.28 -51.87 7.78
N PHE F 743 -10.65 -50.97 8.69
CA PHE F 743 -9.74 -49.94 9.17
C PHE F 743 -8.63 -50.51 10.04
N ILE F 744 -8.82 -51.69 10.61
CA ILE F 744 -7.83 -52.26 11.51
C ILE F 744 -6.82 -53.12 10.76
N ASN F 745 -7.17 -53.62 9.57
CA ASN F 745 -6.23 -54.43 8.80
C ASN F 745 -5.08 -53.61 8.25
N ARG F 746 -5.33 -52.34 7.91
CA ARG F 746 -4.26 -51.49 7.41
C ARG F 746 -3.34 -50.99 8.50
N LEU F 747 -3.82 -50.95 9.74
CA LEU F 747 -3.03 -50.44 10.85
C LEU F 747 -2.04 -51.49 11.36
N ASP F 748 -1.08 -51.02 12.14
CA ASP F 748 -0.14 -51.86 12.86
C ASP F 748 -0.69 -52.14 14.25
N ASP F 749 0.17 -52.56 15.17
CA ASP F 749 -0.20 -53.16 16.45
C ASP F 749 -1.06 -52.22 17.30
N VAL F 750 -1.90 -52.85 18.11
CA VAL F 750 -2.95 -52.21 18.91
C VAL F 750 -2.53 -52.44 20.35
N LEU F 751 -1.23 -52.29 20.61
CA LEU F 751 -0.62 -52.57 21.90
C LEU F 751 -1.31 -51.80 23.03
N ILE F 752 -1.36 -52.44 24.19
CA ILE F 752 -2.31 -52.09 25.24
C ILE F 752 -1.53 -51.60 26.46
N PHE F 753 -1.91 -50.44 26.98
CA PHE F 753 -1.29 -49.90 28.18
C PHE F 753 -2.02 -50.43 29.40
N GLU F 754 -1.67 -49.91 30.57
CA GLU F 754 -2.20 -50.40 31.84
C GLU F 754 -2.05 -49.28 32.87
N GLY F 755 -2.28 -49.62 34.13
CA GLY F 755 -2.04 -48.71 35.23
C GLY F 755 -0.57 -48.62 35.59
N LEU F 756 -0.31 -48.20 36.82
CA LEU F 756 1.05 -48.02 37.29
C LEU F 756 1.24 -48.71 38.62
N ASN F 757 2.48 -49.12 38.88
CA ASN F 757 2.81 -49.79 40.13
C ASN F 757 2.90 -48.76 41.26
N PRO F 758 2.43 -49.12 42.47
CA PRO F 758 2.52 -48.17 43.59
C PRO F 758 3.95 -47.89 44.04
N GLU F 759 4.88 -48.80 43.79
CA GLU F 759 6.28 -48.54 44.10
C GLU F 759 7.02 -47.86 42.94
N GLU F 760 6.63 -48.14 41.70
CA GLU F 760 7.31 -47.58 40.54
C GLU F 760 6.93 -46.12 40.32
N LEU F 761 5.79 -45.69 40.87
CA LEU F 761 5.34 -44.31 40.79
C LEU F 761 6.25 -43.35 41.56
N VAL F 762 7.13 -43.86 42.41
CA VAL F 762 8.07 -43.05 43.16
C VAL F 762 9.09 -42.40 42.23
N ARG F 763 9.55 -43.12 41.21
CA ARG F 763 10.66 -42.63 40.38
C ARG F 763 10.23 -41.47 39.49
N ILE F 764 8.93 -41.37 39.16
CA ILE F 764 8.41 -40.20 38.47
C ILE F 764 8.56 -38.96 39.34
N VAL F 765 8.26 -39.09 40.63
CA VAL F 765 8.42 -37.97 41.56
C VAL F 765 9.90 -37.68 41.78
N ASP F 766 10.76 -38.71 41.67
CA ASP F 766 12.20 -38.50 41.72
C ASP F 766 12.68 -37.65 40.56
N ILE F 767 12.17 -37.91 39.36
CA ILE F 767 12.55 -37.11 38.19
C ILE F 767 11.97 -35.69 38.30
N GLN F 768 10.78 -35.54 38.89
CA GLN F 768 10.23 -34.22 39.09
C GLN F 768 11.03 -33.42 40.11
N LEU F 769 11.54 -34.08 41.16
CA LEU F 769 12.42 -33.40 42.10
C LEU F 769 13.79 -33.12 41.50
N ALA F 770 14.22 -33.94 40.53
CA ALA F 770 15.43 -33.62 39.79
C ALA F 770 15.25 -32.35 38.97
N GLN F 771 14.11 -32.23 38.29
CA GLN F 771 13.80 -30.98 37.58
C GLN F 771 13.57 -29.82 38.54
N LEU F 772 13.20 -30.10 39.79
CA LEU F 772 12.98 -29.04 40.78
C LEU F 772 14.29 -28.37 41.17
N GLY F 773 15.28 -29.18 41.57
CA GLY F 773 16.50 -28.65 42.16
C GLY F 773 17.41 -27.93 41.19
N LYS F 774 17.22 -28.13 39.88
CA LYS F 774 18.06 -27.46 38.90
C LYS F 774 17.79 -25.97 38.82
N ARG F 775 16.57 -25.54 39.18
CA ARG F 775 16.24 -24.13 39.06
C ARG F 775 16.85 -23.30 40.19
N LEU F 776 16.88 -23.84 41.41
CA LEU F 776 17.47 -23.09 42.52
C LEU F 776 18.95 -23.41 42.71
N ALA F 777 19.69 -23.35 41.60
CA ALA F 777 21.14 -23.34 41.66
C ALA F 777 21.68 -21.92 41.82
N GLN F 778 20.82 -20.91 41.72
CA GLN F 778 21.24 -19.53 41.94
C GLN F 778 21.61 -19.31 43.40
N ARG F 779 20.80 -19.82 44.32
CA ARG F 779 21.15 -19.84 45.73
C ARG F 779 22.10 -20.98 46.08
N ARG F 780 22.42 -21.84 45.11
CA ARG F 780 23.32 -22.99 45.28
C ARG F 780 22.87 -23.92 46.40
N LEU F 781 21.58 -24.25 46.39
CA LEU F 781 21.00 -25.07 47.45
C LEU F 781 20.91 -26.52 47.01
N GLN F 782 20.67 -27.38 47.99
CA GLN F 782 20.31 -28.77 47.77
C GLN F 782 19.05 -29.07 48.57
N LEU F 783 18.32 -30.09 48.14
CA LEU F 783 17.10 -30.51 48.83
C LEU F 783 17.20 -32.00 49.12
N GLN F 784 17.22 -32.35 50.40
CA GLN F 784 17.17 -33.74 50.83
C GLN F 784 15.72 -34.17 50.97
N VAL F 785 15.23 -34.96 50.02
CA VAL F 785 13.87 -35.47 50.12
C VAL F 785 13.85 -36.69 51.02
N SER F 786 12.69 -36.96 51.62
CA SER F 786 12.51 -38.08 52.53
C SER F 786 11.43 -39.00 51.98
N LEU F 787 11.76 -40.29 51.92
CA LEU F 787 10.88 -41.33 51.39
C LEU F 787 9.50 -41.51 52.05
N PRO F 788 9.23 -41.14 53.31
CA PRO F 788 7.82 -41.12 53.72
C PRO F 788 6.98 -40.07 53.01
N ALA F 789 7.49 -38.84 52.88
CA ALA F 789 6.78 -37.82 52.11
C ALA F 789 6.75 -38.19 50.64
N LYS F 790 7.79 -38.86 50.16
CA LYS F 790 7.83 -39.30 48.78
C LYS F 790 6.84 -40.42 48.52
N ARG F 791 6.49 -41.20 49.55
CA ARG F 791 5.31 -42.07 49.46
C ARG F 791 4.03 -41.27 49.54
N TRP F 792 4.03 -40.20 50.34
CA TRP F 792 2.80 -39.45 50.60
C TRP F 792 2.32 -38.70 49.37
N LEU F 793 3.24 -38.19 48.56
CA LEU F 793 2.85 -37.50 47.34
C LEU F 793 2.26 -38.44 46.28
N ALA F 794 2.44 -39.75 46.42
CA ALA F 794 1.92 -40.68 45.42
C ALA F 794 0.42 -40.85 45.53
N GLN F 795 -0.11 -40.95 46.75
CA GLN F 795 -1.55 -41.15 46.90
C GLN F 795 -2.32 -39.89 46.55
N ARG F 796 -1.78 -38.73 46.91
CA ARG F 796 -2.43 -37.45 46.64
C ARG F 796 -2.03 -36.86 45.30
N GLY F 797 -1.47 -37.68 44.41
CA GLY F 797 -1.12 -37.24 43.08
C GLY F 797 -1.50 -38.25 42.02
N PHE F 798 -2.58 -39.00 42.27
CA PHE F 798 -3.07 -39.94 41.26
C PHE F 798 -4.43 -39.53 40.71
N ASP F 799 -5.48 -39.47 41.57
CA ASP F 799 -6.83 -39.00 41.27
C ASP F 799 -7.41 -39.71 40.05
N PRO F 800 -7.92 -40.95 40.17
CA PRO F 800 -8.18 -41.80 38.99
C PRO F 800 -9.27 -41.34 38.03
N VAL F 801 -9.17 -40.09 37.58
CA VAL F 801 -9.92 -39.59 36.43
C VAL F 801 -9.01 -38.91 35.41
N TYR F 802 -7.83 -38.46 35.80
CA TYR F 802 -6.88 -37.82 34.92
C TYR F 802 -5.60 -38.61 34.71
N GLY F 803 -5.29 -39.56 35.58
CA GLY F 803 -4.08 -40.33 35.42
C GLY F 803 -2.99 -40.00 36.42
N ALA F 804 -1.98 -39.24 36.00
CA ALA F 804 -0.94 -38.82 36.92
C ALA F 804 -0.50 -37.39 36.66
N ARG F 805 -1.46 -36.54 36.31
CA ARG F 805 -1.14 -35.16 35.97
C ARG F 805 -1.20 -34.02 37.00
N PRO F 806 -1.43 -34.24 38.29
CA PRO F 806 -1.43 -33.00 39.08
C PRO F 806 -0.02 -32.50 39.38
N LEU F 807 1.01 -33.28 39.03
CA LEU F 807 2.30 -33.18 39.72
C LEU F 807 3.08 -31.93 39.35
N ARG F 808 2.92 -31.41 38.13
CA ARG F 808 3.64 -30.19 37.75
C ARG F 808 3.16 -28.99 38.54
N ARG F 809 1.92 -29.01 39.01
CA ARG F 809 1.43 -27.97 39.91
C ARG F 809 1.76 -28.29 41.36
N LEU F 810 1.69 -29.56 41.73
CA LEU F 810 1.75 -29.97 43.12
C LEU F 810 3.17 -29.88 43.69
N VAL F 811 4.16 -30.22 42.88
CA VAL F 811 5.55 -30.08 43.32
C VAL F 811 5.91 -28.61 43.47
N GLN F 812 5.29 -27.74 42.66
CA GLN F 812 5.47 -26.30 42.83
C GLN F 812 4.85 -25.82 44.14
N GLN F 813 3.57 -26.09 44.35
CA GLN F 813 2.71 -25.37 45.30
C GLN F 813 3.23 -25.34 46.72
N ALA F 814 3.18 -26.49 47.41
CA ALA F 814 3.48 -26.51 48.84
C ALA F 814 4.96 -26.31 49.09
N ILE F 815 5.79 -27.08 48.37
CA ILE F 815 7.24 -27.09 48.58
C ILE F 815 7.84 -25.74 48.24
N GLY F 816 7.63 -25.27 46.99
CA GLY F 816 8.23 -24.03 46.56
C GLY F 816 7.70 -22.81 47.27
N ASP F 817 6.40 -22.79 47.61
CA ASP F 817 5.87 -21.61 48.27
C ASP F 817 6.32 -21.53 49.73
N GLN F 818 6.38 -22.68 50.42
CA GLN F 818 6.88 -22.65 51.79
C GLN F 818 8.36 -22.31 51.84
N LEU F 819 9.17 -22.86 50.92
CA LEU F 819 10.58 -22.51 50.95
C LEU F 819 10.83 -21.09 50.44
N ALA F 820 9.94 -20.54 49.60
CA ALA F 820 10.09 -19.16 49.18
C ALA F 820 9.82 -18.21 50.33
N LYS F 821 8.79 -18.51 51.14
CA LYS F 821 8.58 -17.77 52.38
C LYS F 821 9.76 -17.92 53.34
N MET F 822 10.39 -19.11 53.35
CA MET F 822 11.57 -19.31 54.19
C MET F 822 12.73 -18.42 53.74
N LEU F 823 13.13 -18.53 52.47
CA LEU F 823 14.25 -17.76 51.94
C LEU F 823 14.02 -16.25 52.00
N LEU F 824 12.78 -15.80 51.86
CA LEU F 824 12.58 -14.36 51.94
C LEU F 824 12.49 -13.89 53.40
N ALA F 825 12.07 -14.76 54.31
CA ALA F 825 12.01 -14.36 55.72
C ALA F 825 13.39 -14.41 56.37
N GLY F 826 13.98 -15.61 56.46
CA GLY F 826 15.28 -15.79 57.07
C GLY F 826 15.62 -17.26 57.24
N GLN F 827 16.39 -17.60 58.27
CA GLN F 827 16.59 -18.94 58.85
C GLN F 827 17.07 -20.01 57.86
N VAL F 828 17.48 -19.62 56.65
CA VAL F 828 18.03 -20.55 55.68
C VAL F 828 18.99 -19.76 54.79
N HIS F 829 20.15 -20.34 54.50
CA HIS F 829 21.18 -19.63 53.77
C HIS F 829 21.75 -20.53 52.70
N ASP F 830 22.84 -20.12 52.06
CA ASP F 830 23.50 -20.95 51.06
C ASP F 830 24.12 -22.18 51.71
N GLY F 831 24.18 -23.27 50.95
CA GLY F 831 24.75 -24.51 51.40
C GLY F 831 23.83 -25.37 52.23
N ASP F 832 22.59 -24.94 52.44
CA ASP F 832 21.69 -25.67 53.32
C ASP F 832 21.14 -26.90 52.61
N THR F 833 21.04 -28.01 53.34
CA THR F 833 20.58 -29.27 52.79
C THR F 833 19.07 -29.36 52.65
N VAL F 834 18.33 -28.52 53.37
CA VAL F 834 16.87 -28.42 53.40
C VAL F 834 16.25 -29.79 53.70
N PRO F 835 16.27 -30.24 54.95
CA PRO F 835 15.57 -31.50 55.27
C PRO F 835 14.06 -31.31 55.23
N VAL F 836 13.36 -32.29 54.65
CA VAL F 836 11.91 -32.30 54.64
C VAL F 836 11.40 -33.56 55.29
N ASN F 837 10.21 -33.48 55.87
CA ASN F 837 9.60 -34.56 56.63
C ASN F 837 8.09 -34.44 56.50
N VAL F 838 7.37 -35.17 57.34
CA VAL F 838 5.91 -35.11 57.38
C VAL F 838 5.47 -34.72 58.79
N SER F 839 4.67 -33.66 58.89
CA SER F 839 3.93 -33.29 60.08
C SER F 839 2.43 -33.50 59.81
N PRO F 840 1.67 -34.05 60.81
CA PRO F 840 0.68 -35.12 60.55
C PRO F 840 -0.07 -35.14 59.21
N ASP F 841 -0.56 -33.99 58.75
CA ASP F 841 -1.30 -33.93 57.50
C ASP F 841 -0.50 -33.38 56.32
N ALA F 842 0.26 -32.31 56.53
CA ALA F 842 1.03 -31.68 55.45
C ALA F 842 2.45 -32.24 55.44
N ASP F 843 3.36 -31.57 54.74
CA ASP F 843 4.78 -31.93 54.74
C ASP F 843 5.60 -30.72 55.21
N SER F 844 5.94 -30.69 56.49
CA SER F 844 6.68 -29.57 57.04
C SER F 844 8.15 -29.64 56.63
N LEU F 845 8.91 -28.67 57.07
CA LEU F 845 10.28 -28.53 56.60
C LEU F 845 11.26 -28.75 57.74
N GLN G 159 63.14 17.83 12.78
CA GLN G 159 62.34 18.17 13.96
C GLN G 159 60.87 18.29 13.58
N ALA G 160 60.51 17.76 12.41
CA ALA G 160 59.22 17.99 11.77
C ALA G 160 58.02 17.41 12.54
N LEU G 161 58.24 16.57 13.55
CA LEU G 161 57.14 15.99 14.31
C LEU G 161 57.34 16.11 15.81
N GLN G 162 58.24 17.01 16.25
CA GLN G 162 58.52 17.16 17.68
C GLN G 162 57.35 17.82 18.41
N LYS G 163 56.56 18.63 17.72
CA LYS G 163 55.49 19.40 18.36
C LYS G 163 54.11 18.80 18.10
N TYR G 164 53.83 18.35 16.88
CA TYR G 164 52.49 17.91 16.50
C TYR G 164 52.15 16.51 17.01
N SER G 165 53.08 15.83 17.69
CA SER G 165 52.83 14.47 18.18
C SER G 165 53.70 14.25 19.40
N THR G 166 53.07 14.17 20.57
CA THR G 166 53.80 13.88 21.80
C THR G 166 54.21 12.40 21.83
N ASP G 167 55.20 12.10 22.64
CA ASP G 167 55.73 10.74 22.72
C ASP G 167 54.77 9.86 23.50
N LEU G 168 54.86 8.55 23.28
CA LEU G 168 53.96 7.59 23.91
C LEU G 168 54.68 6.52 24.73
N THR G 169 55.85 6.05 24.28
CA THR G 169 56.57 5.03 25.04
C THR G 169 57.21 5.61 26.29
N ALA G 170 57.71 6.85 26.21
CA ALA G 170 58.30 7.51 27.37
C ALA G 170 57.27 7.81 28.45
N ARG G 171 56.00 7.95 28.07
CA ARG G 171 54.94 8.07 29.07
C ARG G 171 54.74 6.76 29.81
N ALA G 172 54.87 5.63 29.11
CA ALA G 172 54.75 4.34 29.78
C ALA G 172 55.97 4.03 30.63
N ARG G 173 57.14 4.58 30.26
CA ARG G 173 58.33 4.36 31.06
C ARG G 173 58.31 5.09 32.40
N GLU G 174 57.50 6.13 32.53
CA GLU G 174 57.44 6.89 33.78
C GLU G 174 56.33 6.40 34.71
N GLY G 175 56.27 5.07 34.91
CA GLY G 175 55.31 4.39 35.77
C GLY G 175 53.86 4.85 35.74
N LYS G 176 53.27 4.96 34.56
CA LYS G 176 52.01 5.68 34.40
C LYS G 176 50.84 4.80 34.02
N LEU G 177 50.95 4.02 32.93
CA LEU G 177 49.79 3.40 32.33
C LEU G 177 49.36 2.16 33.12
N ASP G 178 48.23 1.59 32.71
CA ASP G 178 47.57 0.57 33.49
C ASP G 178 48.33 -0.76 33.41
N PRO G 179 48.26 -1.57 34.46
CA PRO G 179 48.70 -2.98 34.35
C PRO G 179 47.79 -3.74 33.39
N VAL G 180 48.42 -4.61 32.58
CA VAL G 180 47.76 -5.16 31.40
C VAL G 180 47.88 -6.69 31.44
N ILE G 181 47.93 -7.24 32.66
CA ILE G 181 48.12 -8.66 32.87
C ILE G 181 46.90 -9.44 32.35
N GLY G 182 47.13 -10.32 31.40
CA GLY G 182 46.05 -11.01 30.72
C GLY G 182 46.07 -10.70 29.23
N ARG G 183 45.42 -11.52 28.42
CA ARG G 183 45.27 -11.36 26.97
C ARG G 183 46.64 -11.31 26.28
N ASP G 184 47.29 -12.47 26.27
CA ASP G 184 48.63 -12.59 25.71
C ASP G 184 48.67 -12.93 24.23
N ASN G 185 47.57 -13.42 23.66
CA ASN G 185 47.64 -14.14 22.38
C ASN G 185 47.79 -13.20 21.19
N GLU G 186 46.92 -12.20 21.06
CA GLU G 186 46.95 -11.44 19.82
C GLU G 186 48.06 -10.40 19.78
N ILE G 187 48.77 -10.15 20.89
CA ILE G 187 50.05 -9.45 20.79
C ILE G 187 51.03 -10.29 19.95
N ARG G 188 51.10 -11.59 20.25
CA ARG G 188 51.93 -12.50 19.46
C ARG G 188 51.40 -12.63 18.04
N ARG G 189 50.08 -12.57 17.85
CA ARG G 189 49.54 -12.65 16.50
C ARG G 189 49.82 -11.38 15.68
N VAL G 190 49.74 -10.20 16.30
CA VAL G 190 50.07 -8.96 15.61
C VAL G 190 51.57 -8.88 15.34
N VAL G 191 52.40 -9.46 16.20
CA VAL G 191 53.83 -9.57 15.91
C VAL G 191 54.07 -10.51 14.72
N GLN G 192 53.34 -11.63 14.67
CA GLN G 192 53.47 -12.57 13.55
C GLN G 192 53.00 -11.96 12.24
N VAL G 193 51.99 -11.10 12.28
CA VAL G 193 51.61 -10.34 11.09
C VAL G 193 52.67 -9.30 10.76
N LEU G 194 53.22 -8.65 11.79
CA LEU G 194 54.09 -7.49 11.61
C LEU G 194 55.49 -7.88 11.14
N SER G 195 55.98 -9.05 11.53
CA SER G 195 57.33 -9.48 11.19
C SER G 195 57.38 -10.12 9.79
N ARG G 196 56.99 -9.33 8.79
CA ARG G 196 57.03 -9.74 7.39
C ARG G 196 57.77 -8.68 6.58
N ARG G 197 58.02 -9.01 5.32
CA ARG G 197 58.77 -8.10 4.46
C ARG G 197 57.88 -7.02 3.83
N THR G 198 56.68 -7.39 3.40
CA THR G 198 55.75 -6.44 2.78
C THR G 198 54.35 -6.70 3.33
N LYS G 199 53.51 -5.66 3.21
CA LYS G 199 52.14 -5.63 3.75
C LYS G 199 52.16 -5.93 5.25
N ASN G 200 53.00 -5.21 5.98
CA ASN G 200 52.99 -5.37 7.43
C ASN G 200 51.69 -4.83 8.02
N ASN G 201 51.56 -3.49 8.03
CA ASN G 201 50.38 -2.61 8.09
C ASN G 201 49.09 -3.18 8.68
N PRO G 202 49.08 -3.66 9.93
CA PRO G 202 47.88 -4.32 10.44
C PRO G 202 46.85 -3.29 10.92
N VAL G 203 45.71 -3.80 11.36
CA VAL G 203 44.66 -2.97 11.95
C VAL G 203 43.89 -3.83 12.95
N LEU G 204 43.61 -3.26 14.12
CA LEU G 204 42.88 -3.96 15.17
C LEU G 204 41.40 -3.63 15.04
N ILE G 205 40.59 -4.63 14.69
CA ILE G 205 39.18 -4.42 14.37
C ILE G 205 38.34 -5.35 15.22
N GLY G 206 37.41 -4.77 15.96
CA GLY G 206 36.41 -5.53 16.69
C GLY G 206 35.24 -4.60 16.96
N GLU G 207 34.48 -4.93 17.97
CA GLU G 207 33.32 -4.24 18.52
C GLU G 207 33.75 -3.28 19.63
N PRO G 208 33.05 -2.16 19.83
CA PRO G 208 33.56 -1.10 20.71
C PRO G 208 33.49 -1.47 22.18
N GLY G 209 34.66 -1.54 22.82
CA GLY G 209 34.74 -1.74 24.26
C GLY G 209 35.48 -2.99 24.69
N VAL G 210 35.80 -3.91 23.78
CA VAL G 210 36.45 -5.16 24.19
C VAL G 210 37.95 -5.03 24.39
N GLY G 211 38.51 -3.83 24.21
CA GLY G 211 39.91 -3.63 24.49
C GLY G 211 40.76 -3.59 23.23
N LYS G 212 41.07 -2.38 22.78
CA LYS G 212 42.08 -2.17 21.76
C LYS G 212 43.10 -1.14 22.18
N THR G 213 42.84 -0.36 23.23
CA THR G 213 43.89 0.40 23.88
C THR G 213 44.87 -0.54 24.59
N ALA G 214 44.34 -1.61 25.18
CA ALA G 214 45.14 -2.50 26.03
C ALA G 214 46.16 -3.30 25.24
N ILE G 215 45.86 -3.59 23.96
CA ILE G 215 46.82 -4.30 23.12
C ILE G 215 48.06 -3.45 22.86
N VAL G 216 47.85 -2.19 22.51
CA VAL G 216 48.97 -1.29 22.22
C VAL G 216 49.71 -0.94 23.50
N GLU G 217 48.99 -0.79 24.62
CA GLU G 217 49.64 -0.55 25.90
C GLU G 217 50.47 -1.77 26.33
N GLY G 218 49.97 -2.97 26.09
CA GLY G 218 50.74 -4.17 26.41
C GLY G 218 51.94 -4.35 25.52
N LEU G 219 51.82 -3.98 24.23
CA LEU G 219 52.97 -3.95 23.34
C LEU G 219 54.02 -2.98 23.82
N ALA G 220 53.59 -1.82 24.31
CA ALA G 220 54.53 -0.85 24.88
C ALA G 220 55.18 -1.39 26.15
N GLN G 221 54.42 -2.09 27.00
CA GLN G 221 54.98 -2.64 28.23
C GLN G 221 55.99 -3.74 27.94
N ARG G 222 55.73 -4.57 26.92
CA ARG G 222 56.69 -5.60 26.56
C ARG G 222 57.93 -5.01 25.90
N ILE G 223 57.79 -3.91 25.17
CA ILE G 223 58.96 -3.28 24.57
C ILE G 223 59.81 -2.58 25.64
N VAL G 224 59.16 -1.96 26.64
CA VAL G 224 59.91 -1.36 27.74
C VAL G 224 60.58 -2.44 28.59
N ALA G 225 59.88 -3.54 28.83
CA ALA G 225 60.47 -4.65 29.58
C ALA G 225 61.53 -5.40 28.77
N GLY G 226 61.59 -5.20 27.46
CA GLY G 226 62.60 -5.84 26.65
C GLY G 226 62.36 -7.31 26.43
N ASP G 227 61.11 -7.76 26.55
CA ASP G 227 60.75 -9.17 26.43
C ASP G 227 60.21 -9.49 25.04
N VAL G 228 60.77 -8.83 24.03
CA VAL G 228 60.27 -8.90 22.66
C VAL G 228 61.25 -9.74 21.83
N PRO G 229 60.86 -10.23 20.63
CA PRO G 229 61.86 -10.87 19.76
C PRO G 229 62.84 -9.89 19.12
N GLU G 230 63.62 -10.39 18.16
CA GLU G 230 64.84 -9.73 17.71
C GLU G 230 64.58 -8.39 17.03
N SER G 231 63.71 -8.39 16.00
CA SER G 231 63.44 -7.12 15.30
C SER G 231 62.27 -6.37 15.92
N LEU G 232 62.29 -6.24 17.26
CA LEU G 232 61.34 -5.41 17.98
C LEU G 232 62.00 -4.71 19.17
N ARG G 233 63.32 -4.72 19.27
CA ARG G 233 64.02 -4.29 20.46
C ARG G 233 64.30 -2.79 20.39
N ASP G 234 63.90 -2.07 21.45
CA ASP G 234 64.13 -0.63 21.64
C ASP G 234 63.45 0.22 20.57
N LYS G 235 62.34 -0.25 20.02
CA LYS G 235 61.57 0.54 19.07
C LYS G 235 60.66 1.52 19.79
N THR G 236 60.33 2.61 19.12
CA THR G 236 59.53 3.70 19.68
C THR G 236 58.27 3.88 18.86
N ILE G 237 57.12 3.50 19.44
CA ILE G 237 55.83 3.74 18.82
C ILE G 237 55.42 5.18 19.06
N VAL G 238 54.91 5.84 18.03
CA VAL G 238 54.55 7.25 18.09
C VAL G 238 53.18 7.43 17.44
N ALA G 239 52.24 8.02 18.18
CA ALA G 239 50.91 8.32 17.68
C ALA G 239 50.83 9.78 17.25
N LEU G 240 50.30 10.01 16.05
CA LEU G 240 50.14 11.37 15.52
C LEU G 240 48.69 11.80 15.61
N ASP G 241 48.49 13.05 16.02
CA ASP G 241 47.16 13.62 16.21
C ASP G 241 46.81 14.49 15.01
N LEU G 242 45.68 14.17 14.37
CA LEU G 242 45.18 14.92 13.23
C LEU G 242 44.24 16.03 13.65
N GLY G 243 44.40 16.58 14.85
CA GLY G 243 43.55 17.66 15.30
C GLY G 243 44.33 18.89 15.70
N SER G 244 45.65 18.74 15.79
CA SER G 244 46.54 19.87 15.97
C SER G 244 47.39 20.15 14.75
N MET G 245 47.53 19.18 13.84
CA MET G 245 48.29 19.40 12.62
C MET G 245 47.51 20.24 11.61
N VAL G 246 46.18 20.08 11.60
CA VAL G 246 45.36 20.75 10.59
C VAL G 246 45.07 22.19 10.98
N ALA G 247 45.32 22.56 12.24
CA ALA G 247 44.80 23.77 12.88
C ALA G 247 45.24 25.07 12.22
N GLY G 248 46.53 25.40 12.25
CA GLY G 248 46.96 26.61 11.59
C GLY G 248 47.43 26.34 10.18
N SER G 249 46.50 26.46 9.23
CA SER G 249 46.82 26.22 7.83
C SER G 249 45.75 26.91 6.98
N LYS G 250 46.09 28.07 6.43
CA LYS G 250 45.12 28.77 5.59
C LYS G 250 45.68 29.36 4.30
N TYR G 251 47.00 29.46 4.13
CA TYR G 251 47.58 30.17 2.99
C TYR G 251 47.79 29.23 1.80
N ARG G 252 46.69 28.57 1.40
CA ARG G 252 46.47 27.96 0.09
C ARG G 252 47.27 26.67 -0.15
N GLY G 253 48.29 26.42 0.66
CA GLY G 253 49.08 25.22 0.44
C GLY G 253 49.72 24.60 1.67
N GLU G 254 49.37 25.09 2.86
CA GLU G 254 50.22 24.87 4.03
C GLU G 254 50.11 23.44 4.56
N PHE G 255 48.90 22.91 4.64
CA PHE G 255 48.69 21.57 5.19
C PHE G 255 49.29 20.48 4.32
N GLU G 256 49.25 20.70 2.99
CA GLU G 256 49.82 19.76 2.01
C GLU G 256 51.30 19.53 2.26
N GLU G 257 52.10 20.59 2.15
CA GLU G 257 53.54 20.46 2.34
C GLU G 257 53.92 20.23 3.80
N ARG G 258 53.04 20.60 4.75
CA ARG G 258 53.28 20.28 6.15
C ARG G 258 53.25 18.77 6.38
N LEU G 259 52.17 18.11 5.94
CA LEU G 259 52.10 16.66 6.09
C LEU G 259 53.10 15.95 5.19
N LYS G 260 53.49 16.58 4.07
CA LYS G 260 54.55 16.03 3.23
C LYS G 260 55.89 16.03 3.96
N ALA G 261 56.22 17.12 4.66
CA ALA G 261 57.44 17.15 5.46
C ALA G 261 57.38 16.19 6.63
N VAL G 262 56.20 15.98 7.21
CA VAL G 262 56.05 14.99 8.27
C VAL G 262 56.32 13.59 7.74
N LEU G 263 55.80 13.27 6.55
CA LEU G 263 56.08 11.96 5.94
C LEU G 263 57.54 11.82 5.55
N ASP G 264 58.17 12.92 5.12
CA ASP G 264 59.59 12.92 4.80
C ASP G 264 60.44 12.66 6.04
N ASP G 265 60.00 13.16 7.20
CA ASP G 265 60.73 12.87 8.43
C ASP G 265 60.44 11.46 8.93
N ILE G 266 59.25 10.92 8.61
CA ILE G 266 58.98 9.51 8.89
C ILE G 266 59.88 8.62 8.04
N LYS G 267 60.23 9.07 6.83
CA LYS G 267 61.15 8.33 5.97
C LYS G 267 62.56 8.22 6.56
N ASN G 268 62.93 9.11 7.49
CA ASN G 268 64.31 9.19 7.97
C ASN G 268 64.71 7.94 8.75
N SER G 269 64.00 7.63 9.82
CA SER G 269 64.29 6.41 10.56
C SER G 269 63.59 5.22 9.92
N ALA G 270 64.20 4.05 10.07
CA ALA G 270 63.69 2.81 9.49
C ALA G 270 63.45 1.82 10.60
N GLY G 271 62.21 1.38 10.76
CA GLY G 271 61.87 0.39 11.78
C GLY G 271 61.71 0.90 13.19
N GLN G 272 62.60 1.80 13.62
CA GLN G 272 62.52 2.35 14.98
C GLN G 272 61.28 3.22 15.16
N ILE G 273 60.92 3.97 14.13
CA ILE G 273 59.66 4.71 14.15
C ILE G 273 58.54 3.77 13.80
N ILE G 274 57.45 3.82 14.57
CA ILE G 274 56.24 3.07 14.30
C ILE G 274 55.06 4.01 14.50
N THR G 275 54.30 4.25 13.45
CA THR G 275 53.15 5.15 13.53
C THR G 275 51.91 4.36 13.90
N PHE G 276 51.26 4.75 14.98
CA PHE G 276 49.97 4.22 15.40
C PHE G 276 48.94 5.34 15.28
N ILE G 277 48.15 5.32 14.21
CA ILE G 277 47.13 6.35 14.02
C ILE G 277 45.85 5.86 14.66
N ASP G 278 45.47 6.50 15.77
CA ASP G 278 44.21 6.20 16.44
C ASP G 278 43.05 6.73 15.62
N GLU G 279 42.04 5.89 15.41
CA GLU G 279 40.81 6.19 14.67
C GLU G 279 41.15 6.63 13.24
N LEU G 280 41.69 5.68 12.47
CA LEU G 280 42.30 5.95 11.17
C LEU G 280 41.30 6.33 10.07
N HIS G 281 40.01 6.53 10.33
CA HIS G 281 39.09 7.08 9.34
C HIS G 281 39.05 8.60 9.35
N THR G 282 40.09 9.24 9.91
CA THR G 282 40.29 10.68 9.78
C THR G 282 41.25 11.02 8.66
N ILE G 283 42.02 10.05 8.17
CA ILE G 283 42.95 10.30 7.08
C ILE G 283 42.29 10.11 5.71
N VAL G 284 41.14 9.42 5.67
CA VAL G 284 40.37 9.34 4.44
C VAL G 284 39.81 10.71 4.07
N GLY G 285 39.31 11.45 5.07
CA GLY G 285 38.88 12.81 4.85
C GLY G 285 39.77 13.81 5.56
N ALA G 286 39.17 14.92 6.00
CA ALA G 286 39.78 15.98 6.81
C ALA G 286 40.98 16.65 6.14
N GLY G 287 41.09 16.57 4.81
CA GLY G 287 42.11 17.31 4.11
C GLY G 287 41.61 18.64 3.58
N ALA G 288 40.52 18.60 2.83
CA ALA G 288 39.95 19.81 2.24
C ALA G 288 38.45 19.61 1.99
N ALA G 296 42.31 14.66 1.33
CA ALA G 296 43.58 14.04 1.66
C ALA G 296 43.66 12.62 1.10
N GLY G 297 44.37 11.76 1.80
CA GLY G 297 44.46 10.36 1.40
C GLY G 297 45.42 10.00 0.29
N ASN G 298 45.34 10.69 -0.84
CA ASN G 298 46.14 10.37 -2.02
C ASN G 298 47.52 11.02 -2.01
N MET G 299 48.01 11.43 -0.84
CA MET G 299 49.37 11.90 -0.68
C MET G 299 50.22 10.96 0.17
N ILE G 300 49.59 10.19 1.07
CA ILE G 300 50.28 9.14 1.82
C ILE G 300 50.11 7.79 1.15
N LYS G 301 49.20 7.67 0.18
CA LYS G 301 48.82 6.42 -0.45
C LYS G 301 49.95 5.76 -1.25
N PRO G 302 50.75 6.45 -2.08
CA PRO G 302 51.95 5.78 -2.62
C PRO G 302 53.02 5.53 -1.56
N MET G 303 53.04 6.32 -0.48
CA MET G 303 54.07 6.20 0.54
C MET G 303 53.87 4.98 1.44
N LEU G 304 52.66 4.41 1.44
CA LEU G 304 52.39 3.26 2.30
C LEU G 304 53.12 2.02 1.84
N ALA G 305 53.05 1.73 0.54
CA ALA G 305 53.65 0.51 -0.01
C ALA G 305 55.10 0.73 -0.42
N ARG G 306 55.89 1.27 0.49
CA ARG G 306 57.33 1.36 0.29
C ARG G 306 58.05 0.85 1.53
N GLY G 307 57.32 0.31 2.51
CA GLY G 307 57.90 -0.22 3.71
C GLY G 307 58.44 0.83 4.66
N GLU G 308 58.11 2.10 4.47
CA GLU G 308 58.66 3.16 5.30
C GLU G 308 57.91 3.26 6.62
N LEU G 309 56.62 3.55 6.57
CA LEU G 309 55.80 3.70 7.76
C LEU G 309 55.00 2.43 8.00
N ARG G 310 54.71 2.16 9.28
CA ARG G 310 54.09 0.91 9.67
C ARG G 310 52.56 0.98 9.66
N LEU G 311 51.98 2.06 10.20
CA LEU G 311 50.54 2.33 10.20
C LEU G 311 49.76 1.22 10.91
N VAL G 312 49.95 1.16 12.21
CA VAL G 312 49.10 0.36 13.07
C VAL G 312 47.93 1.24 13.50
N GLY G 313 46.73 0.65 13.53
CA GLY G 313 45.54 1.41 13.89
C GLY G 313 44.52 0.57 14.63
N ALA G 314 43.38 1.19 14.92
CA ALA G 314 42.30 0.50 15.62
C ALA G 314 40.98 1.18 15.31
N THR G 315 40.02 0.43 14.77
CA THR G 315 38.72 0.96 14.38
C THR G 315 37.59 0.11 14.94
N THR G 316 36.37 0.62 14.78
CA THR G 316 35.15 -0.10 15.05
C THR G 316 34.89 -1.07 13.89
N LEU G 317 34.05 -2.08 14.14
CA LEU G 317 33.77 -3.10 13.13
C LEU G 317 33.01 -2.52 11.94
N ASP G 318 31.97 -1.74 12.21
CA ASP G 318 31.11 -1.25 11.13
C ASP G 318 31.63 0.03 10.48
N GLU G 319 32.39 0.85 11.21
CA GLU G 319 32.91 2.09 10.63
C GLU G 319 34.00 1.82 9.61
N TYR G 320 34.65 0.66 9.72
CA TYR G 320 35.64 0.25 8.73
C TYR G 320 35.01 -0.08 7.38
N ARG G 321 33.76 -0.54 7.39
CA ARG G 321 33.06 -0.92 6.17
C ARG G 321 31.94 0.06 5.82
N LYS G 322 32.00 1.27 6.37
CA LYS G 322 31.02 2.30 6.05
C LYS G 322 31.74 3.53 5.52
N HIS G 323 32.98 3.73 5.96
CA HIS G 323 33.78 4.88 5.55
C HIS G 323 35.11 4.49 4.91
N ILE G 324 35.79 3.49 5.45
CA ILE G 324 37.17 3.21 5.04
C ILE G 324 37.20 2.42 3.74
N GLU G 325 36.34 1.41 3.62
CA GLU G 325 36.38 0.50 2.48
C GLU G 325 35.61 1.00 1.27
N LYS G 326 35.44 2.32 1.14
CA LYS G 326 34.84 2.87 -0.08
C LYS G 326 35.78 2.80 -1.27
N ASP G 327 37.10 2.69 -1.04
CA ASP G 327 38.09 2.57 -2.10
C ASP G 327 38.78 1.23 -1.96
N ALA G 328 38.81 0.44 -3.05
CA ALA G 328 39.42 -0.87 -3.00
C ALA G 328 40.94 -0.79 -2.90
N ALA G 329 41.54 0.23 -3.50
CA ALA G 329 43.00 0.37 -3.51
C ALA G 329 43.60 0.66 -2.15
N LEU G 330 42.78 0.85 -1.12
CA LEU G 330 43.27 0.94 0.25
C LEU G 330 43.41 -0.41 0.92
N GLU G 331 42.55 -1.39 0.62
CA GLU G 331 42.62 -2.63 1.38
C GLU G 331 43.81 -3.49 1.01
N ARG G 332 44.52 -3.16 -0.08
CA ARG G 332 45.80 -3.79 -0.37
C ARG G 332 46.85 -3.40 0.67
N ARG G 333 46.67 -2.24 1.33
CA ARG G 333 47.62 -1.77 2.33
C ARG G 333 47.15 -2.05 3.75
N PHE G 334 46.26 -3.03 3.93
CA PHE G 334 45.61 -3.32 5.20
C PHE G 334 45.69 -4.82 5.47
N GLN G 335 45.48 -5.19 6.73
CA GLN G 335 45.14 -6.57 7.09
C GLN G 335 44.39 -6.58 8.42
N GLN G 336 43.21 -7.20 8.42
CA GLN G 336 42.33 -7.18 9.56
C GLN G 336 42.82 -8.13 10.64
N VAL G 337 42.64 -7.74 11.90
CA VAL G 337 42.90 -8.59 13.05
C VAL G 337 41.68 -8.53 13.96
N TYR G 338 40.94 -9.64 14.04
CA TYR G 338 39.77 -9.71 14.90
C TYR G 338 40.18 -9.81 16.37
N VAL G 339 39.39 -9.18 17.23
CA VAL G 339 39.57 -9.26 18.68
C VAL G 339 38.22 -9.56 19.30
N GLY G 340 38.13 -10.71 19.98
CA GLY G 340 36.87 -11.12 20.55
C GLY G 340 36.70 -10.69 22.00
N GLU G 341 35.46 -10.76 22.46
CA GLU G 341 35.15 -10.43 23.85
C GLU G 341 35.65 -11.55 24.75
N PRO G 342 36.14 -11.22 25.94
CA PRO G 342 36.69 -12.26 26.82
C PRO G 342 35.61 -13.04 27.56
N SER G 343 36.04 -13.94 28.44
CA SER G 343 35.12 -14.80 29.17
C SER G 343 34.75 -14.16 30.50
N VAL G 344 34.10 -14.93 31.37
CA VAL G 344 33.84 -14.46 32.73
C VAL G 344 35.05 -14.73 33.61
N GLU G 345 35.74 -15.86 33.40
CA GLU G 345 36.92 -16.18 34.18
C GLU G 345 38.08 -15.24 33.82
N ASP G 346 38.19 -14.87 32.54
CA ASP G 346 39.17 -13.86 32.15
C ASP G 346 38.82 -12.51 32.73
N THR G 347 37.53 -12.23 32.91
CA THR G 347 37.13 -11.00 33.60
C THR G 347 37.51 -11.04 35.08
N ILE G 348 37.42 -12.22 35.71
CA ILE G 348 37.88 -12.37 37.09
C ILE G 348 39.37 -12.12 37.18
N GLY G 349 40.13 -12.65 36.22
CA GLY G 349 41.56 -12.41 36.18
C GLY G 349 41.93 -10.96 35.94
N ILE G 350 41.21 -10.29 35.04
CA ILE G 350 41.46 -8.87 34.78
C ILE G 350 41.09 -8.02 35.98
N LEU G 351 40.04 -8.38 36.71
CA LEU G 351 39.68 -7.63 37.91
C LEU G 351 40.68 -7.86 39.04
N ARG G 352 41.26 -9.06 39.14
CA ARG G 352 42.33 -9.23 40.13
C ARG G 352 43.61 -8.53 39.69
N GLY G 353 43.80 -8.36 38.38
CA GLY G 353 44.97 -7.63 37.92
C GLY G 353 44.86 -6.13 38.07
N LEU G 354 43.65 -5.60 38.01
CA LEU G 354 43.42 -4.17 38.22
C LEU G 354 43.24 -3.82 39.69
N LYS G 355 43.34 -4.78 40.61
CA LYS G 355 42.97 -4.54 41.99
C LYS G 355 44.17 -3.96 42.78
N ASP G 356 44.86 -2.98 42.20
CA ASP G 356 45.82 -2.14 42.92
C ASP G 356 45.73 -0.67 42.58
N ARG G 357 45.21 -0.31 41.40
CA ARG G 357 45.19 1.09 40.98
C ARG G 357 44.02 1.84 41.60
N TYR G 358 42.94 1.13 41.91
CA TYR G 358 41.71 1.75 42.40
C TYR G 358 41.64 1.78 43.91
N GLU G 359 42.58 1.14 44.61
CA GLU G 359 42.70 1.25 46.05
C GLU G 359 43.70 2.32 46.46
N VAL G 360 44.59 2.73 45.56
CA VAL G 360 45.48 3.85 45.84
C VAL G 360 44.79 5.18 45.53
N HIS G 361 44.05 5.21 44.42
CA HIS G 361 43.32 6.41 44.02
C HIS G 361 42.20 6.71 45.00
N HIS G 362 41.43 5.70 45.39
CA HIS G 362 40.45 5.80 46.46
C HIS G 362 40.93 4.91 47.60
N GLY G 363 41.36 5.53 48.70
CA GLY G 363 42.04 4.81 49.75
C GLY G 363 41.18 3.89 50.61
N VAL G 364 40.52 2.91 49.99
CA VAL G 364 39.73 1.91 50.70
C VAL G 364 40.09 0.54 50.14
N ARG G 365 39.81 -0.49 50.93
CA ARG G 365 40.19 -1.85 50.61
C ARG G 365 38.98 -2.65 50.15
N ILE G 366 39.25 -3.65 49.31
CA ILE G 366 38.20 -4.38 48.60
C ILE G 366 38.26 -5.85 48.98
N THR G 367 37.15 -6.37 49.49
CA THR G 367 37.02 -7.80 49.76
C THR G 367 36.92 -8.55 48.43
N ASP G 368 37.56 -9.72 48.36
CA ASP G 368 37.55 -10.53 47.15
C ASP G 368 36.16 -11.09 46.85
N SER G 369 35.31 -11.21 47.86
CA SER G 369 33.91 -11.58 47.62
C SER G 369 33.19 -10.49 46.83
N ALA G 370 33.41 -9.23 47.18
CA ALA G 370 32.87 -8.13 46.41
C ALA G 370 33.56 -7.99 45.06
N LEU G 371 34.74 -8.56 44.89
CA LEU G 371 35.39 -8.56 43.59
C LEU G 371 34.77 -9.62 42.68
N VAL G 372 34.43 -10.78 43.24
CA VAL G 372 33.91 -11.87 42.42
C VAL G 372 32.41 -11.73 42.17
N ALA G 373 31.68 -11.02 43.04
CA ALA G 373 30.23 -10.92 42.87
C ALA G 373 29.83 -9.96 41.75
N ALA G 374 30.69 -9.00 41.40
CA ALA G 374 30.30 -7.92 40.50
C ALA G 374 30.10 -8.42 39.07
N ALA G 375 31.11 -9.07 38.50
CA ALA G 375 30.98 -9.61 37.15
C ALA G 375 30.02 -10.78 37.08
N THR G 376 29.82 -11.48 38.21
CA THR G 376 28.83 -12.55 38.26
C THR G 376 27.42 -11.98 38.18
N LEU G 377 27.16 -10.90 38.90
CA LEU G 377 25.81 -10.38 39.03
C LEU G 377 25.44 -9.45 37.88
N SER G 378 26.40 -8.87 37.18
CA SER G 378 26.11 -7.92 36.12
C SER G 378 25.95 -8.58 34.75
N ASP G 379 25.68 -9.87 34.71
CA ASP G 379 25.50 -10.53 33.42
C ASP G 379 24.04 -10.88 33.14
N ARG G 380 23.23 -11.11 34.18
CA ARG G 380 21.79 -11.17 33.98
C ARG G 380 21.25 -9.81 33.58
N TYR G 381 21.78 -8.76 34.18
CA TYR G 381 21.47 -7.37 33.88
C TYR G 381 22.24 -6.93 32.65
N ILE G 382 22.45 -5.61 32.53
CA ILE G 382 22.65 -4.80 31.32
C ILE G 382 23.49 -5.46 30.24
N THR G 383 22.95 -5.55 29.03
CA THR G 383 23.69 -6.08 27.89
C THR G 383 23.56 -5.05 26.77
N ALA G 384 24.40 -4.02 26.87
CA ALA G 384 24.74 -3.14 25.77
C ALA G 384 26.21 -2.77 25.78
N ARG G 385 26.91 -3.03 26.89
CA ARG G 385 28.34 -2.81 26.99
C ARG G 385 29.02 -4.17 27.16
N PHE G 386 30.19 -4.30 26.57
CA PHE G 386 30.91 -5.56 26.58
C PHE G 386 31.71 -5.69 27.87
N LEU G 387 32.33 -6.86 28.07
CA LEU G 387 32.84 -7.25 29.38
C LEU G 387 34.36 -7.45 29.44
N PRO G 388 35.17 -6.43 29.12
CA PRO G 388 36.38 -6.23 29.92
C PRO G 388 36.21 -5.13 30.97
N ASP G 389 35.19 -4.28 30.77
CA ASP G 389 35.10 -3.02 31.51
C ASP G 389 33.78 -2.78 32.20
N LYS G 390 32.73 -3.51 31.87
CA LYS G 390 31.44 -3.31 32.51
C LYS G 390 31.45 -3.76 33.96
N ALA G 391 32.40 -4.64 34.33
CA ALA G 391 32.56 -5.01 35.73
C ALA G 391 33.45 -4.04 36.50
N ILE G 392 34.28 -3.26 35.79
CA ILE G 392 35.12 -2.23 36.42
C ILE G 392 34.25 -1.11 36.97
N ASP G 393 33.15 -0.80 36.29
CA ASP G 393 32.37 0.39 36.60
C ASP G 393 31.60 0.23 37.90
N LEU G 394 31.06 -0.95 38.15
CA LEU G 394 30.38 -1.22 39.42
C LEU G 394 31.33 -1.13 40.60
N VAL G 395 32.55 -1.67 40.43
CA VAL G 395 33.53 -1.65 41.51
C VAL G 395 33.99 -0.23 41.80
N ASP G 396 34.21 0.56 40.75
CA ASP G 396 34.69 1.92 40.94
C ASP G 396 33.60 2.82 41.52
N GLU G 397 32.34 2.62 41.10
CA GLU G 397 31.24 3.35 41.71
C GLU G 397 30.99 2.93 43.14
N ALA G 398 31.22 1.66 43.47
CA ALA G 398 31.09 1.24 44.85
C ALA G 398 32.19 1.84 45.72
N ALA G 399 33.39 1.99 45.16
CA ALA G 399 34.46 2.67 45.87
C ALA G 399 34.14 4.14 46.09
N SER G 400 33.55 4.79 45.09
CA SER G 400 33.14 6.18 45.23
C SER G 400 32.03 6.35 46.25
N ARG G 401 31.07 5.41 46.27
CA ARG G 401 29.99 5.49 47.24
C ARG G 401 30.49 5.24 48.65
N LEU G 402 31.45 4.32 48.80
CA LEU G 402 32.00 4.06 50.13
C LEU G 402 32.87 5.22 50.60
N ARG G 403 33.51 5.93 49.67
CA ARG G 403 34.20 7.17 50.02
C ARG G 403 33.20 8.25 50.44
N MET G 404 32.04 8.29 49.78
CA MET G 404 30.97 9.22 50.16
C MET G 404 30.45 8.94 51.56
N GLU G 405 30.30 7.66 51.93
CA GLU G 405 29.64 7.31 53.18
C GLU G 405 30.49 7.60 54.41
N ILE G 406 31.80 7.79 54.24
CA ILE G 406 32.66 8.15 55.35
C ILE G 406 32.95 9.65 55.37
N ASP G 407 32.12 10.45 54.71
CA ASP G 407 32.28 11.89 54.70
C ASP G 407 31.22 12.57 55.57
N LYS G 530 32.05 -0.82 58.67
CA LYS G 530 31.50 -0.75 57.32
C LYS G 530 32.47 -0.05 56.37
N GLU G 531 33.70 0.21 56.86
CA GLU G 531 34.73 1.00 56.19
C GLU G 531 35.32 0.34 54.94
N GLU G 532 34.86 -0.81 54.46
CA GLU G 532 35.27 -1.40 53.20
C GLU G 532 34.04 -1.65 52.34
N VAL G 533 34.28 -2.11 51.11
CA VAL G 533 33.19 -2.42 50.20
C VAL G 533 32.67 -3.81 50.51
N GLY G 534 31.53 -4.17 49.94
CA GLY G 534 30.98 -5.50 50.09
C GLY G 534 30.05 -5.85 48.96
N PRO G 535 29.55 -7.10 48.95
CA PRO G 535 28.56 -7.49 47.94
C PRO G 535 27.21 -6.81 48.12
N ASP G 536 26.96 -6.20 49.28
CA ASP G 536 25.79 -5.35 49.46
C ASP G 536 25.89 -4.09 48.58
N ASP G 537 27.09 -3.53 48.45
CA ASP G 537 27.24 -2.25 47.79
C ASP G 537 27.13 -2.40 46.27
N ILE G 538 27.59 -3.51 45.72
CA ILE G 538 27.43 -3.77 44.29
C ILE G 538 25.95 -3.90 43.94
N ALA G 539 25.20 -4.63 44.77
CA ALA G 539 23.77 -4.79 44.55
C ALA G 539 23.01 -3.48 44.74
N ASP G 540 23.47 -2.63 45.66
CA ASP G 540 22.78 -1.37 45.87
C ASP G 540 23.09 -0.35 44.76
N VAL G 541 24.30 -0.37 44.24
CA VAL G 541 24.64 0.54 43.14
C VAL G 541 23.96 0.10 41.84
N VAL G 542 23.91 -1.20 41.56
CA VAL G 542 23.25 -1.66 40.35
C VAL G 542 21.74 -1.54 40.43
N SER G 543 21.18 -1.29 41.61
CA SER G 543 19.75 -1.04 41.77
C SER G 543 19.43 0.43 42.00
N ALA G 544 20.23 1.26 41.34
CA ALA G 544 20.11 2.70 41.32
C ALA G 544 20.44 3.07 39.87
N TRP G 545 21.55 2.53 39.38
CA TRP G 545 21.78 2.20 37.97
C TRP G 545 20.61 1.47 37.26
N THR G 546 20.40 1.78 35.98
CA THR G 546 19.30 1.18 35.21
C THR G 546 18.10 0.76 36.04
N GLY G 547 18.13 0.94 37.36
CA GLY G 547 16.90 1.05 38.15
C GLY G 547 16.03 -0.18 38.24
N ILE G 548 16.64 -1.36 38.38
CA ILE G 548 15.90 -2.59 38.64
C ILE G 548 15.84 -2.77 40.16
N PRO G 549 14.66 -2.79 40.76
CA PRO G 549 14.59 -2.97 42.22
C PRO G 549 14.71 -4.41 42.67
N ALA G 550 15.64 -5.18 42.09
CA ALA G 550 15.96 -6.51 42.58
C ALA G 550 17.22 -6.46 43.45
N GLY G 551 17.18 -5.61 44.45
CA GLY G 551 18.30 -5.41 45.35
C GLY G 551 18.31 -6.41 46.48
N ARG G 552 18.74 -5.95 47.65
CA ARG G 552 18.82 -6.80 48.83
C ARG G 552 17.46 -6.85 49.54
N LEU G 553 17.47 -7.39 50.75
CA LEU G 553 16.28 -7.45 51.60
C LEU G 553 16.38 -6.29 52.57
N LEU G 554 15.89 -5.12 52.15
CA LEU G 554 15.70 -4.04 53.12
C LEU G 554 14.46 -4.37 53.95
N GLU G 555 14.56 -4.12 55.26
CA GLU G 555 13.64 -4.74 56.19
C GLU G 555 12.25 -4.10 56.22
N GLY G 556 12.07 -2.95 55.58
CA GLY G 556 10.75 -2.35 55.52
C GLY G 556 9.79 -3.12 54.63
N GLU G 557 10.28 -3.63 53.50
CA GLU G 557 9.42 -4.32 52.56
C GLU G 557 9.26 -5.80 52.86
N THR G 558 9.86 -6.31 53.94
CA THR G 558 9.67 -7.72 54.30
C THR G 558 8.24 -7.99 54.72
N ALA G 559 7.70 -7.15 55.61
CA ALA G 559 6.29 -7.25 55.98
C ALA G 559 5.39 -6.82 54.84
N LYS G 560 5.90 -6.04 53.89
CA LYS G 560 5.11 -5.72 52.71
C LYS G 560 4.91 -6.94 51.82
N LEU G 561 6.00 -7.67 51.55
CA LEU G 561 5.91 -8.85 50.69
C LEU G 561 5.22 -10.02 51.39
N LEU G 562 5.38 -10.15 52.70
CA LEU G 562 4.67 -11.21 53.39
C LEU G 562 3.18 -10.89 53.53
N ARG G 563 2.86 -9.74 54.10
CA ARG G 563 1.47 -9.30 54.18
C ARG G 563 1.16 -8.51 52.91
N MET G 564 0.91 -9.26 51.83
CA MET G 564 0.60 -8.66 50.54
C MET G 564 -0.76 -9.08 50.00
N GLU G 565 -1.29 -10.23 50.43
CA GLU G 565 -2.62 -10.66 49.98
C GLU G 565 -3.70 -9.72 50.45
N ASP G 566 -3.53 -9.13 51.63
CA ASP G 566 -4.50 -8.15 52.13
C ASP G 566 -4.21 -6.75 51.62
N GLU G 567 -2.94 -6.42 51.38
CA GLU G 567 -2.60 -5.13 50.80
C GLU G 567 -3.05 -5.05 49.35
N LEU G 568 -2.98 -6.18 48.63
CA LEU G 568 -3.61 -6.27 47.32
C LEU G 568 -5.12 -6.41 47.44
N GLY G 569 -5.63 -6.84 48.59
CA GLY G 569 -7.05 -6.95 48.81
C GLY G 569 -7.69 -5.68 49.35
N LYS G 570 -7.01 -4.53 49.18
CA LYS G 570 -7.56 -3.24 49.55
C LYS G 570 -8.38 -2.62 48.43
N ARG G 571 -8.26 -3.12 47.22
CA ARG G 571 -9.05 -2.63 46.09
C ARG G 571 -9.73 -3.75 45.31
N VAL G 572 -9.17 -4.96 45.29
CA VAL G 572 -9.80 -6.08 44.63
C VAL G 572 -10.26 -7.04 45.74
N ILE G 573 -11.55 -6.96 46.07
CA ILE G 573 -12.20 -7.84 47.03
C ILE G 573 -12.91 -8.94 46.27
N GLY G 574 -12.69 -10.19 46.71
CA GLY G 574 -13.05 -11.38 45.98
C GLY G 574 -11.82 -12.00 45.35
N GLN G 575 -12.07 -13.11 44.64
CA GLN G 575 -11.10 -13.79 43.78
C GLN G 575 -9.87 -14.25 44.57
N LYS G 576 -10.12 -15.22 45.46
CA LYS G 576 -9.10 -15.71 46.37
C LYS G 576 -7.95 -16.40 45.63
N ALA G 577 -8.28 -17.43 44.85
CA ALA G 577 -7.29 -18.30 44.23
C ALA G 577 -6.51 -17.64 43.11
N ALA G 578 -6.99 -16.50 42.59
CA ALA G 578 -6.23 -15.75 41.61
C ALA G 578 -5.24 -14.80 42.28
N VAL G 579 -5.69 -14.12 43.35
CA VAL G 579 -4.82 -13.22 44.10
C VAL G 579 -3.66 -13.99 44.73
N THR G 580 -3.93 -15.19 45.25
CA THR G 580 -2.86 -15.98 45.85
C THR G 580 -1.84 -16.44 44.81
N ALA G 581 -2.31 -16.81 43.61
CA ALA G 581 -1.39 -17.26 42.56
C ALA G 581 -0.53 -16.11 42.04
N VAL G 582 -1.13 -14.93 41.83
CA VAL G 582 -0.37 -13.78 41.37
C VAL G 582 0.62 -13.33 42.44
N SER G 583 0.20 -13.38 43.71
CA SER G 583 1.09 -13.03 44.82
C SER G 583 2.28 -13.98 44.91
N ASP G 584 2.05 -15.28 44.67
CA ASP G 584 3.15 -16.23 44.73
C ASP G 584 4.09 -16.09 43.55
N ALA G 585 3.55 -15.77 42.37
CA ALA G 585 4.41 -15.56 41.22
C ALA G 585 5.23 -14.28 41.34
N VAL G 586 4.72 -13.28 42.06
CA VAL G 586 5.55 -12.11 42.37
C VAL G 586 6.60 -12.47 43.40
N ARG G 587 6.22 -13.25 44.42
CA ARG G 587 7.12 -13.53 45.54
C ARG G 587 8.28 -14.43 45.15
N ARG G 588 8.08 -15.31 44.17
CA ARG G 588 9.16 -16.24 43.77
C ARG G 588 10.32 -15.50 43.11
N SER G 589 10.04 -14.54 42.25
CA SER G 589 11.10 -13.84 41.53
C SER G 589 11.90 -12.90 42.43
N ARG G 590 11.33 -12.47 43.55
CA ARG G 590 12.08 -11.63 44.47
C ARG G 590 13.11 -12.44 45.25
N ALA G 591 12.83 -13.72 45.51
CA ALA G 591 13.73 -14.56 46.29
C ALA G 591 14.84 -15.18 45.44
N GLY G 592 14.81 -15.01 44.12
CA GLY G 592 15.86 -15.53 43.27
C GLY G 592 15.86 -17.04 43.15
N VAL G 593 14.78 -17.61 42.62
CA VAL G 593 14.60 -19.05 42.52
C VAL G 593 14.39 -19.49 41.08
N SER G 594 13.53 -18.78 40.35
CA SER G 594 13.17 -19.17 39.00
C SER G 594 14.31 -18.90 38.02
N ASP G 595 14.19 -19.49 36.84
CA ASP G 595 15.26 -19.42 35.83
C ASP G 595 15.32 -18.03 35.21
N PRO G 596 16.48 -17.38 35.21
CA PRO G 596 16.62 -16.10 34.48
C PRO G 596 16.79 -16.31 32.97
N ASN G 597 15.76 -16.89 32.35
CA ASN G 597 15.68 -16.99 30.90
C ASN G 597 14.23 -16.77 30.47
N ARG G 598 13.40 -16.23 31.36
CA ARG G 598 11.97 -16.04 31.15
C ARG G 598 11.56 -14.72 31.79
N PRO G 599 10.38 -14.18 31.46
CA PRO G 599 9.82 -13.12 32.29
C PRO G 599 9.47 -13.64 33.67
N THR G 600 9.29 -12.70 34.60
CA THR G 600 8.95 -13.04 35.97
C THR G 600 7.57 -13.67 36.04
N GLY G 601 6.55 -12.93 35.60
CA GLY G 601 5.23 -13.51 35.48
C GLY G 601 4.64 -13.18 34.13
N ALA G 602 4.38 -14.20 33.31
CA ALA G 602 3.83 -14.02 31.98
C ALA G 602 2.59 -14.89 31.90
N PHE G 603 1.44 -14.34 32.27
CA PHE G 603 0.26 -15.17 32.42
C PHE G 603 -1.00 -14.42 32.03
N MET G 604 -2.09 -15.18 31.91
CA MET G 604 -3.33 -14.73 31.30
C MET G 604 -4.47 -15.10 32.22
N PHE G 605 -5.37 -14.17 32.45
CA PHE G 605 -6.59 -14.53 33.16
C PHE G 605 -7.83 -13.97 32.49
N LEU G 606 -8.90 -14.77 32.51
CA LEU G 606 -10.11 -14.50 31.76
C LEU G 606 -11.30 -15.04 32.52
N GLY G 607 -12.48 -14.94 31.90
CA GLY G 607 -13.71 -15.34 32.52
C GLY G 607 -14.88 -14.53 32.00
N PRO G 608 -15.93 -14.39 32.80
CA PRO G 608 -17.08 -13.58 32.39
C PRO G 608 -16.77 -12.09 32.52
N THR G 609 -17.78 -11.28 32.22
CA THR G 609 -17.59 -9.84 32.05
C THR G 609 -17.86 -9.07 33.34
N GLY G 610 -17.06 -8.05 33.58
CA GLY G 610 -17.24 -7.17 34.73
C GLY G 610 -16.89 -7.84 36.04
N VAL G 611 -15.74 -8.50 36.09
CA VAL G 611 -15.35 -9.27 37.25
C VAL G 611 -14.16 -8.65 37.98
N GLY G 612 -13.25 -7.99 37.27
CA GLY G 612 -12.10 -7.38 37.91
C GLY G 612 -10.80 -7.72 37.24
N LYS G 613 -10.88 -8.26 36.03
CA LYS G 613 -9.69 -8.67 35.30
C LYS G 613 -8.88 -7.49 34.79
N THR G 614 -9.53 -6.36 34.57
CA THR G 614 -8.81 -5.14 34.25
C THR G 614 -8.51 -4.33 35.51
N GLU G 615 -9.29 -4.54 36.58
CA GLU G 615 -9.06 -3.87 37.84
C GLU G 615 -7.81 -4.38 38.54
N LEU G 616 -7.48 -5.66 38.37
CA LEU G 616 -6.41 -6.25 39.15
C LEU G 616 -5.03 -5.81 38.66
N ALA G 617 -4.87 -5.63 37.35
CA ALA G 617 -3.59 -5.19 36.83
C ALA G 617 -3.27 -3.75 37.23
N LYS G 618 -4.31 -2.94 37.43
CA LYS G 618 -4.09 -1.59 37.94
C LYS G 618 -3.76 -1.59 39.43
N ALA G 619 -3.98 -2.70 40.12
CA ALA G 619 -3.77 -2.76 41.56
C ALA G 619 -2.38 -3.23 41.95
N LEU G 620 -1.74 -4.04 41.13
CA LEU G 620 -0.41 -4.50 41.51
C LEU G 620 0.64 -3.42 41.20
N ALA G 621 0.45 -2.67 40.12
CA ALA G 621 1.33 -1.56 39.83
C ALA G 621 1.13 -0.37 40.75
N ASP G 622 0.03 -0.36 41.52
CA ASP G 622 -0.22 0.70 42.49
C ASP G 622 0.54 0.47 43.79
N PHE G 623 1.31 -0.61 43.92
CA PHE G 623 2.23 -0.66 45.05
C PHE G 623 3.62 -1.15 44.68
N LEU G 624 3.82 -1.76 43.51
CA LEU G 624 5.19 -1.97 43.05
C LEU G 624 5.85 -0.66 42.67
N PHE G 625 5.05 0.32 42.22
CA PHE G 625 5.54 1.59 41.73
C PHE G 625 5.07 2.79 42.53
N ASP G 626 3.91 2.68 43.19
CA ASP G 626 3.11 3.81 43.70
C ASP G 626 2.79 4.82 42.59
N ASP G 627 2.64 4.32 41.36
CA ASP G 627 2.30 5.12 40.19
C ASP G 627 1.35 4.30 39.34
N GLU G 628 0.17 4.86 39.07
CA GLU G 628 -0.82 4.17 38.24
C GLU G 628 -0.56 4.34 36.75
N ARG G 629 0.52 5.03 36.38
CA ARG G 629 0.79 5.38 35.00
C ARG G 629 2.18 4.99 34.56
N ALA G 630 2.94 4.29 35.40
CA ALA G 630 4.26 3.81 35.03
C ALA G 630 4.21 2.45 34.34
N MET G 631 3.03 1.90 34.14
CA MET G 631 2.86 0.66 33.39
C MET G 631 2.58 0.96 31.94
N VAL G 632 2.84 -0.03 31.09
CA VAL G 632 2.56 0.07 29.67
C VAL G 632 1.24 -0.64 29.44
N ARG G 633 0.18 0.13 29.19
CA ARG G 633 -1.13 -0.43 28.88
C ARG G 633 -1.41 -0.16 27.41
N ILE G 634 -1.15 -1.14 26.56
CA ILE G 634 -1.54 -1.07 25.17
C ILE G 634 -2.79 -1.91 25.00
N ASP G 635 -3.51 -1.66 23.90
CA ASP G 635 -4.78 -2.33 23.64
C ASP G 635 -4.69 -2.92 22.24
N MET G 636 -4.71 -4.25 22.15
CA MET G 636 -4.63 -4.94 20.87
C MET G 636 -5.99 -5.17 20.23
N SER G 637 -6.98 -4.35 20.58
CA SER G 637 -8.24 -4.30 19.85
C SER G 637 -8.18 -3.33 18.68
N GLU G 638 -6.99 -2.90 18.30
CA GLU G 638 -6.78 -2.03 17.15
C GLU G 638 -5.86 -2.64 16.11
N TYR G 639 -5.21 -3.77 16.42
CA TYR G 639 -4.22 -4.35 15.53
C TYR G 639 -4.86 -5.38 14.61
N GLY G 640 -5.95 -5.00 13.94
CA GLY G 640 -6.74 -5.98 13.21
C GLY G 640 -6.32 -6.18 11.77
N GLU G 641 -5.03 -6.03 11.49
CA GLU G 641 -4.50 -6.19 10.15
C GLU G 641 -3.04 -6.61 10.24
N LYS G 642 -2.52 -7.13 9.12
CA LYS G 642 -1.18 -7.69 9.12
C LYS G 642 -0.10 -6.64 9.21
N HIS G 643 -0.40 -5.40 8.82
CA HIS G 643 0.60 -4.35 8.72
C HIS G 643 0.54 -3.37 9.89
N THR G 644 -0.07 -3.76 11.01
CA THR G 644 -0.05 -2.90 12.18
C THR G 644 1.03 -3.29 13.17
N VAL G 645 1.69 -4.43 12.94
CA VAL G 645 2.79 -4.90 13.79
C VAL G 645 3.91 -3.87 13.84
N ALA G 646 4.13 -3.16 12.73
CA ALA G 646 5.14 -2.12 12.66
C ALA G 646 4.89 -0.96 13.63
N ARG G 647 3.68 -0.80 14.17
CA ARG G 647 3.54 0.29 15.13
C ARG G 647 4.00 -0.10 16.53
N LEU G 648 4.28 -1.37 16.80
CA LEU G 648 4.85 -1.72 18.10
C LEU G 648 6.25 -2.32 17.99
N ILE G 649 6.88 -2.24 16.82
CA ILE G 649 8.21 -2.78 16.67
C ILE G 649 9.09 -1.74 15.97
N GLY G 650 8.46 -0.71 15.43
CA GLY G 650 9.23 0.30 14.72
C GLY G 650 9.39 -0.01 13.25
N ALA G 651 9.51 1.06 12.47
CA ALA G 651 9.55 0.94 11.02
C ALA G 651 10.91 0.39 10.55
N PRO G 652 10.94 -0.23 9.38
CA PRO G 652 12.21 -0.56 8.72
C PRO G 652 12.99 0.70 8.40
N PRO G 653 14.32 0.62 8.27
CA PRO G 653 15.14 1.84 8.28
C PRO G 653 14.96 2.70 7.03
N GLY G 654 14.62 3.97 7.27
CA GLY G 654 14.53 4.98 6.24
C GLY G 654 13.35 4.85 5.31
N TYR G 655 12.12 4.81 5.83
CA TYR G 655 10.94 4.89 4.98
C TYR G 655 10.14 6.17 5.23
N VAL G 656 9.47 6.29 6.38
CA VAL G 656 8.74 7.51 6.70
C VAL G 656 9.06 7.91 8.13
N GLY G 657 9.31 6.92 8.98
CA GLY G 657 9.27 7.16 10.40
C GLY G 657 10.36 6.46 11.20
N TYR G 658 11.53 6.26 10.58
CA TYR G 658 12.66 5.69 11.29
C TYR G 658 13.27 6.68 12.28
N GLU G 659 12.91 7.96 12.18
CA GLU G 659 13.20 8.92 13.24
C GLU G 659 12.47 8.56 14.52
N ALA G 660 11.24 8.06 14.42
CA ALA G 660 10.38 7.91 15.59
C ALA G 660 10.80 6.71 16.46
N GLY G 661 10.73 5.51 15.91
CA GLY G 661 10.91 4.30 16.69
C GLY G 661 9.58 3.71 17.12
N GLY G 662 9.66 2.55 17.75
CA GLY G 662 8.48 1.79 18.11
C GLY G 662 7.73 2.39 19.29
N GLN G 663 6.72 1.64 19.73
CA GLN G 663 5.88 2.05 20.86
C GLN G 663 6.05 1.13 22.06
N LEU G 664 5.90 -0.18 21.87
CA LEU G 664 6.15 -1.11 22.97
C LEU G 664 7.64 -1.26 23.24
N THR G 665 8.46 -1.19 22.19
CA THR G 665 9.86 -1.54 22.33
C THR G 665 10.65 -0.44 23.02
N GLU G 666 10.44 0.81 22.61
CA GLU G 666 11.28 1.90 23.09
C GLU G 666 10.90 2.37 24.48
N ALA G 667 9.75 1.97 25.02
CA ALA G 667 9.35 2.38 26.35
C ALA G 667 9.84 1.43 27.44
N VAL G 668 10.26 0.23 27.08
CA VAL G 668 10.71 -0.76 28.05
C VAL G 668 12.22 -0.74 28.08
N ARG G 669 12.85 -0.38 26.96
CA ARG G 669 14.30 -0.39 26.87
C ARG G 669 14.94 0.65 27.78
N ARG G 670 14.25 1.77 28.02
CA ARG G 670 14.78 2.78 28.92
C ARG G 670 14.63 2.36 30.39
N ARG G 671 13.44 1.95 30.78
CA ARG G 671 13.21 1.43 32.14
C ARG G 671 12.77 -0.03 32.09
N PRO G 672 13.66 -0.97 32.33
CA PRO G 672 13.36 -2.39 32.10
C PRO G 672 12.71 -3.08 33.30
N TYR G 673 11.65 -2.48 33.82
CA TYR G 673 10.99 -3.08 34.98
C TYR G 673 9.48 -2.99 34.92
N THR G 674 8.91 -2.35 33.91
CA THR G 674 7.49 -2.03 33.89
C THR G 674 6.63 -3.26 33.61
N VAL G 675 5.46 -3.30 34.22
CA VAL G 675 4.47 -4.33 33.98
C VAL G 675 3.66 -3.97 32.73
N VAL G 676 3.40 -4.95 31.87
CA VAL G 676 2.81 -4.72 30.56
C VAL G 676 1.48 -5.45 30.48
N LEU G 677 0.41 -4.70 30.25
CA LEU G 677 -0.89 -5.30 29.98
C LEU G 677 -1.04 -5.63 28.50
N PHE G 678 -1.98 -6.51 28.21
CA PHE G 678 -2.49 -6.69 26.85
C PHE G 678 -3.99 -6.91 26.97
N ASP G 679 -4.76 -5.91 26.57
CA ASP G 679 -6.21 -5.92 26.71
C ASP G 679 -6.86 -6.50 25.45
N GLU G 680 -7.76 -7.47 25.66
CA GLU G 680 -8.53 -8.12 24.59
C GLU G 680 -7.62 -8.72 23.51
N ILE G 681 -6.90 -9.77 23.93
CA ILE G 681 -6.01 -10.50 23.02
C ILE G 681 -6.75 -11.27 21.93
N GLU G 682 -8.09 -11.31 21.99
CA GLU G 682 -8.91 -11.95 20.98
C GLU G 682 -8.70 -11.32 19.61
N LYS G 683 -9.04 -10.04 19.50
CA LYS G 683 -9.27 -9.41 18.20
C LYS G 683 -8.00 -9.06 17.46
N ALA G 684 -6.83 -9.35 18.03
CA ALA G 684 -5.59 -9.15 17.30
C ALA G 684 -5.47 -10.18 16.19
N HIS G 685 -4.96 -9.74 15.06
CA HIS G 685 -4.69 -10.65 13.96
C HIS G 685 -3.58 -11.62 14.37
N PRO G 686 -3.69 -12.91 14.04
CA PRO G 686 -2.67 -13.86 14.49
C PRO G 686 -1.36 -13.82 13.70
N ASP G 687 -0.87 -12.62 13.41
CA ASP G 687 0.50 -12.36 13.04
C ASP G 687 1.18 -11.53 14.11
N VAL G 688 0.40 -10.90 14.98
CA VAL G 688 0.93 -10.31 16.21
C VAL G 688 1.52 -11.39 17.10
N PHE G 689 0.87 -12.55 17.14
CA PHE G 689 1.29 -13.66 17.98
C PHE G 689 2.61 -14.27 17.52
N ASP G 690 2.97 -14.08 16.25
CA ASP G 690 4.25 -14.55 15.77
C ASP G 690 5.39 -13.69 16.30
N VAL G 691 5.11 -12.41 16.55
CA VAL G 691 6.10 -11.51 17.13
C VAL G 691 6.11 -11.65 18.64
N LEU G 692 4.94 -11.90 19.24
CA LEU G 692 4.84 -12.09 20.67
C LEU G 692 5.44 -13.41 21.12
N LEU G 693 5.70 -14.34 20.19
CA LEU G 693 6.19 -15.67 20.55
C LEU G 693 7.60 -15.61 21.09
N GLN G 694 8.54 -15.01 20.34
CA GLN G 694 9.94 -15.01 20.79
C GLN G 694 10.20 -14.03 21.93
N VAL G 695 9.22 -13.18 22.27
CA VAL G 695 9.23 -12.51 23.57
C VAL G 695 9.25 -13.53 24.68
N LEU G 696 8.31 -14.47 24.65
CA LEU G 696 8.36 -15.63 25.52
C LEU G 696 9.50 -16.54 25.10
N ASP G 697 9.94 -17.37 26.06
CA ASP G 697 10.79 -18.54 25.86
C ASP G 697 12.23 -18.20 25.42
N GLU G 698 12.51 -16.94 25.08
CA GLU G 698 13.87 -16.45 24.92
C GLU G 698 14.17 -15.28 25.85
N GLY G 699 13.28 -14.29 25.90
CA GLY G 699 13.52 -13.10 26.68
C GLY G 699 13.66 -11.86 25.83
N ARG G 700 14.36 -11.96 24.70
CA ARG G 700 14.67 -10.80 23.89
C ARG G 700 13.76 -10.72 22.67
N LEU G 701 13.48 -9.48 22.27
CA LEU G 701 12.64 -9.16 21.12
C LEU G 701 13.43 -8.30 20.17
N THR G 702 13.44 -8.67 18.90
CA THR G 702 14.13 -7.90 17.87
C THR G 702 13.23 -6.80 17.35
N ASP G 703 13.82 -5.89 16.57
CA ASP G 703 13.06 -4.85 15.92
C ASP G 703 13.74 -4.44 14.62
N GLY G 704 13.02 -3.65 13.82
CA GLY G 704 13.56 -3.16 12.56
C GLY G 704 14.65 -2.12 12.71
N HIS G 705 14.81 -1.55 13.90
CA HIS G 705 15.94 -0.69 14.19
C HIS G 705 17.25 -1.46 14.11
N GLY G 706 17.24 -2.73 14.48
CA GLY G 706 18.40 -3.59 14.39
C GLY G 706 18.87 -4.08 15.74
N ARG G 707 18.04 -3.95 16.76
CA ARG G 707 18.44 -4.18 18.14
C ARG G 707 17.60 -5.29 18.75
N THR G 708 17.92 -5.62 20.00
CA THR G 708 17.17 -6.59 20.79
C THR G 708 16.93 -5.99 22.16
N VAL G 709 15.72 -6.12 22.66
CA VAL G 709 15.34 -5.63 23.99
C VAL G 709 14.85 -6.84 24.79
N ASP G 710 15.43 -7.05 25.96
CA ASP G 710 15.26 -8.28 26.71
C ASP G 710 14.31 -8.08 27.90
N PHE G 711 13.20 -8.81 27.87
CA PHE G 711 12.12 -8.63 28.84
C PHE G 711 12.27 -9.61 29.99
N ARG G 712 13.42 -9.56 30.65
CA ARG G 712 13.74 -10.66 31.55
C ARG G 712 13.09 -10.54 32.92
N ASN G 713 12.58 -9.37 33.30
CA ASN G 713 11.93 -9.26 34.59
C ASN G 713 10.71 -8.35 34.55
N THR G 714 10.02 -8.29 33.42
CA THR G 714 8.75 -7.58 33.34
C THR G 714 7.64 -8.53 33.78
N ILE G 715 6.40 -8.08 33.69
CA ILE G 715 5.24 -8.90 34.03
C ILE G 715 4.24 -8.75 32.90
N LEU G 716 4.13 -9.75 32.05
CA LEU G 716 3.16 -9.73 30.96
C LEU G 716 1.83 -10.25 31.49
N ILE G 717 0.83 -9.40 31.50
CA ILE G 717 -0.51 -9.79 31.92
C ILE G 717 -1.43 -9.73 30.72
N LEU G 718 -1.99 -10.87 30.34
CA LEU G 718 -2.91 -10.98 29.21
C LEU G 718 -4.34 -11.07 29.74
N THR G 719 -5.23 -10.27 29.17
CA THR G 719 -6.64 -10.37 29.54
C THR G 719 -7.43 -10.84 28.33
N SER G 720 -8.66 -11.29 28.59
CA SER G 720 -9.48 -11.95 27.58
C SER G 720 -10.93 -11.98 28.07
N ASN G 721 -11.85 -12.25 27.14
CA ASN G 721 -13.25 -12.45 27.47
C ASN G 721 -13.85 -13.58 26.65
N LEU G 722 -13.13 -14.69 26.51
CA LEU G 722 -13.58 -15.75 25.60
C LEU G 722 -14.75 -16.53 26.19
N GLY G 723 -15.69 -16.86 25.31
CA GLY G 723 -16.73 -17.81 25.62
C GLY G 723 -17.87 -17.22 26.42
N SER G 724 -17.64 -17.07 27.74
CA SER G 724 -18.67 -16.70 28.72
C SER G 724 -19.89 -17.61 28.62
N GLY G 725 -19.66 -18.90 28.37
CA GLY G 725 -20.75 -19.82 28.18
C GLY G 725 -20.53 -21.20 28.76
N GLY G 726 -19.38 -21.41 29.40
CA GLY G 726 -19.08 -22.67 30.04
C GLY G 726 -18.50 -22.42 31.43
N SER G 727 -18.37 -23.51 32.18
CA SER G 727 -17.78 -23.39 33.51
C SER G 727 -16.26 -23.39 33.42
N ALA G 728 -15.68 -24.51 33.01
CA ALA G 728 -14.26 -24.56 32.67
C ALA G 728 -13.96 -25.43 31.47
N GLU G 729 -14.90 -26.28 31.04
CA GLU G 729 -14.63 -27.16 29.90
C GLU G 729 -14.74 -26.40 28.60
N GLN G 730 -15.86 -25.70 28.39
CA GLN G 730 -16.14 -25.05 27.12
C GLN G 730 -15.25 -23.84 26.90
N VAL G 731 -14.95 -23.10 27.96
CA VAL G 731 -14.16 -21.89 27.79
C VAL G 731 -12.69 -22.24 27.53
N LEU G 732 -12.18 -23.29 28.15
CA LEU G 732 -10.81 -23.71 27.85
C LEU G 732 -10.74 -24.40 26.50
N ALA G 733 -11.83 -25.04 26.08
CA ALA G 733 -11.91 -25.58 24.74
C ALA G 733 -11.86 -24.46 23.70
N ALA G 734 -12.52 -23.33 23.98
CA ALA G 734 -12.47 -22.20 23.08
C ALA G 734 -11.11 -21.50 23.11
N VAL G 735 -10.44 -21.50 24.25
CA VAL G 735 -9.09 -20.92 24.33
C VAL G 735 -8.11 -21.76 23.52
N ARG G 736 -8.17 -23.09 23.68
CA ARG G 736 -7.29 -23.97 22.90
C ARG G 736 -7.62 -23.90 21.41
N ALA G 737 -8.87 -23.62 21.06
CA ALA G 737 -9.25 -23.44 19.67
C ALA G 737 -8.87 -22.07 19.10
N THR G 738 -8.33 -21.17 19.91
CA THR G 738 -8.03 -19.81 19.47
C THR G 738 -6.55 -19.49 19.38
N PHE G 739 -5.71 -20.17 20.15
CA PHE G 739 -4.28 -19.91 20.16
C PHE G 739 -3.54 -20.97 19.35
N LYS G 740 -2.25 -20.94 19.43
CA LYS G 740 -1.25 -21.87 18.92
C LYS G 740 -0.93 -22.92 19.99
N PRO G 741 -0.57 -24.16 19.60
CA PRO G 741 -0.66 -25.27 20.56
C PRO G 741 0.36 -25.26 21.69
N GLU G 742 1.57 -24.77 21.44
CA GLU G 742 2.56 -24.69 22.50
C GLU G 742 2.55 -23.34 23.20
N PHE G 743 1.73 -22.40 22.72
CA PHE G 743 1.65 -21.06 23.28
C PHE G 743 1.05 -21.06 24.68
N ILE G 744 0.34 -22.11 25.06
CA ILE G 744 -0.24 -22.22 26.40
C ILE G 744 0.77 -22.77 27.39
N ASN G 745 1.59 -23.75 26.97
CA ASN G 745 2.56 -24.36 27.87
C ASN G 745 3.68 -23.39 28.25
N ARG G 746 4.04 -22.47 27.36
CA ARG G 746 5.01 -21.43 27.72
C ARG G 746 4.44 -20.46 28.73
N LEU G 747 3.12 -20.33 28.82
CA LEU G 747 2.52 -19.44 29.80
C LEU G 747 2.57 -20.05 31.19
N ASP G 748 2.28 -19.20 32.17
CA ASP G 748 2.07 -19.62 33.54
C ASP G 748 0.60 -20.02 33.70
N ASP G 749 0.13 -20.08 34.95
CA ASP G 749 -1.20 -20.61 35.26
C ASP G 749 -2.29 -19.75 34.65
N VAL G 750 -2.98 -20.31 33.65
CA VAL G 750 -4.13 -19.64 33.05
C VAL G 750 -5.29 -19.69 34.04
N LEU G 751 -5.71 -18.53 34.51
CA LEU G 751 -6.65 -18.45 35.61
C LEU G 751 -8.07 -18.22 35.10
N ILE G 752 -9.04 -18.79 35.82
CA ILE G 752 -10.46 -18.64 35.52
C ILE G 752 -11.11 -17.97 36.71
N PHE G 753 -11.94 -16.97 36.45
CA PHE G 753 -12.51 -16.18 37.53
C PHE G 753 -13.86 -16.74 37.98
N GLU G 754 -14.33 -16.23 39.11
CA GLU G 754 -15.60 -16.66 39.69
C GLU G 754 -16.74 -15.92 39.02
N GLY G 755 -17.93 -16.05 39.57
CA GLY G 755 -18.99 -15.12 39.26
C GLY G 755 -19.02 -14.05 40.32
N LEU G 756 -20.20 -13.65 40.77
CA LEU G 756 -20.32 -12.79 41.94
C LEU G 756 -21.42 -13.32 42.85
N ASN G 757 -21.50 -12.75 44.04
CA ASN G 757 -22.33 -13.29 45.10
C ASN G 757 -23.01 -12.16 45.87
N PRO G 758 -24.19 -12.41 46.43
CA PRO G 758 -24.85 -11.37 47.24
C PRO G 758 -24.12 -11.06 48.53
N GLU G 759 -23.39 -12.02 49.09
CA GLU G 759 -22.57 -11.74 50.27
C GLU G 759 -21.41 -10.82 49.91
N GLU G 760 -20.85 -10.98 48.72
CA GLU G 760 -19.69 -10.19 48.29
C GLU G 760 -20.05 -8.74 48.01
N LEU G 761 -21.32 -8.46 47.74
CA LEU G 761 -21.71 -7.21 47.12
C LEU G 761 -21.81 -6.06 48.10
N VAL G 762 -21.75 -6.32 49.41
CA VAL G 762 -21.89 -5.25 50.39
C VAL G 762 -20.62 -4.39 50.41
N ARG G 763 -19.47 -5.04 50.44
CA ARG G 763 -18.21 -4.31 50.56
C ARG G 763 -17.88 -3.54 49.28
N ILE G 764 -18.40 -3.97 48.13
CA ILE G 764 -18.28 -3.18 46.91
C ILE G 764 -19.04 -1.86 47.05
N VAL G 765 -20.22 -1.91 47.67
CA VAL G 765 -20.97 -0.69 47.97
C VAL G 765 -20.21 0.17 48.96
N ASP G 766 -19.51 -0.46 49.91
CA ASP G 766 -18.66 0.29 50.83
C ASP G 766 -17.54 1.03 50.10
N ILE G 767 -16.91 0.37 49.12
CA ILE G 767 -15.85 0.98 48.32
C ILE G 767 -16.39 2.13 47.49
N GLN G 768 -17.56 1.96 46.88
CA GLN G 768 -18.13 3.03 46.05
C GLN G 768 -18.59 4.22 46.89
N LEU G 769 -19.10 3.96 48.09
CA LEU G 769 -19.47 5.06 48.97
C LEU G 769 -18.25 5.78 49.51
N ALA G 770 -17.17 5.05 49.79
CA ALA G 770 -15.93 5.69 50.22
C ALA G 770 -15.32 6.53 49.10
N GLN G 771 -15.40 6.04 47.86
CA GLN G 771 -14.90 6.80 46.72
C GLN G 771 -15.73 8.05 46.48
N LEU G 772 -17.06 7.92 46.58
CA LEU G 772 -17.93 9.08 46.40
C LEU G 772 -17.80 10.06 47.56
N GLY G 773 -17.38 9.61 48.74
CA GLY G 773 -17.10 10.52 49.81
C GLY G 773 -15.80 11.26 49.61
N LYS G 774 -14.77 10.54 49.15
CA LYS G 774 -13.47 11.15 48.92
C LYS G 774 -13.47 12.08 47.71
N ARG G 775 -14.41 11.89 46.79
CA ARG G 775 -14.58 12.83 45.70
C ARG G 775 -15.20 14.15 46.18
N LEU G 776 -15.98 14.10 47.25
CA LEU G 776 -16.61 15.29 47.81
C LEU G 776 -15.76 15.97 48.86
N ALA G 777 -14.48 15.64 48.95
CA ALA G 777 -13.61 16.19 50.00
C ALA G 777 -12.99 17.52 49.62
N GLN G 778 -13.05 17.92 48.35
CA GLN G 778 -12.55 19.24 47.98
C GLN G 778 -13.47 20.34 48.50
N ARG G 779 -14.77 20.23 48.20
CA ARG G 779 -15.76 21.13 48.76
C ARG G 779 -16.32 20.62 50.09
N ARG G 780 -15.58 19.73 50.76
CA ARG G 780 -15.73 19.34 52.17
C ARG G 780 -17.14 18.87 52.55
N LEU G 781 -17.89 18.36 51.58
CA LEU G 781 -19.12 17.64 51.92
C LEU G 781 -18.80 16.20 52.26
N GLN G 782 -19.67 15.60 53.06
CA GLN G 782 -19.58 14.18 53.38
C GLN G 782 -20.99 13.65 53.57
N LEU G 783 -21.09 12.34 53.75
CA LEU G 783 -22.37 11.65 53.83
C LEU G 783 -22.44 10.79 55.08
N GLN G 784 -23.66 10.48 55.49
CA GLN G 784 -23.94 9.64 56.66
C GLN G 784 -24.92 8.57 56.20
N VAL G 785 -24.40 7.42 55.80
CA VAL G 785 -25.20 6.39 55.12
C VAL G 785 -25.72 5.40 56.14
N SER G 786 -27.04 5.24 56.19
CA SER G 786 -27.67 4.32 57.11
C SER G 786 -27.57 2.89 56.62
N LEU G 787 -27.60 1.95 57.57
CA LEU G 787 -27.46 0.53 57.22
C LEU G 787 -28.63 -0.05 56.44
N PRO G 788 -29.92 0.28 56.67
CA PRO G 788 -30.95 -0.17 55.72
C PRO G 788 -30.79 0.39 54.31
N ALA G 789 -30.31 1.62 54.17
CA ALA G 789 -30.00 2.12 52.83
C ALA G 789 -28.78 1.41 52.25
N LYS G 790 -27.80 1.11 53.09
CA LYS G 790 -26.58 0.47 52.62
C LYS G 790 -26.85 -0.97 52.17
N ARG G 791 -27.86 -1.62 52.75
CA ARG G 791 -28.26 -2.91 52.22
C ARG G 791 -29.31 -2.81 51.14
N TRP G 792 -30.06 -1.69 51.07
CA TRP G 792 -30.98 -1.50 49.97
C TRP G 792 -30.24 -1.31 48.66
N LEU G 793 -29.06 -0.70 48.72
CA LEU G 793 -28.18 -0.68 47.56
C LEU G 793 -27.69 -2.06 47.17
N ALA G 794 -27.69 -3.02 48.11
CA ALA G 794 -27.29 -4.38 47.81
C ALA G 794 -28.43 -5.26 47.31
N GLN G 795 -29.66 -4.97 47.71
CA GLN G 795 -30.80 -5.71 47.16
C GLN G 795 -31.01 -5.37 45.68
N ARG G 796 -31.00 -4.09 45.35
CA ARG G 796 -31.13 -3.69 43.96
C ARG G 796 -29.83 -3.93 43.20
N GLY G 797 -29.95 -4.14 41.90
CA GLY G 797 -28.78 -4.35 41.06
C GLY G 797 -28.07 -5.67 41.30
N PHE G 798 -28.73 -6.77 40.97
CA PHE G 798 -28.12 -8.10 41.02
C PHE G 798 -28.48 -8.87 39.75
N ASP G 799 -28.20 -8.26 38.61
CA ASP G 799 -28.34 -8.98 37.33
C ASP G 799 -27.11 -9.83 37.12
N PRO G 800 -27.19 -11.16 37.24
CA PRO G 800 -25.97 -11.96 37.33
C PRO G 800 -25.37 -12.34 35.99
N VAL G 801 -25.32 -11.41 35.05
CA VAL G 801 -24.66 -11.66 33.77
C VAL G 801 -23.80 -10.45 33.43
N TYR G 802 -24.05 -9.33 34.12
CA TYR G 802 -23.42 -8.06 33.80
C TYR G 802 -22.31 -7.68 34.79
N GLY G 803 -22.04 -8.51 35.79
CA GLY G 803 -20.95 -8.21 36.70
C GLY G 803 -21.28 -7.10 37.67
N ALA G 804 -20.24 -6.41 38.13
CA ALA G 804 -20.37 -5.37 39.16
C ALA G 804 -20.65 -3.99 38.60
N ARG G 805 -20.48 -3.79 37.31
CA ARG G 805 -20.70 -2.51 36.64
C ARG G 805 -22.11 -1.91 36.67
N PRO G 806 -23.23 -2.67 36.77
CA PRO G 806 -24.51 -1.97 36.96
C PRO G 806 -24.66 -1.27 38.30
N LEU G 807 -23.95 -1.71 39.34
CA LEU G 807 -24.10 -1.10 40.65
C LEU G 807 -23.51 0.30 40.67
N ARG G 808 -22.39 0.49 39.97
CA ARG G 808 -21.78 1.80 39.84
C ARG G 808 -22.74 2.79 39.19
N ARG G 809 -23.47 2.35 38.17
CA ARG G 809 -24.45 3.22 37.55
C ARG G 809 -25.64 3.45 38.47
N LEU G 810 -26.04 2.42 39.22
CA LEU G 810 -27.22 2.50 40.07
C LEU G 810 -27.03 3.47 41.23
N VAL G 811 -25.81 3.54 41.77
CA VAL G 811 -25.52 4.47 42.87
C VAL G 811 -25.69 5.91 42.41
N GLN G 812 -25.12 6.25 41.26
CA GLN G 812 -25.22 7.62 40.77
C GLN G 812 -26.59 7.92 40.16
N GLN G 813 -27.35 6.90 39.75
CA GLN G 813 -28.75 7.15 39.45
C GLN G 813 -29.54 7.46 40.71
N ALA G 814 -29.12 6.89 41.86
CA ALA G 814 -29.81 7.16 43.10
C ALA G 814 -29.32 8.44 43.77
N ILE G 815 -28.02 8.51 44.05
CA ILE G 815 -27.50 9.56 44.92
C ILE G 815 -27.12 10.82 44.14
N GLY G 816 -26.19 10.67 43.18
CA GLY G 816 -25.51 11.81 42.58
C GLY G 816 -26.41 12.74 41.79
N ASP G 817 -27.53 12.23 41.26
CA ASP G 817 -28.44 13.08 40.49
C ASP G 817 -29.18 14.05 41.41
N GLN G 818 -29.72 13.52 42.51
CA GLN G 818 -30.51 14.33 43.43
C GLN G 818 -29.63 15.37 44.12
N LEU G 819 -28.47 14.93 44.57
CA LEU G 819 -27.49 15.83 45.19
C LEU G 819 -27.00 16.87 44.18
N ALA G 820 -26.80 16.48 42.92
CA ALA G 820 -26.32 17.42 41.93
C ALA G 820 -27.37 18.45 41.56
N LYS G 821 -28.65 18.05 41.60
CA LYS G 821 -29.72 19.03 41.41
C LYS G 821 -29.81 19.99 42.58
N MET G 822 -29.62 19.49 43.81
CA MET G 822 -29.73 20.36 44.97
C MET G 822 -28.54 21.30 45.10
N LEU G 823 -27.35 20.86 44.69
CA LEU G 823 -26.10 21.55 45.01
C LEU G 823 -25.99 22.88 44.28
N LEU G 824 -26.46 22.94 43.05
CA LEU G 824 -26.45 24.19 42.29
C LEU G 824 -27.72 25.00 42.48
N ALA G 825 -28.58 24.60 43.41
CA ALA G 825 -29.79 25.34 43.74
C ALA G 825 -29.71 25.95 45.14
N GLY G 826 -28.50 26.34 45.57
CA GLY G 826 -28.32 26.79 46.94
C GLY G 826 -28.44 25.62 47.89
N GLN G 827 -28.69 25.95 49.16
CA GLN G 827 -29.22 25.11 50.25
C GLN G 827 -28.35 23.90 50.62
N VAL G 828 -27.23 23.70 49.93
CA VAL G 828 -26.29 22.62 50.19
C VAL G 828 -24.95 23.32 50.41
N HIS G 829 -24.98 24.45 51.13
CA HIS G 829 -23.78 25.19 51.45
C HIS G 829 -22.75 24.32 52.16
N ASP G 830 -21.47 24.62 51.90
CA ASP G 830 -20.38 23.68 52.16
C ASP G 830 -20.18 23.43 53.65
N GLY G 831 -19.59 22.28 53.95
CA GLY G 831 -19.35 21.89 55.32
C GLY G 831 -20.51 21.18 55.98
N ASP G 832 -21.73 21.66 55.75
CA ASP G 832 -22.91 21.01 56.31
C ASP G 832 -23.18 19.72 55.56
N THR G 833 -23.01 18.60 56.26
CA THR G 833 -23.20 17.29 55.65
C THR G 833 -24.68 16.98 55.50
N VAL G 834 -24.96 15.94 54.71
CA VAL G 834 -26.33 15.48 54.51
C VAL G 834 -26.42 13.98 54.81
N PRO G 835 -27.46 13.54 55.50
CA PRO G 835 -27.72 12.11 55.63
C PRO G 835 -28.66 11.64 54.52
N VAL G 836 -28.65 10.33 54.30
CA VAL G 836 -29.54 9.70 53.32
C VAL G 836 -30.57 8.87 54.07
N ASN G 837 -31.80 8.86 53.55
CA ASN G 837 -32.92 8.21 54.19
C ASN G 837 -33.73 7.45 53.16
N VAL G 838 -34.37 6.37 53.59
CA VAL G 838 -35.02 5.43 52.69
C VAL G 838 -36.44 5.90 52.39
N SER G 839 -36.85 5.79 51.13
CA SER G 839 -38.16 6.21 50.64
C SER G 839 -38.46 5.34 49.43
N PRO G 840 -39.71 4.76 49.31
CA PRO G 840 -39.91 3.39 48.76
C PRO G 840 -38.99 2.85 47.67
N ASP G 841 -38.71 3.66 46.64
CA ASP G 841 -37.78 3.24 45.59
C ASP G 841 -36.67 4.25 45.32
N ALA G 842 -36.78 5.48 45.77
CA ALA G 842 -35.69 6.44 45.72
C ALA G 842 -34.92 6.36 47.04
N ASP G 843 -34.13 7.38 47.35
CA ASP G 843 -33.68 7.62 48.71
C ASP G 843 -33.54 9.12 48.91
N SER G 844 -34.31 9.68 49.83
CA SER G 844 -34.31 11.11 50.00
C SER G 844 -33.08 11.55 50.80
N LEU G 845 -32.78 12.84 50.70
CA LEU G 845 -31.60 13.39 51.34
C LEU G 845 -31.94 14.53 52.29
PG AGS H . -34.09 8.28 11.08
S1G AGS H . -34.43 8.79 9.23
O2G AGS H . -32.60 8.45 11.42
O3G AGS H . -34.51 6.80 11.31
PB AGS H . -34.34 10.60 12.34
O1B AGS H . -32.88 10.62 12.16
O2B AGS H . -34.81 10.93 13.76
O3B AGS H . -34.92 9.19 12.02
PA AGS H . -34.77 13.14 11.87
O1A AGS H . -33.44 13.59 11.50
O2A AGS H . -35.09 13.15 13.37
O3A AGS H . -35.00 11.66 11.42
O5' AGS H . -35.81 14.01 11.11
C5' AGS H . -36.88 14.56 11.86
C4' AGS H . -37.47 15.73 11.11
O4' AGS H . -38.82 15.94 11.55
C3' AGS H . -36.78 17.05 11.38
O3' AGS H . -37.03 17.97 10.33
C2' AGS H . -37.41 17.50 12.69
O2' AGS H . -37.49 18.91 12.80
C1' AGS H . -38.83 16.91 12.60
N9 AGS H . -39.30 16.25 13.81
C8 AGS H . -39.66 14.94 13.93
N7 AGS H . -40.05 14.60 15.13
C5 AGS H . -39.94 15.76 15.85
C6 AGS H . -40.20 16.08 17.19
N6 AGS H . -40.65 15.20 18.09
N1 AGS H . -39.99 17.35 17.60
C2 AGS H . -39.55 18.24 16.71
N3 AGS H . -39.27 18.06 15.42
C4 AGS H . -39.48 16.80 15.06
PG AGS I . 14.43 21.43 28.33
S1G AGS I . 13.91 23.15 27.59
O2G AGS I . 15.96 21.42 28.65
O3G AGS I . 14.13 20.31 27.31
PB AGS I . 14.29 21.62 30.99
O1B AGS I . 15.66 22.12 30.79
O2B AGS I . 14.19 20.45 31.97
O3B AGS I . 13.66 21.14 29.63
PA AGS I . 14.02 23.47 32.84
O1A AGS I . 14.96 24.52 32.42
O2A AGS I . 14.65 22.37 33.69
O3A AGS I . 13.40 22.73 31.62
O5' AGS I . 12.81 24.14 33.57
C5' AGS I . 12.00 23.34 34.45
C4' AGS I . 11.22 24.27 35.35
O4' AGS I . 10.84 23.56 36.54
C3' AGS I . 11.99 25.51 35.82
O3' AGS I . 11.10 26.61 35.97
C2' AGS I . 12.54 25.07 37.17
O2' AGS I . 12.72 26.17 38.04
C1' AGS I . 11.41 24.18 37.68
N9 AGS I . 11.84 23.13 38.59
C8 AGS I . 12.08 21.81 38.30
N7 AGS I . 12.46 21.09 39.32
C5 AGS I . 12.49 22.01 40.36
C6 AGS I . 12.81 21.88 41.73
N6 AGS I . 13.19 20.73 42.30
N1 AGS I . 12.73 22.99 42.50
C2 AGS I . 12.35 24.14 41.93
N3 AGS I . 12.03 24.38 40.67
C4 AGS I . 12.11 23.27 39.93
PG AGS J . -35.27 0.97 -19.36
S1G AGS J . -34.55 -0.33 -20.61
O2G AGS J . -34.15 1.97 -18.98
O3G AGS J . -35.76 0.26 -18.07
PB AGS J . -36.18 3.12 -20.67
O1B AGS J . -35.09 3.80 -19.97
O2B AGS J . -37.50 3.90 -20.66
O3B AGS J . -36.46 1.72 -20.01
PA AGS J . -35.56 4.37 -22.90
O1A AGS J . -34.12 4.61 -23.09
O2A AGS J . -36.26 5.37 -21.99
O3A AGS J . -35.82 3.00 -22.19
O5' AGS J . -36.25 4.29 -24.31
C5' AGS J . -35.52 3.80 -25.45
C4' AGS J . -35.96 4.54 -26.68
O4' AGS J . -37.39 4.70 -26.69
C3' AGS J . -35.37 5.95 -26.85
O3' AGS J . -35.02 6.18 -28.21
C2' AGS J . -36.52 6.85 -26.41
O2' AGS J . -36.48 8.10 -27.09
C1' AGS J . -37.73 6.06 -26.88
N9 AGS J . -38.94 6.32 -26.13
C8 AGS J . -39.61 5.45 -25.32
N7 AGS J . -40.68 5.95 -24.75
C5 AGS J . -40.72 7.25 -25.23
C6 AGS J . -41.62 8.31 -25.01
N6 AGS J . -42.69 8.22 -24.21
N1 AGS J . -41.39 9.47 -25.64
C2 AGS J . -40.32 9.57 -26.44
N3 AGS J . -39.40 8.65 -26.72
C4 AGS J . -39.66 7.50 -26.07
PG AGS K . -3.29 33.29 6.70
S1G AGS K . -4.05 33.67 4.95
O2G AGS K . -1.95 34.06 6.86
O3G AGS K . -3.07 31.77 6.86
PB AGS K . -4.18 35.31 8.10
O1B AGS K . -2.78 35.77 8.13
O2B AGS K . -5.01 35.58 9.36
O3B AGS K . -4.25 33.78 7.81
PA AGS K . -5.17 37.59 7.22
O1A AGS K . -4.00 38.35 6.75
O2A AGS K . -5.50 37.71 8.71
O3A AGS K . -4.94 36.07 6.98
O5' AGS K . -6.39 37.95 6.33
C5' AGS K . -7.73 37.82 6.83
C4' AGS K . -8.58 38.82 6.11
O4' AGS K . -9.70 39.19 6.95
C3' AGS K . -7.88 40.13 5.78
O3' AGS K . -8.47 40.75 4.66
C2' AGS K . -8.12 40.95 7.06
O2' AGS K . -8.05 42.35 6.80
C1' AGS K . -9.55 40.52 7.40
N9 AGS K . -9.87 40.57 8.81
C8 AGS K . -9.88 39.51 9.70
N7 AGS K . -10.21 39.84 10.92
C5 AGS K . -10.43 41.21 10.84
C6 AGS K . -10.82 42.16 11.80
N6 AGS K . -11.05 41.86 13.08
N1 AGS K . -10.96 43.44 11.40
C2 AGS K . -10.73 43.73 10.11
N3 AGS K . -10.36 42.92 9.12
C4 AGS K . -10.23 41.67 9.55
PG AGS L . -21.21 -25.99 -30.08
S1G AGS L . -19.81 -27.30 -29.76
O2G AGS L . -20.65 -24.56 -29.85
O3G AGS L . -22.38 -26.24 -29.07
PB AGS L . -21.14 -25.26 -32.65
O1B AGS L . -20.62 -24.00 -32.09
O2B AGS L . -22.22 -25.07 -33.70
O3B AGS L . -21.76 -26.13 -31.52
PA AGS L . -19.12 -25.04 -34.29
O1A AGS L . -17.85 -24.73 -33.64
O2A AGS L . -20.04 -23.84 -34.53
O3A AGS L . -20.00 -25.99 -33.42
O5' AGS L . -18.82 -25.78 -35.63
C5' AGS L . -19.34 -27.08 -35.90
C4' AGS L . -18.21 -27.91 -36.48
O4' AGS L . -18.68 -28.60 -37.66
C3' AGS L . -17.00 -27.14 -36.94
O3' AGS L . -15.81 -27.93 -36.87
C2' AGS L . -17.35 -26.78 -38.40
O2' AGS L . -16.19 -26.81 -39.23
C1' AGS L . -18.30 -27.90 -38.82
N9 AGS L . -19.52 -27.41 -39.46
C8 AGS L . -20.80 -27.62 -39.02
N7 AGS L . -21.72 -27.07 -39.78
C5 AGS L . -20.99 -26.46 -40.78
C6 AGS L . -21.38 -25.70 -41.90
N6 AGS L . -22.66 -25.43 -42.21
N1 AGS L . -20.41 -25.23 -42.71
C2 AGS L . -19.14 -25.51 -42.41
N3 AGS L . -18.65 -26.20 -41.39
C4 AGS L . -19.63 -26.66 -40.60
PG AGS M . -2.07 22.26 -21.58
S1G AGS M . -1.09 21.10 -22.79
O2G AGS M . -1.13 23.35 -21.00
O3G AGS M . -2.69 21.44 -20.43
PB AGS M . -2.78 24.19 -23.22
O1B AGS M . -1.57 24.83 -22.67
O2B AGS M . -4.00 25.11 -23.21
O3B AGS M . -3.20 22.97 -22.36
PA AGS M . -2.84 24.89 -25.80
O1A AGS M . -1.66 25.76 -25.92
O2A AGS M . -4.11 25.62 -25.39
O3A AGS M . -2.59 23.78 -24.71
O5' AGS M . -3.06 24.11 -27.15
C5' AGS M . -4.28 24.29 -27.88
C4' AGS M . -3.95 24.69 -29.29
O4' AGS M . -5.14 25.18 -29.93
C3' AGS M . -2.94 25.81 -29.42
O3' AGS M . -2.27 25.73 -30.67
C2' AGS M . -3.81 27.06 -29.32
O2' AGS M . -3.23 28.14 -30.03
C1' AGS M . -5.09 26.59 -30.01
N9 AGS M . -6.30 27.11 -29.37
C8 AGS M . -7.06 26.47 -28.42
N7 AGS M . -8.08 27.17 -28.01
C5 AGS M . -8.00 28.34 -28.73
C6 AGS M . -8.80 29.49 -28.76
N6 AGS M . -9.89 29.66 -28.01
N1 AGS M . -8.43 30.49 -29.60
C2 AGS M . -7.34 30.33 -30.36
N3 AGS M . -6.51 29.28 -30.42
C4 AGS M . -6.90 28.32 -29.57
PG AGS N . -10.74 -47.81 -10.58
S1G AGS N . -10.95 -48.09 -8.54
O2G AGS N . -10.28 -46.29 -10.87
O3G AGS N . -12.04 -48.06 -11.25
PB AGS N . -8.09 -48.36 -11.28
O1B AGS N . -7.74 -47.55 -10.07
O2B AGS N . -7.89 -47.78 -12.66
O3B AGS N . -9.63 -48.83 -11.15
PA AGS N . -5.96 -49.99 -12.08
O1A AGS N . -4.88 -49.10 -11.51
O2A AGS N . -6.32 -49.90 -13.54
O3A AGS N . -7.30 -49.76 -11.21
O5' AGS N . -5.58 -51.52 -11.74
C5' AGS N . -5.62 -51.99 -10.40
C4' AGS N . -4.40 -52.89 -10.15
O4' AGS N . -4.57 -54.14 -10.81
C3' AGS N . -3.13 -52.25 -10.68
O3' AGS N . -2.25 -51.94 -9.59
C2' AGS N . -2.56 -53.23 -11.69
O2' AGS N . -1.24 -53.69 -11.36
C1' AGS N . -3.52 -54.41 -11.72
N9 AGS N . -4.07 -54.57 -13.09
C8 AGS N . -5.33 -54.31 -13.47
N7 AGS N . -5.50 -54.56 -14.79
C5 AGS N . -4.33 -55.00 -15.29
C6 AGS N . -3.82 -55.44 -16.60
N6 AGS N . -4.63 -55.46 -17.69
N1 AGS N . -2.52 -55.81 -16.69
C2 AGS N . -1.71 -55.78 -15.61
N3 AGS N . -2.11 -55.39 -14.39
C4 AGS N . -3.38 -55.00 -14.16
PG AGS O . 12.87 -4.70 -27.47
S1G AGS O . 13.24 -6.36 -26.51
O2G AGS O . 14.19 -4.11 -28.06
O3G AGS O . 12.24 -3.66 -26.49
PB AGS O . 12.40 -4.36 -30.01
O1B AGS O . 12.89 -2.99 -29.78
O2B AGS O . 11.29 -4.54 -31.03
O3B AGS O . 11.90 -4.94 -28.65
PA AGS O . 14.62 -4.50 -31.46
O1A AGS O . 15.62 -3.76 -30.65
O2A AGS O . 13.80 -3.62 -32.41
O3A AGS O . 13.58 -5.23 -30.54
O5' AGS O . 15.30 -5.67 -32.21
C5' AGS O . 14.51 -6.80 -32.62
C4' AGS O . 15.38 -7.72 -33.43
O4' AGS O . 14.67 -8.13 -34.61
C3' AGS O . 16.68 -7.11 -33.92
O3' AGS O . 17.70 -8.11 -34.02
C2' AGS O . 16.31 -6.57 -35.29
O2' AGS O . 17.42 -6.51 -36.18
C1' AGS O . 15.33 -7.65 -35.77
N9 AGS O . 14.32 -7.16 -36.70
C8 AGS O . 12.97 -7.08 -36.47
N7 AGS O . 12.29 -6.61 -37.49
C5 AGS O . 13.26 -6.36 -38.45
C6 AGS O . 13.20 -5.85 -39.76
N6 AGS O . 12.06 -5.49 -40.35
N1 AGS O . 14.35 -5.74 -40.45
C2 AGS O . 15.49 -6.10 -39.86
N3 AGS O . 15.68 -6.59 -38.64
C4 AGS O . 14.52 -6.70 -37.97
PB ADP P . 31.13 -18.17 -5.05
O1B ADP P . 31.93 -17.61 -3.89
O2B ADP P . 29.75 -18.63 -4.68
O3B ADP P . 31.21 -17.33 -6.31
PA ADP P . 33.29 -19.48 -6.26
O1A ADP P . 33.98 -18.17 -5.94
O2A ADP P . 33.00 -19.85 -7.68
O3A ADP P . 31.90 -19.53 -5.43
O5' ADP P . 34.14 -20.67 -5.58
C5' ADP P . 35.56 -20.72 -5.71
C4' ADP P . 36.14 -21.62 -4.64
O4' ADP P . 35.62 -22.94 -4.78
C3' ADP P . 37.65 -21.71 -4.75
O3' ADP P . 38.26 -21.15 -3.58
C2' ADP P . 37.99 -23.18 -4.97
O2' ADP P . 38.83 -23.75 -3.96
C1' ADP P . 36.64 -23.90 -4.99
N9 ADP P . 36.45 -24.57 -6.30
C8 ADP P . 35.27 -24.85 -6.89
N7 ADP P . 35.44 -25.47 -8.07
C5 ADP P . 36.76 -25.60 -8.28
C6 ADP P . 37.64 -26.18 -9.33
N6 ADP P . 37.10 -26.73 -10.45
N1 ADP P . 38.97 -26.12 -9.14
C2 ADP P . 39.51 -25.56 -8.04
N3 ADP P . 38.78 -25.03 -7.05
C4 ADP P . 37.43 -25.02 -7.10
PB ADP Q . -2.68 -37.87 28.80
O1B ADP Q . -1.93 -37.34 27.60
O2B ADP Q . -3.88 -37.05 29.19
O3B ADP Q . -2.91 -39.36 28.80
PA ADP Q . -0.09 -37.31 29.72
O1A ADP Q . -0.02 -35.97 29.01
O2A ADP Q . 0.54 -38.52 29.11
O3A ADP Q . -1.64 -37.63 30.02
O5' ADP Q . 0.51 -37.12 31.21
C5' ADP Q . 1.92 -36.98 31.40
C4' ADP Q . 2.19 -36.52 32.82
O4' ADP Q . 2.03 -37.63 33.71
C3' ADP Q . 3.61 -36.00 32.98
O3' ADP Q . 3.58 -34.61 33.33
C2' ADP Q . 4.28 -36.89 34.02
O2' ADP Q . 4.77 -36.19 35.17
C1' ADP Q . 3.23 -37.90 34.46
N9 ADP Q . 3.69 -39.28 34.16
C8 ADP Q . 2.95 -40.40 34.23
N7 ADP Q . 3.67 -41.49 33.90
C5 ADP Q . 4.93 -41.07 33.61
C6 ADP Q . 6.19 -41.72 33.19
N6 ADP Q . 6.28 -43.05 33.00
N1 ADP Q . 7.27 -40.92 32.99
C2 ADP Q . 7.20 -39.59 33.16
N3 ADP Q . 6.08 -38.94 33.55
C4 ADP Q . 4.93 -39.62 33.78
PG AGS R . -14.40 -6.53 30.61
S1G AGS R . -15.01 -4.71 29.85
O2G AGS R . -12.79 -6.64 30.52
O3G AGS R . -15.01 -7.62 29.82
PB AGS R . -13.81 -6.40 33.34
O1B AGS R . -12.43 -6.34 32.74
O2B AGS R . -14.10 -7.39 34.45
O3B AGS R . -14.86 -6.66 32.15
PA AGS R . -13.09 -3.96 34.48
O1A AGS R . -12.61 -3.03 33.41
O2A AGS R . -12.11 -4.81 35.26
O3A AGS R . -14.21 -4.93 33.86
O5' AGS R . -13.95 -3.09 35.55
C5' AGS R . -14.95 -3.71 36.35
C4' AGS R . -15.55 -2.69 37.30
O4' AGS R . -16.33 -3.34 38.30
C3' AGS R . -14.45 -1.90 38.02
O3' AGS R . -14.52 -0.52 37.63
C2' AGS R . -14.66 -2.13 39.51
O2' AGS R . -14.93 -0.93 40.25
C1' AGS R . -15.86 -3.07 39.62
N9 AGS R . -15.44 -4.34 40.27
C8 AGS R . -15.54 -5.57 39.75
N7 AGS R . -15.07 -6.52 40.59
C5 AGS R . -14.64 -5.88 41.70
C6 AGS R . -14.01 -6.28 42.99
N6 AGS R . -13.76 -7.57 43.27
N1 AGS R . -13.71 -5.30 43.86
C2 AGS R . -13.97 -4.00 43.60
N3 AGS R . -14.53 -3.57 42.46
C4 AGS R . -14.88 -4.45 41.48
PG AGS S . 38.08 3.34 22.23
S1G AGS S . 37.40 4.97 23.04
O2G AGS S . 39.54 3.09 22.70
O3G AGS S . 38.07 3.47 20.68
PB AGS S . 37.70 0.71 22.27
O1B AGS S . 38.94 0.85 21.47
O2B AGS S . 36.56 0.03 21.51
O3B AGS S . 37.19 2.13 22.64
PA AGS S . 39.14 0.42 24.47
O1A AGS S . 38.77 1.72 25.06
O2A AGS S . 40.35 0.48 23.56
O3A AGS S . 37.98 -0.13 23.57
O5' AGS S . 39.35 -0.60 25.65
C5' AGS S . 40.40 -0.38 26.59
C4' AGS S . 39.84 -0.40 27.99
O4' AGS S . 39.60 -1.77 28.38
C3' AGS S . 40.74 0.18 29.07
O3' AGS S . 39.96 0.70 30.14
C2' AGS S . 41.55 -1.04 29.52
O2' AGS S . 41.98 -0.91 30.87
C1' AGS S . 40.50 -2.15 29.41
N9 AGS S . 41.05 -3.45 29.07
C8 AGS S . 40.86 -4.14 27.89
N7 AGS S . 41.47 -5.31 27.85
C5 AGS S . 42.09 -5.40 29.09
C6 AGS S . 42.90 -6.39 29.68
N6 AGS S . 43.22 -7.54 29.08
N1 AGS S . 43.35 -6.17 30.93
C2 AGS S . 43.04 -5.02 31.54
N3 AGS S . 42.28 -4.01 31.09
C4 AGS S . 41.84 -4.26 29.85
#